data_4MIH
#
_entry.id   4MIH
#
_cell.length_a   110.100
_cell.length_b   167.099
_cell.length_c   168.472
_cell.angle_alpha   90.00
_cell.angle_beta   93.98
_cell.angle_gamma   90.00
#
_symmetry.space_group_name_H-M   'P 1 21 1'
#
loop_
_entity.id
_entity.type
_entity.pdbx_description
1 polymer 'Pyranose 2-oxidase'
2 non-polymer 'FLAVIN-ADENINE DINUCLEOTIDE'
3 non-polymer 3-deoxy-3-fluoro-beta-D-glucopyranose
4 water water
#
_entity_poly.entity_id   1
_entity_poly.type   'polypeptide(L)'
_entity_poly.pdbx_seq_one_letter_code
;SMFLDTTPFRADEPYDVFIAGSGPIGATFAKLCVDANLRVCMVEIGAADSFTSKPMKGDPNAPRSVQFGPGQVPIPGYHK
KNEIEYQKDIDRFVNVIKGALSTCSIPTSNNHIATLDPSVVSNSLDKPFISLGKNPAQNPFVNLGAEAVTRGVGGMSTAW
TCATPEFFAPADFNAPHRERPKLSTDAAEDARIWKDLYAQAKEIIGTSTTEFDHSIRHNLVLRKYNDIFQKENVIREFSP
LPLACHRLTDPDYVEWHATDRILEELFTDPVKRGRFTLLTNHRCTKLVFKHYRPGEENEVDYALVEDLLPHMQNPGNPAS
VKKIYARSYVVACGAVATAQVLANSHIPPDDVVIPFPGGEKGSGGGERDATIPTPLMPMLGKYITEQPMTFCQVVLDSSL
MEVVRNPPWPGLDWWKEKVARHVEAFPNDPIPIPFRDPEPQVTIKFTEEHPWHVQIHRDAFSYGAVAENMDTRVIVDYRF
FGYTEPQEANELVFQQHYRDAYDMPQPTFKFTMSQDDRARARRMMDDMCNIALKIGGYLPGSEPQFMTPGLALHLAGTTR
CGLDTQKTVGNTHCKVHNFNNLYVGGNGVIETGFAANPTLTSICYAIRASNDIIAKFGRHR
;
_entity_poly.pdbx_strand_id   A,B,C,D,E,F,G,H
#
# COMPACT_ATOMS: atom_id res chain seq x y z
N MET A 2 -5.87 -14.22 -19.24
CA MET A 2 -7.24 -14.14 -19.67
C MET A 2 -8.25 -14.07 -18.54
N PHE A 3 -9.21 -13.18 -18.68
CA PHE A 3 -10.05 -12.82 -17.56
C PHE A 3 -11.49 -13.19 -17.80
N LEU A 4 -12.03 -13.96 -16.88
CA LEU A 4 -13.31 -14.58 -17.10
C LEU A 4 -14.51 -13.68 -16.88
N ASP A 5 -15.52 -13.84 -17.69
CA ASP A 5 -16.62 -13.00 -17.40
C ASP A 5 -17.55 -13.53 -16.38
N THR A 6 -17.23 -13.18 -15.15
CA THR A 6 -17.96 -13.61 -14.01
C THR A 6 -18.35 -12.40 -13.21
N THR A 7 -19.24 -12.57 -12.25
CA THR A 7 -19.61 -11.43 -11.43
C THR A 7 -18.32 -10.80 -10.91
N PRO A 8 -18.13 -9.50 -11.15
CA PRO A 8 -16.97 -8.74 -10.65
C PRO A 8 -16.87 -8.85 -9.14
N PHE A 9 -15.71 -9.21 -8.60
CA PHE A 9 -15.52 -9.29 -7.19
C PHE A 9 -15.63 -7.97 -6.47
N ARG A 10 -16.33 -7.93 -5.35
CA ARG A 10 -16.43 -6.74 -4.55
C ARG A 10 -16.04 -6.97 -3.12
N ALA A 11 -15.23 -6.12 -2.57
CA ALA A 11 -14.77 -6.27 -1.22
C ALA A 11 -15.88 -6.18 -0.18
N ASP A 12 -16.97 -5.51 -0.52
CA ASP A 12 -17.98 -5.17 0.47
C ASP A 12 -19.14 -6.19 0.49
N GLU A 13 -19.18 -7.05 -0.51
CA GLU A 13 -20.28 -7.98 -0.63
C GLU A 13 -19.79 -9.39 -0.30
N PRO A 14 -19.91 -9.78 0.97
CA PRO A 14 -19.40 -11.09 1.43
C PRO A 14 -20.15 -12.19 0.71
N TYR A 15 -19.53 -13.34 0.64
CA TYR A 15 -20.13 -14.45 -0.09
C TYR A 15 -20.75 -15.45 0.88
N ASP A 16 -21.64 -16.30 0.39
CA ASP A 16 -22.13 -17.41 1.19
C ASP A 16 -21.01 -18.43 1.34
N VAL A 17 -20.37 -18.75 0.21
CA VAL A 17 -19.34 -19.78 0.17
C VAL A 17 -18.10 -19.32 -0.58
N PHE A 18 -16.94 -19.37 0.08
CA PHE A 18 -15.65 -19.24 -0.59
C PHE A 18 -15.04 -20.62 -0.93
N ILE A 19 -14.41 -20.71 -2.10
CA ILE A 19 -13.81 -21.95 -2.54
C ILE A 19 -12.42 -21.76 -3.14
N ALA A 20 -11.40 -22.35 -2.53
CA ALA A 20 -10.07 -22.40 -3.14
C ALA A 20 -9.96 -23.61 -4.06
N GLY A 21 -9.55 -23.36 -5.29
CA GLY A 21 -9.28 -24.40 -6.26
C GLY A 21 -10.45 -24.66 -7.16
N SER A 22 -10.20 -24.96 -8.43
CA SER A 22 -11.26 -25.13 -9.40
C SER A 22 -11.07 -26.36 -10.26
N GLY A 23 -10.78 -27.50 -9.63
CA GLY A 23 -10.82 -28.80 -10.28
C GLY A 23 -12.25 -29.30 -10.21
N PRO A 24 -12.49 -30.56 -10.60
CA PRO A 24 -13.86 -31.06 -10.69
C PRO A 24 -14.55 -30.98 -9.33
N ILE A 25 -13.74 -31.13 -8.29
CA ILE A 25 -14.22 -31.11 -6.92
C ILE A 25 -14.72 -29.73 -6.50
N GLY A 26 -13.90 -28.71 -6.72
CA GLY A 26 -14.29 -27.33 -6.44
C GLY A 26 -15.49 -26.93 -7.27
N ALA A 27 -15.44 -27.28 -8.55
CA ALA A 27 -16.54 -27.04 -9.46
C ALA A 27 -17.87 -27.55 -8.91
N THR A 28 -17.84 -28.77 -8.39
CA THR A 28 -19.02 -29.43 -7.86
C THR A 28 -19.60 -28.66 -6.68
N PHE A 29 -18.74 -28.27 -5.75
CA PHE A 29 -19.11 -27.34 -4.71
C PHE A 29 -19.75 -26.12 -5.35
N ALA A 30 -18.98 -25.41 -6.20
CA ALA A 30 -19.46 -24.24 -6.91
C ALA A 30 -20.83 -24.48 -7.52
N LYS A 31 -20.97 -25.49 -8.32
CA LYS A 31 -22.22 -25.64 -8.98
C LYS A 31 -23.41 -25.91 -8.09
N LEU A 32 -23.29 -26.85 -7.18
CA LEU A 32 -24.37 -27.26 -6.32
C LEU A 32 -24.85 -26.19 -5.37
N CYS A 33 -23.94 -25.45 -4.80
CA CYS A 33 -24.22 -24.38 -3.96
C CYS A 33 -24.89 -23.22 -4.69
N VAL A 34 -24.38 -22.86 -5.85
CA VAL A 34 -25.01 -21.83 -6.65
C VAL A 34 -26.41 -22.30 -7.04
N ASP A 35 -26.56 -23.59 -7.31
CA ASP A 35 -27.89 -24.16 -7.59
C ASP A 35 -28.87 -23.98 -6.42
N ALA A 36 -28.36 -24.03 -5.20
CA ALA A 36 -29.17 -23.74 -4.03
C ALA A 36 -29.18 -22.24 -3.77
N ASN A 37 -29.08 -21.46 -4.84
CA ASN A 37 -29.12 -19.99 -4.79
C ASN A 37 -28.18 -19.34 -3.79
N LEU A 38 -27.03 -19.95 -3.55
CA LEU A 38 -26.02 -19.36 -2.68
C LEU A 38 -25.01 -18.52 -3.45
N ARG A 39 -24.36 -17.57 -2.77
CA ARG A 39 -23.35 -16.73 -3.42
C ARG A 39 -21.94 -17.31 -3.27
N VAL A 40 -21.31 -17.58 -4.41
CA VAL A 40 -20.06 -18.35 -4.43
C VAL A 40 -18.92 -17.62 -5.11
N CYS A 41 -17.85 -17.38 -4.35
CA CYS A 41 -16.58 -16.88 -4.89
C CYS A 41 -15.55 -18.00 -4.96
N MET A 42 -15.10 -18.30 -6.17
CA MET A 42 -14.05 -19.30 -6.37
C MET A 42 -12.74 -18.67 -6.83
N VAL A 43 -11.62 -19.01 -6.19
CA VAL A 43 -10.30 -18.57 -6.63
C VAL A 43 -9.43 -19.71 -7.18
N GLU A 44 -8.79 -19.46 -8.32
CA GLU A 44 -7.87 -20.42 -8.90
C GLU A 44 -6.48 -19.82 -9.02
N ILE A 45 -5.46 -20.57 -8.60
CA ILE A 45 -4.08 -20.10 -8.63
C ILE A 45 -3.49 -20.16 -10.02
N GLY A 46 -4.05 -20.98 -10.90
CA GLY A 46 -3.56 -21.06 -12.26
C GLY A 46 -4.38 -20.20 -13.22
N ALA A 47 -3.99 -20.21 -14.49
CA ALA A 47 -4.69 -19.46 -15.52
C ALA A 47 -5.89 -20.25 -16.01
N ALA A 48 -6.83 -19.56 -16.64
CA ALA A 48 -7.84 -20.22 -17.45
C ALA A 48 -7.20 -20.35 -18.83
N ASP A 49 -7.00 -21.58 -19.29
CA ASP A 49 -6.13 -21.81 -20.43
C ASP A 49 -6.71 -22.83 -21.40
N SER A 50 -7.99 -23.08 -21.27
CA SER A 50 -8.59 -24.13 -22.07
C SER A 50 -10.10 -23.91 -22.14
N PHE A 51 -10.64 -23.81 -23.33
CA PHE A 51 -12.02 -23.37 -23.44
C PHE A 51 -12.82 -24.15 -24.43
N THR A 52 -14.08 -24.37 -24.07
CA THR A 52 -15.09 -24.59 -25.09
C THR A 52 -16.04 -23.37 -25.07
N SER A 53 -17.03 -23.36 -25.95
CA SER A 53 -17.93 -22.22 -26.04
C SER A 53 -19.40 -22.66 -26.08
N LYS A 54 -20.21 -22.10 -25.19
CA LYS A 54 -21.62 -22.46 -25.12
C LYS A 54 -22.57 -21.25 -25.27
N PRO A 55 -23.72 -21.48 -25.85
CA PRO A 55 -24.72 -20.44 -25.99
C PRO A 55 -25.26 -19.96 -24.67
N MET A 56 -25.42 -18.67 -24.58
CA MET A 56 -26.09 -18.01 -23.50
C MET A 56 -27.57 -18.29 -23.60
N LYS A 57 -28.25 -18.29 -22.49
CA LYS A 57 -29.69 -18.51 -22.53
C LYS A 57 -30.40 -17.20 -22.62
N GLY A 71 -23.37 -13.85 -28.23
CA GLY A 71 -24.23 -14.82 -27.57
C GLY A 71 -23.50 -16.09 -27.15
N GLN A 72 -22.27 -16.24 -27.60
CA GLN A 72 -21.44 -17.38 -27.23
C GLN A 72 -20.60 -17.03 -26.02
N VAL A 73 -20.66 -17.87 -24.99
CA VAL A 73 -19.89 -17.66 -23.78
C VAL A 73 -18.73 -18.65 -23.76
N PRO A 74 -17.53 -18.18 -23.42
CA PRO A 74 -16.43 -19.15 -23.30
C PRO A 74 -16.59 -19.96 -22.01
N ILE A 75 -16.37 -21.26 -22.07
CA ILE A 75 -16.40 -22.08 -20.86
C ILE A 75 -15.00 -22.64 -20.59
N PRO A 76 -14.44 -22.28 -19.44
CA PRO A 76 -13.09 -22.70 -19.11
C PRO A 76 -13.08 -24.12 -18.56
N GLY A 77 -11.89 -24.68 -18.38
CA GLY A 77 -11.75 -26.02 -17.85
C GLY A 77 -12.17 -27.07 -18.87
N TYR A 78 -12.12 -26.71 -20.14
CA TYR A 78 -12.39 -27.68 -21.19
C TYR A 78 -11.24 -28.73 -21.28
N HIS A 79 -11.55 -29.96 -21.66
CA HIS A 79 -10.48 -30.96 -21.72
C HIS A 79 -9.61 -30.75 -22.96
N LYS A 80 -8.31 -30.56 -22.73
CA LYS A 80 -7.38 -30.27 -23.81
C LYS A 80 -7.32 -31.36 -24.87
N LYS A 81 -7.70 -32.58 -24.50
CA LYS A 81 -7.67 -33.72 -25.40
C LYS A 81 -8.72 -33.55 -26.47
N ASN A 82 -9.65 -32.63 -26.25
CA ASN A 82 -10.79 -32.45 -27.15
C ASN A 82 -10.50 -31.74 -28.46
N GLU A 83 -9.41 -30.95 -28.53
CA GLU A 83 -9.10 -30.28 -29.80
C GLU A 83 -8.77 -31.28 -30.90
N ILE A 84 -9.18 -30.96 -32.12
CA ILE A 84 -9.02 -31.83 -33.29
C ILE A 84 -7.58 -32.34 -33.49
N GLU A 85 -6.60 -31.50 -33.16
CA GLU A 85 -5.18 -31.86 -33.23
C GLU A 85 -4.88 -33.17 -32.54
N TYR A 86 -5.38 -33.31 -31.30
CA TYR A 86 -5.13 -34.48 -30.47
C TYR A 86 -6.06 -35.67 -30.80
N GLN A 87 -7.21 -35.38 -31.38
CA GLN A 87 -8.11 -36.44 -31.80
C GLN A 87 -7.54 -37.12 -33.01
N LYS A 88 -6.87 -36.35 -33.87
CA LYS A 88 -6.32 -36.94 -35.08
C LYS A 88 -5.05 -37.71 -34.77
N ASP A 89 -4.25 -37.16 -33.84
CA ASP A 89 -2.94 -37.69 -33.49
C ASP A 89 -2.77 -37.71 -31.96
N ILE A 90 -3.28 -38.75 -31.32
CA ILE A 90 -3.29 -38.84 -29.86
C ILE A 90 -1.87 -38.90 -29.25
N ASP A 91 -0.91 -39.41 -29.99
CA ASP A 91 0.46 -39.59 -29.53
C ASP A 91 1.07 -38.29 -29.13
N ARG A 92 0.60 -37.19 -29.71
CA ARG A 92 1.05 -35.86 -29.35
C ARG A 92 0.70 -35.28 -27.98
N PHE A 93 -0.37 -35.80 -27.38
CA PHE A 93 -0.94 -35.34 -26.13
C PHE A 93 -0.03 -35.47 -24.97
N VAL A 94 0.83 -36.47 -25.00
CA VAL A 94 1.76 -36.69 -23.90
C VAL A 94 2.52 -35.40 -23.56
N ASN A 95 2.79 -34.61 -24.60
CA ASN A 95 3.46 -33.34 -24.42
C ASN A 95 2.63 -32.36 -23.64
N VAL A 96 1.33 -32.36 -23.88
CA VAL A 96 0.42 -31.59 -23.05
C VAL A 96 0.56 -32.00 -21.59
N ILE A 97 0.41 -33.29 -21.31
CA ILE A 97 0.51 -33.80 -19.94
C ILE A 97 1.88 -33.45 -19.31
N LYS A 98 2.95 -33.81 -19.99
CA LYS A 98 4.28 -33.48 -19.44
C LYS A 98 4.42 -31.97 -19.20
N GLY A 99 3.75 -31.16 -20.02
CA GLY A 99 3.75 -29.72 -19.80
C GLY A 99 2.96 -29.25 -18.59
N ALA A 100 1.97 -30.02 -18.15
CA ALA A 100 1.13 -29.56 -17.06
C ALA A 100 1.59 -30.00 -15.67
N LEU A 101 2.40 -31.06 -15.62
CA LEU A 101 2.81 -31.62 -14.33
C LEU A 101 4.03 -30.93 -13.76
N SER A 102 3.91 -30.47 -12.53
CA SER A 102 4.99 -29.85 -11.81
C SER A 102 5.24 -30.65 -10.54
N THR A 103 6.37 -31.37 -10.53
CA THR A 103 6.71 -32.34 -9.51
C THR A 103 6.82 -31.70 -8.14
N CYS A 104 6.30 -32.36 -7.13
CA CYS A 104 6.09 -31.78 -5.81
C CYS A 104 7.34 -31.69 -4.95
N SER A 105 7.98 -32.83 -4.70
CA SER A 105 9.23 -32.84 -3.94
C SER A 105 10.40 -33.42 -4.73
N ILE A 106 11.32 -32.56 -5.16
CA ILE A 106 12.54 -33.01 -5.83
C ILE A 106 13.78 -32.91 -4.94
N PRO A 107 14.37 -34.08 -4.60
CA PRO A 107 15.47 -34.12 -3.63
C PRO A 107 16.75 -33.50 -4.21
N THR A 108 17.62 -33.01 -3.32
CA THR A 108 18.84 -32.36 -3.75
C THR A 108 19.90 -33.41 -4.12
N SER A 109 20.82 -33.04 -4.98
CA SER A 109 21.90 -33.96 -5.34
C SER A 109 23.18 -33.19 -5.59
N ASN A 110 24.31 -33.87 -5.47
CA ASN A 110 25.58 -33.24 -5.75
C ASN A 110 26.51 -34.17 -6.52
N ASN A 111 26.07 -34.57 -7.70
CA ASN A 111 26.87 -35.46 -8.51
C ASN A 111 27.95 -34.71 -9.25
N HIS A 112 29.01 -35.45 -9.53
CA HIS A 112 30.19 -34.95 -10.16
C HIS A 112 30.04 -35.30 -11.63
N ILE A 113 30.15 -34.30 -12.50
CA ILE A 113 30.23 -34.58 -13.93
C ILE A 113 31.71 -34.68 -14.29
N ALA A 114 32.17 -35.89 -14.63
CA ALA A 114 33.57 -36.09 -14.94
C ALA A 114 34.08 -35.25 -16.11
N THR A 115 33.25 -35.07 -17.12
CA THR A 115 33.74 -34.56 -18.40
C THR A 115 33.57 -33.07 -18.65
N LEU A 116 33.35 -32.31 -17.59
CA LEU A 116 33.36 -30.85 -17.71
C LEU A 116 34.69 -30.33 -18.28
N ASP A 117 34.62 -29.37 -19.20
CA ASP A 117 35.76 -28.53 -19.50
C ASP A 117 36.27 -27.95 -18.17
N PRO A 118 37.55 -28.19 -17.83
CA PRO A 118 38.14 -27.80 -16.53
C PRO A 118 38.01 -26.34 -16.15
N SER A 119 37.90 -25.46 -17.13
CA SER A 119 37.88 -24.05 -16.85
C SER A 119 36.47 -23.54 -16.48
N VAL A 120 35.46 -24.40 -16.56
CA VAL A 120 34.08 -23.96 -16.29
C VAL A 120 33.64 -24.05 -14.83
N VAL A 121 32.70 -23.17 -14.47
CA VAL A 121 32.01 -23.19 -13.18
C VAL A 121 31.64 -24.62 -12.85
N SER A 122 31.93 -25.03 -11.62
CA SER A 122 31.69 -26.40 -11.20
C SER A 122 31.23 -26.50 -9.75
N ASN A 123 30.51 -27.56 -9.45
CA ASN A 123 30.19 -27.91 -8.06
C ASN A 123 31.40 -28.60 -7.47
N SER A 124 31.54 -28.58 -6.15
CA SER A 124 32.61 -29.30 -5.46
C SER A 124 31.97 -30.06 -4.31
N LEU A 125 32.71 -30.97 -3.69
CA LEU A 125 32.17 -31.77 -2.59
C LEU A 125 31.61 -30.92 -1.44
N ASP A 126 32.30 -29.82 -1.15
CA ASP A 126 31.95 -28.97 -0.02
C ASP A 126 31.09 -27.78 -0.45
N LYS A 127 30.84 -27.68 -1.75
CA LYS A 127 30.04 -26.59 -2.30
C LYS A 127 29.18 -27.13 -3.43
N PRO A 128 28.01 -27.69 -3.09
CA PRO A 128 27.05 -28.14 -4.10
C PRO A 128 26.45 -26.92 -4.79
N PHE A 129 25.79 -27.12 -5.93
CA PHE A 129 25.05 -26.03 -6.53
C PHE A 129 23.84 -25.81 -5.65
N ILE A 130 23.30 -24.60 -5.67
CA ILE A 130 22.03 -24.33 -5.03
C ILE A 130 20.96 -24.16 -6.09
N SER A 131 20.24 -25.24 -6.36
CA SER A 131 19.16 -25.21 -7.33
C SER A 131 17.87 -24.90 -6.61
N LEU A 132 17.39 -23.67 -6.76
CA LEU A 132 16.08 -23.32 -6.22
C LEU A 132 15.07 -24.26 -6.86
N GLY A 133 14.09 -24.69 -6.08
CA GLY A 133 13.14 -25.67 -6.56
C GLY A 133 13.31 -27.01 -5.85
N LYS A 134 14.54 -27.46 -5.70
CA LYS A 134 14.77 -28.74 -5.06
C LYS A 134 14.47 -28.69 -3.55
N ASN A 135 14.16 -29.85 -3.00
CA ASN A 135 13.80 -29.97 -1.59
C ASN A 135 14.90 -30.74 -0.83
N PRO A 136 15.67 -29.99 -0.03
CA PRO A 136 16.78 -30.47 0.80
C PRO A 136 16.36 -31.41 1.94
N ALA A 137 15.12 -31.32 2.39
CA ALA A 137 14.67 -32.15 3.49
C ALA A 137 14.11 -33.45 2.98
N GLN A 138 13.98 -33.56 1.66
CA GLN A 138 13.39 -34.78 1.12
C GLN A 138 14.38 -35.94 1.11
N ASN A 139 14.10 -36.98 1.88
CA ASN A 139 14.78 -38.26 1.75
C ASN A 139 14.25 -38.99 0.52
N PRO A 140 15.08 -39.12 -0.51
CA PRO A 140 14.69 -39.78 -1.77
C PRO A 140 14.13 -41.21 -1.61
N PHE A 141 14.61 -41.94 -0.62
CA PHE A 141 14.16 -43.31 -0.37
C PHE A 141 12.73 -43.42 0.16
N VAL A 142 12.20 -42.33 0.70
CA VAL A 142 10.84 -42.31 1.26
C VAL A 142 10.00 -41.26 0.58
N ASN A 143 10.32 -41.06 -0.69
CA ASN A 143 9.67 -40.06 -1.50
C ASN A 143 8.57 -40.65 -2.36
N LEU A 144 7.66 -39.79 -2.80
CA LEU A 144 6.79 -40.11 -3.92
C LEU A 144 7.30 -39.24 -5.07
N GLY A 145 8.42 -39.66 -5.63
CA GLY A 145 9.12 -38.88 -6.63
C GLY A 145 8.34 -38.41 -7.84
N ALA A 146 7.30 -39.14 -8.22
CA ALA A 146 6.49 -38.70 -9.37
C ALA A 146 5.16 -38.03 -8.98
N GLU A 147 4.94 -37.81 -7.68
CA GLU A 147 3.79 -37.03 -7.25
C GLU A 147 3.96 -35.64 -7.84
N ALA A 148 2.88 -35.08 -8.37
CA ALA A 148 2.96 -33.82 -9.09
C ALA A 148 1.60 -33.15 -9.08
N VAL A 149 1.57 -31.83 -9.29
CA VAL A 149 0.32 -31.07 -9.33
C VAL A 149 0.17 -30.36 -10.67
N THR A 150 -1.07 -30.03 -11.00
CA THR A 150 -1.38 -29.25 -12.20
C THR A 150 -2.03 -27.97 -11.77
N ARG A 151 -1.63 -26.85 -12.35
CA ARG A 151 -2.27 -25.59 -11.99
C ARG A 151 -2.96 -24.90 -13.17
N GLY A 152 -4.23 -24.59 -12.98
CA GLY A 152 -5.06 -23.98 -14.01
C GLY A 152 -6.53 -24.24 -13.72
N VAL A 153 -7.43 -23.47 -14.34
CA VAL A 153 -8.86 -23.70 -14.21
C VAL A 153 -9.23 -25.07 -14.77
N GLY A 154 -9.88 -25.88 -13.94
CA GLY A 154 -10.16 -27.26 -14.29
C GLY A 154 -9.19 -28.21 -13.61
N GLY A 155 -8.13 -27.66 -13.02
CA GLY A 155 -7.06 -28.47 -12.42
C GLY A 155 -6.53 -29.58 -13.33
N MET A 156 -6.52 -30.81 -12.81
CA MET A 156 -5.98 -31.95 -13.55
C MET A 156 -6.98 -32.46 -14.55
N SER A 157 -8.23 -31.98 -14.47
CA SER A 157 -9.33 -32.49 -15.30
C SER A 157 -9.18 -32.10 -16.76
N THR A 158 -8.28 -31.15 -17.04
CA THR A 158 -8.02 -30.77 -18.42
C THR A 158 -7.16 -31.78 -19.16
N ALA A 159 -6.48 -32.67 -18.42
CA ALA A 159 -5.60 -33.66 -19.04
C ALA A 159 -5.93 -35.08 -18.64
N TRP A 160 -6.90 -35.26 -17.74
CA TRP A 160 -7.13 -36.59 -17.17
C TRP A 160 -7.62 -37.63 -18.17
N THR A 161 -7.49 -38.89 -17.79
CA THR A 161 -7.77 -40.04 -18.63
C THR A 161 -9.29 -40.37 -18.57
N CYS A 162 -9.95 -39.90 -17.53
CA CYS A 162 -11.42 -39.99 -17.33
C CYS A 162 -12.01 -41.30 -16.78
N ALA A 163 -11.17 -42.21 -16.28
CA ALA A 163 -11.71 -43.44 -15.69
C ALA A 163 -12.40 -43.18 -14.35
N THR A 164 -13.69 -43.43 -14.30
CA THR A 164 -14.44 -43.27 -13.05
C THR A 164 -15.10 -44.59 -12.64
N PRO A 165 -14.35 -45.49 -11.97
CA PRO A 165 -15.09 -46.64 -11.43
C PRO A 165 -15.59 -46.33 -10.03
N GLU A 166 -16.43 -47.22 -9.48
CA GLU A 166 -16.74 -47.19 -8.06
C GLU A 166 -15.66 -47.87 -7.23
N PHE A 167 -15.68 -47.59 -5.92
CA PHE A 167 -14.86 -48.32 -4.98
C PHE A 167 -15.56 -49.57 -4.49
N PHE A 168 -14.79 -50.61 -4.26
CA PHE A 168 -15.32 -51.87 -3.80
C PHE A 168 -15.87 -51.76 -2.37
N ALA A 169 -17.10 -52.24 -2.18
CA ALA A 169 -17.65 -52.43 -0.83
C ALA A 169 -17.79 -53.93 -0.64
N PRO A 170 -17.22 -54.48 0.43
CA PRO A 170 -17.35 -55.93 0.60
C PRO A 170 -18.74 -56.25 1.18
N ALA A 171 -19.15 -57.51 1.04
CA ALA A 171 -20.46 -57.93 1.54
C ALA A 171 -20.54 -57.72 3.05
N ASP A 172 -19.54 -58.25 3.75
CA ASP A 172 -19.45 -58.10 5.20
C ASP A 172 -18.95 -56.72 5.56
N PHE A 173 -19.83 -55.97 6.21
CA PHE A 173 -19.55 -54.62 6.67
C PHE A 173 -18.36 -54.57 7.62
N ASN A 174 -17.97 -55.73 8.16
CA ASN A 174 -16.77 -55.81 8.99
C ASN A 174 -15.57 -56.52 8.37
N ALA A 175 -15.55 -56.64 7.03
CA ALA A 175 -14.34 -57.14 6.38
C ALA A 175 -13.11 -56.34 6.88
N PRO A 176 -11.94 -57.02 7.04
CA PRO A 176 -10.70 -56.35 7.42
C PRO A 176 -10.30 -55.23 6.46
N HIS A 177 -10.63 -55.35 5.18
CA HIS A 177 -10.38 -54.27 4.23
C HIS A 177 -11.56 -53.91 3.32
N ARG A 178 -11.73 -52.62 3.07
CA ARG A 178 -12.66 -52.13 2.06
C ARG A 178 -12.03 -50.97 1.26
N GLU A 179 -12.46 -50.79 0.01
CA GLU A 179 -12.10 -49.59 -0.75
C GLU A 179 -12.99 -48.44 -0.38
N ARG A 180 -14.31 -48.68 -0.44
CA ARG A 180 -15.31 -47.65 -0.24
C ARG A 180 -15.47 -47.30 1.22
N PRO A 181 -15.18 -46.05 1.59
CA PRO A 181 -15.26 -45.70 3.01
C PRO A 181 -16.67 -45.83 3.63
N LYS A 182 -16.70 -45.77 4.94
CA LYS A 182 -17.96 -45.85 5.65
C LYS A 182 -18.46 -44.46 5.98
N LEU A 183 -19.67 -44.16 5.51
CA LEU A 183 -20.31 -42.87 5.76
C LEU A 183 -21.24 -42.93 6.98
N SER A 184 -21.82 -44.09 7.24
CA SER A 184 -22.53 -44.33 8.51
C SER A 184 -22.02 -45.56 9.25
N THR A 185 -22.46 -45.72 10.50
CA THR A 185 -22.16 -46.93 11.26
C THR A 185 -23.19 -48.02 10.96
N ASP A 186 -24.28 -47.67 10.28
CA ASP A 186 -25.25 -48.70 9.90
C ASP A 186 -25.01 -49.15 8.46
N ALA A 187 -24.90 -50.46 8.28
CA ALA A 187 -24.58 -51.01 6.97
C ALA A 187 -25.62 -50.67 5.91
N ALA A 188 -26.88 -50.69 6.32
CA ALA A 188 -27.95 -50.46 5.39
C ALA A 188 -27.88 -49.03 4.98
N GLU A 189 -27.55 -48.16 5.93
CA GLU A 189 -27.61 -46.75 5.62
C GLU A 189 -26.44 -46.34 4.77
N ASP A 190 -25.24 -46.72 5.21
CA ASP A 190 -24.06 -46.56 4.40
C ASP A 190 -24.35 -46.91 2.97
N ALA A 191 -24.93 -48.08 2.75
CA ALA A 191 -25.25 -48.51 1.40
C ALA A 191 -26.17 -47.54 0.69
N ARG A 192 -27.17 -47.05 1.42
CA ARG A 192 -28.18 -46.14 0.88
C ARG A 192 -27.53 -44.83 0.43
N ILE A 193 -26.74 -44.24 1.32
CA ILE A 193 -26.00 -43.03 1.03
C ILE A 193 -25.13 -43.17 -0.21
N TRP A 194 -24.39 -44.28 -0.29
CA TRP A 194 -23.49 -44.46 -1.40
C TRP A 194 -24.21 -44.52 -2.75
N LYS A 195 -25.35 -45.20 -2.82
CA LYS A 195 -25.96 -45.31 -4.13
C LYS A 195 -26.55 -43.99 -4.58
N ASP A 196 -26.93 -43.15 -3.62
CA ASP A 196 -27.40 -41.82 -3.96
C ASP A 196 -26.22 -41.05 -4.55
N LEU A 197 -25.17 -40.89 -3.75
CA LEU A 197 -23.99 -40.12 -4.13
C LEU A 197 -23.36 -40.55 -5.45
N TYR A 198 -23.20 -41.84 -5.66
CA TYR A 198 -22.56 -42.31 -6.89
C TYR A 198 -23.43 -41.93 -8.08
N ALA A 199 -24.73 -42.15 -7.93
CA ALA A 199 -25.69 -41.81 -8.99
C ALA A 199 -25.55 -40.35 -9.39
N GLN A 200 -25.58 -39.48 -8.39
CA GLN A 200 -25.40 -38.07 -8.62
C GLN A 200 -24.03 -37.77 -9.19
N ALA A 201 -23.01 -38.47 -8.71
CA ALA A 201 -21.63 -38.15 -9.11
C ALA A 201 -21.42 -38.53 -10.57
N LYS A 202 -21.99 -39.66 -10.99
CA LYS A 202 -21.91 -40.05 -12.39
C LYS A 202 -22.67 -39.12 -13.33
N GLU A 203 -23.74 -38.49 -12.85
CA GLU A 203 -24.47 -37.58 -13.73
C GLU A 203 -23.63 -36.33 -13.92
N ILE A 204 -23.15 -35.80 -12.80
CA ILE A 204 -22.35 -34.60 -12.77
C ILE A 204 -21.16 -34.65 -13.73
N ILE A 205 -20.40 -35.74 -13.66
CA ILE A 205 -19.20 -35.93 -14.48
C ILE A 205 -19.49 -36.62 -15.82
N GLY A 206 -20.64 -37.27 -15.93
CA GLY A 206 -21.03 -37.85 -17.22
C GLY A 206 -20.44 -39.20 -17.54
N THR A 207 -20.37 -40.06 -16.52
CA THR A 207 -19.80 -41.39 -16.66
C THR A 207 -20.57 -42.32 -17.61
N SER A 208 -19.87 -42.98 -18.53
CA SER A 208 -20.46 -44.00 -19.40
C SER A 208 -19.56 -45.26 -19.59
N THR A 209 -20.18 -46.39 -19.89
CA THR A 209 -19.46 -47.64 -20.14
C THR A 209 -19.76 -48.22 -21.52
N THR A 210 -20.39 -47.43 -22.38
CA THR A 210 -20.78 -47.92 -23.71
C THR A 210 -20.12 -47.20 -24.89
N GLU A 211 -19.31 -46.18 -24.61
CA GLU A 211 -18.71 -45.37 -25.68
C GLU A 211 -17.66 -46.11 -26.54
N PHE A 212 -17.28 -47.32 -26.16
CA PHE A 212 -16.33 -48.03 -27.01
C PHE A 212 -16.90 -49.32 -27.55
N ASP A 213 -18.23 -49.44 -27.52
CA ASP A 213 -18.90 -50.71 -27.80
C ASP A 213 -18.78 -51.14 -29.24
N HIS A 214 -18.51 -50.19 -30.12
CA HIS A 214 -18.37 -50.51 -31.52
C HIS A 214 -16.91 -50.38 -32.00
N SER A 215 -16.01 -50.38 -31.02
CA SER A 215 -14.58 -50.46 -31.32
C SER A 215 -14.16 -51.91 -31.43
N ILE A 216 -13.67 -52.28 -32.60
CA ILE A 216 -13.15 -53.63 -32.81
C ILE A 216 -12.05 -54.00 -31.80
N ARG A 217 -11.13 -53.08 -31.55
CA ARG A 217 -10.01 -53.33 -30.67
C ARG A 217 -10.53 -53.60 -29.27
N HIS A 218 -11.46 -52.77 -28.82
CA HIS A 218 -12.09 -52.97 -27.51
C HIS A 218 -12.76 -54.32 -27.45
N ASN A 219 -13.54 -54.64 -28.47
CA ASN A 219 -14.35 -55.84 -28.42
C ASN A 219 -13.50 -57.10 -28.50
N LEU A 220 -12.48 -57.05 -29.34
CA LEU A 220 -11.54 -58.16 -29.44
C LEU A 220 -10.94 -58.48 -28.08
N VAL A 221 -10.46 -57.44 -27.41
CA VAL A 221 -9.82 -57.62 -26.11
C VAL A 221 -10.84 -58.04 -25.05
N LEU A 222 -11.99 -57.38 -24.99
CA LEU A 222 -12.99 -57.70 -23.96
C LEU A 222 -13.54 -59.12 -24.14
N ARG A 223 -14.07 -59.41 -25.32
CA ARG A 223 -14.66 -60.69 -25.57
C ARG A 223 -13.65 -61.85 -25.46
N LYS A 224 -12.43 -61.66 -25.95
CA LYS A 224 -11.46 -62.75 -25.92
C LYS A 224 -10.96 -63.01 -24.51
N TYR A 225 -10.69 -61.95 -23.74
CA TYR A 225 -10.32 -62.13 -22.33
C TYR A 225 -11.43 -62.84 -21.56
N ASN A 226 -12.68 -62.49 -21.85
CA ASN A 226 -13.79 -63.09 -21.12
C ASN A 226 -13.94 -64.57 -21.41
N ASP A 227 -13.90 -64.92 -22.69
CA ASP A 227 -13.95 -66.32 -23.10
C ASP A 227 -12.86 -67.13 -22.43
N ILE A 228 -11.64 -66.61 -22.51
CA ILE A 228 -10.49 -67.28 -21.93
C ILE A 228 -10.70 -67.50 -20.44
N PHE A 229 -11.08 -66.48 -19.74
CA PHE A 229 -11.15 -66.59 -18.31
C PHE A 229 -12.45 -67.13 -17.79
N GLN A 230 -13.38 -67.40 -18.68
CA GLN A 230 -14.58 -68.02 -18.27
C GLN A 230 -14.33 -69.48 -17.96
N LYS A 231 -13.34 -70.01 -18.65
CA LYS A 231 -13.05 -71.40 -18.78
C LYS A 231 -11.78 -71.73 -18.07
N GLU A 232 -11.53 -71.07 -16.96
CA GLU A 232 -10.27 -71.27 -16.26
C GLU A 232 -10.44 -71.52 -14.78
N ASN A 233 -9.40 -72.10 -14.17
CA ASN A 233 -9.35 -72.39 -12.75
C ASN A 233 -10.03 -71.33 -11.92
N VAL A 234 -9.47 -70.12 -11.97
CA VAL A 234 -10.04 -68.99 -11.26
C VAL A 234 -10.71 -68.05 -12.25
N ILE A 235 -11.91 -67.62 -11.92
CA ILE A 235 -12.70 -66.79 -12.82
C ILE A 235 -12.38 -65.32 -12.60
N ARG A 236 -12.27 -64.56 -13.68
CA ARG A 236 -12.04 -63.12 -13.61
C ARG A 236 -13.01 -62.54 -14.60
N GLU A 237 -13.76 -61.51 -14.21
CA GLU A 237 -14.69 -60.88 -15.13
C GLU A 237 -14.10 -59.60 -15.72
N PHE A 238 -14.01 -59.55 -17.05
CA PHE A 238 -13.61 -58.33 -17.76
C PHE A 238 -14.82 -57.48 -18.20
N SER A 239 -14.76 -56.18 -17.94
CA SER A 239 -15.85 -55.29 -18.30
C SER A 239 -15.32 -53.96 -18.85
N PRO A 240 -16.15 -53.24 -19.63
CA PRO A 240 -15.73 -51.94 -20.13
C PRO A 240 -15.34 -51.02 -18.98
N LEU A 241 -14.24 -50.31 -19.14
CA LEU A 241 -13.79 -49.34 -18.15
C LEU A 241 -14.74 -48.13 -18.19
N PRO A 242 -15.20 -47.67 -17.02
CA PRO A 242 -16.12 -46.52 -17.02
C PRO A 242 -15.45 -45.13 -17.20
N LEU A 243 -15.87 -44.44 -18.27
CA LEU A 243 -15.25 -43.20 -18.71
C LEU A 243 -16.19 -41.99 -18.70
N ALA A 244 -15.72 -40.89 -18.12
CA ALA A 244 -16.40 -39.61 -18.21
C ALA A 244 -16.15 -39.00 -19.58
N CYS A 245 -16.87 -39.48 -20.58
CA CYS A 245 -16.77 -38.94 -21.93
C CYS A 245 -18.01 -39.36 -22.70
N HIS A 246 -18.11 -38.95 -23.96
CA HIS A 246 -19.10 -39.56 -24.85
C HIS A 246 -18.66 -39.42 -26.31
N ARG A 247 -18.83 -40.51 -27.06
CA ARG A 247 -18.56 -40.51 -28.49
C ARG A 247 -19.48 -39.51 -29.18
N LEU A 248 -18.97 -38.88 -30.24
CA LEU A 248 -19.73 -37.87 -30.98
C LEU A 248 -20.44 -38.51 -32.17
N THR A 249 -21.34 -37.75 -32.78
CA THR A 249 -22.16 -38.21 -33.90
C THR A 249 -21.31 -38.75 -35.02
N ASP A 250 -20.22 -38.06 -35.30
CA ASP A 250 -19.13 -38.63 -36.09
C ASP A 250 -18.35 -39.54 -35.14
N PRO A 251 -18.44 -40.87 -35.34
CA PRO A 251 -17.84 -41.82 -34.39
C PRO A 251 -16.34 -41.62 -34.19
N ASP A 252 -15.64 -41.00 -35.13
CA ASP A 252 -14.18 -40.82 -35.01
C ASP A 252 -13.77 -39.77 -33.99
N TYR A 253 -14.73 -39.26 -33.23
CA TYR A 253 -14.46 -38.20 -32.26
C TYR A 253 -15.13 -38.45 -30.93
N VAL A 254 -14.35 -38.31 -29.85
CA VAL A 254 -14.85 -38.47 -28.50
C VAL A 254 -14.75 -37.13 -27.78
N GLU A 255 -15.76 -36.77 -27.01
CA GLU A 255 -15.60 -35.59 -26.17
C GLU A 255 -15.35 -36.02 -24.75
N TRP A 256 -14.14 -35.77 -24.28
CA TRP A 256 -13.76 -36.13 -22.94
C TRP A 256 -14.29 -35.08 -21.98
N HIS A 257 -14.77 -35.49 -20.82
CA HIS A 257 -15.40 -34.54 -19.93
C HIS A 257 -14.38 -33.97 -18.99
N ALA A 258 -14.62 -32.74 -18.56
CA ALA A 258 -13.71 -32.03 -17.68
C ALA A 258 -14.53 -31.13 -16.78
N THR A 259 -13.87 -30.25 -16.05
CA THR A 259 -14.56 -29.28 -15.23
C THR A 259 -15.62 -28.44 -15.98
N ASP A 260 -15.39 -28.19 -17.26
CA ASP A 260 -16.29 -27.31 -18.04
C ASP A 260 -17.76 -27.72 -18.01
N ARG A 261 -18.05 -29.02 -17.96
CA ARG A 261 -19.47 -29.43 -17.96
C ARG A 261 -20.09 -29.28 -16.59
N ILE A 262 -19.27 -29.05 -15.57
CA ILE A 262 -19.80 -28.85 -14.24
C ILE A 262 -20.05 -27.36 -14.02
N LEU A 263 -19.24 -26.55 -14.66
CA LEU A 263 -19.27 -25.13 -14.42
C LEU A 263 -20.15 -24.48 -15.46
N GLU A 264 -20.65 -25.30 -16.36
CA GLU A 264 -21.33 -24.83 -17.54
C GLU A 264 -22.48 -23.83 -17.30
N GLU A 265 -23.48 -24.25 -16.55
CA GLU A 265 -24.61 -23.37 -16.31
C GLU A 265 -24.26 -22.16 -15.45
N LEU A 266 -23.09 -22.17 -14.81
CA LEU A 266 -22.62 -20.97 -14.09
C LEU A 266 -22.06 -19.89 -15.02
N PHE A 267 -21.89 -20.22 -16.29
CA PHE A 267 -21.46 -19.22 -17.26
C PHE A 267 -22.58 -18.90 -18.25
N THR A 268 -23.66 -19.65 -18.15
CA THR A 268 -24.56 -19.80 -19.26
C THR A 268 -25.98 -19.40 -18.87
N ASP A 269 -26.26 -19.46 -17.58
CA ASP A 269 -27.53 -19.06 -17.01
C ASP A 269 -27.28 -17.77 -16.27
N PRO A 270 -27.85 -16.66 -16.78
CA PRO A 270 -27.63 -15.32 -16.27
C PRO A 270 -27.94 -15.21 -14.78
N VAL A 271 -28.89 -16.00 -14.30
CA VAL A 271 -29.22 -15.94 -12.88
C VAL A 271 -28.10 -16.52 -12.01
N LYS A 272 -27.57 -17.67 -12.40
CA LYS A 272 -26.47 -18.30 -11.67
C LYS A 272 -25.20 -17.46 -11.82
N ARG A 273 -24.94 -17.11 -13.07
CA ARG A 273 -23.91 -16.16 -13.45
C ARG A 273 -23.69 -15.05 -12.44
N GLY A 274 -24.79 -14.45 -11.97
CA GLY A 274 -24.72 -13.32 -11.06
C GLY A 274 -24.41 -13.74 -9.64
N ARG A 275 -24.44 -15.04 -9.40
CA ARG A 275 -24.16 -15.56 -8.07
C ARG A 275 -22.79 -16.23 -8.04
N PHE A 276 -21.94 -15.88 -9.00
CA PHE A 276 -20.69 -16.60 -9.15
C PHE A 276 -19.50 -15.78 -9.62
N THR A 277 -18.56 -15.57 -8.72
CA THR A 277 -17.30 -14.94 -9.05
C THR A 277 -16.20 -15.99 -9.12
N LEU A 278 -15.47 -16.01 -10.24
CA LEU A 278 -14.34 -16.92 -10.43
C LEU A 278 -13.08 -16.16 -10.79
N LEU A 279 -12.17 -16.03 -9.82
CA LEU A 279 -10.93 -15.29 -10.01
C LEU A 279 -9.80 -16.23 -10.40
N THR A 280 -9.06 -15.88 -11.46
CA THR A 280 -7.94 -16.70 -11.88
C THR A 280 -6.62 -16.07 -11.48
N ASN A 281 -5.52 -16.78 -11.74
CA ASN A 281 -4.20 -16.44 -11.23
C ASN A 281 -4.25 -15.86 -9.83
N HIS A 282 -5.10 -16.41 -8.98
CA HIS A 282 -5.32 -15.91 -7.64
C HIS A 282 -5.03 -17.00 -6.64
N ARG A 283 -4.15 -16.68 -5.70
CA ARG A 283 -3.62 -17.67 -4.78
C ARG A 283 -4.24 -17.59 -3.40
N CYS A 284 -4.94 -18.65 -3.03
CA CYS A 284 -5.38 -18.76 -1.65
C CYS A 284 -4.17 -19.14 -0.85
N THR A 285 -3.62 -18.16 -0.12
CA THR A 285 -2.36 -18.28 0.59
C THR A 285 -2.54 -18.95 1.93
N LYS A 286 -3.54 -18.50 2.68
CA LYS A 286 -3.88 -19.12 3.95
C LYS A 286 -5.25 -18.64 4.38
N LEU A 287 -5.86 -19.37 5.32
CA LEU A 287 -7.08 -18.92 5.97
C LEU A 287 -6.75 -18.24 7.29
N VAL A 288 -7.56 -17.28 7.68
CA VAL A 288 -7.37 -16.58 8.93
C VAL A 288 -8.44 -17.06 9.89
N PHE A 289 -8.04 -17.55 11.06
CA PHE A 289 -9.00 -18.08 12.03
C PHE A 289 -9.16 -17.13 13.19
N LYS A 290 -10.31 -17.19 13.86
CA LYS A 290 -10.58 -16.33 15.00
C LYS A 290 -9.55 -16.52 16.09
N HIS A 291 -9.05 -17.75 16.26
CA HIS A 291 -7.97 -17.94 17.22
C HIS A 291 -7.05 -19.06 16.79
N TYR A 292 -5.97 -19.23 17.54
CA TYR A 292 -4.99 -20.27 17.25
C TYR A 292 -4.78 -21.16 18.47
N ARG A 293 -5.91 -21.51 19.10
CA ARG A 293 -5.93 -22.42 20.23
C ARG A 293 -6.44 -23.82 19.82
N PRO A 294 -5.57 -24.82 19.98
CA PRO A 294 -5.88 -26.21 19.64
C PRO A 294 -6.93 -26.75 20.57
N GLY A 295 -7.79 -27.60 20.02
CA GLY A 295 -8.73 -28.35 20.84
C GLY A 295 -10.08 -27.68 21.02
N GLU A 296 -10.13 -26.37 20.87
CA GLU A 296 -11.39 -25.69 21.10
C GLU A 296 -12.03 -25.10 19.85
N GLU A 297 -13.35 -24.93 19.93
CA GLU A 297 -14.15 -24.48 18.81
C GLU A 297 -13.60 -23.22 18.18
N ASN A 298 -13.76 -23.12 16.87
CA ASN A 298 -13.12 -22.06 16.09
C ASN A 298 -13.88 -21.85 14.77
N GLU A 299 -13.55 -20.77 14.07
CA GLU A 299 -14.17 -20.46 12.79
C GLU A 299 -13.13 -19.83 11.88
N VAL A 300 -13.31 -19.91 10.57
CA VAL A 300 -12.49 -19.10 9.67
C VAL A 300 -13.03 -17.67 9.56
N ASP A 301 -12.15 -16.69 9.76
CA ASP A 301 -12.50 -15.28 9.72
C ASP A 301 -12.65 -14.76 8.28
N TYR A 302 -11.53 -14.72 7.56
CA TYR A 302 -11.51 -14.47 6.13
C TYR A 302 -10.45 -15.35 5.44
N ALA A 303 -10.41 -15.31 4.11
CA ALA A 303 -9.42 -16.04 3.32
C ALA A 303 -8.40 -15.06 2.74
N LEU A 304 -7.12 -15.41 2.83
CA LEU A 304 -6.09 -14.47 2.40
C LEU A 304 -5.67 -14.77 0.97
N VAL A 305 -6.18 -13.97 0.04
CA VAL A 305 -6.01 -14.25 -1.38
C VAL A 305 -5.12 -13.20 -2.03
N GLU A 306 -4.15 -13.65 -2.82
CA GLU A 306 -3.18 -12.77 -3.45
C GLU A 306 -3.29 -12.80 -4.96
N ASP A 307 -3.40 -11.62 -5.55
CA ASP A 307 -3.39 -11.49 -7.00
C ASP A 307 -1.98 -11.70 -7.51
N LEU A 308 -1.79 -12.58 -8.49
CA LEU A 308 -0.45 -12.87 -8.97
C LEU A 308 -0.04 -12.09 -10.24
N LEU A 309 -0.92 -11.26 -10.78
CA LEU A 309 -0.57 -10.42 -11.95
C LEU A 309 -0.19 -8.99 -11.63
N PRO A 310 1.00 -8.55 -12.11
CA PRO A 310 1.49 -7.16 -12.03
C PRO A 310 0.49 -6.13 -12.53
N SER A 320 -3.01 -5.48 -3.81
CA SER A 320 -2.60 -6.82 -4.19
C SER A 320 -3.33 -7.93 -3.42
N VAL A 321 -3.40 -7.76 -2.10
CA VAL A 321 -4.13 -8.71 -1.26
C VAL A 321 -5.62 -8.42 -1.27
N LYS A 322 -6.40 -9.48 -1.41
CA LYS A 322 -7.84 -9.41 -1.18
C LYS A 322 -8.09 -10.11 0.13
N LYS A 323 -9.06 -9.65 0.88
CA LYS A 323 -9.44 -10.33 2.11
C LYS A 323 -10.87 -10.84 1.98
N ILE A 324 -11.01 -12.05 1.46
CA ILE A 324 -12.35 -12.52 1.13
C ILE A 324 -13.10 -13.03 2.34
N TYR A 325 -14.31 -12.50 2.55
CA TYR A 325 -15.18 -12.91 3.64
C TYR A 325 -16.34 -13.71 3.11
N ALA A 326 -16.60 -14.84 3.76
CA ALA A 326 -17.71 -15.69 3.40
C ALA A 326 -18.33 -16.29 4.66
N ARG A 327 -19.49 -16.91 4.49
CA ARG A 327 -20.13 -17.60 5.61
C ARG A 327 -19.45 -18.95 5.80
N SER A 328 -19.32 -19.71 4.70
CA SER A 328 -18.60 -20.98 4.72
C SER A 328 -17.40 -20.97 3.77
N TYR A 329 -16.38 -21.78 4.10
CA TYR A 329 -15.14 -21.80 3.34
C TYR A 329 -14.81 -23.22 2.91
N VAL A 330 -14.40 -23.38 1.66
CA VAL A 330 -14.02 -24.69 1.15
C VAL A 330 -12.62 -24.69 0.56
N VAL A 331 -11.82 -25.65 1.01
CA VAL A 331 -10.50 -25.86 0.44
C VAL A 331 -10.52 -27.14 -0.36
N ALA A 332 -10.42 -26.98 -1.68
CA ALA A 332 -10.33 -28.12 -2.59
C ALA A 332 -9.23 -27.86 -3.60
N CYS A 333 -7.99 -27.91 -3.12
CA CYS A 333 -6.81 -27.53 -3.90
C CYS A 333 -6.02 -28.74 -4.38
N GLY A 334 -6.62 -29.92 -4.25
CA GLY A 334 -5.96 -31.18 -4.54
C GLY A 334 -5.43 -31.77 -3.25
N ALA A 335 -5.07 -33.03 -3.28
CA ALA A 335 -4.55 -33.68 -2.07
C ALA A 335 -3.40 -32.92 -1.43
N VAL A 336 -2.37 -32.64 -2.20
CA VAL A 336 -1.17 -32.00 -1.67
C VAL A 336 -1.40 -30.58 -1.22
N ALA A 337 -1.89 -29.76 -2.15
CA ALA A 337 -2.01 -28.34 -1.91
C ALA A 337 -3.07 -28.03 -0.86
N THR A 338 -4.11 -28.85 -0.76
CA THR A 338 -5.14 -28.60 0.27
C THR A 338 -4.51 -28.62 1.66
N ALA A 339 -3.76 -29.67 1.95
CA ALA A 339 -3.06 -29.75 3.23
C ALA A 339 -2.09 -28.57 3.37
N GLN A 340 -1.43 -28.22 2.27
CA GLN A 340 -0.50 -27.12 2.19
C GLN A 340 -1.10 -25.79 2.64
N VAL A 341 -2.26 -25.46 2.09
CA VAL A 341 -2.97 -24.24 2.50
C VAL A 341 -3.33 -24.26 3.99
N LEU A 342 -3.84 -25.40 4.45
CA LEU A 342 -4.25 -25.54 5.86
C LEU A 342 -3.03 -25.51 6.77
N ALA A 343 -1.94 -26.09 6.30
CA ALA A 343 -0.71 -26.02 7.07
C ALA A 343 -0.19 -24.57 7.09
N ASN A 344 -0.12 -23.95 5.92
CA ASN A 344 0.27 -22.53 5.84
C ASN A 344 -0.59 -21.68 6.78
N SER A 345 -1.86 -22.07 6.89
CA SER A 345 -2.83 -21.34 7.68
C SER A 345 -2.51 -21.35 9.16
N HIS A 346 -1.66 -22.26 9.59
CA HIS A 346 -1.31 -22.34 10.99
C HIS A 346 -0.43 -21.18 11.47
N ILE A 347 -0.06 -20.29 10.55
CA ILE A 347 0.86 -19.19 10.85
C ILE A 347 0.13 -17.82 10.83
N PRO A 348 -0.10 -17.22 12.02
CA PRO A 348 -0.86 -15.96 12.09
C PRO A 348 -0.24 -14.79 11.33
N PRO A 349 -1.07 -13.90 10.75
CA PRO A 349 -0.60 -12.80 9.90
C PRO A 349 0.18 -11.74 10.70
N ASP A 369 15.57 -27.19 8.30
CA ASP A 369 14.79 -28.42 8.08
C ASP A 369 13.57 -28.66 8.99
N ALA A 370 13.26 -27.71 9.86
CA ALA A 370 12.03 -27.82 10.65
C ALA A 370 10.79 -27.79 9.76
N THR A 371 9.72 -28.45 10.22
CA THR A 371 8.45 -28.42 9.51
C THR A 371 7.42 -27.63 10.30
N ILE A 372 6.37 -27.17 9.63
CA ILE A 372 5.27 -26.47 10.28
C ILE A 372 4.39 -27.39 11.11
N PRO A 373 4.36 -27.18 12.44
CA PRO A 373 3.44 -27.94 13.28
C PRO A 373 2.01 -27.50 13.02
N THR A 374 1.07 -28.43 13.11
CA THR A 374 -0.31 -28.13 12.81
C THR A 374 -1.25 -28.67 13.86
N PRO A 375 -1.16 -28.15 15.10
CA PRO A 375 -1.92 -28.74 16.22
C PRO A 375 -3.43 -28.42 16.21
N LEU A 376 -3.86 -27.41 15.45
CA LEU A 376 -5.27 -27.13 15.32
C LEU A 376 -5.92 -28.17 14.44
N MET A 377 -5.09 -28.85 13.65
CA MET A 377 -5.55 -29.98 12.84
C MET A 377 -4.51 -31.12 12.83
N PRO A 378 -4.37 -31.80 13.97
CA PRO A 378 -3.21 -32.66 14.23
C PRO A 378 -3.12 -33.92 13.37
N MET A 379 -4.14 -34.24 12.59
CA MET A 379 -4.05 -35.39 11.69
C MET A 379 -3.75 -34.96 10.26
N LEU A 380 -3.56 -33.65 10.06
CA LEU A 380 -3.20 -33.14 8.75
C LEU A 380 -1.98 -33.90 8.25
N GLY A 381 -2.05 -34.40 7.03
CA GLY A 381 -0.89 -35.03 6.41
C GLY A 381 -0.54 -36.41 6.92
N LYS A 382 -1.22 -36.87 7.97
CA LYS A 382 -0.98 -38.22 8.47
C LYS A 382 -1.82 -39.25 7.71
N TYR A 383 -1.34 -40.50 7.70
CA TYR A 383 -2.00 -41.66 7.09
C TYR A 383 -2.17 -41.52 5.59
N ILE A 384 -1.17 -41.00 4.90
CA ILE A 384 -1.34 -40.79 3.47
C ILE A 384 -1.19 -42.09 2.72
N THR A 385 -2.00 -42.27 1.67
CA THR A 385 -1.89 -43.45 0.82
C THR A 385 -1.53 -43.09 -0.62
N GLU A 386 -0.78 -43.97 -1.29
CA GLU A 386 -0.53 -43.81 -2.71
C GLU A 386 -0.39 -45.20 -3.33
N GLN A 387 -0.61 -45.29 -4.63
CA GLN A 387 -0.82 -46.56 -5.28
C GLN A 387 0.40 -47.04 -6.04
N PRO A 388 0.90 -48.23 -5.69
CA PRO A 388 1.98 -48.82 -6.48
C PRO A 388 1.41 -49.22 -7.82
N MET A 389 2.22 -49.16 -8.88
CA MET A 389 1.70 -49.32 -10.23
C MET A 389 2.66 -50.20 -11.04
N THR A 390 2.14 -51.24 -11.69
CA THR A 390 2.96 -52.00 -12.62
C THR A 390 2.42 -51.72 -13.99
N PHE A 391 3.29 -51.81 -15.00
CA PHE A 391 2.94 -51.41 -16.36
C PHE A 391 3.70 -52.21 -17.37
N CYS A 392 3.10 -52.46 -18.52
CA CYS A 392 3.77 -53.15 -19.60
C CYS A 392 2.89 -53.01 -20.81
N GLN A 393 3.46 -53.17 -22.01
CA GLN A 393 2.64 -53.14 -23.21
C GLN A 393 2.85 -54.38 -24.00
N VAL A 394 1.81 -54.88 -24.63
CA VAL A 394 2.01 -56.01 -25.51
C VAL A 394 1.69 -55.67 -26.95
N VAL A 395 2.26 -56.46 -27.85
CA VAL A 395 1.84 -56.49 -29.23
C VAL A 395 0.83 -57.65 -29.37
N LEU A 396 -0.29 -57.43 -30.05
CA LEU A 396 -1.30 -58.47 -30.21
C LEU A 396 -0.78 -59.72 -30.94
N ASP A 397 -1.29 -60.89 -30.56
CA ASP A 397 -0.98 -62.13 -31.29
C ASP A 397 -1.50 -62.05 -32.71
N SER A 398 -0.68 -62.46 -33.66
CA SER A 398 -1.10 -62.51 -35.05
C SER A 398 -2.32 -63.40 -35.27
N SER A 399 -2.46 -64.48 -34.50
CA SER A 399 -3.62 -65.36 -34.70
C SER A 399 -4.90 -64.60 -34.42
N LEU A 400 -4.85 -63.63 -33.51
CA LEU A 400 -5.97 -62.77 -33.25
C LEU A 400 -6.38 -61.95 -34.48
N MET A 401 -5.45 -61.72 -35.42
CA MET A 401 -5.82 -61.02 -36.63
C MET A 401 -6.76 -61.89 -37.43
N GLU A 402 -6.54 -63.20 -37.37
CA GLU A 402 -7.48 -64.10 -38.01
C GLU A 402 -8.85 -64.04 -37.31
N VAL A 403 -8.84 -63.79 -36.00
CA VAL A 403 -10.06 -63.54 -35.23
C VAL A 403 -10.78 -62.26 -35.71
N VAL A 404 -10.02 -61.20 -35.97
CA VAL A 404 -10.59 -59.96 -36.49
C VAL A 404 -11.26 -60.20 -37.84
N ARG A 405 -10.65 -61.02 -38.68
CA ARG A 405 -11.15 -61.25 -40.04
C ARG A 405 -12.53 -61.90 -40.05
N ASN A 406 -12.73 -62.88 -39.18
CA ASN A 406 -14.05 -63.45 -38.99
C ASN A 406 -14.24 -63.82 -37.54
N PRO A 407 -14.85 -62.92 -36.77
CA PRO A 407 -15.13 -63.11 -35.35
C PRO A 407 -16.01 -64.32 -35.12
N PRO A 408 -15.74 -65.08 -34.05
CA PRO A 408 -16.50 -66.31 -33.73
C PRO A 408 -17.88 -65.97 -33.17
N TRP A 409 -17.97 -64.90 -32.40
CA TRP A 409 -19.23 -64.43 -31.83
C TRP A 409 -20.22 -64.05 -32.91
N PRO A 410 -21.50 -64.38 -32.68
CA PRO A 410 -22.50 -64.20 -33.74
C PRO A 410 -23.03 -62.78 -33.78
N GLY A 411 -23.70 -62.43 -34.87
CA GLY A 411 -24.35 -61.13 -35.01
C GLY A 411 -23.48 -59.92 -34.74
N LEU A 412 -22.23 -59.95 -35.21
CA LEU A 412 -21.38 -58.76 -35.17
C LEU A 412 -21.19 -58.23 -36.58
N ASP A 413 -22.32 -58.06 -37.26
CA ASP A 413 -22.35 -57.57 -38.63
C ASP A 413 -21.53 -56.28 -38.76
N TRP A 414 -21.63 -55.42 -37.76
CA TRP A 414 -20.91 -54.15 -37.76
C TRP A 414 -19.39 -54.34 -37.76
N TRP A 415 -18.93 -55.36 -37.05
CA TRP A 415 -17.52 -55.70 -37.01
C TRP A 415 -17.03 -56.12 -38.39
N LYS A 416 -17.73 -57.07 -38.98
CA LYS A 416 -17.33 -57.66 -40.23
C LYS A 416 -17.41 -56.61 -41.31
N GLU A 417 -18.26 -55.62 -41.09
CA GLU A 417 -18.46 -54.57 -42.07
C GLU A 417 -17.32 -53.55 -42.06
N LYS A 418 -16.91 -53.11 -40.87
CA LYS A 418 -15.80 -52.19 -40.76
C LYS A 418 -14.56 -52.86 -41.30
N VAL A 419 -14.43 -54.14 -40.95
CA VAL A 419 -13.29 -54.92 -41.37
C VAL A 419 -13.26 -55.08 -42.88
N ALA A 420 -14.34 -55.59 -43.44
CA ALA A 420 -14.40 -55.84 -44.88
C ALA A 420 -14.16 -54.58 -45.70
N ARG A 421 -14.47 -53.42 -45.13
CA ARG A 421 -14.14 -52.15 -45.77
C ARG A 421 -12.63 -51.85 -45.78
N HIS A 422 -12.00 -51.96 -44.62
CA HIS A 422 -10.57 -51.71 -44.51
C HIS A 422 -9.78 -52.61 -45.45
N VAL A 423 -10.16 -53.88 -45.52
CA VAL A 423 -9.48 -54.87 -46.37
C VAL A 423 -9.80 -54.62 -47.84
N GLU A 424 -10.83 -53.82 -48.09
CA GLU A 424 -11.13 -53.40 -49.44
C GLU A 424 -10.13 -52.33 -49.84
N ALA A 425 -9.98 -51.33 -49.00
CA ALA A 425 -9.22 -50.15 -49.37
C ALA A 425 -7.72 -50.36 -49.27
N PHE A 426 -7.29 -51.20 -48.34
CA PHE A 426 -5.87 -51.45 -48.15
C PHE A 426 -5.65 -52.94 -48.16
N PRO A 427 -5.73 -53.56 -49.35
CA PRO A 427 -5.51 -55.01 -49.43
C PRO A 427 -4.14 -55.46 -48.88
N ASN A 428 -3.12 -54.62 -48.95
CA ASN A 428 -1.76 -55.02 -48.51
C ASN A 428 -1.49 -54.95 -47.01
N ASP A 429 -2.41 -54.39 -46.24
CA ASP A 429 -2.24 -54.29 -44.79
C ASP A 429 -2.21 -55.69 -44.14
N PRO A 430 -1.14 -56.00 -43.38
CA PRO A 430 -1.18 -57.26 -42.66
C PRO A 430 -2.21 -57.18 -41.53
N ILE A 431 -2.58 -55.96 -41.18
CA ILE A 431 -3.48 -55.69 -40.09
C ILE A 431 -4.87 -55.36 -40.61
N PRO A 432 -5.88 -56.20 -40.30
CA PRO A 432 -7.25 -55.99 -40.79
C PRO A 432 -8.12 -55.03 -39.97
N ILE A 433 -7.58 -54.51 -38.88
CA ILE A 433 -8.27 -53.49 -38.08
C ILE A 433 -8.24 -52.17 -38.85
N PRO A 434 -9.37 -51.44 -38.88
CA PRO A 434 -9.39 -50.20 -39.65
C PRO A 434 -8.64 -49.11 -38.90
N PHE A 435 -8.05 -48.19 -39.65
CA PHE A 435 -7.11 -47.18 -39.13
C PHE A 435 -7.52 -46.34 -37.95
N ARG A 436 -8.81 -46.10 -37.78
CA ARG A 436 -9.16 -45.24 -36.68
C ARG A 436 -10.01 -45.90 -35.62
N ASP A 437 -10.04 -47.23 -35.67
CA ASP A 437 -10.68 -47.98 -34.62
C ASP A 437 -10.06 -47.61 -33.27
N PRO A 438 -10.92 -47.20 -32.33
CA PRO A 438 -10.55 -46.70 -31.01
C PRO A 438 -9.82 -47.74 -30.18
N GLU A 439 -9.03 -47.26 -29.23
CA GLU A 439 -8.34 -48.09 -28.29
C GLU A 439 -9.33 -48.89 -27.44
N PRO A 440 -8.90 -50.05 -26.92
CA PRO A 440 -9.74 -50.83 -26.00
C PRO A 440 -9.79 -50.14 -24.65
N GLN A 441 -10.85 -50.34 -23.89
CA GLN A 441 -11.02 -49.65 -22.63
C GLN A 441 -11.64 -50.61 -21.65
N VAL A 442 -10.81 -51.53 -21.20
CA VAL A 442 -11.27 -52.68 -20.45
C VAL A 442 -10.79 -52.58 -19.02
N THR A 443 -11.56 -53.13 -18.10
CA THR A 443 -11.18 -53.14 -16.71
C THR A 443 -11.51 -54.49 -16.12
N ILE A 444 -11.08 -54.69 -14.88
CA ILE A 444 -11.51 -55.80 -14.04
C ILE A 444 -11.79 -55.14 -12.72
N LYS A 445 -13.01 -55.30 -12.20
CA LYS A 445 -13.33 -54.66 -10.92
C LYS A 445 -12.56 -55.33 -9.81
N PHE A 446 -11.87 -54.52 -9.03
CA PHE A 446 -11.32 -54.93 -7.75
C PHE A 446 -12.17 -55.96 -6.99
N THR A 447 -11.53 -57.02 -6.54
CA THR A 447 -12.16 -58.00 -5.66
C THR A 447 -11.19 -58.23 -4.55
N GLU A 448 -11.69 -58.72 -3.43
CA GLU A 448 -10.80 -58.95 -2.30
C GLU A 448 -9.80 -60.07 -2.57
N GLU A 449 -10.17 -60.95 -3.51
CA GLU A 449 -9.34 -62.08 -3.91
C GLU A 449 -8.20 -61.64 -4.81
N HIS A 450 -8.43 -60.63 -5.63
CA HIS A 450 -7.36 -60.02 -6.42
C HIS A 450 -7.46 -58.54 -6.17
N PRO A 451 -6.99 -58.11 -4.99
CA PRO A 451 -7.17 -56.75 -4.49
C PRO A 451 -6.31 -55.71 -5.22
N TRP A 452 -6.59 -55.50 -6.49
CA TRP A 452 -5.97 -54.41 -7.24
C TRP A 452 -6.88 -53.93 -8.36
N HIS A 453 -6.49 -52.83 -8.99
CA HIS A 453 -7.22 -52.19 -10.06
C HIS A 453 -6.58 -52.36 -11.43
N VAL A 454 -7.31 -52.95 -12.35
CA VAL A 454 -6.78 -53.18 -13.69
C VAL A 454 -7.40 -52.49 -14.89
N GLN A 455 -6.54 -51.86 -15.65
CA GLN A 455 -6.86 -51.18 -16.86
C GLN A 455 -6.17 -51.78 -18.03
N ILE A 456 -6.92 -52.04 -19.07
CA ILE A 456 -6.36 -52.65 -20.25
C ILE A 456 -6.83 -51.78 -21.40
N HIS A 457 -5.95 -50.93 -21.91
CA HIS A 457 -6.41 -49.76 -22.63
C HIS A 457 -5.30 -49.13 -23.46
N ARG A 458 -5.49 -47.88 -23.85
CA ARG A 458 -4.38 -47.04 -24.32
C ARG A 458 -4.48 -45.70 -23.63
N ASP A 459 -3.49 -45.38 -22.82
CA ASP A 459 -3.47 -44.09 -22.15
C ASP A 459 -2.69 -43.10 -23.00
N ALA A 460 -3.19 -41.88 -23.05
CA ALA A 460 -2.50 -40.82 -23.77
C ALA A 460 -1.16 -40.45 -23.08
N PHE A 461 -0.99 -40.93 -21.86
CA PHE A 461 0.19 -40.64 -21.08
C PHE A 461 1.17 -41.79 -21.26
N SER A 462 1.90 -41.80 -22.37
CA SER A 462 2.91 -42.83 -22.58
C SER A 462 4.19 -42.54 -21.77
N TYR A 463 4.92 -43.60 -21.45
CA TYR A 463 5.93 -43.53 -20.43
C TYR A 463 7.32 -43.55 -21.03
N GLY A 464 7.39 -43.86 -22.32
CA GLY A 464 8.66 -43.85 -23.02
C GLY A 464 8.52 -43.31 -24.43
N ALA A 465 9.61 -43.36 -25.20
CA ALA A 465 9.57 -42.93 -26.59
C ALA A 465 8.64 -43.84 -27.39
N VAL A 466 7.93 -43.25 -28.35
CA VAL A 466 6.91 -43.96 -29.12
C VAL A 466 7.48 -45.14 -29.92
N ALA A 467 6.58 -46.01 -30.36
CA ALA A 467 6.95 -47.23 -31.07
C ALA A 467 7.09 -46.98 -32.57
N GLU A 468 8.27 -46.53 -32.97
CA GLU A 468 8.56 -46.18 -34.36
C GLU A 468 8.33 -47.32 -35.34
N ASN A 469 8.57 -48.54 -34.88
CA ASN A 469 8.59 -49.64 -35.83
C ASN A 469 7.39 -50.52 -35.73
N MET A 470 6.58 -50.31 -34.70
CA MET A 470 5.38 -51.09 -34.49
C MET A 470 4.10 -50.27 -34.78
N ASP A 471 3.18 -50.89 -35.50
CA ASP A 471 1.89 -50.30 -35.77
C ASP A 471 1.13 -50.02 -34.47
N THR A 472 0.54 -48.84 -34.37
CA THR A 472 -0.12 -48.49 -33.13
C THR A 472 -1.38 -49.32 -32.90
N ARG A 473 -1.93 -49.89 -33.97
CA ARG A 473 -3.21 -50.60 -33.85
C ARG A 473 -3.12 -51.93 -33.10
N VAL A 474 -1.93 -52.51 -32.99
CA VAL A 474 -1.82 -53.80 -32.31
C VAL A 474 -1.13 -53.73 -30.95
N ILE A 475 -1.00 -52.53 -30.41
CA ILE A 475 -0.40 -52.35 -29.10
C ILE A 475 -1.47 -52.25 -28.02
N VAL A 476 -1.29 -52.95 -26.90
CA VAL A 476 -2.22 -52.79 -25.79
C VAL A 476 -1.45 -52.47 -24.52
N ASP A 477 -1.98 -51.57 -23.69
CA ASP A 477 -1.34 -51.16 -22.43
C ASP A 477 -1.92 -51.91 -21.26
N TYR A 478 -1.10 -52.14 -20.24
CA TYR A 478 -1.62 -52.70 -19.01
C TYR A 478 -1.20 -51.79 -17.87
N ARG A 479 -2.15 -51.38 -17.04
CA ARG A 479 -1.79 -50.61 -15.85
C ARG A 479 -2.47 -51.21 -14.64
N PHE A 480 -1.67 -51.73 -13.71
CA PHE A 480 -2.22 -52.29 -12.49
C PHE A 480 -1.93 -51.41 -11.29
N PHE A 481 -2.98 -51.13 -10.51
CA PHE A 481 -2.88 -50.22 -9.38
C PHE A 481 -3.22 -50.97 -8.13
N GLY A 482 -2.33 -50.89 -7.15
CA GLY A 482 -2.52 -51.63 -5.93
C GLY A 482 -2.88 -50.61 -4.89
N TYR A 483 -3.08 -51.04 -3.65
CA TYR A 483 -3.38 -50.10 -2.60
C TYR A 483 -2.36 -50.22 -1.52
N THR A 484 -2.24 -49.19 -0.71
CA THR A 484 -1.42 -49.25 0.47
C THR A 484 -2.29 -48.92 1.69
N GLU A 485 -2.05 -49.63 2.79
CA GLU A 485 -2.75 -49.36 4.04
C GLU A 485 -2.47 -47.98 4.62
N PRO A 486 -3.48 -47.33 5.19
CA PRO A 486 -3.21 -46.11 5.97
C PRO A 486 -2.45 -46.38 7.28
N GLN A 487 -1.24 -45.84 7.42
CA GLN A 487 -0.53 -45.85 8.69
C GLN A 487 -0.14 -44.43 9.10
N GLU A 488 -0.14 -44.16 10.40
CA GLU A 488 0.09 -42.79 10.89
C GLU A 488 1.45 -42.23 10.46
N ALA A 489 2.44 -43.11 10.39
CA ALA A 489 3.82 -42.71 10.22
C ALA A 489 4.11 -42.30 8.79
N ASN A 490 3.22 -42.67 7.86
CA ASN A 490 3.27 -42.17 6.50
C ASN A 490 2.68 -40.77 6.38
N GLU A 491 3.50 -39.80 5.99
CA GLU A 491 3.11 -38.43 6.21
C GLU A 491 3.40 -37.50 5.05
N LEU A 492 2.57 -36.47 4.95
CA LEU A 492 2.90 -35.31 4.16
C LEU A 492 3.09 -34.17 5.15
N VAL A 493 4.28 -33.59 5.16
CA VAL A 493 4.59 -32.47 6.05
C VAL A 493 5.06 -31.26 5.24
N PHE A 494 5.07 -30.08 5.85
CA PHE A 494 5.37 -28.87 5.11
C PHE A 494 6.51 -28.05 5.72
N GLN A 495 7.47 -27.68 4.87
CA GLN A 495 8.70 -27.06 5.32
C GLN A 495 8.54 -25.61 5.74
N GLN A 496 9.24 -25.23 6.80
CA GLN A 496 9.18 -23.88 7.30
C GLN A 496 10.06 -22.93 6.49
N HIS A 497 11.29 -23.33 6.21
CA HIS A 497 12.20 -22.43 5.51
C HIS A 497 12.45 -22.82 4.05
N TYR A 498 11.51 -23.54 3.45
CA TYR A 498 11.57 -23.81 2.02
C TYR A 498 10.20 -23.59 1.44
N ARG A 499 10.15 -22.90 0.31
CA ARG A 499 8.90 -22.67 -0.38
C ARG A 499 8.97 -23.24 -1.79
N ASP A 500 7.82 -23.56 -2.35
CA ASP A 500 7.76 -23.95 -3.75
C ASP A 500 7.76 -22.65 -4.57
N ALA A 501 7.64 -22.76 -5.89
CA ALA A 501 7.72 -21.58 -6.74
C ALA A 501 6.58 -20.58 -6.51
N TYR A 502 5.45 -21.02 -5.95
CA TYR A 502 4.34 -20.11 -5.73
C TYR A 502 4.34 -19.58 -4.31
N ASP A 503 5.50 -19.70 -3.66
CA ASP A 503 5.71 -19.18 -2.29
C ASP A 503 4.91 -19.90 -1.21
N MET A 504 4.46 -21.11 -1.49
CA MET A 504 3.77 -21.89 -0.48
C MET A 504 4.78 -22.84 0.13
N PRO A 505 4.57 -23.22 1.41
CA PRO A 505 5.41 -24.18 2.14
C PRO A 505 5.70 -25.42 1.29
N GLN A 506 6.97 -25.81 1.27
CA GLN A 506 7.46 -26.91 0.45
C GLN A 506 6.99 -28.28 0.96
N PRO A 507 6.40 -29.09 0.06
CA PRO A 507 5.99 -30.43 0.47
C PRO A 507 7.14 -31.42 0.59
N THR A 508 7.14 -32.18 1.69
CA THR A 508 8.09 -33.27 1.89
C THR A 508 7.28 -34.52 2.21
N PHE A 509 7.60 -35.62 1.55
CA PHE A 509 6.89 -36.87 1.78
C PHE A 509 7.73 -37.78 2.66
N LYS A 510 7.07 -38.51 3.54
CA LYS A 510 7.72 -39.56 4.33
C LYS A 510 6.85 -40.78 4.18
N PHE A 511 7.14 -41.57 3.16
CA PHE A 511 6.29 -42.68 2.82
C PHE A 511 7.05 -44.02 2.67
N THR A 512 6.57 -45.04 3.39
CA THR A 512 7.10 -46.42 3.32
C THR A 512 5.96 -47.46 3.38
N MET A 513 5.73 -48.19 2.29
CA MET A 513 4.76 -49.29 2.24
C MET A 513 4.91 -50.29 3.41
N SER A 514 3.87 -51.09 3.64
CA SER A 514 3.88 -52.15 4.67
C SER A 514 4.26 -53.47 4.05
N GLN A 515 4.58 -54.45 4.89
CA GLN A 515 4.89 -55.80 4.42
C GLN A 515 3.70 -56.38 3.66
N ASP A 516 2.51 -56.13 4.18
CA ASP A 516 1.28 -56.59 3.52
C ASP A 516 1.04 -55.92 2.15
N ASP A 517 1.35 -54.62 2.05
CA ASP A 517 1.45 -53.90 0.76
C ASP A 517 2.46 -54.47 -0.24
N ARG A 518 3.69 -54.69 0.20
CA ARG A 518 4.70 -55.24 -0.72
C ARG A 518 4.29 -56.63 -1.22
N ALA A 519 3.72 -57.42 -0.33
CA ALA A 519 3.29 -58.76 -0.68
C ALA A 519 2.17 -58.75 -1.72
N ARG A 520 1.22 -57.83 -1.57
CA ARG A 520 0.20 -57.63 -2.61
C ARG A 520 0.82 -57.12 -3.91
N ALA A 521 1.81 -56.23 -3.81
CA ALA A 521 2.47 -55.72 -5.02
C ALA A 521 3.08 -56.85 -5.83
N ARG A 522 3.73 -57.80 -5.16
CA ARG A 522 4.24 -58.99 -5.86
C ARG A 522 3.14 -59.78 -6.60
N ARG A 523 1.99 -59.99 -5.96
CA ARG A 523 0.92 -60.76 -6.57
C ARG A 523 0.38 -60.01 -7.74
N MET A 524 0.20 -58.70 -7.55
CA MET A 524 -0.20 -57.78 -8.61
C MET A 524 0.66 -57.92 -9.88
N MET A 525 1.99 -57.92 -9.72
CA MET A 525 2.91 -58.02 -10.85
C MET A 525 2.76 -59.36 -11.55
N ASP A 526 2.75 -60.42 -10.74
CA ASP A 526 2.57 -61.77 -11.25
C ASP A 526 1.26 -61.83 -12.03
N ASP A 527 0.23 -61.19 -11.48
CA ASP A 527 -1.09 -61.12 -12.12
C ASP A 527 -1.04 -60.42 -13.48
N MET A 528 -0.46 -59.23 -13.52
CA MET A 528 -0.25 -58.52 -14.79
C MET A 528 0.46 -59.36 -15.87
N CYS A 529 1.59 -59.97 -15.50
CA CYS A 529 2.35 -60.80 -16.44
C CYS A 529 1.55 -61.96 -17.02
N ASN A 530 0.80 -62.63 -16.17
CA ASN A 530 0.05 -63.80 -16.59
C ASN A 530 -1.11 -63.37 -17.50
N ILE A 531 -1.75 -62.29 -17.10
CA ILE A 531 -2.86 -61.77 -17.90
C ILE A 531 -2.43 -61.24 -19.27
N ALA A 532 -1.38 -60.41 -19.28
CA ALA A 532 -0.94 -59.77 -20.53
C ALA A 532 -0.60 -60.78 -21.62
N LEU A 533 0.07 -61.87 -21.20
CA LEU A 533 0.54 -62.91 -22.09
C LEU A 533 -0.57 -63.76 -22.72
N LYS A 534 -1.80 -63.64 -22.23
CA LYS A 534 -2.94 -64.36 -22.83
C LYS A 534 -3.22 -63.91 -24.25
N ILE A 535 -2.98 -62.64 -24.54
CA ILE A 535 -3.38 -62.12 -25.83
C ILE A 535 -2.23 -61.55 -26.65
N GLY A 536 -1.07 -61.37 -26.02
CA GLY A 536 0.09 -60.89 -26.75
C GLY A 536 1.41 -60.88 -26.00
N GLY A 537 2.50 -60.59 -26.72
CA GLY A 537 3.83 -60.55 -26.13
C GLY A 537 4.38 -59.16 -25.87
N TYR A 538 5.17 -59.03 -24.81
CA TYR A 538 5.73 -57.75 -24.39
C TYR A 538 6.41 -57.03 -25.56
N LEU A 539 6.12 -55.75 -25.72
CA LEU A 539 6.79 -54.90 -26.70
C LEU A 539 8.07 -54.43 -26.04
N PRO A 540 9.21 -54.62 -26.72
CA PRO A 540 10.52 -54.15 -26.25
C PRO A 540 10.52 -52.71 -25.76
N GLY A 541 11.13 -52.46 -24.61
CA GLY A 541 11.09 -51.16 -23.98
C GLY A 541 9.93 -51.05 -23.01
N SER A 542 8.86 -51.82 -23.23
CA SER A 542 7.66 -51.76 -22.38
C SER A 542 7.39 -53.11 -21.69
N GLU A 543 8.45 -53.68 -21.14
CA GLU A 543 8.38 -54.93 -20.42
C GLU A 543 7.89 -54.65 -19.02
N PRO A 544 7.37 -55.69 -18.34
CA PRO A 544 6.77 -55.56 -17.00
C PRO A 544 7.68 -54.88 -16.00
N GLN A 545 7.27 -53.72 -15.51
CA GLN A 545 8.06 -52.95 -14.56
C GLN A 545 7.14 -52.28 -13.54
N PHE A 546 7.66 -51.97 -12.36
CA PHE A 546 6.97 -51.06 -11.46
C PHE A 546 7.32 -49.63 -11.87
N MET A 547 6.42 -48.68 -11.57
CA MET A 547 6.64 -47.26 -11.87
C MET A 547 7.03 -46.48 -10.64
N THR A 548 7.61 -45.31 -10.86
CA THR A 548 8.08 -44.49 -9.77
C THR A 548 6.92 -44.11 -8.84
N PRO A 549 7.13 -44.26 -7.53
CA PRO A 549 5.99 -44.03 -6.64
C PRO A 549 5.41 -42.62 -6.82
N GLY A 550 4.08 -42.57 -6.93
CA GLY A 550 3.39 -41.31 -7.10
C GLY A 550 2.93 -41.02 -8.51
N LEU A 551 3.37 -41.83 -9.48
CA LEU A 551 3.00 -41.60 -10.88
C LEU A 551 1.48 -41.63 -11.09
N ALA A 552 0.78 -42.32 -10.20
CA ALA A 552 -0.67 -42.50 -10.36
C ALA A 552 -1.43 -41.19 -10.10
N LEU A 553 -0.88 -40.35 -9.23
CA LEU A 553 -1.56 -39.12 -8.78
C LEU A 553 -2.84 -39.44 -8.02
N HIS A 554 -2.83 -40.59 -7.37
CA HIS A 554 -3.99 -41.04 -6.65
C HIS A 554 -3.77 -40.86 -5.17
N LEU A 555 -2.86 -39.97 -4.83
CA LEU A 555 -2.52 -39.65 -3.45
C LEU A 555 -3.76 -39.24 -2.65
N ALA A 556 -4.07 -40.01 -1.62
CA ALA A 556 -5.22 -39.71 -0.77
C ALA A 556 -4.81 -39.63 0.69
N GLY A 557 -5.77 -39.33 1.56
CA GLY A 557 -5.52 -39.44 2.98
C GLY A 557 -4.82 -38.25 3.60
N THR A 558 -4.55 -37.23 2.80
CA THR A 558 -3.87 -36.03 3.29
C THR A 558 -4.75 -35.14 4.18
N THR A 559 -6.05 -35.18 3.97
CA THR A 559 -6.98 -34.50 4.87
C THR A 559 -8.15 -35.44 5.16
N ARG A 560 -7.86 -36.57 5.79
CA ARG A 560 -8.80 -37.69 5.83
C ARG A 560 -10.07 -37.40 6.63
N CYS A 561 -11.18 -37.88 6.11
CA CYS A 561 -12.49 -37.59 6.67
C CYS A 561 -13.23 -38.87 6.93
N GLY A 562 -13.82 -38.98 8.12
CA GLY A 562 -14.56 -40.18 8.47
C GLY A 562 -15.15 -40.07 9.86
N LEU A 563 -15.50 -41.23 10.43
CA LEU A 563 -16.25 -41.26 11.68
C LEU A 563 -15.40 -41.13 12.97
N ASP A 564 -14.11 -41.47 12.88
CA ASP A 564 -13.23 -41.46 14.05
C ASP A 564 -12.56 -40.12 14.14
N THR A 565 -13.11 -39.26 14.98
CA THR A 565 -12.60 -37.89 15.09
C THR A 565 -11.12 -37.84 15.48
N GLN A 566 -10.67 -38.81 16.28
CA GLN A 566 -9.29 -38.78 16.76
C GLN A 566 -8.29 -39.02 15.64
N LYS A 567 -8.72 -39.75 14.62
CA LYS A 567 -7.81 -40.15 13.56
C LYS A 567 -8.14 -39.56 12.18
N THR A 568 -8.87 -38.44 12.18
CA THR A 568 -9.27 -37.77 10.94
C THR A 568 -9.16 -36.27 11.07
N VAL A 569 -9.24 -35.59 9.93
CA VAL A 569 -9.18 -34.12 9.88
C VAL A 569 -10.58 -33.51 9.86
N GLY A 570 -11.49 -34.15 9.13
CA GLY A 570 -12.88 -33.75 9.15
C GLY A 570 -13.81 -34.92 9.44
N ASN A 571 -15.12 -34.64 9.50
CA ASN A 571 -16.15 -35.67 9.71
C ASN A 571 -16.63 -36.24 8.39
N THR A 572 -17.81 -36.84 8.38
CA THR A 572 -18.26 -37.48 7.15
C THR A 572 -18.90 -36.52 6.17
N HIS A 573 -19.12 -35.28 6.61
CA HIS A 573 -19.55 -34.20 5.71
C HIS A 573 -18.34 -33.32 5.31
N CYS A 574 -17.15 -33.79 5.65
CA CYS A 574 -15.90 -33.08 5.39
C CYS A 574 -15.77 -31.73 6.11
N LYS A 575 -16.47 -31.57 7.22
CA LYS A 575 -16.27 -30.41 8.07
C LYS A 575 -15.05 -30.66 8.95
N VAL A 576 -14.06 -29.78 8.88
CA VAL A 576 -12.87 -29.93 9.72
C VAL A 576 -13.32 -29.83 11.17
N HIS A 577 -12.66 -30.56 12.08
CA HIS A 577 -13.13 -30.58 13.46
C HIS A 577 -12.83 -29.24 14.13
N ASN A 578 -13.74 -28.78 14.99
CA ASN A 578 -13.64 -27.55 15.77
C ASN A 578 -13.85 -26.24 14.97
N PHE A 579 -14.13 -26.37 13.68
CA PHE A 579 -14.29 -25.23 12.81
C PHE A 579 -15.68 -25.33 12.21
N ASN A 580 -16.52 -24.36 12.55
CA ASN A 580 -17.93 -24.42 12.18
C ASN A 580 -18.12 -24.33 10.66
N ASN A 581 -17.22 -23.61 10.01
CA ASN A 581 -17.43 -23.17 8.65
C ASN A 581 -16.28 -23.49 7.69
N LEU A 582 -15.61 -24.63 7.91
CA LEU A 582 -14.43 -25.01 7.14
C LEU A 582 -14.59 -26.40 6.56
N TYR A 583 -14.47 -26.52 5.25
CA TYR A 583 -14.62 -27.81 4.61
C TYR A 583 -13.43 -28.12 3.72
N VAL A 584 -13.11 -29.41 3.62
CA VAL A 584 -12.06 -29.88 2.73
C VAL A 584 -12.66 -30.70 1.60
N GLY A 585 -11.98 -30.72 0.46
CA GLY A 585 -12.46 -31.42 -0.72
C GLY A 585 -11.31 -32.03 -1.50
N GLY A 586 -11.60 -33.07 -2.28
CA GLY A 586 -10.58 -33.77 -3.04
C GLY A 586 -10.21 -35.15 -2.49
N ASN A 587 -9.29 -35.82 -3.18
CA ASN A 587 -8.84 -37.15 -2.86
C ASN A 587 -8.26 -37.20 -1.47
N GLY A 588 -7.72 -36.07 -1.04
CA GLY A 588 -7.16 -35.95 0.30
C GLY A 588 -8.08 -36.33 1.44
N VAL A 589 -9.39 -36.38 1.19
CA VAL A 589 -10.38 -36.70 2.24
C VAL A 589 -10.66 -38.20 2.33
N ILE A 590 -10.23 -38.96 1.31
CA ILE A 590 -10.46 -40.40 1.36
C ILE A 590 -9.54 -41.09 2.39
N GLU A 591 -10.15 -41.91 3.26
CA GLU A 591 -9.49 -42.39 4.47
C GLU A 591 -9.03 -43.84 4.35
N THR A 592 -9.39 -44.48 3.25
CA THR A 592 -9.07 -45.88 3.06
C THR A 592 -7.90 -46.09 2.10
N GLY A 593 -7.33 -47.29 2.15
CA GLY A 593 -6.39 -47.74 1.15
C GLY A 593 -7.19 -48.35 0.04
N PHE A 594 -7.17 -47.70 -1.12
CA PHE A 594 -7.97 -48.13 -2.25
C PHE A 594 -7.06 -48.24 -3.45
N ALA A 595 -7.57 -48.88 -4.50
CA ALA A 595 -6.74 -49.09 -5.69
C ALA A 595 -7.37 -48.49 -6.93
N ALA A 596 -8.69 -48.29 -6.93
CA ALA A 596 -9.35 -47.75 -8.11
C ALA A 596 -9.13 -46.23 -8.24
N ASN A 597 -9.38 -45.71 -9.43
CA ASN A 597 -9.29 -44.27 -9.68
C ASN A 597 -10.26 -43.50 -8.81
N PRO A 598 -9.76 -42.50 -8.08
CA PRO A 598 -10.51 -41.88 -7.00
C PRO A 598 -11.47 -40.71 -7.36
N THR A 599 -11.44 -40.15 -8.56
CA THR A 599 -12.19 -38.87 -8.79
C THR A 599 -13.71 -38.95 -8.52
N LEU A 600 -14.38 -39.97 -9.06
CA LEU A 600 -15.81 -40.20 -8.82
C LEU A 600 -16.16 -40.17 -7.33
N THR A 601 -15.32 -40.79 -6.51
CA THR A 601 -15.58 -40.93 -5.09
C THR A 601 -15.38 -39.61 -4.39
N SER A 602 -14.40 -38.85 -4.85
CA SER A 602 -14.18 -37.51 -4.30
C SER A 602 -15.32 -36.55 -4.64
N ILE A 603 -15.96 -36.78 -5.79
CA ILE A 603 -17.12 -36.01 -6.20
C ILE A 603 -18.28 -36.38 -5.25
N CYS A 604 -18.39 -37.66 -4.92
CA CYS A 604 -19.37 -38.12 -3.95
C CYS A 604 -19.25 -37.31 -2.65
N TYR A 605 -18.03 -37.20 -2.15
CA TYR A 605 -17.80 -36.42 -0.93
C TYR A 605 -18.05 -34.93 -1.11
N ALA A 606 -17.88 -34.43 -2.32
CA ALA A 606 -18.13 -33.01 -2.56
C ALA A 606 -19.62 -32.71 -2.47
N ILE A 607 -20.41 -33.55 -3.11
CA ILE A 607 -21.85 -33.48 -3.02
C ILE A 607 -22.35 -33.49 -1.59
N ARG A 608 -21.83 -34.43 -0.81
CA ARG A 608 -22.30 -34.60 0.56
C ARG A 608 -21.90 -33.39 1.37
N ALA A 609 -20.66 -32.97 1.20
CA ALA A 609 -20.20 -31.76 1.87
C ALA A 609 -20.97 -30.52 1.41
N SER A 610 -21.54 -30.56 0.20
CA SER A 610 -22.27 -29.42 -0.33
C SER A 610 -23.63 -29.31 0.34
N ASN A 611 -24.35 -30.42 0.39
CA ASN A 611 -25.66 -30.46 1.00
C ASN A 611 -25.59 -30.00 2.44
N ASP A 612 -24.44 -30.20 3.05
CA ASP A 612 -24.26 -29.86 4.45
C ASP A 612 -24.17 -28.35 4.62
N ILE A 613 -23.30 -27.75 3.81
CA ILE A 613 -23.22 -26.29 3.73
C ILE A 613 -24.59 -25.74 3.36
N ILE A 614 -25.26 -26.41 2.44
CA ILE A 614 -26.54 -25.96 1.94
C ILE A 614 -27.58 -25.98 3.06
N ALA A 615 -27.51 -26.99 3.93
CA ALA A 615 -28.46 -27.10 5.03
C ALA A 615 -28.07 -26.23 6.21
N LYS A 616 -26.82 -25.77 6.26
CA LYS A 616 -26.36 -24.98 7.40
C LYS A 616 -26.32 -23.49 7.09
N PHE A 617 -26.59 -23.13 5.85
CA PHE A 617 -26.56 -21.73 5.43
C PHE A 617 -27.59 -21.52 4.32
N GLY A 618 -28.62 -20.70 4.58
CA GLY A 618 -29.65 -20.46 3.58
C GLY A 618 -30.65 -19.41 3.98
N MET B 2 -13.87 -23.76 -28.83
CA MET B 2 -14.05 -22.34 -28.53
C MET B 2 -14.22 -21.53 -29.79
N PHE B 3 -15.29 -20.74 -29.80
CA PHE B 3 -15.79 -20.10 -31.00
C PHE B 3 -15.90 -18.60 -30.76
N LEU B 4 -15.07 -17.84 -31.44
CA LEU B 4 -15.06 -16.40 -31.26
C LEU B 4 -16.33 -15.75 -31.73
N ASP B 5 -16.90 -14.89 -30.90
CA ASP B 5 -18.13 -14.18 -31.27
C ASP B 5 -17.84 -12.92 -31.98
N THR B 6 -17.21 -13.04 -33.13
CA THR B 6 -16.86 -11.94 -34.00
C THR B 6 -18.06 -11.70 -34.89
N THR B 7 -17.87 -11.01 -35.99
CA THR B 7 -18.97 -10.81 -36.89
C THR B 7 -19.39 -12.13 -37.51
N PRO B 8 -20.67 -12.42 -37.57
CA PRO B 8 -21.17 -13.69 -38.10
C PRO B 8 -21.06 -13.79 -39.63
N PHE B 9 -20.65 -14.96 -40.13
CA PHE B 9 -20.59 -15.17 -41.57
C PHE B 9 -21.96 -14.95 -42.22
N ARG B 10 -22.00 -14.16 -43.29
CA ARG B 10 -23.19 -14.14 -44.13
C ARG B 10 -22.79 -14.43 -45.57
N ALA B 11 -23.62 -15.23 -46.23
CA ALA B 11 -23.38 -15.63 -47.62
C ALA B 11 -24.01 -14.65 -48.62
N ASP B 12 -23.46 -14.65 -49.84
CA ASP B 12 -23.88 -13.77 -50.93
C ASP B 12 -24.03 -12.27 -50.58
N GLU B 13 -23.33 -11.84 -49.53
CA GLU B 13 -22.98 -10.43 -49.36
C GLU B 13 -21.46 -10.38 -49.25
N PRO B 14 -20.78 -10.32 -50.41
CA PRO B 14 -19.36 -10.59 -50.58
C PRO B 14 -18.45 -9.74 -49.68
N TYR B 15 -17.44 -10.38 -49.10
CA TYR B 15 -16.50 -9.71 -48.24
C TYR B 15 -15.54 -8.91 -49.10
N ASP B 16 -14.79 -8.01 -48.48
CA ASP B 16 -13.81 -7.27 -49.26
C ASP B 16 -12.56 -8.14 -49.39
N VAL B 17 -12.07 -8.63 -48.26
CA VAL B 17 -10.94 -9.53 -48.25
C VAL B 17 -11.29 -10.84 -47.56
N PHE B 18 -11.05 -11.95 -48.25
CA PHE B 18 -10.99 -13.26 -47.59
C PHE B 18 -9.56 -13.56 -47.19
N ILE B 19 -9.35 -14.07 -45.97
CA ILE B 19 -8.00 -14.45 -45.54
C ILE B 19 -7.90 -15.85 -44.97
N ALA B 20 -7.03 -16.65 -45.55
CA ALA B 20 -6.70 -17.97 -45.02
C ALA B 20 -5.45 -17.91 -44.16
N GLY B 21 -5.60 -18.30 -42.90
CA GLY B 21 -4.48 -18.35 -41.98
C GLY B 21 -4.63 -17.26 -40.96
N SER B 22 -4.54 -17.63 -39.68
CA SER B 22 -4.59 -16.64 -38.61
C SER B 22 -3.23 -16.57 -37.96
N GLY B 23 -2.19 -16.69 -38.77
CA GLY B 23 -0.84 -16.45 -38.29
C GLY B 23 -0.66 -14.97 -38.12
N PRO B 24 0.49 -14.57 -37.57
CA PRO B 24 0.79 -13.14 -37.44
C PRO B 24 0.73 -12.43 -38.80
N ILE B 25 1.14 -13.13 -39.86
CA ILE B 25 1.11 -12.55 -41.19
C ILE B 25 -0.33 -12.37 -41.63
N GLY B 26 -1.12 -13.44 -41.52
CA GLY B 26 -2.55 -13.37 -41.80
C GLY B 26 -3.25 -12.30 -40.97
N ALA B 27 -2.83 -12.18 -39.71
CA ALA B 27 -3.40 -11.18 -38.82
C ALA B 27 -3.09 -9.75 -39.29
N THR B 28 -1.95 -9.57 -39.95
CA THR B 28 -1.52 -8.25 -40.39
C THR B 28 -2.40 -7.72 -41.51
N PHE B 29 -2.68 -8.56 -42.51
CA PHE B 29 -3.70 -8.26 -43.48
C PHE B 29 -5.00 -7.87 -42.78
N ALA B 30 -5.37 -8.66 -41.78
CA ALA B 30 -6.60 -8.41 -41.06
C ALA B 30 -6.63 -7.02 -40.42
N LYS B 31 -5.62 -6.68 -39.61
CA LYS B 31 -5.60 -5.39 -38.93
C LYS B 31 -5.64 -4.18 -39.88
N LEU B 32 -4.83 -4.23 -40.94
CA LEU B 32 -4.66 -3.10 -41.83
C LEU B 32 -5.83 -2.90 -42.75
N CYS B 33 -6.40 -4.00 -43.22
CA CYS B 33 -7.55 -3.91 -44.09
C CYS B 33 -8.79 -3.47 -43.32
N VAL B 34 -8.95 -4.03 -42.13
CA VAL B 34 -10.03 -3.59 -41.25
C VAL B 34 -9.80 -2.15 -40.80
N ASP B 35 -8.53 -1.76 -40.65
CA ASP B 35 -8.20 -0.37 -40.38
C ASP B 35 -8.72 0.52 -41.52
N ALA B 36 -8.66 -0.01 -42.73
CA ALA B 36 -9.09 0.75 -43.91
C ALA B 36 -10.59 0.60 -44.20
N ASN B 37 -11.37 0.20 -43.20
CA ASN B 37 -12.83 0.03 -43.36
C ASN B 37 -13.21 -1.02 -44.39
N LEU B 38 -12.30 -1.91 -44.70
CA LEU B 38 -12.60 -3.09 -45.46
C LEU B 38 -13.26 -4.10 -44.58
N ARG B 39 -14.06 -4.94 -45.19
CA ARG B 39 -14.77 -5.99 -44.50
C ARG B 39 -14.06 -7.32 -44.78
N VAL B 40 -13.65 -7.97 -43.73
CA VAL B 40 -12.73 -9.08 -43.76
C VAL B 40 -13.26 -10.35 -43.14
N CYS B 41 -13.19 -11.42 -43.90
CA CYS B 41 -13.46 -12.75 -43.38
C CYS B 41 -12.19 -13.60 -43.31
N MET B 42 -11.86 -14.04 -42.11
CA MET B 42 -10.67 -14.83 -41.89
C MET B 42 -11.01 -16.25 -41.43
N VAL B 43 -10.40 -17.25 -42.07
CA VAL B 43 -10.51 -18.61 -41.59
C VAL B 43 -9.16 -19.16 -41.12
N GLU B 44 -9.24 -20.11 -40.21
CA GLU B 44 -8.10 -20.66 -39.51
C GLU B 44 -8.42 -22.14 -39.28
N ILE B 45 -7.53 -23.03 -39.70
CA ILE B 45 -7.84 -24.45 -39.64
C ILE B 45 -7.84 -25.03 -38.21
N GLY B 46 -6.95 -24.54 -37.36
CA GLY B 46 -6.88 -25.00 -35.98
C GLY B 46 -7.85 -24.31 -35.05
N ALA B 47 -7.56 -24.35 -33.75
CA ALA B 47 -8.49 -23.86 -32.74
C ALA B 47 -8.06 -22.53 -32.15
N ALA B 48 -8.98 -21.88 -31.44
CA ALA B 48 -8.60 -20.73 -30.64
C ALA B 48 -8.17 -21.26 -29.29
N ASP B 49 -6.86 -21.31 -29.09
CA ASP B 49 -6.24 -22.15 -28.07
C ASP B 49 -5.62 -21.35 -26.94
N SER B 50 -5.57 -20.03 -27.08
CA SER B 50 -4.73 -19.25 -26.18
C SER B 50 -5.13 -17.79 -26.15
N PHE B 51 -5.51 -17.34 -24.96
CA PHE B 51 -6.29 -16.13 -24.82
C PHE B 51 -5.67 -15.13 -23.87
N THR B 52 -5.96 -13.86 -24.13
CA THR B 52 -5.75 -12.84 -23.13
C THR B 52 -6.97 -11.92 -23.13
N SER B 53 -7.01 -10.96 -22.23
CA SER B 53 -8.20 -10.16 -22.14
C SER B 53 -7.86 -8.69 -22.20
N LYS B 54 -8.74 -7.95 -22.85
CA LYS B 54 -8.58 -6.52 -22.91
C LYS B 54 -9.93 -5.84 -22.79
N PRO B 55 -9.95 -4.67 -22.14
CA PRO B 55 -11.18 -3.89 -22.01
C PRO B 55 -11.77 -3.53 -23.36
N MET B 56 -13.09 -3.37 -23.38
CA MET B 56 -13.76 -2.83 -24.55
C MET B 56 -13.39 -1.34 -24.62
N LYS B 57 -13.47 -0.73 -25.79
CA LYS B 57 -13.30 0.72 -25.88
C LYS B 57 -14.63 1.44 -25.83
N GLY B 71 -17.12 -8.22 -18.55
CA GLY B 71 -17.16 -7.03 -19.39
C GLY B 71 -15.92 -6.90 -20.26
N GLN B 72 -14.98 -7.82 -20.10
CA GLN B 72 -13.70 -7.80 -20.81
C GLN B 72 -13.67 -8.74 -22.02
N VAL B 73 -12.85 -8.39 -23.02
CA VAL B 73 -12.82 -9.09 -24.30
C VAL B 73 -11.68 -10.09 -24.42
N PRO B 74 -12.04 -11.38 -24.53
CA PRO B 74 -11.04 -12.39 -24.87
C PRO B 74 -10.35 -12.05 -26.18
N ILE B 75 -9.04 -12.16 -26.21
CA ILE B 75 -8.27 -12.01 -27.44
C ILE B 75 -7.46 -13.28 -27.71
N PRO B 76 -7.69 -13.91 -28.85
CA PRO B 76 -6.98 -15.16 -29.12
C PRO B 76 -5.60 -14.85 -29.67
N GLY B 77 -4.79 -15.90 -29.82
CA GLY B 77 -3.46 -15.76 -30.39
C GLY B 77 -2.44 -15.19 -29.44
N TYR B 78 -2.71 -15.30 -28.15
CA TYR B 78 -1.78 -14.88 -27.11
C TYR B 78 -0.58 -15.83 -27.05
N HIS B 79 0.47 -15.40 -26.37
CA HIS B 79 1.65 -16.24 -26.30
C HIS B 79 1.60 -17.15 -25.09
N LYS B 80 1.60 -18.46 -25.34
CA LYS B 80 1.47 -19.45 -24.27
C LYS B 80 2.58 -19.35 -23.23
N LYS B 81 3.71 -18.79 -23.64
CA LYS B 81 4.84 -18.59 -22.74
C LYS B 81 4.56 -17.47 -21.73
N ASN B 82 3.55 -16.68 -22.01
CA ASN B 82 3.15 -15.62 -21.16
C ASN B 82 2.55 -15.99 -19.82
N GLU B 83 1.89 -17.12 -19.77
CA GLU B 83 1.27 -17.65 -18.59
C GLU B 83 2.31 -17.83 -17.51
N ILE B 84 1.91 -17.57 -16.28
CA ILE B 84 2.89 -17.43 -15.26
C ILE B 84 3.65 -18.67 -14.91
N GLU B 85 3.06 -19.82 -15.16
CA GLU B 85 3.73 -21.08 -14.81
C GLU B 85 4.95 -21.29 -15.71
N TYR B 86 4.98 -20.59 -16.83
CA TYR B 86 6.08 -20.73 -17.78
C TYR B 86 7.10 -19.64 -17.55
N GLN B 87 6.70 -18.61 -16.81
CA GLN B 87 7.66 -17.60 -16.41
C GLN B 87 8.40 -18.12 -15.18
N LYS B 88 7.68 -18.80 -14.29
CA LYS B 88 8.27 -19.38 -13.08
C LYS B 88 9.09 -20.63 -13.42
N ASP B 89 8.72 -21.29 -14.50
CA ASP B 89 9.36 -22.54 -14.87
C ASP B 89 9.51 -22.63 -16.39
N ILE B 90 10.54 -21.99 -16.94
CA ILE B 90 10.74 -21.95 -18.39
C ILE B 90 11.04 -23.30 -19.04
N ASP B 91 11.63 -24.22 -18.29
CA ASP B 91 12.03 -25.50 -18.84
C ASP B 91 10.85 -26.34 -19.29
N ARG B 92 9.69 -26.06 -18.73
CA ARG B 92 8.52 -26.90 -18.98
C ARG B 92 7.97 -26.61 -20.37
N PHE B 93 8.25 -25.40 -20.86
CA PHE B 93 7.69 -24.93 -22.12
C PHE B 93 8.03 -25.71 -23.39
N VAL B 94 9.15 -26.42 -23.41
CA VAL B 94 9.52 -27.22 -24.59
C VAL B 94 8.44 -28.25 -24.92
N ASN B 95 7.71 -28.68 -23.89
CA ASN B 95 6.58 -29.57 -24.08
C ASN B 95 5.44 -28.98 -24.92
N VAL B 96 5.16 -27.69 -24.74
CA VAL B 96 4.15 -27.03 -25.54
C VAL B 96 4.58 -27.02 -26.99
N ILE B 97 5.87 -26.76 -27.21
CA ILE B 97 6.41 -26.70 -28.54
C ILE B 97 6.31 -28.04 -29.24
N LYS B 98 6.77 -29.08 -28.56
CA LYS B 98 6.72 -30.42 -29.13
C LYS B 98 5.26 -30.82 -29.35
N GLY B 99 4.39 -30.44 -28.42
CA GLY B 99 2.97 -30.63 -28.61
C GLY B 99 2.32 -29.81 -29.72
N ALA B 100 2.87 -28.63 -30.00
CA ALA B 100 2.37 -27.82 -31.13
C ALA B 100 2.77 -28.36 -32.51
N LEU B 101 4.01 -28.84 -32.64
CA LEU B 101 4.55 -29.10 -33.97
C LEU B 101 4.10 -30.40 -34.61
N SER B 102 3.69 -30.30 -35.87
CA SER B 102 3.27 -31.46 -36.64
C SER B 102 4.22 -31.56 -37.82
N THR B 103 4.87 -32.71 -37.97
CA THR B 103 5.91 -32.88 -38.97
C THR B 103 5.35 -33.09 -40.37
N CYS B 104 5.91 -32.37 -41.34
CA CYS B 104 5.35 -32.34 -42.69
C CYS B 104 5.51 -33.64 -43.46
N SER B 105 6.73 -34.17 -43.47
CA SER B 105 7.04 -35.30 -44.31
C SER B 105 7.87 -36.34 -43.58
N ILE B 106 7.23 -37.46 -43.21
CA ILE B 106 7.91 -38.57 -42.54
C ILE B 106 8.04 -39.74 -43.51
N PRO B 107 9.28 -40.06 -43.95
CA PRO B 107 9.41 -41.16 -44.93
C PRO B 107 9.02 -42.49 -44.31
N THR B 108 8.61 -43.44 -45.14
CA THR B 108 8.19 -44.72 -44.62
C THR B 108 9.42 -45.51 -44.22
N SER B 109 9.20 -46.56 -43.45
CA SER B 109 10.30 -47.47 -43.15
C SER B 109 9.77 -48.85 -42.91
N ASN B 110 10.68 -49.81 -42.90
CA ASN B 110 10.34 -51.20 -42.72
C ASN B 110 11.41 -51.93 -41.91
N ASN B 111 11.84 -51.31 -40.81
CA ASN B 111 12.86 -51.92 -39.96
C ASN B 111 12.39 -53.14 -39.17
N HIS B 112 13.31 -54.10 -39.04
CA HIS B 112 13.05 -55.38 -38.41
C HIS B 112 13.31 -55.28 -36.91
N ILE B 113 12.33 -55.64 -36.09
CA ILE B 113 12.52 -55.72 -34.64
C ILE B 113 12.89 -57.15 -34.31
N ALA B 114 14.16 -57.38 -33.98
CA ALA B 114 14.66 -58.73 -33.89
C ALA B 114 14.09 -59.49 -32.69
N THR B 115 13.83 -58.76 -31.61
CA THR B 115 13.43 -59.39 -30.36
C THR B 115 11.95 -59.35 -30.01
N LEU B 116 11.09 -59.36 -31.03
CA LEU B 116 9.66 -59.48 -30.79
C LEU B 116 9.38 -60.87 -30.27
N ASP B 117 8.42 -60.98 -29.37
CA ASP B 117 7.82 -62.26 -29.05
C ASP B 117 7.39 -62.86 -30.39
N PRO B 118 7.84 -64.08 -30.68
CA PRO B 118 7.53 -64.70 -31.97
C PRO B 118 6.04 -64.91 -32.27
N SER B 119 5.17 -64.74 -31.30
CA SER B 119 3.75 -64.99 -31.59
C SER B 119 3.00 -63.73 -32.05
N VAL B 120 3.62 -62.57 -31.87
CA VAL B 120 2.99 -61.29 -32.16
C VAL B 120 2.99 -60.88 -33.63
N VAL B 121 2.06 -60.01 -33.97
CA VAL B 121 1.98 -59.40 -35.30
C VAL B 121 3.29 -58.72 -35.66
N SER B 122 3.75 -58.94 -36.88
CA SER B 122 5.02 -58.38 -37.31
C SER B 122 5.08 -58.07 -38.80
N ASN B 123 5.75 -56.98 -39.15
CA ASN B 123 6.06 -56.68 -40.55
C ASN B 123 7.01 -57.71 -41.12
N SER B 124 6.95 -57.93 -42.42
CA SER B 124 7.94 -58.75 -43.10
C SER B 124 8.59 -57.99 -44.25
N LEU B 125 9.40 -58.67 -45.00
CA LEU B 125 10.10 -58.11 -46.12
C LEU B 125 9.15 -57.69 -47.18
N ASP B 126 8.15 -58.49 -47.43
CA ASP B 126 7.23 -58.19 -48.47
C ASP B 126 5.92 -57.66 -47.93
N LYS B 127 5.73 -57.63 -46.59
CA LYS B 127 4.57 -57.01 -45.99
C LYS B 127 4.89 -56.04 -44.89
N PRO B 128 5.34 -54.80 -45.26
CA PRO B 128 5.60 -53.81 -44.20
C PRO B 128 4.29 -53.35 -43.61
N PHE B 129 4.34 -52.70 -42.45
CA PHE B 129 3.14 -52.04 -41.93
C PHE B 129 2.73 -50.89 -42.85
N ILE B 130 1.46 -50.48 -42.72
CA ILE B 130 0.98 -49.30 -43.40
C ILE B 130 0.82 -48.21 -42.37
N SER B 131 1.81 -47.33 -42.30
CA SER B 131 1.83 -46.27 -41.30
C SER B 131 1.05 -45.05 -41.78
N LEU B 132 -0.11 -44.82 -41.17
CA LEU B 132 -0.91 -43.64 -41.42
C LEU B 132 -0.05 -42.40 -41.26
N GLY B 133 -0.24 -41.43 -42.15
CA GLY B 133 0.45 -40.16 -42.05
C GLY B 133 1.84 -40.09 -42.67
N LYS B 134 2.55 -41.21 -42.67
CA LYS B 134 3.88 -41.27 -43.28
C LYS B 134 3.77 -41.20 -44.79
N ASN B 135 4.76 -40.56 -45.43
CA ASN B 135 4.77 -40.23 -46.86
C ASN B 135 5.67 -41.15 -47.71
N PRO B 136 5.06 -42.08 -48.47
CA PRO B 136 5.74 -43.08 -49.31
C PRO B 136 6.64 -42.53 -50.40
N ALA B 137 6.53 -41.25 -50.70
CA ALA B 137 7.26 -40.65 -51.81
C ALA B 137 8.49 -39.92 -51.33
N GLN B 138 8.57 -39.69 -50.03
CA GLN B 138 9.70 -38.93 -49.52
C GLN B 138 11.02 -39.67 -49.54
N ASN B 139 11.96 -39.21 -50.35
CA ASN B 139 13.33 -39.69 -50.28
C ASN B 139 13.95 -39.12 -49.01
N PRO B 140 14.36 -39.99 -48.08
CA PRO B 140 14.82 -39.45 -46.79
C PRO B 140 16.12 -38.66 -46.92
N PHE B 141 16.74 -38.73 -48.09
CA PHE B 141 18.06 -38.13 -48.26
C PHE B 141 17.98 -36.70 -48.78
N VAL B 142 16.81 -36.30 -49.27
CA VAL B 142 16.61 -34.94 -49.77
C VAL B 142 15.45 -34.26 -49.04
N ASN B 143 15.25 -34.65 -47.80
CA ASN B 143 14.13 -34.17 -46.98
C ASN B 143 14.47 -32.95 -46.13
N LEU B 144 13.44 -32.31 -45.59
CA LEU B 144 13.60 -31.40 -44.47
C LEU B 144 12.85 -32.04 -43.31
N GLY B 145 13.41 -33.16 -42.83
CA GLY B 145 12.80 -34.00 -41.83
C GLY B 145 12.29 -33.33 -40.58
N ALA B 146 12.88 -32.20 -40.19
CA ALA B 146 12.35 -31.47 -39.04
C ALA B 146 11.45 -30.30 -39.43
N GLU B 147 11.20 -30.11 -40.71
CA GLU B 147 10.23 -29.08 -41.13
C GLU B 147 8.88 -29.47 -40.54
N ALA B 148 8.19 -28.51 -39.95
CA ALA B 148 6.92 -28.78 -39.29
C ALA B 148 6.01 -27.55 -39.23
N VAL B 149 4.72 -27.74 -38.93
CA VAL B 149 3.76 -26.63 -38.84
C VAL B 149 2.98 -26.63 -37.53
N THR B 150 2.40 -25.48 -37.20
CA THR B 150 1.54 -25.33 -36.03
C THR B 150 0.15 -24.91 -36.47
N ARG B 151 -0.87 -25.46 -35.83
CA ARG B 151 -2.24 -25.10 -36.14
C ARG B 151 -2.99 -24.56 -34.91
N GLY B 152 -3.68 -23.44 -35.11
CA GLY B 152 -4.29 -22.70 -34.03
C GLY B 152 -4.24 -21.21 -34.33
N VAL B 153 -5.11 -20.44 -33.66
CA VAL B 153 -5.12 -19.00 -33.84
C VAL B 153 -3.79 -18.41 -33.39
N GLY B 154 -3.15 -17.68 -34.30
CA GLY B 154 -1.83 -17.14 -34.02
C GLY B 154 -0.72 -17.92 -34.69
N GLY B 155 -1.06 -19.11 -35.20
CA GLY B 155 -0.07 -19.99 -35.83
C GLY B 155 1.15 -20.21 -34.95
N MET B 156 2.34 -20.16 -35.56
CA MET B 156 3.59 -20.43 -34.82
C MET B 156 3.92 -19.34 -33.80
N SER B 157 3.18 -18.23 -33.82
CA SER B 157 3.43 -17.10 -32.94
C SER B 157 3.01 -17.28 -31.48
N THR B 158 2.12 -18.22 -31.19
CA THR B 158 1.78 -18.50 -29.79
C THR B 158 2.90 -19.26 -29.08
N ALA B 159 3.94 -19.60 -29.83
CA ALA B 159 5.04 -20.37 -29.30
C ALA B 159 6.43 -19.85 -29.68
N TRP B 160 6.51 -18.77 -30.46
CA TRP B 160 7.81 -18.41 -31.05
C TRP B 160 8.85 -17.74 -30.13
N THR B 161 10.08 -17.71 -30.60
CA THR B 161 11.21 -17.16 -29.86
C THR B 161 11.15 -15.63 -29.83
N CYS B 162 10.46 -15.04 -30.81
CA CYS B 162 10.18 -13.59 -30.86
C CYS B 162 11.35 -12.72 -31.31
N ALA B 163 12.35 -13.32 -31.95
CA ALA B 163 13.53 -12.58 -32.38
C ALA B 163 13.29 -12.02 -33.77
N THR B 164 13.47 -10.71 -33.92
CA THR B 164 13.09 -10.00 -35.14
C THR B 164 14.19 -9.10 -35.68
N PRO B 165 15.22 -9.67 -36.31
CA PRO B 165 16.21 -8.77 -36.92
C PRO B 165 15.75 -8.25 -38.29
N GLU B 166 16.40 -7.21 -38.82
CA GLU B 166 16.26 -6.89 -40.24
C GLU B 166 17.15 -7.83 -41.07
N PHE B 167 16.81 -8.00 -42.35
CA PHE B 167 17.68 -8.72 -43.26
C PHE B 167 18.74 -7.78 -43.78
N PHE B 168 19.94 -8.32 -44.01
CA PHE B 168 21.12 -7.56 -44.43
C PHE B 168 21.05 -6.98 -45.85
N ALA B 169 21.35 -5.69 -45.97
CA ALA B 169 21.50 -5.05 -47.28
C ALA B 169 22.92 -4.57 -47.51
N PRO B 170 23.62 -5.19 -48.47
CA PRO B 170 25.00 -4.80 -48.77
C PRO B 170 25.07 -3.42 -49.44
N ALA B 171 26.19 -2.72 -49.27
CA ALA B 171 26.36 -1.38 -49.83
C ALA B 171 26.26 -1.35 -51.36
N ASP B 172 26.98 -2.26 -52.01
CA ASP B 172 26.83 -2.44 -53.44
C ASP B 172 25.50 -3.13 -53.72
N PHE B 173 24.56 -2.35 -54.27
CA PHE B 173 23.23 -2.80 -54.65
C PHE B 173 23.29 -3.94 -55.66
N ASN B 174 24.45 -4.12 -56.27
CA ASN B 174 24.65 -5.26 -57.17
C ASN B 174 25.58 -6.33 -56.64
N ALA B 175 25.79 -6.38 -55.33
CA ALA B 175 26.62 -7.42 -54.71
C ALA B 175 26.17 -8.80 -55.18
N PRO B 176 27.10 -9.75 -55.15
CA PRO B 176 26.77 -11.15 -55.44
C PRO B 176 25.69 -11.67 -54.50
N HIS B 177 25.75 -11.32 -53.21
CA HIS B 177 24.71 -11.76 -52.29
C HIS B 177 24.03 -10.67 -51.46
N ARG B 178 22.74 -10.85 -51.24
CA ARG B 178 21.99 -10.03 -50.29
C ARG B 178 20.95 -10.91 -49.58
N GLU B 179 20.63 -10.57 -48.33
CA GLU B 179 19.54 -11.19 -47.57
C GLU B 179 18.22 -10.51 -47.91
N ARG B 180 18.21 -9.17 -47.82
CA ARG B 180 17.04 -8.35 -48.08
C ARG B 180 16.73 -8.19 -49.56
N PRO B 181 15.61 -8.76 -50.02
CA PRO B 181 15.23 -8.81 -51.44
C PRO B 181 14.97 -7.42 -51.99
N LYS B 182 15.01 -7.32 -53.31
CA LYS B 182 14.83 -6.03 -53.96
C LYS B 182 13.34 -5.77 -54.14
N LEU B 183 12.92 -4.55 -53.82
CA LEU B 183 11.54 -4.14 -54.01
C LEU B 183 11.45 -3.24 -55.23
N SER B 184 12.59 -2.78 -55.70
CA SER B 184 12.66 -1.94 -56.87
C SER B 184 14.06 -1.95 -57.45
N THR B 185 14.17 -1.62 -58.73
CA THR B 185 15.45 -1.57 -59.42
C THR B 185 16.21 -0.26 -59.15
N ASP B 186 15.59 0.64 -58.39
CA ASP B 186 16.22 1.90 -58.03
C ASP B 186 16.71 1.80 -56.58
N ALA B 187 18.02 1.83 -56.39
CA ALA B 187 18.61 1.59 -55.07
C ALA B 187 18.18 2.60 -54.03
N ALA B 188 18.14 3.88 -54.39
CA ALA B 188 17.70 4.91 -53.47
C ALA B 188 16.25 4.67 -53.08
N GLU B 189 15.49 4.08 -54.00
CA GLU B 189 14.08 3.80 -53.79
C GLU B 189 13.87 2.52 -52.97
N ASP B 190 14.67 1.51 -53.29
CA ASP B 190 14.63 0.24 -52.56
C ASP B 190 14.84 0.55 -51.09
N ALA B 191 15.94 1.23 -50.79
CA ALA B 191 16.26 1.65 -49.43
C ALA B 191 15.06 2.33 -48.78
N ARG B 192 14.46 3.26 -49.52
CA ARG B 192 13.35 4.11 -49.07
C ARG B 192 12.16 3.31 -48.58
N ILE B 193 11.68 2.40 -49.42
CA ILE B 193 10.56 1.54 -49.04
C ILE B 193 10.87 0.71 -47.80
N TRP B 194 12.02 0.01 -47.81
CA TRP B 194 12.40 -0.90 -46.73
C TRP B 194 12.50 -0.21 -45.38
N LYS B 195 13.01 0.98 -45.37
CA LYS B 195 13.07 1.73 -44.17
C LYS B 195 11.68 2.01 -43.64
N ASP B 196 10.76 2.36 -44.51
CA ASP B 196 9.38 2.54 -44.09
C ASP B 196 8.71 1.23 -43.67
N LEU B 197 8.89 0.18 -44.44
CA LEU B 197 8.31 -1.12 -44.09
C LEU B 197 8.85 -1.65 -42.80
N TYR B 198 10.14 -1.57 -42.64
CA TYR B 198 10.79 -2.05 -41.41
C TYR B 198 10.35 -1.31 -40.17
N ALA B 199 10.21 0.01 -40.26
CA ALA B 199 9.81 0.79 -39.11
C ALA B 199 8.44 0.34 -38.63
N GLN B 200 7.55 0.10 -39.59
CA GLN B 200 6.14 -0.16 -39.32
C GLN B 200 5.97 -1.54 -38.71
N ALA B 201 6.64 -2.52 -39.32
CA ALA B 201 6.59 -3.90 -38.86
C ALA B 201 7.10 -4.00 -37.42
N LYS B 202 8.12 -3.23 -37.10
CA LYS B 202 8.65 -3.21 -35.76
C LYS B 202 7.60 -2.73 -34.76
N GLU B 203 6.80 -1.75 -35.16
CA GLU B 203 5.79 -1.20 -34.28
C GLU B 203 4.57 -2.11 -34.22
N ILE B 204 4.30 -2.82 -35.31
CA ILE B 204 3.22 -3.78 -35.36
C ILE B 204 3.44 -4.95 -34.39
N ILE B 205 4.66 -5.45 -34.36
CA ILE B 205 4.97 -6.67 -33.63
C ILE B 205 5.61 -6.41 -32.27
N GLY B 206 6.11 -5.20 -32.05
CA GLY B 206 6.57 -4.77 -30.74
C GLY B 206 8.05 -5.00 -30.50
N THR B 207 8.84 -4.87 -31.57
CA THR B 207 10.28 -5.05 -31.52
C THR B 207 10.97 -4.13 -30.51
N SER B 208 11.90 -4.69 -29.73
CA SER B 208 12.75 -3.90 -28.85
C SER B 208 14.10 -4.59 -28.63
N THR B 209 15.12 -3.80 -28.30
CA THR B 209 16.43 -4.35 -28.02
C THR B 209 16.90 -3.94 -26.63
N THR B 210 15.97 -3.42 -25.83
CA THR B 210 16.33 -2.92 -24.51
C THR B 210 15.67 -3.74 -23.42
N GLU B 211 15.00 -4.81 -23.79
CA GLU B 211 14.19 -5.50 -22.79
C GLU B 211 15.02 -6.36 -21.86
N PHE B 212 16.31 -6.49 -22.16
CA PHE B 212 17.22 -7.28 -21.33
C PHE B 212 18.40 -6.47 -20.81
N ASP B 213 18.37 -5.15 -21.01
CA ASP B 213 19.46 -4.29 -20.59
C ASP B 213 19.75 -4.28 -19.07
N HIS B 214 18.95 -5.00 -18.29
CA HIS B 214 19.21 -5.06 -16.84
C HIS B 214 19.36 -6.47 -16.28
N SER B 215 19.63 -7.43 -17.15
CA SER B 215 19.99 -8.78 -16.73
C SER B 215 21.49 -8.82 -16.60
N ILE B 216 21.97 -9.52 -15.57
CA ILE B 216 23.40 -9.61 -15.30
C ILE B 216 24.08 -10.52 -16.33
N ARG B 217 23.41 -11.62 -16.66
CA ARG B 217 23.94 -12.56 -17.63
C ARG B 217 24.07 -11.89 -18.99
N HIS B 218 23.02 -11.21 -19.40
CA HIS B 218 23.01 -10.57 -20.72
C HIS B 218 24.18 -9.60 -20.87
N ASN B 219 24.40 -8.77 -19.85
CA ASN B 219 25.48 -7.81 -19.90
C ASN B 219 26.84 -8.45 -19.82
N LEU B 220 26.95 -9.45 -18.96
CA LEU B 220 28.19 -10.19 -18.81
C LEU B 220 28.62 -10.71 -20.17
N VAL B 221 27.73 -11.44 -20.81
CA VAL B 221 28.05 -12.09 -22.07
C VAL B 221 28.32 -11.06 -23.15
N LEU B 222 27.50 -10.02 -23.21
CA LEU B 222 27.60 -9.01 -24.26
C LEU B 222 28.88 -8.16 -24.16
N ARG B 223 29.09 -7.55 -22.99
CA ARG B 223 30.24 -6.68 -22.80
C ARG B 223 31.57 -7.43 -22.94
N LYS B 224 31.63 -8.62 -22.36
CA LYS B 224 32.86 -9.40 -22.40
C LYS B 224 33.22 -9.76 -23.83
N TYR B 225 32.24 -10.25 -24.59
CA TYR B 225 32.47 -10.57 -26.00
C TYR B 225 32.96 -9.38 -26.80
N ASN B 226 32.46 -8.19 -26.49
CA ASN B 226 32.90 -7.00 -27.19
C ASN B 226 34.35 -6.69 -26.83
N ASP B 227 34.68 -6.77 -25.55
CA ASP B 227 36.06 -6.55 -25.11
C ASP B 227 36.98 -7.58 -25.72
N ILE B 228 36.55 -8.83 -25.72
CA ILE B 228 37.37 -9.89 -26.27
C ILE B 228 37.70 -9.65 -27.74
N PHE B 229 36.68 -9.25 -28.50
CA PHE B 229 36.80 -9.20 -29.96
C PHE B 229 37.23 -7.86 -30.53
N GLN B 230 37.72 -6.97 -29.68
CA GLN B 230 38.37 -5.78 -30.20
C GLN B 230 39.87 -6.00 -30.16
N LYS B 231 40.27 -6.94 -29.30
CA LYS B 231 41.67 -7.34 -29.20
C LYS B 231 41.88 -8.55 -30.09
N GLU B 232 41.36 -8.48 -31.31
CA GLU B 232 41.43 -9.61 -32.24
C GLU B 232 41.83 -9.18 -33.65
N ASN B 233 42.37 -10.13 -34.42
CA ASN B 233 42.69 -9.91 -35.82
C ASN B 233 41.46 -9.39 -36.54
N VAL B 234 40.41 -10.19 -36.48
CA VAL B 234 39.11 -9.82 -37.02
C VAL B 234 38.23 -9.40 -35.86
N ILE B 235 37.68 -8.19 -35.94
CA ILE B 235 36.75 -7.71 -34.94
C ILE B 235 35.35 -8.22 -35.28
N ARG B 236 34.59 -8.59 -34.26
CA ARG B 236 33.20 -8.95 -34.43
C ARG B 236 32.34 -8.11 -33.50
N GLU B 237 31.18 -7.68 -33.99
CA GLU B 237 30.32 -6.80 -33.20
C GLU B 237 29.15 -7.53 -32.58
N PHE B 238 29.04 -7.41 -31.26
CA PHE B 238 27.98 -8.10 -30.53
C PHE B 238 26.93 -7.11 -30.07
N SER B 239 25.67 -7.47 -30.29
CA SER B 239 24.52 -6.59 -30.04
C SER B 239 23.33 -7.34 -29.42
N PRO B 240 22.37 -6.60 -28.83
CA PRO B 240 21.17 -7.23 -28.28
C PRO B 240 20.32 -7.82 -29.40
N LEU B 241 19.95 -9.09 -29.28
CA LEU B 241 19.04 -9.71 -30.24
C LEU B 241 17.77 -8.87 -30.22
N PRO B 242 17.34 -8.39 -31.39
CA PRO B 242 16.07 -7.67 -31.32
C PRO B 242 14.91 -8.62 -31.04
N LEU B 243 14.21 -8.36 -29.94
CA LEU B 243 13.08 -9.21 -29.54
C LEU B 243 11.73 -8.50 -29.60
N ALA B 244 10.72 -9.23 -30.06
CA ALA B 244 9.34 -8.72 -30.05
C ALA B 244 8.71 -8.96 -28.69
N CYS B 245 8.97 -8.06 -27.75
CA CYS B 245 8.50 -8.25 -26.38
C CYS B 245 8.67 -7.00 -25.55
N HIS B 246 8.05 -6.98 -24.38
CA HIS B 246 8.33 -5.93 -23.40
C HIS B 246 8.34 -6.46 -21.97
N ARG B 247 9.40 -6.12 -21.24
CA ARG B 247 9.50 -6.50 -19.83
C ARG B 247 8.40 -5.82 -19.03
N LEU B 248 7.82 -6.54 -18.07
CA LEU B 248 6.66 -6.03 -17.33
C LEU B 248 7.07 -5.36 -16.04
N THR B 249 6.17 -4.56 -15.49
CA THR B 249 6.48 -3.73 -14.33
C THR B 249 7.05 -4.53 -13.16
N ASP B 250 6.66 -5.79 -13.04
CA ASP B 250 7.41 -6.74 -12.23
C ASP B 250 8.45 -7.41 -13.14
N PRO B 251 9.73 -7.04 -12.98
CA PRO B 251 10.82 -7.43 -13.88
C PRO B 251 11.21 -8.91 -13.85
N ASP B 252 10.56 -9.70 -13.01
CA ASP B 252 10.71 -11.15 -13.04
C ASP B 252 9.99 -11.67 -14.29
N TYR B 253 9.09 -10.86 -14.82
CA TYR B 253 8.21 -11.28 -15.90
C TYR B 253 8.43 -10.51 -17.21
N VAL B 254 8.07 -11.15 -18.31
CA VAL B 254 8.08 -10.55 -19.64
C VAL B 254 6.81 -10.90 -20.41
N GLU B 255 6.27 -9.93 -21.15
CA GLU B 255 5.20 -10.26 -22.08
C GLU B 255 5.80 -10.48 -23.46
N TRP B 256 5.72 -11.72 -23.93
CA TRP B 256 6.23 -11.99 -25.26
C TRP B 256 5.11 -11.69 -26.24
N HIS B 257 5.46 -11.11 -27.37
CA HIS B 257 4.46 -10.69 -28.33
C HIS B 257 4.07 -11.79 -29.30
N ALA B 258 2.80 -11.79 -29.68
CA ALA B 258 2.28 -12.69 -30.68
C ALA B 258 1.10 -12.03 -31.38
N THR B 259 0.37 -12.84 -32.14
CA THR B 259 -0.76 -12.40 -32.94
C THR B 259 -1.76 -11.53 -32.17
N ASP B 260 -1.83 -11.74 -30.85
CA ASP B 260 -2.75 -10.97 -30.01
C ASP B 260 -2.61 -9.44 -30.13
N ARG B 261 -1.39 -8.89 -30.19
CA ARG B 261 -1.25 -7.43 -30.30
C ARG B 261 -1.56 -6.89 -31.68
N ILE B 262 -1.43 -7.75 -32.70
CA ILE B 262 -1.82 -7.37 -34.04
C ILE B 262 -3.34 -7.25 -34.15
N LEU B 263 -4.03 -8.29 -33.70
CA LEU B 263 -5.47 -8.41 -33.84
C LEU B 263 -6.23 -7.66 -32.78
N GLU B 264 -5.49 -7.09 -31.84
CA GLU B 264 -6.07 -6.60 -30.60
C GLU B 264 -7.32 -5.74 -30.79
N GLU B 265 -7.21 -4.74 -31.65
CA GLU B 265 -8.28 -3.78 -31.81
C GLU B 265 -9.45 -4.31 -32.62
N LEU B 266 -9.27 -5.47 -33.25
CA LEU B 266 -10.36 -6.08 -34.01
C LEU B 266 -11.36 -6.76 -33.06
N PHE B 267 -11.07 -6.73 -31.77
CA PHE B 267 -11.97 -7.33 -30.79
C PHE B 267 -12.42 -6.26 -29.82
N THR B 268 -11.58 -5.25 -29.72
CA THR B 268 -11.58 -4.32 -28.63
C THR B 268 -12.31 -3.02 -29.04
N ASP B 269 -12.47 -2.86 -30.34
CA ASP B 269 -13.07 -1.66 -30.92
C ASP B 269 -14.33 -2.05 -31.67
N PRO B 270 -15.50 -1.75 -31.10
CA PRO B 270 -16.82 -2.14 -31.65
C PRO B 270 -16.97 -1.78 -33.12
N VAL B 271 -16.40 -0.63 -33.53
CA VAL B 271 -16.47 -0.21 -34.93
C VAL B 271 -15.74 -1.21 -35.82
N LYS B 272 -14.49 -1.51 -35.46
CA LYS B 272 -13.68 -2.45 -36.20
C LYS B 272 -14.20 -3.85 -36.01
N ARG B 273 -14.75 -4.12 -34.83
CA ARG B 273 -15.21 -5.47 -34.49
C ARG B 273 -16.29 -5.94 -35.47
N GLY B 274 -17.04 -4.98 -36.02
CA GLY B 274 -18.09 -5.27 -36.98
C GLY B 274 -17.60 -5.51 -38.41
N ARG B 275 -16.36 -5.12 -38.69
CA ARG B 275 -15.78 -5.37 -40.00
C ARG B 275 -14.95 -6.65 -40.06
N PHE B 276 -14.93 -7.42 -38.97
CA PHE B 276 -14.05 -8.60 -38.86
C PHE B 276 -14.70 -9.91 -38.41
N THR B 277 -14.61 -10.90 -39.29
CA THR B 277 -15.07 -12.26 -39.00
C THR B 277 -13.90 -13.24 -38.89
N LEU B 278 -13.88 -14.08 -37.85
CA LEU B 278 -12.87 -15.14 -37.74
C LEU B 278 -13.52 -16.47 -37.46
N LEU B 279 -13.46 -17.37 -38.43
CA LEU B 279 -13.96 -18.72 -38.24
C LEU B 279 -12.81 -19.69 -37.89
N THR B 280 -12.77 -20.14 -36.64
CA THR B 280 -11.82 -21.15 -36.23
C THR B 280 -12.30 -22.54 -36.59
N ASN B 281 -11.40 -23.52 -36.45
CA ASN B 281 -11.61 -24.89 -36.94
C ASN B 281 -12.22 -25.00 -38.35
N HIS B 282 -11.86 -24.04 -39.21
CA HIS B 282 -12.26 -24.04 -40.62
C HIS B 282 -11.08 -24.24 -41.57
N ARG B 283 -11.17 -25.23 -42.44
CA ARG B 283 -10.11 -25.51 -43.39
C ARG B 283 -10.38 -24.83 -44.71
N CYS B 284 -9.47 -23.98 -45.17
CA CYS B 284 -9.55 -23.55 -46.55
C CYS B 284 -8.99 -24.67 -47.41
N THR B 285 -9.89 -25.40 -48.06
CA THR B 285 -9.52 -26.60 -48.79
C THR B 285 -8.85 -26.24 -50.09
N LYS B 286 -9.45 -25.32 -50.83
CA LYS B 286 -8.87 -24.83 -52.07
C LYS B 286 -9.55 -23.57 -52.53
N LEU B 287 -8.98 -22.92 -53.54
CA LEU B 287 -9.62 -21.79 -54.20
C LEU B 287 -10.14 -22.26 -55.53
N VAL B 288 -11.29 -21.74 -55.92
CA VAL B 288 -11.86 -22.08 -57.21
C VAL B 288 -11.64 -20.86 -58.08
N PHE B 289 -11.15 -21.10 -59.30
CA PHE B 289 -10.80 -20.01 -60.20
C PHE B 289 -11.92 -19.77 -61.22
N LYS B 290 -11.90 -18.62 -61.88
CA LYS B 290 -12.84 -18.35 -62.96
C LYS B 290 -12.63 -19.42 -64.03
N HIS B 291 -11.38 -19.76 -64.28
CA HIS B 291 -11.05 -20.74 -65.28
C HIS B 291 -9.66 -21.35 -65.02
N TYR B 292 -9.33 -22.39 -65.78
CA TYR B 292 -8.16 -23.20 -65.48
C TYR B 292 -7.19 -23.29 -66.66
N ARG B 293 -6.93 -22.14 -67.29
CA ARG B 293 -6.01 -22.07 -68.43
C ARG B 293 -4.75 -21.28 -68.13
N PRO B 294 -3.58 -21.90 -68.34
CA PRO B 294 -2.28 -21.32 -68.02
C PRO B 294 -1.87 -20.20 -68.98
N GLY B 295 -1.24 -19.17 -68.45
CA GLY B 295 -0.61 -18.15 -69.26
C GLY B 295 -1.48 -16.98 -69.67
N GLU B 296 -2.70 -16.92 -69.13
CA GLU B 296 -3.60 -15.84 -69.47
C GLU B 296 -4.35 -15.38 -68.22
N GLU B 297 -4.84 -14.15 -68.23
CA GLU B 297 -5.45 -13.53 -67.05
C GLU B 297 -6.58 -14.37 -66.45
N ASN B 298 -6.69 -14.34 -65.13
CA ASN B 298 -7.58 -15.23 -64.41
C ASN B 298 -8.01 -14.54 -63.12
N GLU B 299 -8.93 -15.19 -62.39
CA GLU B 299 -9.36 -14.69 -61.09
C GLU B 299 -9.93 -15.77 -60.17
N VAL B 300 -9.78 -15.56 -58.87
CA VAL B 300 -10.40 -16.44 -57.88
C VAL B 300 -11.90 -16.20 -57.89
N ASP B 301 -12.69 -17.28 -57.92
CA ASP B 301 -14.14 -17.15 -57.86
C ASP B 301 -14.64 -17.21 -56.43
N TYR B 302 -14.30 -18.28 -55.73
CA TYR B 302 -14.59 -18.38 -54.30
C TYR B 302 -13.57 -19.28 -53.61
N ALA B 303 -13.74 -19.44 -52.30
CA ALA B 303 -12.86 -20.31 -51.53
C ALA B 303 -13.66 -21.47 -50.98
N LEU B 304 -13.15 -22.68 -51.16
CA LEU B 304 -13.81 -23.86 -50.63
C LEU B 304 -13.42 -24.02 -49.17
N VAL B 305 -14.31 -23.63 -48.28
CA VAL B 305 -14.05 -23.77 -46.86
C VAL B 305 -14.87 -24.91 -46.29
N GLU B 306 -14.24 -25.69 -45.42
CA GLU B 306 -14.86 -26.81 -44.75
C GLU B 306 -14.84 -26.59 -43.23
N ASP B 307 -15.99 -26.71 -42.59
CA ASP B 307 -16.07 -26.69 -41.13
C ASP B 307 -15.65 -28.06 -40.60
N LEU B 308 -14.68 -28.09 -39.68
CA LEU B 308 -14.12 -29.35 -39.21
C LEU B 308 -14.75 -29.86 -37.91
N LEU B 309 -15.50 -29.00 -37.23
CA LEU B 309 -16.18 -29.44 -36.02
C LEU B 309 -17.24 -30.48 -36.36
N PRO B 310 -17.14 -31.67 -35.72
CA PRO B 310 -17.87 -32.90 -36.02
C PRO B 310 -19.36 -32.69 -36.28
N SER B 320 -22.37 -26.68 -43.70
CA SER B 320 -21.23 -27.48 -43.26
C SER B 320 -20.02 -27.27 -44.19
N VAL B 321 -20.27 -27.39 -45.50
CA VAL B 321 -19.32 -26.97 -46.53
C VAL B 321 -19.71 -25.57 -47.00
N LYS B 322 -18.73 -24.67 -47.07
CA LYS B 322 -19.05 -23.28 -47.38
C LYS B 322 -18.30 -22.76 -48.60
N LYS B 323 -19.01 -22.10 -49.49
CA LYS B 323 -18.37 -21.26 -50.49
C LYS B 323 -18.38 -19.84 -49.97
N ILE B 324 -17.20 -19.27 -49.77
CA ILE B 324 -17.09 -17.91 -49.26
C ILE B 324 -16.59 -16.97 -50.34
N TYR B 325 -17.37 -15.94 -50.64
CA TYR B 325 -17.01 -14.96 -51.67
C TYR B 325 -16.37 -13.71 -51.10
N ALA B 326 -15.49 -13.09 -51.88
CA ALA B 326 -14.86 -11.84 -51.48
C ALA B 326 -14.22 -11.20 -52.70
N ARG B 327 -13.88 -9.92 -52.59
CA ARG B 327 -13.34 -9.16 -53.73
C ARG B 327 -11.86 -9.40 -53.85
N SER B 328 -11.22 -9.71 -52.74
CA SER B 328 -9.83 -10.14 -52.78
C SER B 328 -9.61 -11.31 -51.82
N TYR B 329 -8.49 -11.99 -52.03
CA TYR B 329 -8.18 -13.25 -51.35
C TYR B 329 -6.71 -13.27 -50.96
N VAL B 330 -6.47 -13.69 -49.73
CA VAL B 330 -5.12 -13.86 -49.22
C VAL B 330 -4.89 -15.24 -48.63
N VAL B 331 -3.87 -15.91 -49.11
CA VAL B 331 -3.42 -17.18 -48.55
C VAL B 331 -2.20 -16.91 -47.69
N ALA B 332 -2.36 -17.00 -46.38
CA ALA B 332 -1.30 -16.73 -45.42
C ALA B 332 -1.28 -17.87 -44.42
N CYS B 333 -1.13 -19.08 -44.93
CA CYS B 333 -1.14 -20.30 -44.12
C CYS B 333 0.24 -20.84 -43.77
N GLY B 334 1.25 -20.00 -43.76
CA GLY B 334 2.59 -20.51 -43.53
C GLY B 334 3.17 -21.00 -44.84
N ALA B 335 4.48 -21.12 -44.88
CA ALA B 335 5.20 -21.41 -46.13
C ALA B 335 4.84 -22.74 -46.78
N VAL B 336 4.70 -23.80 -45.98
CA VAL B 336 4.30 -25.09 -46.51
C VAL B 336 2.83 -25.08 -46.94
N ALA B 337 1.95 -24.76 -46.02
CA ALA B 337 0.52 -24.88 -46.29
C ALA B 337 0.00 -23.93 -47.38
N THR B 338 0.46 -22.69 -47.39
CA THR B 338 0.07 -21.73 -48.43
C THR B 338 0.25 -22.32 -49.83
N ALA B 339 1.39 -22.95 -50.07
CA ALA B 339 1.63 -23.60 -51.35
C ALA B 339 0.70 -24.80 -51.53
N GLN B 340 0.35 -25.45 -50.41
CA GLN B 340 -0.52 -26.64 -50.44
C GLN B 340 -1.94 -26.29 -50.88
N VAL B 341 -2.40 -25.11 -50.49
CA VAL B 341 -3.70 -24.63 -50.94
C VAL B 341 -3.69 -24.33 -52.43
N LEU B 342 -2.69 -23.56 -52.86
CA LEU B 342 -2.59 -23.19 -54.26
C LEU B 342 -2.33 -24.42 -55.15
N ALA B 343 -1.58 -25.38 -54.62
CA ALA B 343 -1.46 -26.67 -55.27
C ALA B 343 -2.81 -27.41 -55.30
N ASN B 344 -3.47 -27.53 -54.15
CA ASN B 344 -4.78 -28.19 -54.14
C ASN B 344 -5.79 -27.53 -55.09
N SER B 345 -5.76 -26.21 -55.17
CA SER B 345 -6.67 -25.44 -56.02
C SER B 345 -6.57 -25.80 -57.50
N HIS B 346 -5.51 -26.49 -57.89
CA HIS B 346 -5.33 -26.87 -59.28
C HIS B 346 -6.23 -28.00 -59.68
N ILE B 347 -6.74 -28.71 -58.70
CA ILE B 347 -7.81 -29.66 -58.97
C ILE B 347 -9.14 -28.92 -58.90
N PRO B 348 -9.80 -28.73 -60.05
CA PRO B 348 -11.11 -28.07 -60.01
C PRO B 348 -12.18 -29.09 -59.62
N PRO B 349 -13.29 -28.62 -59.02
CA PRO B 349 -14.35 -29.55 -58.59
C PRO B 349 -15.31 -29.90 -59.72
N GLU B 367 3.64 -44.03 -60.99
CA GLU B 367 2.22 -43.70 -60.98
C GLU B 367 1.75 -43.15 -59.63
N ARG B 368 1.83 -43.99 -58.59
CA ARG B 368 1.29 -43.62 -57.27
C ARG B 368 2.03 -42.48 -56.56
N ASP B 369 3.28 -42.23 -56.95
CA ASP B 369 4.03 -41.07 -56.44
C ASP B 369 3.84 -39.81 -57.29
N ALA B 370 2.83 -39.81 -58.16
CA ALA B 370 2.55 -38.67 -59.00
C ALA B 370 2.27 -37.45 -58.14
N THR B 371 2.79 -36.30 -58.57
CA THR B 371 2.53 -35.04 -57.89
C THR B 371 1.46 -34.27 -58.63
N ILE B 372 0.88 -33.27 -57.98
CA ILE B 372 -0.07 -32.36 -58.62
C ILE B 372 0.68 -31.35 -59.47
N PRO B 373 0.38 -31.31 -60.78
CA PRO B 373 1.05 -30.32 -61.62
C PRO B 373 0.45 -28.94 -61.37
N THR B 374 1.29 -27.93 -61.22
CA THR B 374 0.77 -26.59 -61.01
C THR B 374 1.12 -25.64 -62.17
N PRO B 375 0.55 -25.88 -63.36
CA PRO B 375 0.92 -25.10 -64.53
C PRO B 375 0.33 -23.68 -64.49
N LEU B 376 -0.75 -23.49 -63.73
CA LEU B 376 -1.33 -22.18 -63.54
C LEU B 376 -0.39 -21.25 -62.79
N MET B 377 0.53 -21.84 -62.03
CA MET B 377 1.48 -21.08 -61.24
C MET B 377 2.82 -21.79 -61.29
N PRO B 378 3.45 -21.80 -62.48
CA PRO B 378 4.59 -22.66 -62.80
C PRO B 378 5.67 -22.65 -61.74
N MET B 379 5.91 -21.49 -61.15
CA MET B 379 7.02 -21.33 -60.23
C MET B 379 6.70 -21.74 -58.81
N LEU B 380 5.54 -22.36 -58.61
CA LEU B 380 5.11 -22.75 -57.27
C LEU B 380 6.04 -23.83 -56.74
N GLY B 381 6.46 -23.65 -55.50
CA GLY B 381 7.23 -24.66 -54.80
C GLY B 381 8.64 -24.89 -55.31
N LYS B 382 9.10 -24.01 -56.20
CA LYS B 382 10.47 -24.04 -56.70
C LYS B 382 11.32 -22.97 -56.01
N TYR B 383 12.64 -23.10 -56.08
CA TYR B 383 13.57 -22.23 -55.38
C TYR B 383 13.41 -22.20 -53.83
N ILE B 384 12.85 -23.26 -53.25
CA ILE B 384 12.70 -23.32 -51.78
C ILE B 384 14.05 -23.28 -51.04
N THR B 385 14.09 -22.57 -49.91
CA THR B 385 15.32 -22.38 -49.16
C THR B 385 15.11 -22.62 -47.68
N GLU B 386 16.06 -23.27 -47.02
CA GLU B 386 15.98 -23.53 -45.59
C GLU B 386 17.35 -23.54 -44.96
N GLN B 387 17.44 -23.05 -43.73
CA GLN B 387 18.70 -22.83 -43.04
C GLN B 387 19.33 -24.05 -42.31
N PRO B 388 20.55 -24.41 -42.69
CA PRO B 388 21.41 -25.20 -41.80
C PRO B 388 21.57 -24.46 -40.48
N MET B 389 21.61 -25.20 -39.40
CA MET B 389 21.73 -24.62 -38.09
C MET B 389 22.79 -25.43 -37.35
N THR B 390 23.69 -24.77 -36.64
CA THR B 390 24.59 -25.50 -35.78
C THR B 390 24.23 -25.08 -34.38
N PHE B 391 24.53 -25.94 -33.42
CA PHE B 391 24.10 -25.71 -32.06
C PHE B 391 25.12 -26.23 -31.07
N CYS B 392 25.26 -25.52 -29.95
CA CYS B 392 25.96 -26.06 -28.79
C CYS B 392 25.54 -25.29 -27.54
N GLN B 393 25.89 -25.81 -26.36
CA GLN B 393 25.70 -25.05 -25.15
C GLN B 393 27.01 -25.03 -24.41
N VAL B 394 27.33 -23.92 -23.75
CA VAL B 394 28.51 -23.90 -22.89
C VAL B 394 28.18 -23.60 -21.44
N VAL B 395 29.11 -23.95 -20.56
CA VAL B 395 29.05 -23.54 -19.17
C VAL B 395 30.03 -22.41 -19.01
N LEU B 396 29.61 -21.32 -18.40
CA LEU B 396 30.45 -20.13 -18.30
C LEU B 396 31.72 -20.43 -17.53
N ASP B 397 32.81 -19.79 -17.93
CA ASP B 397 34.06 -19.96 -17.21
C ASP B 397 33.93 -19.41 -15.80
N SER B 398 34.40 -20.18 -14.82
CA SER B 398 34.43 -19.73 -13.44
C SER B 398 35.14 -18.40 -13.29
N SER B 399 36.09 -18.13 -14.19
CA SER B 399 36.79 -16.85 -14.25
C SER B 399 35.81 -15.70 -14.21
N LEU B 400 34.68 -15.92 -14.90
CA LEU B 400 33.67 -14.89 -15.09
C LEU B 400 32.77 -14.65 -13.88
N MET B 401 32.84 -15.52 -12.88
CA MET B 401 32.10 -15.29 -11.65
C MET B 401 32.79 -14.18 -10.87
N GLU B 402 34.11 -14.15 -10.98
CA GLU B 402 34.86 -13.04 -10.43
C GLU B 402 34.33 -11.76 -11.05
N VAL B 403 34.20 -11.77 -12.37
CA VAL B 403 33.70 -10.63 -13.11
C VAL B 403 32.38 -10.21 -12.53
N VAL B 404 31.48 -11.18 -12.33
CA VAL B 404 30.14 -10.91 -11.80
C VAL B 404 30.24 -10.21 -10.46
N ARG B 405 31.16 -10.68 -9.61
CA ARG B 405 31.36 -10.08 -8.31
C ARG B 405 32.05 -8.71 -8.38
N ASN B 406 32.90 -8.51 -9.40
CA ASN B 406 33.59 -7.23 -9.56
C ASN B 406 33.76 -6.83 -11.02
N PRO B 407 32.69 -6.29 -11.61
CA PRO B 407 32.68 -5.95 -13.03
C PRO B 407 33.41 -4.63 -13.29
N PRO B 408 34.20 -4.58 -14.39
CA PRO B 408 35.11 -3.46 -14.67
C PRO B 408 34.42 -2.31 -15.41
N TRP B 409 33.17 -2.50 -15.80
CA TRP B 409 32.45 -1.54 -16.63
C TRP B 409 31.70 -0.58 -15.73
N PRO B 410 31.47 0.67 -16.19
CA PRO B 410 30.93 1.70 -15.30
C PRO B 410 29.41 1.75 -15.37
N GLY B 411 28.78 2.45 -14.43
CA GLY B 411 27.33 2.55 -14.40
C GLY B 411 26.69 1.18 -14.26
N LEU B 412 27.21 0.40 -13.33
CA LEU B 412 26.74 -0.96 -13.11
C LEU B 412 26.33 -1.10 -11.64
N ASP B 413 25.91 0.01 -11.06
CA ASP B 413 25.54 0.05 -9.66
C ASP B 413 24.34 -0.86 -9.38
N TRP B 414 23.51 -1.06 -10.39
CA TRP B 414 22.36 -1.94 -10.24
C TRP B 414 22.82 -3.40 -10.14
N TRP B 415 23.83 -3.72 -10.96
CA TRP B 415 24.38 -5.06 -11.07
C TRP B 415 25.12 -5.41 -9.78
N LYS B 416 25.92 -4.47 -9.29
CA LYS B 416 26.68 -4.70 -8.07
C LYS B 416 25.74 -4.87 -6.90
N GLU B 417 24.61 -4.17 -6.95
CA GLU B 417 23.61 -4.23 -5.90
C GLU B 417 22.90 -5.59 -5.92
N LYS B 418 22.38 -5.97 -7.08
CA LYS B 418 21.73 -7.27 -7.23
C LYS B 418 22.68 -8.39 -6.79
N VAL B 419 23.94 -8.31 -7.22
CA VAL B 419 24.92 -9.32 -6.84
C VAL B 419 25.17 -9.32 -5.35
N ALA B 420 25.52 -8.14 -4.81
CA ALA B 420 25.84 -8.03 -3.39
C ALA B 420 24.67 -8.52 -2.57
N ARG B 421 23.46 -8.23 -3.05
CA ARG B 421 22.26 -8.66 -2.37
C ARG B 421 22.15 -10.17 -2.39
N HIS B 422 22.35 -10.77 -3.56
CA HIS B 422 22.16 -12.20 -3.69
C HIS B 422 23.11 -12.95 -2.76
N VAL B 423 24.35 -12.51 -2.72
CA VAL B 423 25.35 -13.19 -1.89
C VAL B 423 25.10 -12.98 -0.39
N GLU B 424 24.29 -12.00 -0.02
CA GLU B 424 23.82 -11.90 1.37
C GLU B 424 23.03 -13.16 1.64
N ALA B 425 21.93 -13.29 0.91
CA ALA B 425 20.95 -14.34 1.11
C ALA B 425 21.50 -15.74 0.92
N PHE B 426 22.55 -15.88 0.12
CA PHE B 426 23.10 -17.20 -0.18
C PHE B 426 24.62 -17.20 -0.13
N PRO B 427 25.19 -17.05 1.08
CA PRO B 427 26.64 -16.91 1.23
C PRO B 427 27.42 -18.06 0.56
N ASN B 428 26.83 -19.25 0.53
CA ASN B 428 27.51 -20.43 0.02
C ASN B 428 27.18 -20.80 -1.43
N ASP B 429 26.69 -19.85 -2.21
CA ASP B 429 26.38 -20.14 -3.61
C ASP B 429 27.62 -19.95 -4.47
N PRO B 430 28.05 -21.01 -5.16
CA PRO B 430 29.18 -20.89 -6.09
C PRO B 430 28.92 -19.75 -7.09
N ILE B 431 27.66 -19.62 -7.49
CA ILE B 431 27.26 -18.64 -8.49
C ILE B 431 26.68 -17.39 -7.84
N PRO B 432 27.30 -16.22 -8.08
CA PRO B 432 26.83 -14.98 -7.46
C PRO B 432 25.81 -14.28 -8.35
N ILE B 433 25.26 -15.00 -9.31
CA ILE B 433 24.23 -14.46 -10.18
C ILE B 433 22.88 -14.66 -9.51
N PRO B 434 22.11 -13.58 -9.33
CA PRO B 434 20.79 -13.58 -8.68
C PRO B 434 19.87 -14.65 -9.26
N PHE B 435 19.00 -15.22 -8.42
CA PHE B 435 18.29 -16.45 -8.80
C PHE B 435 17.40 -16.36 -10.03
N ARG B 436 16.74 -15.22 -10.24
CA ARG B 436 15.86 -15.13 -11.41
C ARG B 436 16.33 -14.08 -12.42
N ASP B 437 17.65 -14.01 -12.60
CA ASP B 437 18.25 -13.13 -13.57
C ASP B 437 17.97 -13.68 -14.96
N PRO B 438 17.48 -12.82 -15.85
CA PRO B 438 17.06 -13.20 -17.21
C PRO B 438 18.22 -13.72 -18.02
N GLU B 439 17.92 -14.48 -19.05
CA GLU B 439 18.92 -15.10 -19.88
C GLU B 439 19.56 -14.07 -20.82
N PRO B 440 20.71 -14.40 -21.41
CA PRO B 440 21.31 -13.48 -22.38
C PRO B 440 20.50 -13.46 -23.67
N GLN B 441 20.54 -12.34 -24.38
CA GLN B 441 19.88 -12.22 -25.67
C GLN B 441 20.78 -11.47 -26.64
N VAL B 442 21.82 -12.15 -27.10
CA VAL B 442 22.88 -11.48 -27.84
C VAL B 442 22.96 -12.00 -29.28
N THR B 443 23.28 -11.12 -30.22
CA THR B 443 23.33 -11.53 -31.62
C THR B 443 24.60 -10.99 -32.23
N ILE B 444 24.97 -11.52 -33.40
CA ILE B 444 25.92 -10.86 -34.26
C ILE B 444 25.24 -10.67 -35.61
N LYS B 445 25.06 -9.44 -36.05
CA LYS B 445 24.43 -9.23 -37.34
C LYS B 445 25.25 -9.66 -38.50
N PHE B 446 24.57 -10.20 -39.47
CA PHE B 446 25.16 -10.76 -40.63
C PHE B 446 25.96 -9.71 -41.36
N THR B 447 27.00 -10.16 -42.02
CA THR B 447 27.83 -9.40 -42.90
C THR B 447 28.22 -10.30 -44.02
N GLU B 448 28.60 -9.76 -45.14
CA GLU B 448 29.09 -10.63 -46.19
C GLU B 448 30.41 -11.30 -45.80
N GLU B 449 31.09 -10.70 -44.84
CA GLU B 449 32.32 -11.25 -44.26
C GLU B 449 32.10 -12.58 -43.57
N HIS B 450 31.00 -12.67 -42.84
CA HIS B 450 30.65 -13.83 -42.06
C HIS B 450 29.18 -14.17 -42.27
N PRO B 451 28.85 -14.60 -43.49
CA PRO B 451 27.47 -14.65 -43.99
C PRO B 451 26.56 -15.65 -43.25
N TRP B 452 26.38 -15.40 -41.96
CA TRP B 452 25.45 -16.20 -41.18
C TRP B 452 24.95 -15.47 -39.95
N HIS B 453 23.86 -15.99 -39.41
CA HIS B 453 23.15 -15.33 -38.33
C HIS B 453 23.49 -16.03 -37.04
N VAL B 454 23.93 -15.27 -36.02
CA VAL B 454 24.23 -15.91 -34.74
C VAL B 454 23.37 -15.44 -33.57
N GLN B 455 22.94 -16.42 -32.77
CA GLN B 455 22.16 -16.12 -31.58
C GLN B 455 22.90 -16.69 -30.39
N ILE B 456 23.11 -15.85 -29.39
CA ILE B 456 23.78 -16.24 -28.16
C ILE B 456 22.84 -15.92 -27.02
N HIS B 457 22.17 -16.97 -26.53
CA HIS B 457 20.96 -16.82 -25.74
C HIS B 457 20.62 -18.09 -24.95
N ARG B 458 19.41 -18.10 -24.38
CA ARG B 458 18.78 -19.34 -23.92
C ARG B 458 17.43 -19.42 -24.64
N ASP B 459 17.22 -20.49 -25.41
CA ASP B 459 15.97 -20.71 -26.12
C ASP B 459 15.08 -21.65 -25.31
N ALA B 460 13.77 -21.43 -25.34
CA ALA B 460 12.82 -22.29 -24.64
C ALA B 460 12.74 -23.67 -25.29
N PHE B 461 13.11 -23.75 -26.57
CA PHE B 461 13.04 -25.01 -27.32
C PHE B 461 14.34 -25.82 -27.15
N SER B 462 14.52 -26.39 -25.98
CA SER B 462 15.64 -27.31 -25.73
C SER B 462 15.64 -28.48 -26.68
N TYR B 463 16.84 -28.96 -27.05
CA TYR B 463 16.99 -30.07 -28.00
C TYR B 463 17.32 -31.42 -27.36
N GLY B 464 17.32 -31.49 -26.04
CA GLY B 464 17.56 -32.74 -25.36
C GLY B 464 17.15 -32.68 -23.90
N ALA B 465 17.51 -33.72 -23.15
CA ALA B 465 17.22 -33.77 -21.72
C ALA B 465 17.85 -32.58 -21.01
N VAL B 466 17.12 -31.98 -20.08
CA VAL B 466 17.65 -30.86 -19.33
C VAL B 466 18.81 -31.34 -18.46
N ALA B 467 19.96 -30.70 -18.61
CA ALA B 467 21.20 -31.12 -17.94
C ALA B 467 21.08 -30.99 -16.43
N GLU B 468 20.81 -32.10 -15.76
CA GLU B 468 20.38 -32.04 -14.37
C GLU B 468 21.49 -31.83 -13.33
N ASN B 469 22.73 -31.86 -13.74
CA ASN B 469 23.78 -31.69 -12.75
C ASN B 469 24.49 -30.38 -12.87
N MET B 470 23.98 -29.52 -13.73
CA MET B 470 24.58 -28.24 -13.95
C MET B 470 23.52 -27.17 -13.68
N ASP B 471 23.91 -26.12 -12.95
CA ASP B 471 23.03 -24.98 -12.67
C ASP B 471 22.70 -24.26 -13.99
N THR B 472 21.45 -23.81 -14.11
CA THR B 472 20.98 -23.16 -15.34
C THR B 472 21.55 -21.75 -15.53
N ARG B 473 21.85 -21.09 -14.42
CA ARG B 473 22.41 -19.74 -14.45
C ARG B 473 23.70 -19.62 -15.31
N VAL B 474 24.44 -20.72 -15.44
CA VAL B 474 25.70 -20.72 -16.18
C VAL B 474 25.68 -21.51 -17.49
N ILE B 475 24.50 -21.69 -18.07
CA ILE B 475 24.41 -22.32 -19.37
C ILE B 475 24.13 -21.26 -20.41
N VAL B 476 24.80 -21.33 -21.56
CA VAL B 476 24.51 -20.41 -22.65
C VAL B 476 24.33 -21.22 -23.94
N ASP B 477 23.34 -20.86 -24.75
CA ASP B 477 23.09 -21.56 -26.00
C ASP B 477 23.75 -20.80 -27.10
N TYR B 478 24.15 -21.53 -28.13
CA TYR B 478 24.59 -20.89 -29.37
C TYR B 478 23.83 -21.51 -30.51
N ARG B 479 23.21 -20.66 -31.32
CA ARG B 479 22.58 -21.16 -32.54
C ARG B 479 23.00 -20.31 -33.72
N PHE B 480 23.60 -20.97 -34.70
CA PHE B 480 24.14 -20.28 -35.85
C PHE B 480 23.35 -20.74 -37.05
N PHE B 481 22.76 -19.79 -37.76
CA PHE B 481 21.89 -20.14 -38.86
C PHE B 481 22.58 -19.73 -40.15
N GLY B 482 22.62 -20.64 -41.10
CA GLY B 482 23.24 -20.35 -42.37
C GLY B 482 22.18 -19.96 -43.37
N TYR B 483 22.61 -19.69 -44.60
CA TYR B 483 21.64 -19.42 -45.66
C TYR B 483 21.85 -20.42 -46.79
N THR B 484 20.88 -20.53 -47.68
CA THR B 484 20.97 -21.46 -48.81
C THR B 484 20.61 -20.77 -50.11
N GLU B 485 21.41 -21.02 -51.15
CA GLU B 485 21.17 -20.47 -52.48
C GLU B 485 19.84 -20.98 -53.00
N PRO B 486 19.02 -20.08 -53.55
CA PRO B 486 17.81 -20.44 -54.30
C PRO B 486 18.15 -21.15 -55.63
N GLN B 487 17.74 -22.40 -55.82
CA GLN B 487 17.94 -23.05 -57.11
C GLN B 487 16.60 -23.63 -57.54
N GLU B 488 16.39 -23.77 -58.84
CA GLU B 488 15.12 -24.31 -59.34
C GLU B 488 14.83 -25.75 -58.89
N ALA B 489 15.86 -26.59 -58.94
CA ALA B 489 15.74 -28.02 -58.61
C ALA B 489 15.27 -28.28 -57.19
N ASN B 490 15.65 -27.41 -56.27
CA ASN B 490 15.15 -27.49 -54.90
C ASN B 490 13.65 -27.19 -54.78
N GLU B 491 12.87 -28.22 -54.43
CA GLU B 491 11.43 -28.18 -54.59
C GLU B 491 10.64 -28.65 -53.40
N LEU B 492 9.46 -28.06 -53.25
CA LEU B 492 8.42 -28.61 -52.44
C LEU B 492 7.30 -28.95 -53.41
N VAL B 493 6.97 -30.23 -53.53
CA VAL B 493 5.84 -30.62 -54.35
C VAL B 493 4.76 -31.23 -53.48
N PHE B 494 3.66 -31.63 -54.10
CA PHE B 494 2.52 -32.15 -53.36
C PHE B 494 1.95 -33.36 -54.06
N GLN B 495 1.68 -34.40 -53.29
CA GLN B 495 1.29 -35.67 -53.86
C GLN B 495 -0.20 -35.72 -54.21
N GLN B 496 -0.49 -36.23 -55.39
CA GLN B 496 -1.84 -36.46 -55.83
C GLN B 496 -2.56 -37.50 -55.00
N HIS B 497 -1.89 -38.60 -54.72
CA HIS B 497 -2.53 -39.74 -54.11
C HIS B 497 -2.22 -39.89 -52.62
N TYR B 498 -1.65 -38.84 -52.01
CA TYR B 498 -1.32 -38.87 -50.58
C TYR B 498 -1.84 -37.65 -49.84
N ARG B 499 -2.53 -37.88 -48.73
CA ARG B 499 -3.15 -36.79 -47.99
C ARG B 499 -2.64 -36.74 -46.57
N ASP B 500 -2.38 -35.55 -46.06
CA ASP B 500 -2.04 -35.45 -44.66
C ASP B 500 -3.27 -35.70 -43.79
N ALA B 501 -3.16 -35.41 -42.49
CA ALA B 501 -4.22 -35.74 -41.53
C ALA B 501 -5.48 -34.92 -41.79
N TYR B 502 -5.32 -33.81 -42.48
CA TYR B 502 -6.43 -32.88 -42.72
C TYR B 502 -6.85 -32.96 -44.19
N ASP B 503 -6.73 -34.13 -44.80
CA ASP B 503 -7.24 -34.36 -46.15
C ASP B 503 -6.63 -33.45 -47.23
N MET B 504 -5.50 -32.83 -46.94
CA MET B 504 -4.83 -32.00 -47.94
C MET B 504 -3.67 -32.79 -48.57
N PRO B 505 -3.32 -32.47 -49.82
CA PRO B 505 -2.21 -33.17 -50.49
C PRO B 505 -0.91 -33.18 -49.70
N GLN B 506 -0.30 -34.36 -49.65
CA GLN B 506 0.91 -34.57 -48.88
C GLN B 506 2.07 -33.79 -49.46
N PRO B 507 2.74 -33.01 -48.61
CA PRO B 507 3.95 -32.30 -49.03
C PRO B 507 5.13 -33.26 -49.17
N THR B 508 5.93 -33.09 -50.22
CA THR B 508 7.18 -33.83 -50.39
C THR B 508 8.33 -32.88 -50.68
N PHE B 509 9.42 -32.99 -49.94
CA PHE B 509 10.57 -32.13 -50.17
C PHE B 509 11.62 -32.76 -51.06
N LYS B 510 12.21 -31.95 -51.92
CA LYS B 510 13.36 -32.37 -52.69
C LYS B 510 14.41 -31.28 -52.54
N PHE B 511 15.17 -31.34 -51.45
CA PHE B 511 16.13 -30.31 -51.14
C PHE B 511 17.56 -30.83 -51.08
N THR B 512 18.44 -30.26 -51.87
CA THR B 512 19.86 -30.58 -51.76
C THR B 512 20.67 -29.29 -51.72
N MET B 513 21.50 -29.15 -50.71
CA MET B 513 22.35 -27.97 -50.58
C MET B 513 23.25 -27.81 -51.79
N SER B 514 23.73 -26.60 -52.02
CA SER B 514 24.69 -26.42 -53.10
C SER B 514 26.08 -26.51 -52.52
N GLN B 515 27.05 -26.63 -53.41
CA GLN B 515 28.45 -26.65 -53.00
C GLN B 515 28.95 -25.40 -52.21
N ASP B 516 28.53 -24.19 -52.56
CA ASP B 516 28.94 -23.06 -51.71
C ASP B 516 28.12 -22.96 -50.44
N ASP B 517 26.93 -23.55 -50.48
CA ASP B 517 26.11 -23.70 -49.27
C ASP B 517 26.87 -24.54 -48.26
N ARG B 518 27.59 -25.55 -48.77
CA ARG B 518 28.31 -26.47 -47.87
C ARG B 518 29.61 -25.89 -47.32
N ALA B 519 30.34 -25.13 -48.15
CA ALA B 519 31.53 -24.46 -47.66
C ALA B 519 31.18 -23.48 -46.57
N ARG B 520 30.08 -22.76 -46.75
CA ARG B 520 29.65 -21.78 -45.77
C ARG B 520 29.24 -22.45 -44.46
N ALA B 521 28.44 -23.51 -44.56
CA ALA B 521 28.06 -24.34 -43.41
C ALA B 521 29.27 -24.73 -42.55
N ARG B 522 30.32 -25.22 -43.22
CA ARG B 522 31.54 -25.60 -42.53
C ARG B 522 32.20 -24.41 -41.83
N ARG B 523 32.32 -23.27 -42.54
CA ARG B 523 32.89 -22.06 -41.94
C ARG B 523 32.06 -21.65 -40.71
N MET B 524 30.76 -21.90 -40.79
CA MET B 524 29.85 -21.54 -39.71
C MET B 524 30.10 -22.37 -38.46
N MET B 525 30.23 -23.69 -38.64
CA MET B 525 30.63 -24.53 -37.50
C MET B 525 31.90 -24.02 -36.83
N ASP B 526 32.94 -23.85 -37.63
CA ASP B 526 34.21 -23.31 -37.14
C ASP B 526 34.00 -22.01 -36.36
N ASP B 527 33.22 -21.10 -36.92
CA ASP B 527 32.97 -19.84 -36.27
C ASP B 527 32.33 -20.05 -34.90
N MET B 528 31.31 -20.90 -34.84
CA MET B 528 30.65 -21.22 -33.57
C MET B 528 31.62 -21.79 -32.54
N CYS B 529 32.37 -22.82 -32.92
CA CYS B 529 33.31 -23.45 -31.99
C CYS B 529 34.26 -22.43 -31.39
N ASN B 530 34.88 -21.64 -32.25
CA ASN B 530 35.76 -20.56 -31.81
C ASN B 530 35.08 -19.60 -30.84
N ILE B 531 33.98 -19.01 -31.29
CA ILE B 531 33.29 -17.98 -30.51
C ILE B 531 32.83 -18.48 -29.13
N ALA B 532 32.20 -19.64 -29.09
CA ALA B 532 31.67 -20.18 -27.82
C ALA B 532 32.76 -20.46 -26.79
N LEU B 533 33.86 -21.05 -27.25
CA LEU B 533 34.98 -21.38 -26.37
C LEU B 533 35.67 -20.16 -25.76
N LYS B 534 35.34 -18.95 -26.23
CA LYS B 534 35.93 -17.75 -25.66
C LYS B 534 35.41 -17.48 -24.27
N ILE B 535 34.30 -18.09 -23.87
CA ILE B 535 33.74 -17.81 -22.54
C ILE B 535 33.29 -19.04 -21.80
N GLY B 536 33.27 -20.19 -22.47
CA GLY B 536 32.83 -21.40 -21.81
C GLY B 536 33.34 -22.70 -22.41
N GLY B 537 33.05 -23.80 -21.73
CA GLY B 537 33.36 -25.11 -22.26
C GLY B 537 32.07 -25.88 -22.53
N TYR B 538 32.04 -26.61 -23.64
CA TYR B 538 30.87 -27.36 -24.06
C TYR B 538 30.25 -28.19 -22.93
N LEU B 539 28.98 -27.94 -22.65
CA LEU B 539 28.19 -28.72 -21.67
C LEU B 539 27.89 -30.09 -22.27
N PRO B 540 28.30 -31.16 -21.58
CA PRO B 540 28.21 -32.50 -22.15
C PRO B 540 26.81 -32.87 -22.64
N GLY B 541 26.73 -33.35 -23.89
CA GLY B 541 25.47 -33.73 -24.50
C GLY B 541 25.03 -32.66 -25.48
N SER B 542 25.57 -31.46 -25.27
CA SER B 542 25.29 -30.28 -26.08
C SER B 542 26.56 -29.79 -26.75
N GLU B 543 27.31 -30.73 -27.32
CA GLU B 543 28.54 -30.37 -28.04
C GLU B 543 28.22 -29.85 -29.45
N PRO B 544 29.18 -29.18 -30.11
CA PRO B 544 28.98 -28.66 -31.48
C PRO B 544 28.33 -29.67 -32.40
N GLN B 545 27.26 -29.28 -33.10
CA GLN B 545 26.54 -30.23 -33.95
C GLN B 545 25.63 -29.52 -34.95
N PHE B 546 25.40 -30.18 -36.08
CA PHE B 546 24.34 -29.77 -36.97
C PHE B 546 22.99 -30.33 -36.52
N MET B 547 21.95 -29.52 -36.63
CA MET B 547 20.59 -29.99 -36.33
C MET B 547 19.97 -30.57 -37.59
N THR B 548 18.94 -31.39 -37.40
CA THR B 548 18.20 -31.95 -38.53
C THR B 548 17.67 -30.85 -39.45
N PRO B 549 17.88 -31.00 -40.77
CA PRO B 549 17.39 -30.03 -41.74
C PRO B 549 15.92 -29.69 -41.51
N GLY B 550 15.64 -28.39 -41.46
CA GLY B 550 14.28 -27.89 -41.35
C GLY B 550 13.98 -27.48 -39.93
N LEU B 551 14.89 -27.77 -39.02
CA LEU B 551 14.63 -27.54 -37.61
C LEU B 551 14.29 -26.08 -37.32
N ALA B 552 14.94 -25.16 -38.03
CA ALA B 552 14.71 -23.73 -37.82
C ALA B 552 13.31 -23.27 -38.25
N LEU B 553 12.71 -23.95 -39.22
CA LEU B 553 11.32 -23.65 -39.64
C LEU B 553 11.26 -22.28 -40.31
N HIS B 554 12.33 -21.94 -41.01
CA HIS B 554 12.46 -20.69 -41.70
C HIS B 554 12.43 -20.99 -43.19
N LEU B 555 11.89 -22.16 -43.53
CA LEU B 555 11.62 -22.53 -44.92
C LEU B 555 11.04 -21.35 -45.66
N ALA B 556 11.59 -21.03 -46.82
CA ALA B 556 11.15 -19.84 -47.54
C ALA B 556 11.15 -20.11 -49.03
N GLY B 557 10.61 -19.19 -49.81
CA GLY B 557 10.60 -19.32 -51.25
C GLY B 557 9.61 -20.33 -51.85
N THR B 558 8.54 -20.65 -51.13
CA THR B 558 7.55 -21.61 -51.64
C THR B 558 6.52 -20.96 -52.57
N THR B 559 6.28 -19.67 -52.37
CA THR B 559 5.43 -18.89 -53.26
C THR B 559 6.14 -17.57 -53.41
N ARG B 560 7.27 -17.60 -54.10
CA ARG B 560 8.25 -16.52 -54.04
C ARG B 560 7.87 -15.23 -54.80
N CYS B 561 8.25 -14.09 -54.24
CA CYS B 561 7.80 -12.80 -54.78
C CYS B 561 8.91 -11.81 -55.09
N GLY B 562 8.93 -11.32 -56.33
CA GLY B 562 9.95 -10.37 -56.75
C GLY B 562 9.75 -9.79 -58.14
N LEU B 563 10.79 -9.17 -58.68
CA LEU B 563 10.69 -8.42 -59.93
C LEU B 563 10.77 -9.27 -61.19
N ASP B 564 11.32 -10.47 -61.07
CA ASP B 564 11.48 -11.36 -62.22
C ASP B 564 10.29 -12.29 -62.34
N THR B 565 9.34 -11.90 -63.18
CA THR B 565 8.06 -12.54 -63.27
C THR B 565 8.21 -13.99 -63.67
N GLN B 566 9.19 -14.24 -64.52
CA GLN B 566 9.33 -15.56 -65.10
C GLN B 566 9.71 -16.62 -64.06
N LYS B 567 10.45 -16.20 -63.05
CA LYS B 567 10.93 -17.14 -62.04
C LYS B 567 10.20 -17.03 -60.71
N THR B 568 9.24 -16.13 -60.63
CA THR B 568 8.48 -15.99 -59.39
C THR B 568 7.03 -16.47 -59.51
N VAL B 569 6.38 -16.54 -58.35
CA VAL B 569 4.97 -16.89 -58.24
C VAL B 569 4.17 -15.59 -58.17
N GLY B 570 4.84 -14.56 -57.66
CA GLY B 570 4.21 -13.27 -57.47
C GLY B 570 5.15 -12.09 -57.54
N ASN B 571 4.56 -10.92 -57.71
CA ASN B 571 5.30 -9.67 -57.87
C ASN B 571 5.75 -9.13 -56.52
N THR B 572 6.13 -7.85 -56.46
CA THR B 572 6.60 -7.29 -55.20
C THR B 572 5.46 -6.77 -54.32
N HIS B 573 4.22 -7.05 -54.72
CA HIS B 573 3.08 -6.75 -53.86
C HIS B 573 2.45 -8.07 -53.46
N CYS B 574 3.22 -9.14 -53.68
CA CYS B 574 2.77 -10.50 -53.42
C CYS B 574 1.46 -10.86 -54.13
N LYS B 575 1.22 -10.28 -55.29
CA LYS B 575 0.06 -10.64 -56.11
C LYS B 575 0.51 -11.79 -56.98
N VAL B 576 -0.34 -12.80 -57.15
CA VAL B 576 0.03 -13.92 -58.00
C VAL B 576 -0.17 -13.55 -59.45
N HIS B 577 0.86 -13.78 -60.24
CA HIS B 577 0.87 -13.47 -61.66
C HIS B 577 -0.36 -14.01 -62.35
N ASN B 578 -0.97 -13.15 -63.17
CA ASN B 578 -2.18 -13.46 -63.94
C ASN B 578 -3.48 -13.51 -63.12
N PHE B 579 -3.40 -13.19 -61.84
CA PHE B 579 -4.56 -13.20 -60.97
C PHE B 579 -4.72 -11.84 -60.35
N ASN B 580 -5.75 -11.11 -60.78
CA ASN B 580 -5.98 -9.79 -60.23
C ASN B 580 -6.30 -9.76 -58.73
N ASN B 581 -7.07 -10.72 -58.24
CA ASN B 581 -7.52 -10.62 -56.85
C ASN B 581 -6.89 -11.60 -55.83
N LEU B 582 -5.78 -12.23 -56.21
CA LEU B 582 -5.17 -13.28 -55.37
C LEU B 582 -3.77 -12.96 -54.86
N TYR B 583 -3.62 -12.95 -53.53
CA TYR B 583 -2.35 -12.63 -52.87
C TYR B 583 -1.84 -13.75 -51.94
N VAL B 584 -0.51 -13.84 -51.81
CA VAL B 584 0.13 -14.77 -50.89
C VAL B 584 0.77 -14.02 -49.74
N GLY B 585 1.29 -14.77 -48.76
CA GLY B 585 1.84 -14.16 -47.56
C GLY B 585 2.54 -15.20 -46.70
N GLY B 586 3.56 -14.76 -45.98
CA GLY B 586 4.36 -15.66 -45.17
C GLY B 586 5.77 -15.80 -45.73
N ASN B 587 6.57 -16.59 -45.03
CA ASN B 587 7.97 -16.76 -45.40
C ASN B 587 8.16 -17.33 -46.79
N GLY B 588 7.16 -18.03 -47.30
CA GLY B 588 7.21 -18.54 -48.65
C GLY B 588 7.34 -17.49 -49.74
N VAL B 589 7.09 -16.22 -49.42
CA VAL B 589 7.17 -15.21 -50.46
C VAL B 589 8.58 -14.66 -50.59
N ILE B 590 9.43 -14.98 -49.63
CA ILE B 590 10.78 -14.45 -49.63
C ILE B 590 11.61 -15.15 -50.68
N GLU B 591 12.15 -14.37 -51.60
CA GLU B 591 12.80 -14.90 -52.81
C GLU B 591 14.32 -15.14 -52.62
N THR B 592 14.89 -14.61 -51.54
CA THR B 592 16.33 -14.73 -51.29
C THR B 592 16.74 -15.94 -50.43
N GLY B 593 18.04 -16.20 -50.40
CA GLY B 593 18.61 -17.09 -49.41
C GLY B 593 19.11 -16.22 -48.27
N PHE B 594 18.55 -16.41 -47.08
CA PHE B 594 18.85 -15.53 -45.98
C PHE B 594 19.14 -16.32 -44.72
N ALA B 595 19.77 -15.68 -43.74
CA ALA B 595 20.24 -16.38 -42.56
C ALA B 595 19.45 -16.02 -41.32
N ALA B 596 18.85 -14.85 -41.32
CA ALA B 596 18.17 -14.35 -40.14
C ALA B 596 16.72 -14.81 -40.06
N ASN B 597 16.11 -14.63 -38.90
CA ASN B 597 14.73 -15.00 -38.69
C ASN B 597 13.82 -14.15 -39.59
N PRO B 598 12.90 -14.81 -40.30
CA PRO B 598 12.13 -14.26 -41.43
C PRO B 598 10.85 -13.47 -41.09
N THR B 599 10.23 -13.73 -39.94
CA THR B 599 8.95 -13.12 -39.59
C THR B 599 8.86 -11.58 -39.82
N LEU B 600 9.74 -10.81 -39.18
CA LEU B 600 9.73 -9.35 -39.33
C LEU B 600 9.66 -8.90 -40.81
N THR B 601 10.48 -9.55 -41.61
CA THR B 601 10.53 -9.33 -43.03
C THR B 601 9.23 -9.76 -43.73
N SER B 602 8.65 -10.89 -43.33
CA SER B 602 7.39 -11.32 -43.93
C SER B 602 6.22 -10.40 -43.57
N ILE B 603 6.32 -9.77 -42.41
CA ILE B 603 5.39 -8.74 -42.03
C ILE B 603 5.50 -7.52 -42.97
N CYS B 604 6.72 -7.19 -43.40
CA CYS B 604 6.91 -6.11 -44.36
C CYS B 604 6.14 -6.40 -45.63
N TYR B 605 6.20 -7.64 -46.11
CA TYR B 605 5.49 -7.97 -47.32
C TYR B 605 4.00 -7.94 -47.10
N ALA B 606 3.58 -8.16 -45.86
CA ALA B 606 2.16 -8.13 -45.54
C ALA B 606 1.63 -6.70 -45.57
N ILE B 607 2.39 -5.78 -45.01
CA ILE B 607 2.08 -4.37 -45.10
C ILE B 607 1.91 -3.93 -46.55
N ARG B 608 2.92 -4.23 -47.36
CA ARG B 608 2.96 -3.85 -48.75
C ARG B 608 1.80 -4.42 -49.52
N ALA B 609 1.51 -5.70 -49.30
CA ALA B 609 0.44 -6.36 -50.02
C ALA B 609 -0.92 -5.84 -49.55
N SER B 610 -0.98 -5.42 -48.31
CA SER B 610 -2.21 -4.97 -47.74
C SER B 610 -2.54 -3.64 -48.37
N ASN B 611 -1.49 -2.85 -48.62
CA ASN B 611 -1.71 -1.53 -49.22
C ASN B 611 -2.13 -1.63 -50.67
N ASP B 612 -1.59 -2.59 -51.40
CA ASP B 612 -2.07 -2.86 -52.75
C ASP B 612 -3.56 -3.27 -52.76
N ILE B 613 -3.97 -4.06 -51.78
CA ILE B 613 -5.35 -4.54 -51.71
C ILE B 613 -6.26 -3.37 -51.38
N ILE B 614 -5.81 -2.55 -50.44
CA ILE B 614 -6.53 -1.37 -50.05
C ILE B 614 -6.68 -0.42 -51.23
N ALA B 615 -5.61 -0.27 -52.00
CA ALA B 615 -5.61 0.70 -53.10
C ALA B 615 -6.36 0.19 -54.32
N LYS B 616 -6.72 -1.09 -54.32
CA LYS B 616 -7.46 -1.65 -55.44
C LYS B 616 -8.92 -1.86 -55.08
N PHE B 617 -9.18 -2.24 -53.83
CA PHE B 617 -10.52 -2.60 -53.41
C PHE B 617 -10.98 -1.80 -52.20
N GLY B 618 -10.99 -0.47 -52.31
CA GLY B 618 -11.45 0.37 -51.22
C GLY B 618 -12.83 0.95 -51.45
N MET C 2 50.70 -69.38 -33.43
CA MET C 2 51.69 -69.86 -32.46
C MET C 2 52.02 -71.34 -32.69
N PHE C 3 53.05 -71.63 -33.47
CA PHE C 3 53.42 -73.00 -33.82
C PHE C 3 53.88 -73.82 -32.60
N LEU C 4 53.30 -75.02 -32.48
CA LEU C 4 53.53 -75.85 -31.31
C LEU C 4 54.69 -76.81 -31.52
N ASP C 5 55.17 -77.41 -30.43
CA ASP C 5 56.35 -78.26 -30.46
C ASP C 5 56.09 -79.63 -31.08
N THR C 6 54.80 -79.95 -31.26
CA THR C 6 54.34 -81.30 -31.59
C THR C 6 54.82 -81.85 -32.95
N THR C 7 54.57 -83.16 -33.17
CA THR C 7 55.08 -83.93 -34.33
C THR C 7 55.04 -83.22 -35.70
N PRO C 8 56.14 -83.37 -36.48
CA PRO C 8 56.39 -82.66 -37.75
C PRO C 8 55.32 -82.84 -38.85
N PHE C 9 55.41 -82.00 -39.88
CA PHE C 9 54.49 -82.09 -41.02
C PHE C 9 55.12 -82.83 -42.20
N ARG C 10 54.61 -84.03 -42.45
CA ARG C 10 55.09 -84.86 -43.55
C ARG C 10 54.18 -84.75 -44.78
N ALA C 11 54.75 -84.30 -45.89
CA ALA C 11 54.02 -84.16 -47.15
C ALA C 11 54.16 -85.41 -48.02
N ASP C 12 54.78 -86.44 -47.45
CA ASP C 12 54.89 -87.74 -48.12
C ASP C 12 53.97 -88.77 -47.45
N GLU C 13 54.06 -88.87 -46.13
CA GLU C 13 53.31 -89.87 -45.37
C GLU C 13 51.81 -89.62 -45.44
N PRO C 14 51.04 -90.71 -45.58
CA PRO C 14 49.60 -90.56 -45.39
C PRO C 14 49.33 -90.57 -43.90
N TYR C 15 48.95 -89.42 -43.34
CA TYR C 15 48.51 -89.36 -41.95
C TYR C 15 47.32 -90.28 -41.82
N ASP C 16 47.00 -90.71 -40.61
CA ASP C 16 45.89 -91.63 -40.46
C ASP C 16 44.59 -90.85 -40.49
N VAL C 17 44.58 -89.72 -39.79
CA VAL C 17 43.39 -88.88 -39.72
C VAL C 17 43.75 -87.40 -39.80
N PHE C 18 43.03 -86.68 -40.66
CA PHE C 18 43.14 -85.23 -40.75
C PHE C 18 41.96 -84.61 -40.04
N ILE C 19 42.22 -83.56 -39.26
CA ILE C 19 41.15 -82.84 -38.55
C ILE C 19 41.14 -81.32 -38.83
N ALA C 20 39.96 -80.81 -39.15
CA ALA C 20 39.73 -79.36 -39.25
C ALA C 20 38.95 -78.87 -38.03
N GLY C 21 39.60 -78.03 -37.23
CA GLY C 21 38.96 -77.44 -36.07
C GLY C 21 39.48 -77.98 -34.76
N SER C 22 39.97 -77.09 -33.91
CA SER C 22 40.53 -77.47 -32.63
C SER C 22 39.61 -77.10 -31.45
N GLY C 23 38.30 -77.17 -31.66
CA GLY C 23 37.34 -77.00 -30.58
C GLY C 23 37.27 -78.32 -29.84
N PRO C 24 36.30 -78.45 -28.92
CA PRO C 24 36.19 -79.67 -28.10
C PRO C 24 35.89 -80.91 -28.91
N ILE C 25 34.99 -80.82 -29.88
CA ILE C 25 34.72 -81.96 -30.75
C ILE C 25 36.00 -82.36 -31.50
N GLY C 26 36.71 -81.37 -32.03
CA GLY C 26 37.91 -81.63 -32.79
C GLY C 26 38.98 -82.25 -31.91
N ALA C 27 39.00 -81.85 -30.65
CA ALA C 27 40.02 -82.30 -29.73
C ALA C 27 39.73 -83.74 -29.32
N THR C 28 38.45 -84.11 -29.36
CA THR C 28 37.97 -85.44 -28.96
C THR C 28 38.35 -86.50 -29.99
N PHE C 29 38.28 -86.13 -31.26
CA PHE C 29 38.73 -87.00 -32.32
C PHE C 29 40.22 -87.25 -32.15
N ALA C 30 40.95 -86.16 -31.98
CA ALA C 30 42.40 -86.21 -31.79
C ALA C 30 42.84 -87.05 -30.59
N LYS C 31 42.00 -87.11 -29.55
CA LYS C 31 42.31 -87.89 -28.36
C LYS C 31 42.06 -89.37 -28.65
N LEU C 32 40.79 -89.73 -28.86
CA LEU C 32 40.39 -91.10 -29.13
C LEU C 32 41.17 -91.75 -30.27
N CYS C 33 41.61 -90.95 -31.23
CA CYS C 33 42.37 -91.51 -32.36
C CYS C 33 43.87 -91.66 -32.08
N VAL C 34 44.50 -90.65 -31.49
CA VAL C 34 45.91 -90.77 -31.09
C VAL C 34 46.05 -91.87 -30.05
N ASP C 35 45.06 -91.98 -29.18
CA ASP C 35 45.00 -93.09 -28.22
C ASP C 35 45.09 -94.43 -28.94
N ALA C 36 44.33 -94.60 -30.01
CA ALA C 36 44.34 -95.86 -30.74
C ALA C 36 45.47 -95.93 -31.76
N ASN C 37 46.58 -95.27 -31.43
CA ASN C 37 47.84 -95.33 -32.17
C ASN C 37 47.86 -94.68 -33.55
N LEU C 38 46.96 -93.74 -33.82
CA LEU C 38 46.91 -93.11 -35.13
C LEU C 38 47.63 -91.77 -35.14
N ARG C 39 48.38 -91.51 -36.22
CA ARG C 39 49.01 -90.21 -36.42
C ARG C 39 47.96 -89.23 -36.96
N VAL C 40 47.86 -88.07 -36.31
CA VAL C 40 46.78 -87.15 -36.61
C VAL C 40 47.30 -85.74 -36.85
N CYS C 41 46.83 -85.09 -37.92
CA CYS C 41 47.14 -83.69 -38.16
C CYS C 41 45.94 -82.78 -37.88
N MET C 42 46.16 -81.82 -37.01
CA MET C 42 45.12 -80.88 -36.67
C MET C 42 45.46 -79.48 -37.21
N VAL C 43 44.52 -78.95 -37.98
CA VAL C 43 44.64 -77.58 -38.46
C VAL C 43 43.56 -76.69 -37.84
N GLU C 44 44.00 -75.57 -37.27
CA GLU C 44 43.12 -74.61 -36.63
C GLU C 44 43.27 -73.27 -37.34
N ILE C 45 42.15 -72.60 -37.60
CA ILE C 45 42.19 -71.35 -38.37
C ILE C 45 42.63 -70.17 -37.50
N GLY C 46 42.43 -70.30 -36.20
CA GLY C 46 42.75 -69.24 -35.27
C GLY C 46 44.09 -69.44 -34.58
N ALA C 47 44.46 -68.50 -33.72
CA ALA C 47 45.69 -68.57 -32.97
C ALA C 47 45.49 -69.39 -31.70
N ALA C 48 46.57 -69.52 -30.92
CA ALA C 48 46.54 -70.19 -29.64
C ALA C 48 46.50 -69.11 -28.55
N ASP C 49 45.29 -68.73 -28.14
CA ASP C 49 45.05 -67.70 -27.12
C ASP C 49 45.31 -67.97 -25.68
N SER C 50 44.91 -69.14 -25.23
CA SER C 50 45.07 -69.44 -23.83
C SER C 50 45.71 -70.77 -23.55
N PHE C 51 46.61 -70.79 -22.59
CA PHE C 51 47.35 -72.01 -22.26
C PHE C 51 47.40 -72.26 -20.78
N THR C 52 47.61 -73.51 -20.42
CA THR C 52 47.92 -73.89 -19.06
C THR C 52 49.08 -74.88 -19.07
N SER C 53 49.61 -75.19 -17.89
CA SER C 53 50.78 -76.08 -17.80
C SER C 53 50.49 -77.39 -17.10
N LYS C 54 50.62 -78.49 -17.83
CA LYS C 54 50.52 -79.83 -17.25
C LYS C 54 51.81 -80.64 -17.50
N PRO C 55 52.53 -80.95 -16.41
CA PRO C 55 53.79 -81.70 -16.37
C PRO C 55 53.77 -82.93 -17.25
N MET C 56 54.91 -83.32 -17.81
CA MET C 56 54.95 -84.48 -18.71
C MET C 56 55.17 -85.81 -17.99
N LYS C 57 54.71 -86.90 -18.61
CA LYS C 57 54.72 -88.23 -18.01
C LYS C 57 56.12 -88.68 -17.55
N GLY C 71 59.51 -79.62 -15.63
CA GLY C 71 59.27 -80.37 -16.85
C GLY C 71 57.88 -80.07 -17.38
N GLN C 72 57.56 -78.79 -17.39
CA GLN C 72 56.21 -78.30 -17.69
C GLN C 72 55.96 -78.13 -19.19
N VAL C 73 54.83 -78.65 -19.65
CA VAL C 73 54.43 -78.55 -21.06
C VAL C 73 53.26 -77.56 -21.24
N PRO C 74 53.36 -76.65 -22.24
CA PRO C 74 52.21 -75.77 -22.49
C PRO C 74 51.06 -76.50 -23.18
N ILE C 75 49.84 -76.24 -22.73
CA ILE C 75 48.65 -76.82 -23.33
C ILE C 75 47.74 -75.73 -23.86
N PRO C 76 47.42 -75.78 -25.16
CA PRO C 76 46.46 -74.83 -25.73
C PRO C 76 45.05 -75.25 -25.35
N GLY C 77 44.10 -74.33 -25.49
CA GLY C 77 42.70 -74.65 -25.27
C GLY C 77 42.24 -74.48 -23.82
N TYR C 78 42.97 -73.66 -23.08
CA TYR C 78 42.64 -73.36 -21.69
C TYR C 78 41.49 -72.36 -21.63
N HIS C 79 40.45 -72.70 -20.86
CA HIS C 79 39.32 -71.79 -20.64
C HIS C 79 39.82 -70.46 -20.08
N LYS C 80 39.53 -69.37 -20.79
CA LYS C 80 40.09 -68.05 -20.49
C LYS C 80 39.60 -67.48 -19.15
N LYS C 81 38.55 -68.07 -18.60
CA LYS C 81 37.96 -67.61 -17.36
C LYS C 81 38.77 -68.08 -16.14
N ASN C 82 39.63 -69.07 -16.36
CA ASN C 82 40.44 -69.62 -15.27
C ASN C 82 41.52 -68.70 -14.71
N GLU C 83 41.95 -67.71 -15.48
CA GLU C 83 42.88 -66.72 -14.94
C GLU C 83 42.24 -66.07 -13.73
N ILE C 84 43.07 -65.74 -12.76
CA ILE C 84 42.64 -65.21 -11.48
C ILE C 84 41.89 -63.88 -11.64
N GLU C 85 42.10 -63.23 -12.78
CA GLU C 85 41.45 -61.96 -13.05
C GLU C 85 39.94 -62.14 -13.13
N TYR C 86 39.50 -63.09 -13.96
CA TYR C 86 38.09 -63.38 -14.19
C TYR C 86 37.48 -64.30 -13.12
N GLN C 87 38.10 -64.31 -11.94
CA GLN C 87 37.62 -65.08 -10.81
C GLN C 87 37.52 -64.14 -9.65
N LYS C 88 38.31 -63.07 -9.71
CA LYS C 88 38.30 -62.02 -8.69
C LYS C 88 37.39 -60.92 -9.16
N ASP C 89 36.89 -61.11 -10.38
CA ASP C 89 36.04 -60.12 -11.01
C ASP C 89 35.35 -60.76 -12.20
N ILE C 90 34.24 -61.45 -11.95
CA ILE C 90 33.58 -62.17 -13.03
C ILE C 90 32.91 -61.24 -14.06
N ASP C 91 32.58 -60.03 -13.66
CA ASP C 91 31.87 -59.08 -14.46
C ASP C 91 32.64 -58.80 -15.73
N ARG C 92 33.95 -58.71 -15.60
CA ARG C 92 34.85 -58.34 -16.67
C ARG C 92 34.84 -59.32 -17.82
N PHE C 93 34.46 -60.54 -17.58
CA PHE C 93 34.53 -61.55 -18.61
C PHE C 93 33.69 -61.39 -19.86
N VAL C 94 32.61 -60.61 -19.80
CA VAL C 94 31.78 -60.48 -20.99
C VAL C 94 32.57 -59.77 -22.08
N ASN C 95 33.48 -58.87 -21.67
CA ASN C 95 34.42 -58.24 -22.60
C ASN C 95 35.21 -59.27 -23.40
N VAL C 96 35.63 -60.35 -22.74
CA VAL C 96 36.34 -61.43 -23.43
C VAL C 96 35.42 -62.14 -24.43
N ILE C 97 34.19 -62.41 -23.99
CA ILE C 97 33.21 -63.07 -24.85
C ILE C 97 32.86 -62.21 -26.07
N LYS C 98 32.64 -60.92 -25.85
CA LYS C 98 32.32 -60.06 -26.98
C LYS C 98 33.52 -59.92 -27.93
N GLY C 99 34.70 -59.76 -27.36
CA GLY C 99 35.91 -59.69 -28.16
C GLY C 99 36.16 -60.94 -28.99
N ALA C 100 35.65 -62.08 -28.53
CA ALA C 100 35.86 -63.34 -29.22
C ALA C 100 34.88 -63.61 -30.35
N LEU C 101 33.63 -63.20 -30.17
CA LEU C 101 32.59 -63.56 -31.15
C LEU C 101 32.62 -62.74 -32.43
N SER C 102 32.42 -63.42 -33.54
CA SER C 102 32.40 -62.82 -34.86
C SER C 102 31.08 -63.19 -35.50
N THR C 103 30.28 -62.17 -35.81
CA THR C 103 28.93 -62.41 -36.29
C THR C 103 28.95 -63.04 -37.68
N CYS C 104 28.19 -64.12 -37.84
CA CYS C 104 28.11 -64.85 -39.10
C CYS C 104 27.52 -64.06 -40.27
N SER C 105 26.27 -63.61 -40.10
CA SER C 105 25.52 -62.95 -41.18
C SER C 105 24.95 -61.59 -40.79
N ILE C 106 25.56 -60.53 -41.31
CA ILE C 106 25.08 -59.18 -41.04
C ILE C 106 24.49 -58.56 -42.30
N PRO C 107 23.18 -58.26 -42.28
CA PRO C 107 22.54 -57.68 -43.48
C PRO C 107 22.92 -56.22 -43.76
N THR C 108 22.92 -55.87 -45.04
CA THR C 108 23.25 -54.52 -45.47
C THR C 108 22.13 -53.56 -45.10
N SER C 109 22.39 -52.28 -45.27
CA SER C 109 21.43 -51.24 -44.90
C SER C 109 21.90 -49.92 -45.51
N ASN C 110 20.99 -48.95 -45.66
CA ASN C 110 21.37 -47.62 -46.14
C ASN C 110 20.64 -46.52 -45.36
N ASN C 111 20.94 -46.44 -44.07
CA ASN C 111 20.28 -45.48 -43.20
C ASN C 111 20.82 -44.06 -43.32
N HIS C 112 19.90 -43.12 -43.36
CA HIS C 112 20.24 -41.71 -43.59
C HIS C 112 20.72 -41.10 -42.27
N ILE C 113 21.95 -40.59 -42.25
CA ILE C 113 22.42 -39.84 -41.10
C ILE C 113 22.03 -38.41 -41.40
N ALA C 114 21.29 -37.82 -40.49
CA ALA C 114 20.54 -36.63 -40.81
C ALA C 114 21.23 -35.44 -40.22
N THR C 115 22.18 -35.70 -39.32
CA THR C 115 22.91 -34.59 -38.73
C THR C 115 24.41 -34.60 -39.12
N LEU C 116 24.74 -35.21 -40.26
CA LEU C 116 26.09 -35.09 -40.80
C LEU C 116 26.39 -33.66 -41.22
N ASP C 117 27.60 -33.24 -41.01
CA ASP C 117 28.08 -32.04 -41.58
C ASP C 117 27.84 -32.19 -43.08
N PRO C 118 27.24 -31.19 -43.68
CA PRO C 118 26.86 -31.31 -45.09
C PRO C 118 28.06 -31.42 -46.04
N SER C 119 29.26 -31.10 -45.54
CA SER C 119 30.46 -31.16 -46.41
C SER C 119 31.12 -32.52 -46.48
N VAL C 120 30.80 -33.38 -45.51
CA VAL C 120 31.46 -34.67 -45.39
C VAL C 120 30.93 -35.72 -46.35
N VAL C 121 31.66 -36.82 -46.45
CA VAL C 121 31.29 -37.95 -47.29
C VAL C 121 29.99 -38.56 -46.78
N SER C 122 29.09 -38.92 -47.69
CA SER C 122 27.77 -39.39 -47.28
C SER C 122 27.26 -40.48 -48.19
N ASN C 123 26.45 -41.38 -47.62
CA ASN C 123 25.69 -42.32 -48.44
C ASN C 123 24.54 -41.56 -49.10
N SER C 124 23.92 -42.13 -50.12
CA SER C 124 22.75 -41.50 -50.73
C SER C 124 21.73 -42.58 -51.07
N LEU C 125 20.60 -42.19 -51.65
CA LEU C 125 19.55 -43.15 -52.00
C LEU C 125 20.00 -44.22 -52.99
N ASP C 126 20.66 -43.80 -54.06
CA ASP C 126 21.07 -44.76 -55.06
C ASP C 126 22.57 -44.95 -55.13
N LYS C 127 23.28 -44.37 -54.17
CA LYS C 127 24.71 -44.65 -54.06
C LYS C 127 25.13 -44.78 -52.58
N PRO C 128 24.78 -45.93 -51.96
CA PRO C 128 25.07 -46.31 -50.57
C PRO C 128 26.50 -46.74 -50.35
N PHE C 129 26.92 -46.81 -49.09
CA PHE C 129 28.24 -47.32 -48.76
C PHE C 129 28.37 -48.78 -49.11
N ILE C 130 29.54 -49.16 -49.60
CA ILE C 130 29.85 -50.58 -49.70
C ILE C 130 30.71 -50.93 -48.49
N SER C 131 30.15 -51.76 -47.62
CA SER C 131 30.81 -52.11 -46.38
C SER C 131 31.31 -53.54 -46.42
N LEU C 132 32.63 -53.71 -46.26
CA LEU C 132 33.26 -55.00 -46.06
C LEU C 132 32.53 -55.84 -45.00
N GLY C 133 32.07 -57.04 -45.38
CA GLY C 133 31.54 -57.95 -44.39
C GLY C 133 30.03 -57.95 -44.12
N LYS C 134 29.31 -56.99 -44.69
CA LYS C 134 27.87 -57.11 -44.70
C LYS C 134 27.49 -58.07 -45.82
N ASN C 135 26.50 -58.92 -45.56
CA ASN C 135 26.03 -59.87 -46.57
C ASN C 135 24.76 -59.34 -47.24
N PRO C 136 24.86 -58.98 -48.53
CA PRO C 136 23.76 -58.35 -49.27
C PRO C 136 22.62 -59.31 -49.57
N ALA C 137 22.85 -60.61 -49.38
CA ALA C 137 21.85 -61.64 -49.66
C ALA C 137 20.98 -61.93 -48.44
N GLN C 138 21.36 -61.40 -47.29
CA GLN C 138 20.63 -61.70 -46.07
C GLN C 138 19.32 -60.93 -45.93
N ASN C 139 18.22 -61.66 -45.90
CA ASN C 139 16.95 -61.10 -45.47
C ASN C 139 16.99 -61.01 -43.94
N PRO C 140 16.94 -59.77 -43.42
CA PRO C 140 17.04 -59.60 -41.97
C PRO C 140 15.87 -60.24 -41.22
N PHE C 141 14.74 -60.46 -41.90
CA PHE C 141 13.57 -61.10 -41.27
C PHE C 141 13.70 -62.61 -41.10
N VAL C 142 14.63 -63.25 -41.79
CA VAL C 142 14.73 -64.70 -41.72
C VAL C 142 16.12 -65.08 -41.23
N ASN C 143 16.67 -64.22 -40.40
CA ASN C 143 18.05 -64.33 -39.98
C ASN C 143 18.19 -64.92 -38.58
N LEU C 144 19.41 -65.36 -38.28
CA LEU C 144 19.83 -65.63 -36.92
C LEU C 144 20.88 -64.55 -36.65
N GLY C 145 20.42 -63.33 -36.39
CA GLY C 145 21.31 -62.18 -36.32
C GLY C 145 22.37 -62.21 -35.24
N ALA C 146 22.26 -63.15 -34.30
CA ALA C 146 23.24 -63.19 -33.22
C ALA C 146 24.09 -64.42 -33.35
N GLU C 147 23.90 -65.14 -34.44
CA GLU C 147 24.69 -66.32 -34.71
C GLU C 147 26.12 -65.87 -34.99
N ALA C 148 27.05 -66.45 -34.26
CA ALA C 148 28.44 -66.03 -34.32
C ALA C 148 29.37 -67.23 -34.13
N VAL C 149 30.62 -67.08 -34.58
CA VAL C 149 31.64 -68.11 -34.43
C VAL C 149 32.80 -67.56 -33.60
N THR C 150 33.63 -68.46 -33.12
CA THR C 150 34.82 -68.10 -32.35
C THR C 150 36.00 -68.84 -32.93
N ARG C 151 37.09 -68.13 -33.18
CA ARG C 151 38.28 -68.74 -33.76
C ARG C 151 39.47 -68.76 -32.82
N GLY C 152 40.08 -69.93 -32.73
CA GLY C 152 41.20 -70.13 -31.83
C GLY C 152 41.26 -71.59 -31.44
N VAL C 153 42.35 -71.98 -30.78
CA VAL C 153 42.45 -73.34 -30.31
C VAL C 153 41.53 -73.49 -29.11
N GLY C 154 40.66 -74.49 -29.18
CA GLY C 154 39.62 -74.67 -28.18
C GLY C 154 38.29 -74.18 -28.71
N GLY C 155 38.36 -73.26 -29.68
CA GLY C 155 37.16 -72.71 -30.29
C GLY C 155 36.30 -72.03 -29.24
N MET C 156 35.04 -72.46 -29.13
CA MET C 156 34.13 -71.81 -28.19
C MET C 156 34.36 -72.27 -26.73
N SER C 157 34.97 -73.44 -26.55
CA SER C 157 35.23 -73.97 -25.22
C SER C 157 36.18 -73.13 -24.39
N THR C 158 36.70 -72.05 -24.94
CA THR C 158 37.61 -71.21 -24.17
C THR C 158 36.85 -70.04 -23.57
N ALA C 159 35.53 -70.05 -23.77
CA ALA C 159 34.64 -69.07 -23.17
C ALA C 159 33.32 -69.66 -22.65
N TRP C 160 33.09 -70.94 -22.95
CA TRP C 160 31.76 -71.51 -22.73
C TRP C 160 31.29 -71.50 -21.27
N THR C 161 29.98 -71.66 -21.08
CA THR C 161 29.39 -71.63 -19.75
C THR C 161 29.49 -73.02 -19.06
N CYS C 162 29.73 -74.04 -19.86
CA CYS C 162 30.11 -75.39 -19.40
C CYS C 162 28.94 -76.25 -18.95
N ALA C 163 27.71 -75.79 -19.18
CA ALA C 163 26.56 -76.62 -18.85
C ALA C 163 26.54 -77.83 -19.75
N THR C 164 26.40 -79.02 -19.16
CA THR C 164 26.36 -80.22 -19.96
C THR C 164 25.21 -81.11 -19.52
N PRO C 165 23.97 -80.74 -19.86
CA PRO C 165 22.89 -81.66 -19.47
C PRO C 165 22.79 -82.77 -20.50
N GLU C 166 22.11 -83.87 -20.16
CA GLU C 166 21.75 -84.86 -21.17
C GLU C 166 20.54 -84.37 -21.93
N PHE C 167 20.35 -84.87 -23.15
CA PHE C 167 19.12 -84.56 -23.87
C PHE C 167 18.04 -85.53 -23.44
N PHE C 168 16.81 -85.05 -23.47
CA PHE C 168 15.66 -85.81 -23.01
C PHE C 168 15.31 -87.00 -23.90
N ALA C 169 15.10 -88.14 -23.27
CA ALA C 169 14.54 -89.29 -23.97
C ALA C 169 13.21 -89.63 -23.31
N PRO C 170 12.12 -89.61 -24.10
CA PRO C 170 10.76 -89.84 -23.60
C PRO C 170 10.50 -91.32 -23.38
N ALA C 171 9.63 -91.68 -22.43
CA ALA C 171 9.40 -93.09 -22.09
C ALA C 171 8.87 -93.93 -23.26
N ASP C 172 8.08 -93.32 -24.12
CA ASP C 172 7.69 -93.95 -25.38
C ASP C 172 8.81 -93.71 -26.37
N PHE C 173 8.89 -94.55 -27.39
CA PHE C 173 10.03 -94.53 -28.30
C PHE C 173 9.52 -93.99 -29.62
N ASN C 174 8.20 -93.89 -29.72
CA ASN C 174 7.56 -93.29 -30.88
C ASN C 174 6.63 -92.13 -30.50
N ALA C 175 6.89 -91.55 -29.33
CA ALA C 175 6.23 -90.31 -28.95
C ALA C 175 6.75 -89.23 -29.90
N PRO C 176 5.83 -88.39 -30.42
CA PRO C 176 6.06 -87.37 -31.45
C PRO C 176 7.38 -86.60 -31.27
N HIS C 177 7.70 -86.21 -30.04
CA HIS C 177 8.92 -85.44 -29.84
C HIS C 177 9.96 -86.04 -28.88
N ARG C 178 11.23 -85.88 -29.25
CA ARG C 178 12.34 -86.19 -28.37
C ARG C 178 13.47 -85.19 -28.58
N GLU C 179 14.15 -84.84 -27.51
CA GLU C 179 15.43 -84.15 -27.63
C GLU C 179 16.48 -85.10 -28.20
N ARG C 180 16.65 -86.27 -27.57
CA ARG C 180 17.70 -87.21 -27.93
C ARG C 180 17.47 -87.97 -29.24
N PRO C 181 18.39 -87.82 -30.21
CA PRO C 181 18.27 -88.47 -31.52
C PRO C 181 18.29 -90.01 -31.45
N LYS C 182 17.50 -90.62 -32.33
CA LYS C 182 17.52 -92.06 -32.52
C LYS C 182 18.81 -92.55 -33.17
N LEU C 183 19.44 -93.52 -32.52
CA LEU C 183 20.69 -94.12 -33.00
C LEU C 183 20.48 -95.59 -33.37
N SER C 184 19.22 -96.01 -33.37
CA SER C 184 18.82 -97.36 -33.72
C SER C 184 17.30 -97.35 -33.82
N THR C 185 16.73 -98.45 -34.29
CA THR C 185 15.28 -98.60 -34.21
C THR C 185 14.98 -99.53 -33.05
N ASP C 186 16.04 -99.95 -32.36
CA ASP C 186 15.85 -100.75 -31.18
C ASP C 186 15.91 -99.93 -29.91
N ALA C 187 14.75 -99.83 -29.26
CA ALA C 187 14.61 -99.12 -28.00
C ALA C 187 15.71 -99.50 -27.01
N ALA C 188 15.86 -100.79 -26.75
CA ALA C 188 16.81 -101.25 -25.75
C ALA C 188 18.25 -100.86 -26.10
N GLU C 189 18.58 -100.99 -27.38
CA GLU C 189 19.94 -100.73 -27.84
C GLU C 189 20.28 -99.23 -27.86
N ASP C 190 19.33 -98.39 -28.26
CA ASP C 190 19.53 -96.95 -28.22
C ASP C 190 19.98 -96.56 -26.82
N ALA C 191 19.17 -96.91 -25.82
CA ALA C 191 19.45 -96.50 -24.45
C ALA C 191 20.85 -96.91 -24.02
N ARG C 192 21.26 -98.11 -24.42
CA ARG C 192 22.54 -98.68 -24.03
C ARG C 192 23.74 -97.90 -24.58
N ILE C 193 23.69 -97.58 -25.88
CA ILE C 193 24.79 -96.85 -26.51
C ILE C 193 24.99 -95.45 -25.90
N TRP C 194 23.91 -94.66 -25.90
CA TRP C 194 23.89 -93.34 -25.28
C TRP C 194 24.38 -93.36 -23.83
N LYS C 195 24.02 -94.43 -23.12
CA LYS C 195 24.33 -94.54 -21.71
C LYS C 195 25.83 -94.57 -21.50
N ASP C 196 26.49 -95.33 -22.35
CA ASP C 196 27.93 -95.48 -22.26
C ASP C 196 28.61 -94.32 -22.98
N LEU C 197 27.95 -93.80 -24.02
CA LEU C 197 28.44 -92.58 -24.70
C LEU C 197 28.37 -91.38 -23.76
N TYR C 198 27.25 -91.25 -23.05
CA TYR C 198 27.13 -90.17 -22.07
C TYR C 198 28.17 -90.24 -20.95
N ALA C 199 28.34 -91.44 -20.37
CA ALA C 199 29.31 -91.67 -19.30
C ALA C 199 30.72 -91.40 -19.79
N GLN C 200 31.01 -91.81 -21.02
CA GLN C 200 32.32 -91.57 -21.57
C GLN C 200 32.49 -90.06 -21.76
N ALA C 201 31.50 -89.44 -22.40
CA ALA C 201 31.52 -88.01 -22.68
C ALA C 201 31.64 -87.19 -21.40
N LYS C 202 30.84 -87.57 -20.40
CA LYS C 202 30.85 -86.89 -19.12
C LYS C 202 32.25 -86.83 -18.53
N GLU C 203 33.02 -87.89 -18.76
CA GLU C 203 34.38 -87.97 -18.26
C GLU C 203 35.41 -87.15 -19.06
N ILE C 204 35.33 -87.19 -20.38
CA ILE C 204 36.21 -86.39 -21.20
C ILE C 204 36.22 -84.91 -20.77
N ILE C 205 35.03 -84.34 -20.65
CA ILE C 205 34.90 -82.95 -20.35
C ILE C 205 34.81 -82.69 -18.85
N GLY C 206 34.24 -83.63 -18.13
CA GLY C 206 34.24 -83.58 -16.69
C GLY C 206 33.07 -82.93 -16.02
N THR C 207 31.89 -83.38 -16.37
CA THR C 207 30.67 -83.03 -15.74
C THR C 207 30.53 -83.41 -14.30
N SER C 208 30.25 -82.41 -13.47
CA SER C 208 29.96 -82.59 -12.05
C SER C 208 28.76 -81.75 -11.61
N THR C 209 27.81 -82.38 -10.93
CA THR C 209 26.69 -81.66 -10.36
C THR C 209 26.90 -81.28 -8.90
N THR C 210 28.15 -81.25 -8.43
CA THR C 210 28.39 -81.10 -7.00
C THR C 210 29.24 -79.89 -6.68
N GLU C 211 29.73 -79.21 -7.70
CA GLU C 211 30.68 -78.12 -7.52
C GLU C 211 30.10 -76.84 -6.91
N PHE C 212 28.79 -76.84 -6.68
CA PHE C 212 28.15 -75.72 -5.99
C PHE C 212 27.37 -76.13 -4.76
N ASP C 213 27.69 -77.30 -4.21
CA ASP C 213 26.97 -77.82 -3.05
C ASP C 213 27.29 -77.08 -1.76
N HIS C 214 28.25 -76.17 -1.79
CA HIS C 214 28.57 -75.35 -0.62
C HIS C 214 28.42 -73.85 -0.90
N SER C 215 27.64 -73.49 -1.91
CA SER C 215 27.22 -72.11 -2.07
C SER C 215 25.95 -71.83 -1.28
N ILE C 216 25.99 -70.79 -0.47
CA ILE C 216 24.79 -70.29 0.17
C ILE C 216 23.71 -69.92 -0.83
N ARG C 217 24.08 -69.11 -1.83
CA ARG C 217 23.18 -68.68 -2.89
C ARG C 217 22.57 -69.85 -3.67
N HIS C 218 23.40 -70.80 -4.08
CA HIS C 218 22.90 -71.96 -4.81
C HIS C 218 21.91 -72.78 -3.97
N ASN C 219 22.23 -72.99 -2.70
CA ASN C 219 21.34 -73.77 -1.84
C ASN C 219 20.03 -73.05 -1.51
N LEU C 220 20.10 -71.73 -1.34
CA LEU C 220 18.92 -70.91 -1.11
C LEU C 220 17.93 -71.04 -2.26
N VAL C 221 18.39 -70.77 -3.45
CA VAL C 221 17.54 -70.85 -4.63
C VAL C 221 17.05 -72.28 -4.87
N LEU C 222 17.95 -73.26 -4.77
CA LEU C 222 17.58 -74.64 -5.08
C LEU C 222 16.48 -75.13 -4.15
N ARG C 223 16.71 -74.94 -2.86
CA ARG C 223 15.85 -75.54 -1.86
C ARG C 223 14.53 -74.82 -1.77
N LYS C 224 14.59 -73.50 -1.83
CA LYS C 224 13.39 -72.71 -1.70
C LYS C 224 12.45 -73.04 -2.84
N TYR C 225 13.01 -73.11 -4.05
CA TYR C 225 12.20 -73.35 -5.23
C TYR C 225 11.54 -74.70 -5.12
N ASN C 226 12.32 -75.71 -4.75
CA ASN C 226 11.81 -77.06 -4.55
C ASN C 226 10.71 -77.08 -3.48
N ASP C 227 10.96 -76.44 -2.35
CA ASP C 227 9.96 -76.27 -1.30
C ASP C 227 8.65 -75.65 -1.79
N ILE C 228 8.77 -74.46 -2.36
CA ILE C 228 7.65 -73.75 -2.94
C ILE C 228 6.94 -74.62 -3.94
N PHE C 229 7.69 -75.21 -4.85
CA PHE C 229 7.04 -75.97 -5.90
C PHE C 229 6.56 -77.36 -5.49
N GLN C 230 6.80 -77.75 -4.24
CA GLN C 230 6.18 -78.97 -3.73
C GLN C 230 4.77 -78.64 -3.22
N LYS C 231 4.47 -77.35 -3.11
CA LYS C 231 3.18 -76.89 -2.61
C LYS C 231 2.21 -76.53 -3.74
N GLU C 232 2.71 -76.52 -4.96
CA GLU C 232 2.01 -75.94 -6.09
C GLU C 232 1.16 -76.93 -6.84
N ASN C 233 0.29 -76.44 -7.68
CA ASN C 233 -0.64 -77.26 -8.41
C ASN C 233 -0.01 -78.25 -9.36
N VAL C 234 0.91 -77.77 -10.17
CA VAL C 234 1.71 -78.65 -11.00
C VAL C 234 3.08 -78.55 -10.40
N ILE C 235 3.60 -79.67 -9.99
CA ILE C 235 4.89 -79.65 -9.32
C ILE C 235 6.03 -79.64 -10.35
N ARG C 236 7.16 -79.03 -9.99
CA ARG C 236 8.33 -78.96 -10.88
C ARG C 236 9.56 -79.27 -10.06
N GLU C 237 10.51 -79.99 -10.64
CA GLU C 237 11.68 -80.42 -9.86
C GLU C 237 12.92 -79.64 -10.26
N PHE C 238 13.60 -79.09 -9.26
CA PHE C 238 14.79 -78.27 -9.50
C PHE C 238 16.03 -79.07 -9.10
N SER C 239 17.08 -78.98 -9.90
CA SER C 239 18.31 -79.72 -9.63
C SER C 239 19.54 -78.89 -9.91
N PRO C 240 20.69 -79.31 -9.35
CA PRO C 240 21.92 -78.63 -9.72
C PRO C 240 22.20 -78.79 -11.23
N LEU C 241 22.47 -77.67 -11.88
CA LEU C 241 22.85 -77.68 -13.28
C LEU C 241 24.20 -78.42 -13.45
N PRO C 242 24.21 -79.48 -14.28
CA PRO C 242 25.42 -80.29 -14.49
C PRO C 242 26.48 -79.46 -15.20
N LEU C 243 27.58 -79.17 -14.51
CA LEU C 243 28.62 -78.30 -15.05
C LEU C 243 29.96 -79.02 -15.33
N ALA C 244 30.55 -78.74 -16.49
CA ALA C 244 31.85 -79.29 -16.84
C ALA C 244 32.98 -78.50 -16.16
N CYS C 245 33.13 -78.70 -14.86
CA CYS C 245 34.11 -77.96 -14.07
C CYS C 245 34.45 -78.69 -12.77
N HIS C 246 35.31 -78.08 -11.97
CA HIS C 246 35.56 -78.57 -10.62
C HIS C 246 36.07 -77.44 -9.75
N ARG C 247 35.66 -77.42 -8.50
CA ARG C 247 36.09 -76.36 -7.60
C ARG C 247 37.49 -76.69 -7.15
N LEU C 248 38.33 -75.67 -7.17
CA LEU C 248 39.73 -75.81 -6.80
C LEU C 248 39.83 -75.92 -5.28
N THR C 249 40.98 -76.38 -4.79
CA THR C 249 41.20 -76.63 -3.36
C THR C 249 41.01 -75.36 -2.52
N ASP C 250 41.30 -74.22 -3.13
CA ASP C 250 40.81 -72.96 -2.63
C ASP C 250 39.38 -72.83 -3.17
N PRO C 251 38.40 -72.56 -2.29
CA PRO C 251 37.00 -72.54 -2.74
C PRO C 251 36.55 -71.26 -3.47
N ASP C 252 37.39 -70.21 -3.47
CA ASP C 252 37.11 -69.00 -4.23
C ASP C 252 37.34 -69.21 -5.72
N TYR C 253 38.15 -70.21 -6.04
CA TYR C 253 38.55 -70.42 -7.43
C TYR C 253 37.92 -71.68 -7.99
N VAL C 254 37.63 -71.67 -9.27
CA VAL C 254 36.96 -72.79 -9.89
C VAL C 254 37.67 -73.00 -11.20
N GLU C 255 37.76 -74.21 -11.66
CA GLU C 255 38.41 -74.42 -12.90
C GLU C 255 37.45 -75.01 -13.89
N TRP C 256 37.14 -74.20 -14.89
CA TRP C 256 36.22 -74.56 -15.90
C TRP C 256 36.89 -75.41 -16.93
N HIS C 257 36.26 -76.39 -17.47
CA HIS C 257 36.89 -77.33 -18.35
C HIS C 257 36.79 -76.96 -19.80
N ALA C 258 37.52 -77.45 -20.65
CA ALA C 258 37.74 -76.94 -21.99
C ALA C 258 38.45 -77.98 -22.85
N THR C 259 39.02 -77.51 -23.94
CA THR C 259 39.72 -78.39 -24.81
C THR C 259 41.02 -78.95 -24.19
N ASP C 260 41.77 -78.10 -23.53
CA ASP C 260 43.02 -78.48 -22.88
C ASP C 260 43.00 -79.81 -22.12
N ARG C 261 41.85 -80.18 -21.56
CA ARG C 261 41.75 -81.42 -20.80
C ARG C 261 41.33 -82.59 -21.69
N ILE C 262 41.02 -82.29 -22.95
CA ILE C 262 40.79 -83.35 -23.91
C ILE C 262 42.11 -83.64 -24.60
N LEU C 263 42.91 -82.58 -24.73
CA LEU C 263 44.17 -82.63 -25.48
C LEU C 263 45.37 -82.88 -24.58
N GLU C 264 45.15 -82.92 -23.26
CA GLU C 264 46.24 -82.93 -22.30
C GLU C 264 47.25 -84.01 -22.64
N GLU C 265 46.76 -85.24 -22.72
CA GLU C 265 47.59 -86.41 -23.04
C GLU C 265 48.54 -86.19 -24.22
N LEU C 266 48.08 -85.41 -25.21
CA LEU C 266 48.81 -85.30 -26.47
C LEU C 266 49.91 -84.27 -26.37
N PHE C 267 50.07 -83.71 -25.19
CA PHE C 267 51.14 -82.77 -24.92
C PHE C 267 51.96 -83.28 -23.75
N THR C 268 51.39 -84.21 -23.01
CA THR C 268 51.98 -84.67 -21.75
C THR C 268 52.50 -86.12 -21.88
N ASP C 269 52.27 -86.72 -23.04
CA ASP C 269 52.79 -88.04 -23.32
C ASP C 269 53.56 -87.95 -24.64
N PRO C 270 54.87 -88.32 -24.62
CA PRO C 270 55.70 -88.28 -25.82
C PRO C 270 55.22 -89.29 -26.86
N VAL C 271 54.73 -90.44 -26.42
CA VAL C 271 54.12 -91.40 -27.33
C VAL C 271 52.96 -90.70 -28.05
N LYS C 272 52.05 -90.16 -27.26
CA LYS C 272 50.94 -89.37 -27.79
C LYS C 272 51.46 -88.23 -28.67
N ARG C 273 52.26 -87.34 -28.07
CA ARG C 273 52.66 -86.11 -28.76
C ARG C 273 53.24 -86.38 -30.13
N GLY C 274 53.91 -87.53 -30.26
CA GLY C 274 54.54 -87.93 -31.51
C GLY C 274 53.59 -88.37 -32.60
N ARG C 275 52.29 -88.37 -32.35
CA ARG C 275 51.33 -88.69 -33.39
C ARG C 275 50.32 -87.56 -33.61
N PHE C 276 50.66 -86.39 -33.10
CA PHE C 276 49.77 -85.26 -33.10
C PHE C 276 50.49 -84.03 -33.66
N THR C 277 50.02 -83.54 -34.79
CA THR C 277 50.56 -82.29 -35.34
C THR C 277 49.52 -81.19 -35.24
N LEU C 278 49.90 -80.02 -34.72
CA LEU C 278 48.93 -78.93 -34.54
C LEU C 278 49.27 -77.65 -35.32
N LEU C 279 48.51 -77.43 -36.38
CA LEU C 279 48.75 -76.32 -37.27
C LEU C 279 47.81 -75.15 -37.01
N THR C 280 48.14 -74.30 -36.03
CA THR C 280 47.32 -73.14 -35.77
C THR C 280 47.49 -72.10 -36.87
N ASN C 281 46.64 -71.08 -36.86
CA ASN C 281 46.53 -70.12 -37.95
C ASN C 281 46.50 -70.75 -39.34
N HIS C 282 45.89 -71.92 -39.47
CA HIS C 282 45.86 -72.61 -40.75
C HIS C 282 44.44 -72.85 -41.23
N ARG C 283 44.08 -72.25 -42.36
CA ARG C 283 42.73 -72.38 -42.89
C ARG C 283 42.54 -73.66 -43.70
N CYS C 284 41.63 -74.51 -43.28
CA CYS C 284 41.20 -75.63 -44.11
C CYS C 284 40.17 -75.17 -45.13
N THR C 285 40.65 -74.79 -46.31
CA THR C 285 39.84 -74.14 -47.32
C THR C 285 38.83 -75.07 -47.96
N LYS C 286 39.24 -76.29 -48.29
CA LYS C 286 38.29 -77.25 -48.83
C LYS C 286 38.88 -78.66 -48.86
N LEU C 287 37.98 -79.65 -48.88
CA LEU C 287 38.38 -81.02 -49.18
C LEU C 287 38.18 -81.31 -50.67
N VAL C 288 39.28 -81.53 -51.40
CA VAL C 288 39.19 -81.96 -52.81
C VAL C 288 38.86 -83.46 -52.90
N PHE C 289 37.95 -83.81 -53.81
CA PHE C 289 37.45 -85.17 -53.88
C PHE C 289 37.92 -85.92 -55.10
N LYS C 290 37.76 -87.24 -55.05
CA LYS C 290 38.07 -88.12 -56.18
C LYS C 290 37.36 -87.62 -57.43
N HIS C 291 36.05 -87.38 -57.31
CA HIS C 291 35.22 -86.99 -58.44
C HIS C 291 33.99 -86.24 -57.95
N TYR C 292 33.10 -85.93 -58.87
CA TYR C 292 32.00 -85.03 -58.57
C TYR C 292 30.67 -85.52 -59.12
N ARG C 293 30.56 -86.83 -59.32
CA ARG C 293 29.29 -87.41 -59.75
C ARG C 293 28.33 -87.65 -58.58
N PRO C 294 27.16 -87.00 -58.63
CA PRO C 294 26.10 -87.02 -57.61
C PRO C 294 25.45 -88.39 -57.45
N GLY C 295 25.42 -88.90 -56.21
CA GLY C 295 24.80 -90.18 -55.94
C GLY C 295 25.61 -91.30 -56.53
N GLU C 296 26.86 -91.42 -56.08
CA GLU C 296 27.72 -92.53 -56.46
C GLU C 296 28.99 -92.49 -55.61
N GLU C 297 29.36 -93.66 -55.08
CA GLU C 297 30.40 -93.75 -54.05
C GLU C 297 31.64 -92.93 -54.39
N ASN C 298 32.05 -92.10 -53.44
CA ASN C 298 33.16 -91.18 -53.65
C ASN C 298 34.09 -91.28 -52.46
N GLU C 299 35.16 -90.48 -52.47
CA GLU C 299 36.09 -90.41 -51.35
C GLU C 299 36.93 -89.15 -51.41
N VAL C 300 37.43 -88.68 -50.29
CA VAL C 300 38.22 -87.48 -50.32
C VAL C 300 39.49 -87.94 -50.93
N ASP C 301 40.22 -87.03 -51.56
CA ASP C 301 41.55 -87.30 -52.01
C ASP C 301 42.47 -86.67 -51.04
N TYR C 302 42.55 -85.36 -51.10
CA TYR C 302 43.39 -84.64 -50.18
C TYR C 302 42.63 -83.54 -49.39
N ALA C 303 43.34 -82.68 -48.65
CA ALA C 303 42.71 -81.52 -48.04
C ALA C 303 43.54 -80.27 -48.35
N LEU C 304 42.87 -79.24 -48.82
CA LEU C 304 43.56 -77.99 -49.13
C LEU C 304 43.66 -77.14 -47.88
N VAL C 305 44.84 -76.58 -47.64
CA VAL C 305 45.08 -75.84 -46.41
C VAL C 305 45.97 -74.63 -46.65
N GLU C 306 45.56 -73.49 -46.11
CA GLU C 306 46.30 -72.25 -46.28
C GLU C 306 46.93 -71.82 -44.95
N ASP C 307 48.24 -71.57 -44.99
CA ASP C 307 48.91 -70.96 -43.86
C ASP C 307 48.72 -69.46 -44.01
N LEU C 308 48.05 -68.85 -43.03
CA LEU C 308 47.69 -67.45 -43.13
C LEU C 308 48.74 -66.51 -42.56
N LEU C 309 49.98 -66.99 -42.45
CA LEU C 309 51.03 -66.17 -41.89
C LEU C 309 52.07 -65.68 -42.88
N PRO C 310 52.45 -64.40 -42.76
CA PRO C 310 53.59 -63.83 -43.48
C PRO C 310 54.90 -64.08 -42.72
N SER C 320 51.70 -69.74 -51.03
CA SER C 320 51.75 -70.13 -49.63
C SER C 320 50.76 -71.25 -49.32
N VAL C 321 50.29 -71.89 -50.39
CA VAL C 321 49.28 -72.93 -50.30
C VAL C 321 49.89 -74.24 -49.81
N LYS C 322 49.07 -75.14 -49.29
CA LYS C 322 49.58 -76.43 -48.78
C LYS C 322 48.62 -77.61 -48.98
N LYS C 323 49.03 -78.57 -49.80
CA LYS C 323 48.28 -79.80 -49.98
C LYS C 323 48.59 -80.73 -48.81
N ILE C 324 47.55 -81.33 -48.23
CA ILE C 324 47.77 -82.20 -47.06
C ILE C 324 47.07 -83.54 -47.17
N TYR C 325 47.85 -84.61 -47.00
CA TYR C 325 47.43 -85.96 -47.34
C TYR C 325 47.20 -86.84 -46.14
N ALA C 326 46.00 -87.44 -46.09
CA ALA C 326 45.73 -88.45 -45.09
C ALA C 326 44.71 -89.44 -45.61
N ARG C 327 44.39 -90.42 -44.77
CA ARG C 327 43.48 -91.48 -45.15
C ARG C 327 42.06 -91.03 -44.88
N SER C 328 41.81 -90.62 -43.64
CA SER C 328 40.48 -90.21 -43.20
C SER C 328 40.45 -88.72 -42.92
N TYR C 329 39.27 -88.13 -43.06
CA TYR C 329 39.14 -86.70 -42.89
C TYR C 329 37.95 -86.35 -41.99
N VAL C 330 38.22 -85.52 -40.98
CA VAL C 330 37.22 -85.04 -40.05
C VAL C 330 36.96 -83.52 -40.13
N VAL C 331 35.72 -83.12 -40.43
CA VAL C 331 35.38 -81.70 -40.39
C VAL C 331 34.68 -81.34 -39.09
N ALA C 332 35.40 -80.66 -38.20
CA ALA C 332 34.88 -80.28 -36.89
C ALA C 332 35.09 -78.80 -36.70
N CYS C 333 34.41 -78.01 -37.52
CA CYS C 333 34.66 -76.58 -37.56
C CYS C 333 33.56 -75.76 -36.95
N GLY C 334 32.56 -76.44 -36.41
CA GLY C 334 31.38 -75.77 -35.86
C GLY C 334 30.15 -76.35 -36.52
N ALA C 335 29.06 -75.59 -36.51
CA ALA C 335 27.89 -76.02 -37.24
C ALA C 335 27.79 -75.18 -38.51
N VAL C 336 28.31 -73.95 -38.43
CA VAL C 336 28.39 -73.09 -39.59
C VAL C 336 29.62 -73.41 -40.45
N ALA C 337 30.80 -73.18 -39.87
CA ALA C 337 32.05 -73.29 -40.60
C ALA C 337 32.30 -74.70 -41.15
N THR C 338 31.71 -75.67 -40.49
CA THR C 338 31.75 -77.03 -40.96
C THR C 338 30.98 -77.16 -42.28
N ALA C 339 29.72 -76.72 -42.28
CA ALA C 339 28.91 -76.83 -43.49
C ALA C 339 29.40 -75.87 -44.55
N GLN C 340 29.99 -74.77 -44.10
CA GLN C 340 30.71 -73.87 -44.97
C GLN C 340 31.76 -74.65 -45.76
N VAL C 341 32.73 -75.20 -45.03
CA VAL C 341 33.85 -75.94 -45.60
C VAL C 341 33.41 -76.95 -46.66
N LEU C 342 32.35 -77.71 -46.37
CA LEU C 342 31.88 -78.70 -47.34
C LEU C 342 31.32 -78.09 -48.63
N ALA C 343 30.55 -77.01 -48.50
CA ALA C 343 29.95 -76.39 -49.67
C ALA C 343 31.04 -75.80 -50.55
N ASN C 344 31.95 -75.06 -49.92
CA ASN C 344 33.12 -74.52 -50.61
C ASN C 344 33.94 -75.60 -51.32
N SER C 345 33.80 -76.84 -50.88
CA SER C 345 34.47 -77.95 -51.54
C SER C 345 33.74 -78.36 -52.82
N HIS C 346 32.47 -77.98 -52.96
CA HIS C 346 31.71 -78.35 -54.15
C HIS C 346 32.24 -77.67 -55.40
N ILE C 347 33.07 -76.65 -55.22
CA ILE C 347 33.76 -76.00 -56.32
C ILE C 347 35.11 -76.64 -56.51
N PRO C 348 35.28 -77.43 -57.58
CA PRO C 348 36.55 -78.10 -57.88
C PRO C 348 37.45 -77.14 -58.62
N PRO C 349 38.75 -77.43 -58.69
CA PRO C 349 39.69 -76.62 -59.47
C PRO C 349 40.30 -77.37 -60.66
N GLU C 367 21.07 -62.45 -60.21
CA GLU C 367 21.99 -63.57 -60.36
C GLU C 367 23.07 -63.55 -59.28
N ARG C 368 23.69 -62.40 -59.06
CA ARG C 368 24.80 -62.31 -58.11
C ARG C 368 24.40 -62.44 -56.66
N ASP C 369 23.19 -62.91 -56.41
CA ASP C 369 22.83 -63.32 -55.07
C ASP C 369 22.87 -64.83 -55.04
N ALA C 370 23.28 -65.42 -56.15
CA ALA C 370 23.29 -66.87 -56.29
C ALA C 370 24.12 -67.52 -55.19
N THR C 371 23.75 -68.75 -54.86
CA THR C 371 24.42 -69.54 -53.83
C THR C 371 25.05 -70.82 -54.39
N ILE C 372 26.09 -71.31 -53.73
CA ILE C 372 26.76 -72.57 -54.09
C ILE C 372 25.86 -73.79 -53.96
N PRO C 373 25.60 -74.50 -55.08
CA PRO C 373 24.77 -75.70 -54.96
C PRO C 373 25.56 -76.86 -54.35
N THR C 374 24.88 -77.73 -53.60
CA THR C 374 25.55 -78.84 -52.95
C THR C 374 24.98 -80.20 -53.37
N PRO C 375 25.09 -80.53 -54.67
CA PRO C 375 24.37 -81.68 -55.22
C PRO C 375 24.86 -83.03 -54.68
N LEU C 376 26.11 -83.07 -54.21
CA LEU C 376 26.68 -84.30 -53.68
C LEU C 376 26.10 -84.60 -52.31
N MET C 377 25.80 -83.54 -51.56
CA MET C 377 25.26 -83.67 -50.22
C MET C 377 23.97 -82.87 -50.11
N PRO C 378 22.92 -83.34 -50.81
CA PRO C 378 21.64 -82.65 -51.01
C PRO C 378 21.13 -81.91 -49.78
N MET C 379 21.49 -82.40 -48.59
CA MET C 379 20.93 -81.93 -47.33
C MET C 379 21.88 -81.06 -46.53
N LEU C 380 23.04 -80.75 -47.10
CA LEU C 380 23.97 -79.83 -46.46
C LEU C 380 23.31 -78.49 -46.15
N GLY C 381 23.31 -78.13 -44.87
CA GLY C 381 22.76 -76.86 -44.41
C GLY C 381 21.26 -76.75 -44.48
N LYS C 382 20.56 -77.88 -44.34
CA LYS C 382 19.10 -77.87 -44.31
C LYS C 382 18.60 -78.40 -42.98
N TYR C 383 17.30 -78.26 -42.73
CA TYR C 383 16.71 -78.69 -41.46
C TYR C 383 17.38 -78.04 -40.25
N ILE C 384 17.95 -76.85 -40.44
CA ILE C 384 18.65 -76.16 -39.36
C ILE C 384 17.69 -75.73 -38.27
N THR C 385 18.18 -75.71 -37.03
CA THR C 385 17.37 -75.43 -35.85
C THR C 385 18.17 -74.56 -34.92
N GLU C 386 17.48 -73.65 -34.26
CA GLU C 386 18.09 -72.81 -33.25
C GLU C 386 17.06 -72.60 -32.16
N GLN C 387 17.51 -72.19 -30.98
CA GLN C 387 16.66 -72.12 -29.82
C GLN C 387 16.25 -70.70 -29.52
N PRO C 388 14.94 -70.47 -29.38
CA PRO C 388 14.49 -69.19 -28.87
C PRO C 388 14.97 -69.08 -27.44
N MET C 389 15.20 -67.87 -26.96
CA MET C 389 15.64 -67.68 -25.60
C MET C 389 14.89 -66.52 -24.94
N THR C 390 14.34 -66.75 -23.74
CA THR C 390 13.88 -65.66 -22.91
C THR C 390 14.86 -65.40 -21.79
N PHE C 391 14.91 -64.17 -21.32
CA PHE C 391 15.88 -63.78 -20.31
C PHE C 391 15.27 -62.75 -19.37
N CYS C 392 15.72 -62.78 -18.13
CA CYS C 392 15.45 -61.71 -17.18
C CYS C 392 16.41 -61.85 -16.02
N GLN C 393 16.51 -60.81 -15.20
CA GLN C 393 17.20 -60.92 -13.94
C GLN C 393 16.30 -60.40 -12.84
N VAL C 394 16.38 -61.05 -11.68
CA VAL C 394 15.62 -60.57 -10.53
C VAL C 394 16.58 -60.12 -9.44
N VAL C 395 16.07 -59.30 -8.54
CA VAL C 395 16.71 -59.05 -7.27
C VAL C 395 15.96 -59.94 -6.25
N LEU C 396 16.66 -60.58 -5.34
CA LEU C 396 16.02 -61.49 -4.39
C LEU C 396 15.13 -60.76 -3.37
N ASP C 397 14.17 -61.47 -2.80
CA ASP C 397 13.28 -60.88 -1.80
C ASP C 397 14.01 -60.55 -0.51
N SER C 398 13.69 -59.41 0.09
CA SER C 398 14.20 -59.09 1.42
C SER C 398 13.80 -60.12 2.46
N SER C 399 12.71 -60.85 2.23
CA SER C 399 12.28 -61.86 3.17
C SER C 399 13.25 -63.04 3.15
N LEU C 400 14.02 -63.15 2.08
CA LEU C 400 14.98 -64.23 1.94
C LEU C 400 16.29 -64.00 2.67
N MET C 401 16.56 -62.78 3.11
CA MET C 401 17.78 -62.60 3.90
C MET C 401 17.55 -63.14 5.30
N GLU C 402 16.29 -63.22 5.70
CA GLU C 402 15.96 -63.85 6.97
C GLU C 402 16.20 -65.35 6.87
N VAL C 403 15.80 -65.96 5.77
CA VAL C 403 16.08 -67.37 5.56
C VAL C 403 17.59 -67.60 5.59
N VAL C 404 18.36 -66.63 5.10
CA VAL C 404 19.80 -66.79 5.10
C VAL C 404 20.38 -66.70 6.50
N ARG C 405 20.00 -65.67 7.25
CA ARG C 405 20.41 -65.55 8.65
C ARG C 405 19.95 -66.73 9.52
N ASN C 406 18.91 -67.43 9.08
CA ASN C 406 18.31 -68.52 9.87
C ASN C 406 17.73 -69.62 8.98
N PRO C 407 18.60 -70.47 8.40
CA PRO C 407 18.08 -71.43 7.42
C PRO C 407 17.48 -72.68 8.08
N PRO C 408 16.28 -73.09 7.63
CA PRO C 408 15.42 -74.12 8.22
C PRO C 408 15.70 -75.57 7.79
N TRP C 409 16.68 -75.81 6.91
CA TRP C 409 16.91 -77.17 6.44
C TRP C 409 17.97 -77.89 7.27
N PRO C 410 17.84 -79.22 7.35
CA PRO C 410 18.79 -80.05 8.08
C PRO C 410 20.18 -79.99 7.45
N GLY C 411 21.21 -80.21 8.28
CA GLY C 411 22.59 -80.26 7.85
C GLY C 411 23.11 -79.05 7.09
N LEU C 412 22.95 -77.85 7.63
CA LEU C 412 23.45 -76.67 6.97
C LEU C 412 24.26 -75.83 7.92
N ASP C 413 25.12 -76.48 8.69
CA ASP C 413 25.97 -75.81 9.67
C ASP C 413 27.15 -75.06 9.07
N TRP C 414 27.65 -75.57 7.96
CA TRP C 414 28.69 -74.87 7.21
C TRP C 414 28.17 -73.48 6.75
N TRP C 415 26.90 -73.46 6.38
CA TRP C 415 26.22 -72.25 5.94
C TRP C 415 26.13 -71.27 7.10
N LYS C 416 25.61 -71.74 8.23
CA LYS C 416 25.43 -70.90 9.41
C LYS C 416 26.74 -70.24 9.84
N GLU C 417 27.84 -70.99 9.82
CA GLU C 417 29.15 -70.46 10.21
C GLU C 417 29.60 -69.32 9.29
N LYS C 418 29.47 -69.53 7.98
CA LYS C 418 29.81 -68.48 7.03
C LYS C 418 29.00 -67.20 7.31
N VAL C 419 27.70 -67.35 7.50
CA VAL C 419 26.83 -66.19 7.78
C VAL C 419 27.24 -65.45 9.05
N ALA C 420 27.57 -66.22 10.09
CA ALA C 420 28.05 -65.67 11.36
C ALA C 420 29.35 -64.88 11.18
N ARG C 421 30.30 -65.46 10.46
CA ARG C 421 31.59 -64.81 10.26
C ARG C 421 31.42 -63.53 9.47
N HIS C 422 30.60 -63.57 8.42
CA HIS C 422 30.35 -62.39 7.62
C HIS C 422 29.67 -61.30 8.44
N VAL C 423 28.59 -61.66 9.10
CA VAL C 423 27.84 -60.71 9.91
C VAL C 423 28.71 -60.13 11.02
N GLU C 424 29.62 -60.94 11.56
CA GLU C 424 30.60 -60.44 12.51
C GLU C 424 31.59 -59.45 11.87
N ALA C 425 32.16 -59.83 10.73
CA ALA C 425 33.07 -58.96 10.00
C ALA C 425 32.38 -57.75 9.38
N PHE C 426 31.10 -57.89 9.06
CA PHE C 426 30.41 -56.79 8.40
C PHE C 426 29.04 -56.50 9.01
N PRO C 427 29.06 -55.78 10.13
CA PRO C 427 27.89 -55.42 10.93
C PRO C 427 26.80 -54.75 10.10
N ASN C 428 27.14 -53.63 9.46
CA ASN C 428 26.15 -52.75 8.81
C ASN C 428 25.64 -53.23 7.46
N ASP C 429 25.75 -54.53 7.21
CA ASP C 429 25.49 -55.06 5.88
C ASP C 429 24.11 -55.67 5.80
N PRO C 430 23.25 -55.13 4.92
CA PRO C 430 21.90 -55.67 4.72
C PRO C 430 21.95 -57.10 4.16
N ILE C 431 23.09 -57.48 3.60
CA ILE C 431 23.21 -58.77 2.94
C ILE C 431 23.99 -59.77 3.77
N PRO C 432 23.26 -60.68 4.44
CA PRO C 432 23.87 -61.69 5.31
C PRO C 432 24.74 -62.62 4.52
N ILE C 433 24.42 -62.84 3.24
CA ILE C 433 25.27 -63.66 2.36
C ILE C 433 26.67 -63.05 2.31
N PRO C 434 27.70 -63.89 2.36
CA PRO C 434 29.13 -63.51 2.34
C PRO C 434 29.70 -63.15 0.96
N PHE C 435 30.69 -62.25 1.01
CA PHE C 435 31.31 -61.63 -0.17
C PHE C 435 31.83 -62.51 -1.31
N ARG C 436 32.20 -63.76 -1.07
CA ARG C 436 32.76 -64.55 -2.17
C ARG C 436 31.84 -65.65 -2.66
N ASP C 437 30.74 -65.85 -1.95
CA ASP C 437 29.79 -66.95 -2.18
C ASP C 437 29.50 -67.17 -3.66
N PRO C 438 29.76 -68.40 -4.15
CA PRO C 438 29.44 -68.77 -5.54
C PRO C 438 28.00 -68.45 -5.94
N GLU C 439 27.78 -68.30 -7.24
CA GLU C 439 26.47 -68.01 -7.78
C GLU C 439 25.57 -69.26 -7.77
N PRO C 440 24.26 -69.10 -8.02
CA PRO C 440 23.43 -70.29 -8.19
C PRO C 440 23.76 -71.06 -9.46
N GLN C 441 23.47 -72.35 -9.48
CA GLN C 441 23.65 -73.15 -10.68
C GLN C 441 22.56 -74.17 -10.73
N VAL C 442 21.35 -73.69 -11.00
CA VAL C 442 20.16 -74.47 -10.83
C VAL C 442 19.49 -74.68 -12.17
N THR C 443 18.89 -75.83 -12.35
CA THR C 443 18.23 -76.11 -13.59
C THR C 443 16.88 -76.76 -13.31
N ILE C 444 16.05 -76.83 -14.33
CA ILE C 444 14.90 -77.69 -14.31
C ILE C 444 15.08 -78.48 -15.59
N LYS C 445 15.03 -79.79 -15.48
CA LYS C 445 15.28 -80.62 -16.64
C LYS C 445 14.08 -80.61 -17.56
N PHE C 446 14.35 -80.53 -18.86
CA PHE C 446 13.36 -80.70 -19.90
C PHE C 446 12.39 -81.84 -19.60
N THR C 447 11.10 -81.54 -19.69
CA THR C 447 10.07 -82.58 -19.66
C THR C 447 9.16 -82.33 -20.84
N GLU C 448 8.36 -83.32 -21.23
CA GLU C 448 7.38 -83.14 -22.30
C GLU C 448 6.23 -82.17 -21.96
N GLU C 449 5.88 -82.05 -20.69
CA GLU C 449 4.75 -81.21 -20.31
C GLU C 449 5.18 -79.75 -20.13
N HIS C 450 6.48 -79.53 -20.03
CA HIS C 450 7.06 -78.18 -20.02
C HIS C 450 8.32 -78.19 -20.86
N PRO C 451 8.14 -78.27 -22.20
CA PRO C 451 9.22 -78.63 -23.13
C PRO C 451 10.27 -77.57 -23.44
N TRP C 452 10.93 -77.05 -22.43
CA TRP C 452 12.01 -76.08 -22.62
C TRP C 452 13.07 -76.28 -21.55
N HIS C 453 14.27 -75.77 -21.78
CA HIS C 453 15.38 -75.94 -20.84
C HIS C 453 15.50 -74.72 -19.97
N VAL C 454 15.61 -74.87 -18.66
CA VAL C 454 15.71 -73.68 -17.83
C VAL C 454 16.93 -73.58 -16.96
N GLN C 455 17.54 -72.39 -16.96
CA GLN C 455 18.74 -72.14 -16.19
C GLN C 455 18.52 -70.96 -15.25
N ILE C 456 18.78 -71.19 -13.97
CA ILE C 456 18.62 -70.18 -12.94
C ILE C 456 19.96 -69.99 -12.26
N HIS C 457 20.76 -69.10 -12.83
CA HIS C 457 22.17 -69.02 -12.48
C HIS C 457 22.69 -67.61 -12.52
N ARG C 458 24.01 -67.49 -12.67
CA ARG C 458 24.66 -66.24 -13.04
C ARG C 458 25.63 -66.53 -14.16
N ASP C 459 25.45 -65.84 -15.28
CA ASP C 459 26.22 -66.17 -16.46
C ASP C 459 27.23 -65.06 -16.70
N ALA C 460 28.41 -65.45 -17.13
CA ALA C 460 29.49 -64.49 -17.35
C ALA C 460 29.14 -63.55 -18.48
N PHE C 461 28.32 -64.05 -19.40
CA PHE C 461 27.88 -63.32 -20.59
C PHE C 461 26.67 -62.42 -20.24
N SER C 462 26.94 -61.21 -19.72
CA SER C 462 25.85 -60.28 -19.41
C SER C 462 25.28 -59.72 -20.69
N TYR C 463 24.05 -59.20 -20.64
CA TYR C 463 23.36 -58.82 -21.88
C TYR C 463 23.20 -57.33 -22.06
N GLY C 464 23.53 -56.57 -21.03
CA GLY C 464 23.56 -55.13 -21.18
C GLY C 464 24.31 -54.50 -20.04
N ALA C 465 24.13 -53.19 -19.92
CA ALA C 465 24.82 -52.40 -18.91
C ALA C 465 24.67 -53.02 -17.53
N VAL C 466 25.80 -53.47 -16.98
CA VAL C 466 25.86 -53.90 -15.60
C VAL C 466 25.39 -52.76 -14.73
N ALA C 467 24.43 -53.03 -13.86
CA ALA C 467 23.88 -51.98 -13.02
C ALA C 467 24.82 -51.75 -11.85
N GLU C 468 25.12 -50.48 -11.59
CA GLU C 468 26.09 -50.14 -10.55
C GLU C 468 25.43 -49.75 -9.23
N ASN C 469 24.11 -49.94 -9.12
CA ASN C 469 23.42 -49.50 -7.93
C ASN C 469 22.89 -50.65 -7.07
N MET C 470 22.90 -51.85 -7.63
CA MET C 470 22.40 -53.05 -6.96
C MET C 470 23.54 -54.04 -6.74
N ASP C 471 23.63 -54.57 -5.53
CA ASP C 471 24.64 -55.56 -5.14
C ASP C 471 24.43 -56.93 -5.79
N THR C 472 25.49 -57.45 -6.40
CA THR C 472 25.43 -58.66 -7.22
C THR C 472 25.16 -59.94 -6.42
N ARG C 473 25.24 -59.83 -5.11
CA ARG C 473 24.94 -60.99 -4.28
C ARG C 473 23.48 -61.44 -4.36
N VAL C 474 22.55 -60.52 -4.59
CA VAL C 474 21.13 -60.89 -4.67
C VAL C 474 20.55 -60.86 -6.08
N ILE C 475 21.40 -60.89 -7.09
CA ILE C 475 20.94 -60.91 -8.47
C ILE C 475 20.91 -62.33 -8.99
N VAL C 476 19.85 -62.70 -9.69
CA VAL C 476 19.73 -64.02 -10.27
C VAL C 476 19.29 -63.94 -11.74
N ASP C 477 19.96 -64.68 -12.61
CA ASP C 477 19.69 -64.71 -14.04
C ASP C 477 18.73 -65.82 -14.37
N TYR C 478 17.89 -65.60 -15.37
CA TYR C 478 16.95 -66.62 -15.85
C TYR C 478 17.16 -66.70 -17.32
N ARG C 479 17.47 -67.89 -17.80
CA ARG C 479 17.57 -68.12 -19.22
C ARG C 479 16.78 -69.37 -19.54
N PHE C 480 15.65 -69.20 -20.20
CA PHE C 480 14.90 -70.34 -20.73
C PHE C 480 15.24 -70.52 -22.22
N PHE C 481 15.32 -71.76 -22.69
CA PHE C 481 15.63 -72.03 -24.10
C PHE C 481 14.54 -72.93 -24.65
N GLY C 482 13.91 -72.53 -25.74
CA GLY C 482 12.93 -73.38 -26.40
C GLY C 482 13.63 -74.26 -27.41
N TYR C 483 12.86 -75.03 -28.18
CA TYR C 483 13.41 -75.82 -29.27
C TYR C 483 12.59 -75.55 -30.50
N THR C 484 13.23 -75.57 -31.66
CA THR C 484 12.49 -75.41 -32.89
C THR C 484 12.51 -76.73 -33.60
N GLU C 485 11.35 -77.11 -34.14
CA GLU C 485 11.24 -78.28 -35.02
C GLU C 485 12.12 -78.09 -36.26
N PRO C 486 12.79 -79.17 -36.69
CA PRO C 486 13.49 -79.16 -37.98
C PRO C 486 12.48 -79.25 -39.13
N GLN C 487 12.54 -78.28 -40.06
CA GLN C 487 11.78 -78.33 -41.30
C GLN C 487 12.78 -78.14 -42.43
N GLU C 488 12.49 -78.68 -43.61
CA GLU C 488 13.47 -78.60 -44.69
C GLU C 488 13.72 -77.16 -45.14
N ALA C 489 12.64 -76.39 -45.23
CA ALA C 489 12.72 -75.00 -45.67
C ALA C 489 13.71 -74.16 -44.87
N ASN C 490 13.83 -74.43 -43.57
CA ASN C 490 14.77 -73.67 -42.75
C ASN C 490 16.21 -74.01 -43.14
N GLU C 491 16.91 -73.00 -43.66
CA GLU C 491 18.19 -73.21 -44.33
C GLU C 491 19.34 -72.35 -43.86
N LEU C 492 20.53 -72.93 -43.99
CA LEU C 492 21.76 -72.17 -44.06
C LEU C 492 22.35 -72.47 -45.43
N VAL C 493 22.59 -71.42 -46.21
CA VAL C 493 23.17 -71.58 -47.54
C VAL C 493 24.42 -70.74 -47.67
N PHE C 494 25.12 -70.85 -48.80
CA PHE C 494 26.41 -70.17 -48.96
C PHE C 494 26.61 -69.40 -50.27
N GLN C 495 27.04 -68.16 -50.16
CA GLN C 495 27.12 -67.30 -51.34
C GLN C 495 28.30 -67.61 -52.26
N GLN C 496 27.99 -67.94 -53.50
CA GLN C 496 28.98 -67.99 -54.56
C GLN C 496 29.82 -66.74 -54.66
N HIS C 497 29.22 -65.57 -54.41
CA HIS C 497 29.89 -64.34 -54.77
C HIS C 497 30.32 -63.42 -53.64
N TYR C 498 30.04 -63.79 -52.40
CA TYR C 498 30.48 -62.96 -51.29
C TYR C 498 31.31 -63.80 -50.35
N ARG C 499 32.43 -63.24 -49.92
CA ARG C 499 33.33 -63.96 -49.03
C ARG C 499 33.23 -63.39 -47.63
N ASP C 500 33.64 -64.18 -46.65
CA ASP C 500 33.86 -63.65 -45.30
C ASP C 500 35.30 -63.16 -45.17
N ALA C 501 35.71 -62.76 -43.97
CA ALA C 501 37.01 -62.14 -43.78
C ALA C 501 38.17 -63.10 -44.04
N TYR C 502 37.86 -64.39 -44.06
CA TYR C 502 38.88 -65.43 -44.29
C TYR C 502 38.69 -66.05 -45.66
N ASP C 503 38.12 -65.27 -46.58
CA ASP C 503 37.96 -65.68 -47.98
C ASP C 503 37.02 -66.83 -48.23
N MET C 504 36.27 -67.24 -47.22
CA MET C 504 35.34 -68.36 -47.36
C MET C 504 33.96 -67.85 -47.76
N PRO C 505 33.17 -68.69 -48.47
CA PRO C 505 31.83 -68.26 -48.88
C PRO C 505 31.02 -67.71 -47.73
N GLN C 506 30.42 -66.55 -47.96
CA GLN C 506 29.56 -65.95 -46.96
C GLN C 506 28.42 -66.91 -46.67
N PRO C 507 28.14 -67.14 -45.38
CA PRO C 507 26.97 -67.89 -44.90
C PRO C 507 25.68 -67.05 -44.90
N THR C 508 24.54 -67.68 -45.20
CA THR C 508 23.29 -66.96 -45.27
C THR C 508 22.13 -67.76 -44.68
N PHE C 509 21.39 -67.13 -43.78
CA PHE C 509 20.33 -67.81 -43.05
C PHE C 509 18.93 -67.60 -43.61
N LYS C 510 18.20 -68.69 -43.70
CA LYS C 510 16.81 -68.65 -44.11
C LYS C 510 16.03 -69.40 -43.04
N PHE C 511 15.68 -68.70 -41.97
CA PHE C 511 15.09 -69.38 -40.82
C PHE C 511 13.77 -68.74 -40.37
N THR C 512 12.74 -69.56 -40.23
CA THR C 512 11.45 -69.14 -39.74
C THR C 512 10.89 -70.29 -38.92
N MET C 513 10.61 -70.05 -37.64
CA MET C 513 10.08 -71.09 -36.78
C MET C 513 8.58 -71.27 -37.03
N SER C 514 8.06 -72.45 -36.68
CA SER C 514 6.70 -72.83 -37.05
C SER C 514 5.63 -72.46 -36.02
N GLN C 515 4.37 -72.74 -36.33
CA GLN C 515 3.27 -72.37 -35.43
C GLN C 515 3.37 -73.06 -34.08
N ASP C 516 4.11 -74.15 -34.03
CA ASP C 516 4.28 -74.90 -32.79
C ASP C 516 5.40 -74.31 -31.95
N ASP C 517 6.51 -74.00 -32.62
CA ASP C 517 7.65 -73.37 -31.96
C ASP C 517 7.21 -72.04 -31.33
N ARG C 518 6.40 -71.26 -32.05
CA ARG C 518 5.89 -70.00 -31.55
C ARG C 518 4.99 -70.21 -30.31
N ALA C 519 4.09 -71.18 -30.37
CA ALA C 519 3.20 -71.42 -29.24
C ALA C 519 3.95 -71.86 -27.98
N ARG C 520 4.87 -72.81 -28.15
CA ARG C 520 5.76 -73.19 -27.06
C ARG C 520 6.56 -72.02 -26.48
N ALA C 521 7.19 -71.24 -27.36
CA ALA C 521 7.88 -70.01 -26.98
C ALA C 521 7.03 -69.12 -26.07
N ARG C 522 5.74 -68.98 -26.38
CA ARG C 522 4.84 -68.19 -25.53
C ARG C 522 4.72 -68.75 -24.12
N ARG C 523 4.48 -70.06 -24.00
CA ARG C 523 4.35 -70.68 -22.69
C ARG C 523 5.69 -70.62 -21.94
N MET C 524 6.77 -70.73 -22.67
CA MET C 524 8.10 -70.59 -22.08
C MET C 524 8.30 -69.22 -21.39
N MET C 525 7.95 -68.14 -22.08
CA MET C 525 8.02 -66.79 -21.51
C MET C 525 7.15 -66.66 -20.24
N ASP C 526 5.92 -67.16 -20.34
CA ASP C 526 5.00 -67.18 -19.20
C ASP C 526 5.52 -68.01 -18.01
N ASP C 527 6.09 -69.16 -18.33
CA ASP C 527 6.66 -70.03 -17.30
C ASP C 527 7.78 -69.31 -16.59
N MET C 528 8.59 -68.57 -17.36
CA MET C 528 9.73 -67.85 -16.80
C MET C 528 9.31 -66.77 -15.83
N CYS C 529 8.30 -65.99 -16.21
CA CYS C 529 7.78 -64.90 -15.36
C CYS C 529 7.25 -65.45 -14.06
N ASN C 530 6.39 -66.46 -14.20
CA ASN C 530 5.78 -67.09 -13.04
C ASN C 530 6.87 -67.57 -12.08
N ILE C 531 7.81 -68.38 -12.61
CA ILE C 531 8.89 -68.97 -11.80
C ILE C 531 9.84 -67.93 -11.18
N ALA C 532 10.23 -66.94 -11.97
CA ALA C 532 11.16 -65.94 -11.47
C ALA C 532 10.58 -65.18 -10.30
N LEU C 533 9.34 -64.70 -10.46
CA LEU C 533 8.66 -63.94 -9.42
C LEU C 533 8.41 -64.71 -8.09
N LYS C 534 8.61 -66.03 -8.09
CA LYS C 534 8.52 -66.74 -6.80
C LYS C 534 9.58 -66.30 -5.77
N ILE C 535 10.76 -65.84 -6.21
CA ILE C 535 11.81 -65.48 -5.25
C ILE C 535 12.37 -64.06 -5.34
N GLY C 536 11.98 -63.34 -6.38
CA GLY C 536 12.41 -61.96 -6.47
C GLY C 536 11.69 -61.15 -7.51
N GLY C 537 12.06 -59.88 -7.58
CA GLY C 537 11.49 -58.93 -8.52
C GLY C 537 12.45 -58.54 -9.62
N TYR C 538 11.95 -58.49 -10.86
CA TYR C 538 12.73 -58.08 -12.03
C TYR C 538 13.59 -56.87 -11.76
N LEU C 539 14.89 -57.05 -11.97
CA LEU C 539 15.83 -55.95 -11.98
C LEU C 539 15.54 -55.03 -13.18
N PRO C 540 15.50 -53.71 -12.95
CA PRO C 540 15.30 -52.74 -14.03
C PRO C 540 16.37 -52.87 -15.11
N GLY C 541 15.94 -53.04 -16.34
CA GLY C 541 16.87 -53.17 -17.44
C GLY C 541 16.87 -54.62 -17.85
N SER C 542 16.48 -55.47 -16.90
CA SER C 542 16.61 -56.89 -17.17
C SER C 542 15.28 -57.60 -17.06
N GLU C 543 14.23 -56.86 -17.38
CA GLU C 543 12.87 -57.38 -17.42
C GLU C 543 12.72 -58.50 -18.48
N PRO C 544 11.65 -59.31 -18.38
CA PRO C 544 11.45 -60.41 -19.33
C PRO C 544 11.42 -60.01 -20.78
N GLN C 545 12.25 -60.67 -21.58
CA GLN C 545 12.36 -60.34 -22.99
C GLN C 545 12.81 -61.58 -23.74
N PHE C 546 12.54 -61.62 -25.03
CA PHE C 546 13.22 -62.54 -25.94
C PHE C 546 14.52 -61.89 -26.40
N MET C 547 15.55 -62.71 -26.60
CA MET C 547 16.83 -62.29 -27.11
C MET C 547 16.83 -62.49 -28.61
N THR C 548 17.77 -61.85 -29.29
CA THR C 548 17.90 -61.96 -30.73
C THR C 548 18.13 -63.40 -31.13
N PRO C 549 17.33 -63.91 -32.07
CA PRO C 549 17.55 -65.24 -32.65
C PRO C 549 19.03 -65.50 -32.95
N GLY C 550 19.54 -66.66 -32.52
CA GLY C 550 20.93 -67.01 -32.72
C GLY C 550 21.82 -66.83 -31.50
N LEU C 551 21.38 -66.00 -30.55
CA LEU C 551 22.20 -65.61 -29.42
C LEU C 551 22.70 -66.79 -28.59
N ALA C 552 21.92 -67.86 -28.60
CA ALA C 552 22.22 -69.04 -27.82
C ALA C 552 23.40 -69.85 -28.38
N LEU C 553 23.64 -69.73 -29.69
CA LEU C 553 24.76 -70.35 -30.38
C LEU C 553 24.67 -71.86 -30.33
N HIS C 554 23.45 -72.36 -30.23
CA HIS C 554 23.21 -73.80 -30.24
C HIS C 554 22.63 -74.16 -31.59
N LEU C 555 23.08 -73.44 -32.61
CA LEU C 555 22.67 -73.75 -33.97
C LEU C 555 23.06 -75.19 -34.19
N ALA C 556 22.14 -75.94 -34.77
CA ALA C 556 22.39 -77.34 -35.06
C ALA C 556 21.70 -77.77 -36.34
N GLY C 557 22.00 -78.98 -36.81
CA GLY C 557 21.28 -79.55 -37.92
C GLY C 557 21.83 -79.21 -39.28
N THR C 558 22.92 -78.45 -39.32
CA THR C 558 23.49 -78.01 -40.60
C THR C 558 24.04 -79.21 -41.36
N THR C 559 24.56 -80.18 -40.62
CA THR C 559 25.11 -81.41 -41.18
C THR C 559 24.56 -82.61 -40.49
N ARG C 560 23.27 -82.79 -40.64
CA ARG C 560 22.57 -83.69 -39.78
C ARG C 560 22.82 -85.15 -40.08
N CYS C 561 22.79 -85.98 -39.05
CA CYS C 561 23.09 -87.42 -39.16
C CYS C 561 22.03 -88.28 -38.54
N GLY C 562 21.55 -89.28 -39.25
CA GLY C 562 20.55 -90.19 -38.72
C GLY C 562 20.34 -91.45 -39.54
N LEU C 563 19.21 -92.08 -39.32
CA LEU C 563 18.84 -93.29 -40.03
C LEU C 563 17.93 -93.18 -41.28
N ASP C 564 17.50 -91.99 -41.63
CA ASP C 564 16.88 -91.75 -42.93
C ASP C 564 17.96 -91.13 -43.83
N THR C 565 18.49 -91.94 -44.74
CA THR C 565 19.64 -91.53 -45.53
C THR C 565 19.35 -90.28 -46.40
N GLN C 566 18.12 -90.18 -46.89
CA GLN C 566 17.72 -89.09 -47.78
C GLN C 566 17.69 -87.73 -47.09
N LYS C 567 17.21 -87.71 -45.85
CA LYS C 567 17.02 -86.46 -45.13
C LYS C 567 18.20 -86.17 -44.21
N THR C 568 19.30 -86.90 -44.40
CA THR C 568 20.53 -86.59 -43.67
C THR C 568 21.68 -86.41 -44.63
N VAL C 569 22.83 -86.07 -44.08
CA VAL C 569 24.08 -85.98 -44.82
C VAL C 569 24.94 -87.20 -44.51
N GLY C 570 25.11 -87.46 -43.22
CA GLY C 570 25.89 -88.59 -42.77
C GLY C 570 25.00 -89.56 -42.04
N ASN C 571 25.59 -90.63 -41.50
CA ASN C 571 24.85 -91.64 -40.76
C ASN C 571 25.10 -91.53 -39.26
N THR C 572 24.62 -92.52 -38.50
CA THR C 572 24.73 -92.48 -37.04
C THR C 572 26.17 -92.53 -36.56
N HIS C 573 27.10 -92.72 -37.48
CA HIS C 573 28.50 -92.72 -37.10
C HIS C 573 29.16 -91.42 -37.53
N CYS C 574 28.35 -90.54 -38.13
CA CYS C 574 28.76 -89.25 -38.72
C CYS C 574 29.51 -89.38 -40.06
N LYS C 575 29.41 -90.56 -40.68
CA LYS C 575 30.07 -90.79 -41.99
C LYS C 575 29.20 -90.28 -43.12
N VAL C 576 29.68 -89.22 -43.78
CA VAL C 576 28.94 -88.59 -44.87
C VAL C 576 28.56 -89.63 -45.90
N HIS C 577 27.36 -89.51 -46.44
CA HIS C 577 26.91 -90.46 -47.44
C HIS C 577 27.81 -90.50 -48.69
N ASN C 578 28.11 -91.72 -49.15
CA ASN C 578 28.87 -91.96 -50.38
C ASN C 578 30.35 -91.59 -50.35
N PHE C 579 30.83 -91.17 -49.19
CA PHE C 579 32.25 -90.90 -48.99
C PHE C 579 32.77 -91.82 -47.90
N ASN C 580 33.85 -92.52 -48.20
CA ASN C 580 34.31 -93.53 -47.27
C ASN C 580 35.41 -93.07 -46.33
N ASN C 581 35.76 -91.80 -46.39
CA ASN C 581 36.78 -91.29 -45.47
C ASN C 581 36.42 -89.91 -44.97
N LEU C 582 35.11 -89.68 -44.85
CA LEU C 582 34.57 -88.35 -44.59
C LEU C 582 33.60 -88.35 -43.42
N TYR C 583 34.00 -87.69 -42.34
CA TYR C 583 33.18 -87.59 -41.15
C TYR C 583 32.99 -86.13 -40.72
N VAL C 584 31.89 -85.85 -40.03
CA VAL C 584 31.58 -84.49 -39.57
C VAL C 584 31.43 -84.36 -38.04
N GLY C 585 31.88 -83.23 -37.50
CA GLY C 585 31.85 -83.00 -36.06
C GLY C 585 31.30 -81.65 -35.61
N GLY C 586 30.43 -81.71 -34.61
CA GLY C 586 29.94 -80.50 -33.99
C GLY C 586 28.44 -80.57 -33.84
N ASN C 587 27.86 -79.47 -33.37
CA ASN C 587 26.43 -79.42 -33.10
C ASN C 587 25.61 -79.65 -34.36
N GLY C 588 26.26 -79.49 -35.51
CA GLY C 588 25.59 -79.70 -36.78
C GLY C 588 25.10 -81.11 -37.00
N VAL C 589 25.73 -82.07 -36.35
CA VAL C 589 25.36 -83.47 -36.54
C VAL C 589 23.97 -83.72 -35.95
N ILE C 590 23.67 -83.07 -34.83
CA ILE C 590 22.41 -83.28 -34.12
C ILE C 590 21.22 -83.00 -35.03
N GLU C 591 20.38 -84.02 -35.19
CA GLU C 591 19.33 -84.04 -36.22
C GLU C 591 17.98 -83.61 -35.70
N THR C 592 17.91 -83.31 -34.41
CA THR C 592 16.62 -83.11 -33.77
C THR C 592 16.37 -81.68 -33.27
N GLY C 593 15.13 -81.43 -32.84
CA GLY C 593 14.79 -80.19 -32.18
C GLY C 593 14.97 -80.32 -30.69
N PHE C 594 16.06 -79.75 -30.18
CA PHE C 594 16.37 -79.86 -28.77
C PHE C 594 16.47 -78.49 -28.13
N ALA C 595 16.38 -78.44 -26.80
CA ALA C 595 16.37 -77.19 -26.07
C ALA C 595 17.54 -77.06 -25.12
N ALA C 596 18.21 -78.17 -24.85
CA ALA C 596 19.32 -78.15 -23.91
C ALA C 596 20.63 -77.79 -24.60
N ASN C 597 21.61 -77.35 -23.81
CA ASN C 597 22.95 -77.07 -24.29
C ASN C 597 23.56 -78.39 -24.84
N PRO C 598 24.10 -78.33 -26.07
CA PRO C 598 24.31 -79.51 -26.91
C PRO C 598 25.71 -80.12 -26.92
N THR C 599 26.69 -79.52 -26.26
CA THR C 599 28.09 -79.91 -26.44
C THR C 599 28.33 -81.35 -26.01
N LEU C 600 27.73 -81.73 -24.89
CA LEU C 600 27.89 -83.06 -24.36
C LEU C 600 27.42 -84.07 -25.39
N THR C 601 26.25 -83.82 -25.97
CA THR C 601 25.71 -84.76 -26.95
C THR C 601 26.62 -84.85 -28.16
N SER C 602 27.10 -83.70 -28.63
CA SER C 602 28.01 -83.71 -29.75
C SER C 602 29.29 -84.43 -29.38
N ILE C 603 29.70 -84.32 -28.12
CA ILE C 603 30.88 -85.02 -27.67
C ILE C 603 30.66 -86.52 -27.75
N CYS C 604 29.44 -86.93 -27.43
CA CYS C 604 29.03 -88.31 -27.62
C CYS C 604 29.25 -88.71 -29.08
N TYR C 605 28.73 -87.90 -30.00
CA TYR C 605 28.85 -88.18 -31.42
C TYR C 605 30.32 -88.25 -31.89
N ALA C 606 31.20 -87.53 -31.20
CA ALA C 606 32.58 -87.43 -31.58
C ALA C 606 33.34 -88.67 -31.15
N ILE C 607 32.66 -89.48 -30.35
CA ILE C 607 33.19 -90.73 -29.81
C ILE C 607 32.73 -91.88 -30.68
N ARG C 608 31.43 -91.87 -30.96
CA ARG C 608 30.84 -92.88 -31.83
C ARG C 608 31.51 -92.78 -33.19
N ALA C 609 31.83 -91.55 -33.59
CA ALA C 609 32.52 -91.30 -34.85
C ALA C 609 33.96 -91.74 -34.77
N SER C 610 34.65 -91.30 -33.73
CA SER C 610 36.07 -91.56 -33.58
C SER C 610 36.33 -93.07 -33.52
N ASN C 611 35.35 -93.83 -33.04
CA ASN C 611 35.46 -95.28 -33.01
C ASN C 611 35.34 -95.87 -34.42
N ASP C 612 34.52 -95.26 -35.27
CA ASP C 612 34.25 -95.80 -36.60
C ASP C 612 35.33 -95.43 -37.62
N ILE C 613 36.25 -94.56 -37.20
CA ILE C 613 37.43 -94.25 -38.00
C ILE C 613 38.50 -95.29 -37.65
N ILE C 614 38.42 -95.79 -36.42
CA ILE C 614 39.40 -96.73 -35.91
C ILE C 614 39.09 -98.16 -36.34
N ALA C 615 37.84 -98.52 -36.41
CA ALA C 615 37.46 -99.85 -36.88
C ALA C 615 37.36 -99.95 -38.39
N LYS C 616 37.82 -98.93 -39.10
CA LYS C 616 37.87 -98.97 -40.56
C LYS C 616 39.29 -98.74 -40.99
N PHE C 617 40.04 -98.08 -40.15
CA PHE C 617 41.35 -97.61 -40.49
C PHE C 617 42.29 -98.17 -39.45
N GLY C 618 42.09 -99.44 -39.12
CA GLY C 618 42.82 -100.15 -38.08
C GLY C 618 44.20 -100.60 -38.49
N MET D 2 49.35 -71.57 -17.13
CA MET D 2 50.61 -71.67 -17.88
C MET D 2 51.84 -71.34 -17.02
N PHE D 3 52.48 -72.39 -16.50
CA PHE D 3 53.76 -72.28 -15.82
C PHE D 3 54.85 -72.33 -16.87
N LEU D 4 55.54 -71.23 -17.13
CA LEU D 4 56.43 -71.19 -18.29
C LEU D 4 57.64 -72.11 -18.16
N ASP D 5 57.88 -72.90 -19.20
CA ASP D 5 58.88 -73.92 -19.08
C ASP D 5 60.15 -73.11 -19.12
N THR D 6 60.82 -73.09 -18.00
CA THR D 6 62.03 -72.32 -17.86
C THR D 6 62.72 -72.66 -16.60
N THR D 7 63.78 -71.90 -16.32
CA THR D 7 64.65 -72.22 -15.19
C THR D 7 63.93 -72.14 -13.84
N PRO D 8 63.56 -73.30 -13.26
CA PRO D 8 62.73 -73.38 -12.05
C PRO D 8 63.40 -72.83 -10.78
N PHE D 9 62.59 -72.23 -9.93
CA PHE D 9 63.04 -71.52 -8.72
C PHE D 9 63.92 -72.36 -7.79
N ARG D 10 65.13 -71.85 -7.52
CA ARG D 10 65.99 -72.46 -6.52
C ARG D 10 66.28 -71.46 -5.40
N ALA D 11 65.98 -71.88 -4.17
CA ALA D 11 66.10 -71.03 -2.99
C ALA D 11 67.40 -71.29 -2.24
N ASP D 12 68.48 -71.48 -3.00
CA ASP D 12 69.80 -71.75 -2.43
C ASP D 12 70.88 -71.07 -3.26
N GLU D 13 70.44 -70.19 -4.16
CA GLU D 13 71.34 -69.34 -4.93
C GLU D 13 70.68 -67.98 -5.06
N PRO D 14 71.04 -67.05 -4.16
CA PRO D 14 70.55 -65.66 -4.22
C PRO D 14 70.79 -65.08 -5.61
N TYR D 15 69.83 -64.31 -6.09
CA TYR D 15 69.90 -63.75 -7.43
C TYR D 15 70.70 -62.45 -7.44
N ASP D 16 71.14 -62.05 -8.62
CA ASP D 16 71.74 -60.74 -8.78
C ASP D 16 70.64 -59.69 -8.79
N VAL D 17 69.60 -59.93 -9.57
CA VAL D 17 68.48 -59.00 -9.62
C VAL D 17 67.13 -59.64 -9.32
N PHE D 18 66.37 -58.99 -8.45
CA PHE D 18 64.95 -59.23 -8.33
C PHE D 18 64.17 -58.11 -9.02
N ILE D 19 63.28 -58.47 -9.94
CA ILE D 19 62.37 -57.49 -10.51
C ILE D 19 60.91 -57.84 -10.22
N ALA D 20 60.19 -56.90 -9.63
CA ALA D 20 58.74 -57.00 -9.56
C ALA D 20 58.10 -56.22 -10.73
N GLY D 21 57.30 -56.92 -11.51
CA GLY D 21 56.64 -56.32 -12.65
C GLY D 21 57.24 -56.77 -13.96
N SER D 22 56.43 -57.37 -14.82
CA SER D 22 56.92 -57.86 -16.10
C SER D 22 56.44 -56.98 -17.26
N GLY D 23 56.30 -55.69 -17.00
CA GLY D 23 55.91 -54.76 -18.04
C GLY D 23 57.01 -54.60 -19.07
N PRO D 24 56.89 -53.60 -19.94
CA PRO D 24 58.00 -53.39 -20.86
C PRO D 24 59.17 -52.75 -20.13
N ILE D 25 58.87 -51.99 -19.09
CA ILE D 25 59.89 -51.29 -18.34
C ILE D 25 60.67 -52.26 -17.44
N GLY D 26 59.96 -53.23 -16.87
CA GLY D 26 60.58 -54.19 -16.00
C GLY D 26 61.38 -55.18 -16.80
N ALA D 27 60.93 -55.44 -18.02
CA ALA D 27 61.58 -56.40 -18.90
C ALA D 27 62.79 -55.78 -19.54
N THR D 28 62.85 -54.45 -19.53
CA THR D 28 64.03 -53.76 -20.01
C THR D 28 65.17 -54.07 -19.06
N PHE D 29 64.85 -54.16 -17.77
CA PHE D 29 65.81 -54.56 -16.76
C PHE D 29 66.25 -55.99 -16.99
N ALA D 30 65.26 -56.88 -17.14
CA ALA D 30 65.55 -58.30 -17.29
C ALA D 30 66.49 -58.57 -18.46
N LYS D 31 66.29 -57.82 -19.56
CA LYS D 31 67.08 -58.03 -20.79
C LYS D 31 68.48 -57.49 -20.70
N LEU D 32 68.62 -56.26 -20.22
CA LEU D 32 69.93 -55.68 -20.11
C LEU D 32 70.77 -56.41 -19.04
N CYS D 33 70.14 -56.80 -17.95
CA CYS D 33 70.87 -57.42 -16.86
C CYS D 33 71.37 -58.81 -17.18
N VAL D 34 70.49 -59.64 -17.74
CA VAL D 34 70.91 -60.96 -18.19
C VAL D 34 71.90 -60.86 -19.36
N ASP D 35 71.85 -59.77 -20.12
CA ASP D 35 72.84 -59.54 -21.17
C ASP D 35 74.23 -59.43 -20.54
N ALA D 36 74.29 -58.76 -19.39
CA ALA D 36 75.53 -58.56 -18.67
C ALA D 36 75.77 -59.69 -17.67
N ASN D 37 75.45 -60.91 -18.08
CA ASN D 37 75.68 -62.12 -17.26
C ASN D 37 75.13 -62.11 -15.83
N LEU D 38 74.36 -61.09 -15.47
CA LEU D 38 73.68 -61.09 -14.17
C LEU D 38 72.57 -62.15 -14.15
N ARG D 39 72.26 -62.64 -12.96
CA ARG D 39 71.25 -63.70 -12.82
C ARG D 39 70.00 -63.07 -12.20
N VAL D 40 68.89 -63.20 -12.91
CA VAL D 40 67.73 -62.36 -12.64
C VAL D 40 66.47 -63.17 -12.32
N CYS D 41 65.80 -62.78 -11.23
CA CYS D 41 64.50 -63.34 -10.89
C CYS D 41 63.37 -62.27 -11.00
N MET D 42 62.32 -62.58 -11.75
CA MET D 42 61.21 -61.64 -11.96
C MET D 42 59.85 -62.27 -11.61
N VAL D 43 59.06 -61.56 -10.81
CA VAL D 43 57.71 -62.00 -10.49
C VAL D 43 56.61 -61.19 -11.18
N GLU D 44 55.71 -61.88 -11.87
CA GLU D 44 54.52 -61.25 -12.41
C GLU D 44 53.23 -61.70 -11.68
N ILE D 45 52.45 -60.72 -11.22
CA ILE D 45 51.27 -61.03 -10.44
C ILE D 45 50.10 -61.51 -11.31
N GLY D 46 50.14 -61.12 -12.57
CA GLY D 46 49.13 -61.55 -13.53
C GLY D 46 49.54 -62.86 -14.17
N ALA D 47 48.79 -63.30 -15.18
CA ALA D 47 49.11 -64.56 -15.84
C ALA D 47 49.83 -64.37 -17.19
N ALA D 48 50.31 -65.46 -17.77
CA ALA D 48 50.88 -65.41 -19.10
C ALA D 48 49.79 -65.90 -20.04
N ASP D 49 49.19 -64.95 -20.75
CA ASP D 49 48.04 -65.24 -21.59
C ASP D 49 48.31 -64.96 -23.07
N SER D 50 49.37 -64.22 -23.37
CA SER D 50 49.64 -63.90 -24.76
C SER D 50 51.02 -64.39 -25.26
N PHE D 51 50.97 -65.25 -26.27
CA PHE D 51 52.17 -65.92 -26.74
C PHE D 51 52.37 -65.85 -28.25
N THR D 52 53.64 -65.76 -28.64
CA THR D 52 54.06 -66.19 -29.97
C THR D 52 55.19 -67.19 -29.81
N SER D 53 55.63 -67.82 -30.91
CA SER D 53 56.61 -68.89 -30.81
C SER D 53 57.78 -68.76 -31.78
N LYS D 54 58.99 -68.78 -31.23
CA LYS D 54 60.20 -68.61 -32.01
C LYS D 54 61.08 -69.86 -31.92
N PRO D 55 62.07 -69.98 -32.81
CA PRO D 55 63.02 -71.09 -32.70
C PRO D 55 64.10 -70.83 -31.66
N MET D 56 64.60 -71.90 -31.02
CA MET D 56 65.67 -71.80 -30.03
C MET D 56 66.99 -71.42 -30.69
N LYS D 57 67.84 -70.67 -29.99
CA LYS D 57 69.20 -70.43 -30.48
C LYS D 57 70.15 -71.52 -29.97
N GLY D 71 61.31 -77.52 -30.75
CA GLY D 71 62.33 -76.54 -31.10
C GLY D 71 61.74 -75.16 -31.26
N GLN D 72 60.51 -74.99 -30.78
CA GLN D 72 59.83 -73.72 -30.79
C GLN D 72 59.53 -73.30 -29.36
N VAL D 73 60.16 -72.22 -28.91
CA VAL D 73 59.92 -71.73 -27.54
C VAL D 73 58.79 -70.70 -27.44
N PRO D 74 57.78 -70.96 -26.58
CA PRO D 74 56.71 -69.99 -26.33
C PRO D 74 57.23 -68.76 -25.61
N ILE D 75 56.87 -67.59 -26.15
CA ILE D 75 57.31 -66.32 -25.59
C ILE D 75 56.10 -65.51 -25.13
N PRO D 76 56.15 -64.96 -23.92
CA PRO D 76 54.98 -64.25 -23.41
C PRO D 76 55.07 -62.74 -23.67
N GLY D 77 53.98 -62.01 -23.41
CA GLY D 77 53.98 -60.57 -23.62
C GLY D 77 53.90 -60.20 -25.08
N TYR D 78 53.25 -61.04 -25.86
CA TYR D 78 53.00 -60.78 -27.27
C TYR D 78 51.74 -59.91 -27.41
N HIS D 79 51.76 -58.99 -28.36
CA HIS D 79 50.67 -58.04 -28.48
C HIS D 79 49.41 -58.72 -28.98
N LYS D 80 48.31 -58.52 -28.28
CA LYS D 80 47.07 -59.22 -28.59
C LYS D 80 46.50 -58.82 -29.95
N LYS D 81 46.75 -57.58 -30.33
CA LYS D 81 46.33 -57.04 -31.63
C LYS D 81 46.99 -57.78 -32.81
N ASN D 82 47.99 -58.61 -32.53
CA ASN D 82 48.69 -59.31 -33.60
C ASN D 82 47.99 -60.57 -34.08
N GLU D 83 47.09 -61.12 -33.28
CA GLU D 83 46.33 -62.27 -33.74
C GLU D 83 45.55 -61.81 -34.94
N ILE D 84 45.42 -62.70 -35.91
CA ILE D 84 44.78 -62.34 -37.17
C ILE D 84 43.36 -61.84 -37.00
N GLU D 85 42.61 -62.48 -36.11
CA GLU D 85 41.24 -62.08 -35.79
C GLU D 85 41.10 -60.57 -35.67
N TYR D 86 42.06 -59.96 -34.97
CA TYR D 86 42.05 -58.53 -34.74
C TYR D 86 42.68 -57.76 -35.88
N GLN D 87 43.55 -58.41 -36.65
CA GLN D 87 44.12 -57.76 -37.80
C GLN D 87 43.04 -57.61 -38.86
N LYS D 88 42.09 -58.52 -38.84
CA LYS D 88 41.01 -58.48 -39.78
C LYS D 88 39.70 -57.84 -39.35
N ASP D 89 39.62 -57.43 -38.09
CA ASP D 89 38.44 -56.88 -37.50
C ASP D 89 38.86 -56.06 -36.31
N ILE D 90 39.43 -54.92 -36.57
CA ILE D 90 40.02 -54.09 -35.56
C ILE D 90 39.04 -53.52 -34.58
N ASP D 91 37.82 -53.40 -35.01
CA ASP D 91 36.80 -52.77 -34.17
C ASP D 91 36.41 -53.67 -33.00
N ARG D 92 36.86 -54.92 -33.05
CA ARG D 92 36.56 -55.90 -32.03
C ARG D 92 37.53 -55.83 -30.84
N PHE D 93 38.71 -55.26 -31.06
CA PHE D 93 39.79 -55.27 -30.09
C PHE D 93 39.52 -54.41 -28.87
N VAL D 94 38.63 -53.42 -29.02
CA VAL D 94 38.26 -52.58 -27.87
C VAL D 94 37.78 -53.44 -26.69
N ASN D 95 37.16 -54.58 -27.01
CA ASN D 95 36.74 -55.49 -25.97
C ASN D 95 37.90 -56.08 -25.19
N VAL D 96 38.96 -56.46 -25.89
CA VAL D 96 40.17 -56.93 -25.23
C VAL D 96 40.68 -55.88 -24.25
N ILE D 97 40.77 -54.64 -24.73
CA ILE D 97 41.19 -53.52 -23.90
C ILE D 97 40.33 -53.36 -22.65
N LYS D 98 39.00 -53.31 -22.82
CA LYS D 98 38.10 -53.15 -21.70
C LYS D 98 38.20 -54.36 -20.75
N GLY D 99 38.42 -55.53 -21.33
CA GLY D 99 38.51 -56.74 -20.53
C GLY D 99 39.81 -56.87 -19.75
N ALA D 100 40.80 -56.06 -20.07
CA ALA D 100 42.06 -56.12 -19.35
C ALA D 100 42.26 -54.92 -18.44
N LEU D 101 41.38 -53.93 -18.56
CA LEU D 101 41.51 -52.75 -17.72
C LEU D 101 40.83 -53.02 -16.38
N SER D 102 41.51 -52.63 -15.31
CA SER D 102 41.03 -52.84 -13.95
C SER D 102 41.13 -51.53 -13.19
N THR D 103 40.00 -50.84 -13.07
CA THR D 103 39.94 -49.48 -12.54
C THR D 103 40.47 -49.41 -11.12
N CYS D 104 41.17 -48.34 -10.78
CA CYS D 104 41.91 -48.28 -9.53
C CYS D 104 41.10 -47.83 -8.31
N SER D 105 40.37 -46.72 -8.47
CA SER D 105 39.60 -46.17 -7.36
C SER D 105 38.14 -45.88 -7.73
N ILE D 106 37.26 -46.82 -7.44
CA ILE D 106 35.83 -46.62 -7.63
C ILE D 106 35.19 -46.09 -6.34
N PRO D 107 34.66 -44.86 -6.38
CA PRO D 107 34.14 -44.22 -5.15
C PRO D 107 32.78 -44.78 -4.76
N THR D 108 32.42 -44.71 -3.48
CA THR D 108 31.15 -45.25 -3.01
C THR D 108 29.99 -44.43 -3.53
N SER D 109 28.83 -45.07 -3.64
CA SER D 109 27.60 -44.37 -3.93
C SER D 109 26.48 -45.14 -3.29
N ASN D 110 25.39 -44.42 -3.04
CA ASN D 110 24.19 -45.00 -2.45
C ASN D 110 23.01 -44.35 -3.11
N ASN D 111 22.70 -44.77 -4.33
CA ASN D 111 21.60 -44.20 -5.11
C ASN D 111 20.30 -44.94 -4.95
N HIS D 112 19.23 -44.16 -4.88
CA HIS D 112 17.87 -44.64 -4.81
C HIS D 112 17.47 -45.12 -6.19
N ILE D 113 17.03 -46.37 -6.25
CA ILE D 113 16.43 -46.90 -7.47
C ILE D 113 14.94 -46.99 -7.22
N ALA D 114 14.21 -46.03 -7.77
CA ALA D 114 12.80 -45.88 -7.46
C ALA D 114 11.92 -46.94 -8.09
N THR D 115 12.44 -47.75 -9.00
CA THR D 115 11.55 -48.69 -9.66
C THR D 115 11.76 -50.16 -9.30
N LEU D 116 12.45 -50.40 -8.21
CA LEU D 116 12.58 -51.76 -7.69
C LEU D 116 11.19 -52.27 -7.31
N ASP D 117 10.90 -53.49 -7.69
CA ASP D 117 9.83 -54.24 -7.05
C ASP D 117 9.97 -54.06 -5.54
N PRO D 118 8.91 -53.60 -4.89
CA PRO D 118 9.10 -53.16 -3.51
C PRO D 118 9.37 -54.30 -2.50
N SER D 119 9.32 -55.54 -2.95
CA SER D 119 9.63 -56.63 -2.04
C SER D 119 11.10 -57.08 -2.02
N VAL D 120 11.92 -56.55 -2.93
CA VAL D 120 13.28 -57.06 -3.11
C VAL D 120 14.31 -56.38 -2.22
N VAL D 121 15.38 -57.08 -1.91
CA VAL D 121 16.51 -56.51 -1.19
C VAL D 121 16.89 -55.12 -1.74
N SER D 122 16.97 -54.14 -0.86
CA SER D 122 17.24 -52.78 -1.28
C SER D 122 18.15 -52.01 -0.32
N ASN D 123 18.87 -51.04 -0.88
CA ASN D 123 19.57 -50.10 -0.03
C ASN D 123 18.59 -49.09 0.52
N SER D 124 18.95 -48.48 1.65
CA SER D 124 18.16 -47.40 2.24
C SER D 124 19.09 -46.24 2.53
N LEU D 125 18.55 -45.18 3.11
CA LEU D 125 19.36 -44.01 3.42
C LEU D 125 20.41 -44.30 4.48
N ASP D 126 20.08 -45.16 5.43
CA ASP D 126 20.98 -45.39 6.55
C ASP D 126 21.65 -46.75 6.51
N LYS D 127 21.12 -47.64 5.69
CA LYS D 127 21.74 -48.93 5.47
C LYS D 127 22.04 -49.06 3.98
N PRO D 128 23.17 -48.47 3.56
CA PRO D 128 23.60 -48.52 2.17
C PRO D 128 24.31 -49.84 1.91
N PHE D 129 24.22 -50.36 0.70
CA PHE D 129 24.97 -51.55 0.31
C PHE D 129 26.46 -51.42 0.61
N ILE D 130 27.08 -52.53 0.99
CA ILE D 130 28.53 -52.62 1.05
C ILE D 130 28.96 -53.45 -0.13
N SER D 131 29.64 -52.83 -1.09
CA SER D 131 29.95 -53.50 -2.34
C SER D 131 31.44 -53.63 -2.52
N LEU D 132 31.88 -54.88 -2.52
CA LEU D 132 33.27 -55.28 -2.62
C LEU D 132 34.07 -54.62 -3.76
N GLY D 133 35.08 -53.85 -3.38
CA GLY D 133 36.01 -53.27 -4.35
C GLY D 133 36.00 -51.76 -4.34
N LYS D 134 34.83 -51.17 -4.20
CA LYS D 134 34.75 -49.72 -4.25
C LYS D 134 35.53 -49.11 -3.07
N ASN D 135 35.77 -47.81 -3.14
CA ASN D 135 36.69 -47.16 -2.21
C ASN D 135 36.06 -45.98 -1.49
N PRO D 136 35.73 -46.18 -0.22
CA PRO D 136 35.04 -45.21 0.63
C PRO D 136 35.82 -43.91 0.87
N ALA D 137 37.11 -43.90 0.55
CA ALA D 137 37.94 -42.73 0.86
C ALA D 137 37.96 -41.70 -0.27
N GLN D 138 37.59 -42.15 -1.47
CA GLN D 138 37.74 -41.32 -2.64
C GLN D 138 36.66 -40.26 -2.70
N ASN D 139 37.10 -39.01 -2.76
CA ASN D 139 36.25 -37.89 -3.10
C ASN D 139 36.28 -37.79 -4.61
N PRO D 140 35.13 -38.07 -5.24
CA PRO D 140 34.96 -38.16 -6.69
C PRO D 140 35.46 -36.93 -7.44
N PHE D 141 35.48 -35.77 -6.78
CA PHE D 141 35.78 -34.49 -7.43
C PHE D 141 37.29 -34.28 -7.65
N VAL D 142 38.10 -35.15 -7.08
CA VAL D 142 39.54 -35.05 -7.18
C VAL D 142 40.05 -36.39 -7.64
N ASN D 143 39.13 -37.27 -8.03
CA ASN D 143 39.52 -38.59 -8.49
C ASN D 143 40.26 -38.58 -9.83
N LEU D 144 40.79 -39.73 -10.17
CA LEU D 144 41.25 -40.04 -11.52
C LEU D 144 40.42 -41.24 -11.94
N GLY D 145 39.13 -40.98 -12.19
CA GLY D 145 38.15 -42.03 -12.32
C GLY D 145 38.44 -43.09 -13.35
N ALA D 146 39.15 -42.73 -14.42
CA ALA D 146 39.39 -43.70 -15.48
C ALA D 146 40.74 -44.39 -15.41
N GLU D 147 41.61 -43.94 -14.50
CA GLU D 147 42.91 -44.56 -14.30
C GLU D 147 42.73 -46.03 -13.90
N ALA D 148 43.49 -46.91 -14.54
CA ALA D 148 43.30 -48.35 -14.39
C ALA D 148 44.59 -49.14 -14.60
N VAL D 149 44.52 -50.47 -14.47
CA VAL D 149 45.70 -51.32 -14.67
C VAL D 149 45.40 -52.63 -15.40
N THR D 150 46.41 -53.14 -16.09
CA THR D 150 46.37 -54.47 -16.67
C THR D 150 47.29 -55.36 -15.86
N ARG D 151 46.85 -56.58 -15.61
CA ARG D 151 47.65 -57.51 -14.84
C ARG D 151 47.95 -58.75 -15.67
N GLY D 152 49.23 -58.96 -15.97
CA GLY D 152 49.64 -60.08 -16.78
C GLY D 152 51.01 -59.82 -17.33
N VAL D 153 51.58 -60.82 -18.00
CA VAL D 153 52.91 -60.66 -18.58
C VAL D 153 52.89 -59.65 -19.73
N GLY D 154 53.58 -58.54 -19.53
CA GLY D 154 53.65 -57.52 -20.54
C GLY D 154 53.12 -56.22 -19.99
N GLY D 155 52.45 -56.31 -18.84
CA GLY D 155 51.74 -55.16 -18.29
C GLY D 155 50.75 -54.69 -19.33
N MET D 156 50.63 -53.38 -19.49
CA MET D 156 49.71 -52.82 -20.45
C MET D 156 50.18 -53.03 -21.89
N SER D 157 51.42 -53.48 -22.06
CA SER D 157 51.99 -53.58 -23.40
C SER D 157 51.35 -54.63 -24.30
N THR D 158 50.57 -55.54 -23.72
CA THR D 158 49.92 -56.57 -24.55
C THR D 158 48.69 -56.00 -25.27
N ALA D 159 48.35 -54.75 -24.99
CA ALA D 159 47.23 -54.15 -25.70
C ALA D 159 47.43 -52.68 -26.07
N TRP D 160 48.63 -52.14 -25.85
CA TRP D 160 48.85 -50.71 -26.04
C TRP D 160 48.78 -50.25 -27.49
N THR D 161 48.61 -48.96 -27.67
CA THR D 161 48.43 -48.39 -29.01
C THR D 161 49.79 -48.07 -29.70
N CYS D 162 50.87 -48.11 -28.93
CA CYS D 162 52.24 -48.30 -29.43
C CYS D 162 52.98 -47.04 -29.84
N ALA D 163 52.31 -45.90 -29.71
CA ALA D 163 52.92 -44.61 -30.03
C ALA D 163 54.12 -44.35 -29.13
N THR D 164 55.27 -44.11 -29.76
CA THR D 164 56.51 -43.88 -29.01
C THR D 164 57.21 -42.60 -29.48
N PRO D 165 56.73 -41.42 -29.05
CA PRO D 165 57.44 -40.17 -29.36
C PRO D 165 58.54 -39.86 -28.34
N GLU D 166 59.35 -38.83 -28.62
CA GLU D 166 60.33 -38.33 -27.65
C GLU D 166 59.71 -37.16 -26.92
N PHE D 167 60.31 -36.74 -25.80
CA PHE D 167 59.85 -35.54 -25.11
C PHE D 167 60.53 -34.27 -25.62
N PHE D 168 59.86 -33.13 -25.44
CA PHE D 168 60.37 -31.84 -25.88
C PHE D 168 61.34 -31.25 -24.86
N ALA D 169 62.47 -30.75 -25.36
CA ALA D 169 63.41 -29.97 -24.57
C ALA D 169 63.54 -28.59 -25.20
N PRO D 170 63.26 -27.54 -24.41
CA PRO D 170 63.40 -26.19 -24.96
C PRO D 170 64.87 -25.88 -25.18
N ALA D 171 65.20 -25.18 -26.27
CA ALA D 171 66.58 -24.88 -26.59
C ALA D 171 67.27 -24.23 -25.40
N ASP D 172 66.57 -23.27 -24.80
CA ASP D 172 66.92 -22.77 -23.47
C ASP D 172 66.87 -23.97 -22.53
N PHE D 173 68.01 -24.34 -21.97
CA PHE D 173 68.04 -25.49 -21.07
C PHE D 173 67.39 -25.10 -19.74
N ASN D 174 66.96 -23.86 -19.63
CA ASN D 174 66.33 -23.36 -18.41
C ASN D 174 65.00 -22.63 -18.64
N ALA D 175 64.35 -22.91 -19.76
CA ALA D 175 63.01 -22.38 -20.01
C ALA D 175 62.11 -22.83 -18.86
N PRO D 176 61.05 -22.06 -18.54
CA PRO D 176 60.23 -22.29 -17.35
C PRO D 176 59.52 -23.65 -17.33
N HIS D 177 59.25 -24.20 -18.51
CA HIS D 177 58.66 -25.53 -18.58
C HIS D 177 59.33 -26.42 -19.62
N ARG D 178 59.44 -27.70 -19.30
CA ARG D 178 60.04 -28.68 -20.20
C ARG D 178 59.35 -30.04 -20.08
N GLU D 179 59.27 -30.76 -21.20
CA GLU D 179 58.75 -32.13 -21.22
C GLU D 179 59.81 -33.10 -20.71
N ARG D 180 60.96 -33.09 -21.38
CA ARG D 180 62.08 -33.98 -21.03
C ARG D 180 62.76 -33.58 -19.71
N PRO D 181 62.81 -34.52 -18.76
CA PRO D 181 63.46 -34.20 -17.49
C PRO D 181 64.98 -34.05 -17.64
N LYS D 182 65.57 -33.27 -16.75
CA LYS D 182 67.01 -33.06 -16.76
C LYS D 182 67.70 -34.21 -16.05
N LEU D 183 68.76 -34.71 -16.67
CA LEU D 183 69.59 -35.73 -16.04
C LEU D 183 70.91 -35.14 -15.54
N SER D 184 71.25 -33.96 -16.03
CA SER D 184 72.47 -33.24 -15.61
C SER D 184 72.15 -31.74 -15.55
N THR D 185 73.01 -30.97 -14.88
CA THR D 185 72.81 -29.51 -14.87
C THR D 185 73.60 -28.87 -16.01
N ASP D 186 74.39 -29.68 -16.69
CA ASP D 186 75.06 -29.26 -17.91
C ASP D 186 74.15 -29.56 -19.10
N ALA D 187 73.86 -28.54 -19.90
CA ALA D 187 72.98 -28.71 -21.06
C ALA D 187 73.54 -29.75 -22.04
N ALA D 188 74.85 -29.70 -22.25
CA ALA D 188 75.52 -30.55 -23.24
C ALA D 188 75.62 -32.01 -22.80
N GLU D 189 75.97 -32.24 -21.54
CA GLU D 189 75.93 -33.59 -21.00
C GLU D 189 74.50 -34.14 -21.01
N ASP D 190 73.56 -33.41 -20.39
CA ASP D 190 72.15 -33.78 -20.41
C ASP D 190 71.69 -34.15 -21.81
N ALA D 191 71.93 -33.26 -22.77
CA ALA D 191 71.61 -33.51 -24.17
C ALA D 191 72.19 -34.83 -24.66
N ARG D 192 73.46 -35.05 -24.37
CA ARG D 192 74.18 -36.23 -24.87
C ARG D 192 73.70 -37.54 -24.26
N ILE D 193 73.37 -37.51 -22.97
CA ILE D 193 72.81 -38.69 -22.33
C ILE D 193 71.52 -39.10 -23.04
N TRP D 194 70.60 -38.15 -23.19
CA TRP D 194 69.29 -38.43 -23.80
C TRP D 194 69.41 -38.96 -25.23
N LYS D 195 70.36 -38.43 -25.97
CA LYS D 195 70.56 -38.86 -27.35
C LYS D 195 70.83 -40.35 -27.38
N ASP D 196 71.66 -40.80 -26.45
CA ASP D 196 72.01 -42.20 -26.33
C ASP D 196 70.84 -43.06 -25.84
N LEU D 197 70.19 -42.64 -24.76
CA LEU D 197 69.05 -43.38 -24.20
C LEU D 197 67.93 -43.60 -25.22
N TYR D 198 67.53 -42.55 -25.90
CA TYR D 198 66.48 -42.65 -26.88
C TYR D 198 66.79 -43.62 -28.01
N ALA D 199 68.05 -43.69 -28.42
CA ALA D 199 68.44 -44.52 -29.55
C ALA D 199 68.41 -46.00 -29.21
N GLN D 200 68.75 -46.35 -27.98
CA GLN D 200 68.63 -47.73 -27.54
C GLN D 200 67.17 -48.10 -27.38
N ALA D 201 66.44 -47.24 -26.67
CA ALA D 201 65.03 -47.48 -26.38
C ALA D 201 64.26 -47.82 -27.66
N LYS D 202 64.51 -47.04 -28.70
CA LYS D 202 63.84 -47.27 -29.97
C LYS D 202 64.26 -48.59 -30.61
N GLU D 203 65.46 -49.07 -30.28
CA GLU D 203 65.87 -50.37 -30.82
C GLU D 203 65.31 -51.49 -29.95
N ILE D 204 65.17 -51.23 -28.66
CA ILE D 204 64.51 -52.16 -27.77
C ILE D 204 63.02 -52.29 -28.12
N ILE D 205 62.37 -51.16 -28.29
CA ILE D 205 60.93 -51.19 -28.52
C ILE D 205 60.56 -51.25 -30.00
N GLY D 206 61.54 -50.96 -30.87
CA GLY D 206 61.32 -51.07 -32.30
C GLY D 206 60.48 -49.97 -32.92
N THR D 207 60.72 -48.74 -32.49
CA THR D 207 60.12 -47.57 -33.14
C THR D 207 60.40 -47.52 -34.65
N SER D 208 59.56 -46.81 -35.38
CA SER D 208 59.64 -46.68 -36.83
C SER D 208 58.57 -45.67 -37.28
N THR D 209 58.93 -44.72 -38.13
CA THR D 209 57.97 -43.71 -38.54
C THR D 209 57.51 -43.89 -39.97
N THR D 210 57.74 -45.09 -40.50
CA THR D 210 57.56 -45.36 -41.91
C THR D 210 56.59 -46.49 -42.23
N GLU D 211 56.05 -47.11 -41.20
CA GLU D 211 55.14 -48.24 -41.39
C GLU D 211 53.80 -47.89 -42.06
N PHE D 212 53.49 -46.60 -42.16
CA PHE D 212 52.25 -46.18 -42.81
C PHE D 212 52.47 -45.29 -44.03
N ASP D 213 53.73 -45.15 -44.43
CA ASP D 213 54.13 -44.31 -45.57
C ASP D 213 53.46 -44.69 -46.88
N HIS D 214 52.88 -45.87 -46.97
CA HIS D 214 52.15 -46.23 -48.19
C HIS D 214 50.63 -46.38 -47.97
N SER D 215 50.12 -45.72 -46.94
CA SER D 215 48.68 -45.66 -46.76
C SER D 215 48.11 -44.39 -47.38
N ILE D 216 47.10 -44.58 -48.23
CA ILE D 216 46.35 -43.46 -48.80
C ILE D 216 45.75 -42.55 -47.75
N ARG D 217 44.99 -43.14 -46.83
CA ARG D 217 44.42 -42.39 -45.71
C ARG D 217 45.49 -41.63 -44.95
N HIS D 218 46.64 -42.25 -44.72
CA HIS D 218 47.72 -41.61 -43.97
C HIS D 218 48.31 -40.43 -44.72
N ASN D 219 48.56 -40.61 -46.01
CA ASN D 219 49.15 -39.57 -46.82
C ASN D 219 48.18 -38.44 -47.07
N LEU D 220 46.91 -38.79 -47.24
CA LEU D 220 45.87 -37.80 -47.45
C LEU D 220 45.82 -36.84 -46.27
N VAL D 221 45.74 -37.39 -45.07
CA VAL D 221 45.71 -36.56 -43.88
C VAL D 221 46.98 -35.75 -43.72
N LEU D 222 48.13 -36.43 -43.75
CA LEU D 222 49.43 -35.78 -43.59
C LEU D 222 49.74 -34.70 -44.65
N ARG D 223 49.61 -35.05 -45.92
CA ARG D 223 49.98 -34.12 -46.98
C ARG D 223 49.06 -32.91 -47.04
N LYS D 224 47.76 -33.13 -46.86
CA LYS D 224 46.78 -32.05 -46.95
C LYS D 224 46.87 -31.13 -45.75
N TYR D 225 47.18 -31.72 -44.59
CA TYR D 225 47.31 -30.94 -43.37
C TYR D 225 48.55 -30.07 -43.44
N ASN D 226 49.61 -30.60 -43.99
CA ASN D 226 50.82 -29.80 -44.10
C ASN D 226 50.66 -28.68 -45.10
N ASP D 227 50.07 -28.99 -46.25
CA ASP D 227 49.78 -27.99 -47.28
C ASP D 227 48.97 -26.84 -46.71
N ILE D 228 47.96 -27.18 -45.91
CA ILE D 228 47.06 -26.19 -45.36
C ILE D 228 47.80 -25.30 -44.38
N PHE D 229 48.71 -25.89 -43.64
CA PHE D 229 49.38 -25.13 -42.61
C PHE D 229 50.72 -24.55 -43.04
N GLN D 230 51.27 -25.05 -44.15
CA GLN D 230 52.44 -24.39 -44.72
C GLN D 230 52.01 -23.01 -45.18
N LYS D 231 50.75 -22.89 -45.59
CA LYS D 231 50.19 -21.64 -46.11
C LYS D 231 49.31 -20.90 -45.11
N GLU D 232 49.60 -21.01 -43.81
CA GLU D 232 48.73 -20.38 -42.80
C GLU D 232 49.50 -19.41 -41.90
N ASN D 233 48.78 -18.49 -41.27
CA ASN D 233 49.36 -17.43 -40.45
C ASN D 233 50.34 -17.94 -39.39
N VAL D 234 49.97 -19.02 -38.71
CA VAL D 234 50.87 -19.68 -37.78
C VAL D 234 51.12 -21.10 -38.27
N ILE D 235 52.37 -21.39 -38.66
CA ILE D 235 52.69 -22.71 -39.22
C ILE D 235 52.58 -23.79 -38.14
N ARG D 236 52.16 -24.99 -38.55
CA ARG D 236 52.20 -26.16 -37.70
C ARG D 236 52.69 -27.28 -38.60
N GLU D 237 53.65 -28.07 -38.12
CA GLU D 237 54.17 -29.17 -38.92
C GLU D 237 53.52 -30.48 -38.49
N PHE D 238 53.11 -31.27 -39.47
CA PHE D 238 52.52 -32.56 -39.17
C PHE D 238 53.52 -33.62 -39.57
N SER D 239 53.58 -34.69 -38.78
CA SER D 239 54.65 -35.68 -38.94
C SER D 239 54.09 -37.07 -38.72
N PRO D 240 54.81 -38.10 -39.18
CA PRO D 240 54.28 -39.44 -38.92
C PRO D 240 54.41 -39.70 -37.44
N LEU D 241 53.33 -40.20 -36.84
CA LEU D 241 53.37 -40.55 -35.44
C LEU D 241 54.29 -41.75 -35.30
N PRO D 242 55.30 -41.63 -34.46
CA PRO D 242 56.22 -42.77 -34.33
C PRO D 242 55.63 -43.95 -33.56
N LEU D 243 55.71 -45.13 -34.17
CA LEU D 243 55.05 -46.31 -33.66
C LEU D 243 55.99 -47.50 -33.47
N ALA D 244 55.76 -48.25 -32.41
CA ALA D 244 56.56 -49.44 -32.13
C ALA D 244 55.91 -50.64 -32.77
N CYS D 245 56.20 -50.85 -34.06
CA CYS D 245 55.57 -51.91 -34.85
C CYS D 245 56.32 -52.03 -36.14
N HIS D 246 55.95 -53.00 -36.96
CA HIS D 246 56.43 -53.01 -38.35
C HIS D 246 55.42 -53.67 -39.29
N ARG D 247 55.34 -53.15 -40.50
CA ARG D 247 54.45 -53.72 -41.48
C ARG D 247 55.11 -55.00 -41.95
N LEU D 248 54.36 -56.08 -42.02
CA LEU D 248 54.90 -57.34 -42.49
C LEU D 248 54.89 -57.30 -44.00
N THR D 249 55.26 -58.40 -44.64
CA THR D 249 55.43 -58.44 -46.08
C THR D 249 54.12 -58.78 -46.81
N ASP D 250 53.07 -59.05 -46.03
CA ASP D 250 51.72 -58.95 -46.55
C ASP D 250 51.16 -57.69 -45.91
N PRO D 251 51.34 -56.54 -46.57
CA PRO D 251 51.13 -55.21 -45.98
C PRO D 251 49.78 -55.01 -45.27
N ASP D 252 48.83 -55.91 -45.43
CA ASP D 252 47.60 -55.83 -44.64
C ASP D 252 47.91 -56.04 -43.16
N TYR D 253 48.97 -56.82 -42.88
CA TYR D 253 49.35 -57.11 -41.51
C TYR D 253 50.47 -56.23 -40.95
N VAL D 254 50.29 -55.83 -39.70
CA VAL D 254 51.27 -55.07 -38.97
C VAL D 254 51.56 -55.92 -37.77
N GLU D 255 52.82 -56.02 -37.37
CA GLU D 255 53.11 -56.67 -36.10
C GLU D 255 53.41 -55.57 -35.09
N TRP D 256 52.49 -55.40 -34.14
CA TRP D 256 52.66 -54.44 -33.08
C TRP D 256 53.63 -55.00 -32.03
N HIS D 257 54.50 -54.16 -31.51
CA HIS D 257 55.57 -54.62 -30.63
C HIS D 257 55.17 -54.54 -29.17
N ALA D 258 55.68 -55.47 -28.37
CA ALA D 258 55.38 -55.49 -26.96
C ALA D 258 56.52 -56.15 -26.23
N THR D 259 56.27 -56.49 -24.97
CA THR D 259 57.19 -57.19 -24.10
C THR D 259 57.92 -58.36 -24.78
N ASP D 260 57.20 -59.14 -25.59
CA ASP D 260 57.78 -60.31 -26.24
C ASP D 260 59.09 -60.06 -27.00
N ARG D 261 59.23 -58.87 -27.60
CA ARG D 261 60.43 -58.59 -28.38
C ARG D 261 61.58 -58.26 -27.44
N ILE D 262 61.25 -57.77 -26.24
CA ILE D 262 62.24 -57.45 -25.23
C ILE D 262 62.70 -58.72 -24.49
N LEU D 263 61.76 -59.48 -23.97
CA LEU D 263 62.07 -60.70 -23.23
C LEU D 263 62.57 -61.82 -24.11
N GLU D 264 62.52 -61.59 -25.43
CA GLU D 264 62.80 -62.60 -26.43
C GLU D 264 64.09 -63.41 -26.18
N GLU D 265 65.19 -62.71 -26.04
CA GLU D 265 66.48 -63.36 -25.94
C GLU D 265 66.49 -64.30 -24.74
N LEU D 266 65.95 -63.83 -23.63
CA LEU D 266 65.99 -64.58 -22.37
C LEU D 266 65.23 -65.91 -22.45
N PHE D 267 64.59 -66.15 -23.58
CA PHE D 267 63.81 -67.36 -23.77
C PHE D 267 64.42 -68.23 -24.84
N THR D 268 65.16 -67.58 -25.74
CA THR D 268 65.63 -68.24 -26.94
C THR D 268 67.13 -68.60 -26.89
N ASP D 269 67.87 -67.91 -26.04
CA ASP D 269 69.29 -68.18 -25.90
C ASP D 269 69.46 -69.06 -24.67
N PRO D 270 69.78 -70.35 -24.89
CA PRO D 270 69.89 -71.40 -23.85
C PRO D 270 70.75 -70.99 -22.67
N VAL D 271 71.68 -70.08 -22.91
CA VAL D 271 72.52 -69.56 -21.85
C VAL D 271 71.76 -68.48 -21.08
N LYS D 272 71.02 -67.66 -21.81
CA LYS D 272 70.23 -66.62 -21.16
C LYS D 272 69.03 -67.25 -20.47
N ARG D 273 68.58 -68.37 -21.02
CA ARG D 273 67.60 -69.24 -20.36
C ARG D 273 67.95 -69.41 -18.89
N GLY D 274 69.16 -69.88 -18.63
CA GLY D 274 69.60 -70.25 -17.28
C GLY D 274 69.79 -69.14 -16.26
N ARG D 275 69.90 -67.91 -16.71
CA ARG D 275 70.06 -66.80 -15.77
C ARG D 275 68.74 -66.08 -15.50
N PHE D 276 67.65 -66.64 -16.03
CA PHE D 276 66.37 -65.95 -15.98
C PHE D 276 65.24 -66.81 -15.44
N THR D 277 64.68 -66.37 -14.31
CA THR D 277 63.54 -67.03 -13.69
C THR D 277 62.33 -66.12 -13.77
N LEU D 278 61.21 -66.65 -14.26
CA LEU D 278 59.97 -65.85 -14.37
C LEU D 278 58.82 -66.47 -13.59
N LEU D 279 58.40 -65.76 -12.55
CA LEU D 279 57.31 -66.22 -11.71
C LEU D 279 55.99 -65.47 -11.98
N THR D 280 55.08 -66.12 -12.69
CA THR D 280 53.78 -65.55 -12.98
C THR D 280 52.77 -65.90 -11.89
N ASN D 281 51.72 -65.08 -11.81
CA ASN D 281 50.73 -65.16 -10.71
C ASN D 281 51.38 -65.08 -9.35
N HIS D 282 52.41 -64.24 -9.25
CA HIS D 282 53.13 -64.04 -8.00
C HIS D 282 53.03 -62.61 -7.52
N ARG D 283 52.39 -62.42 -6.37
CA ARG D 283 52.23 -61.09 -5.84
C ARG D 283 53.43 -60.71 -5.01
N CYS D 284 54.22 -59.77 -5.51
CA CYS D 284 55.19 -59.13 -4.66
C CYS D 284 54.44 -58.33 -3.61
N THR D 285 54.18 -58.95 -2.47
CA THR D 285 53.38 -58.33 -1.41
C THR D 285 54.05 -57.10 -0.81
N LYS D 286 55.31 -57.23 -0.44
CA LYS D 286 56.06 -56.08 0.03
C LYS D 286 57.56 -56.34 0.03
N LEU D 287 58.31 -55.31 0.36
CA LEU D 287 59.73 -55.46 0.56
C LEU D 287 59.99 -55.25 2.04
N VAL D 288 60.70 -56.21 2.62
CA VAL D 288 61.14 -56.14 3.99
C VAL D 288 62.52 -55.49 3.98
N PHE D 289 62.72 -54.51 4.85
CA PHE D 289 64.01 -53.85 4.99
C PHE D 289 64.80 -54.41 6.18
N LYS D 290 66.02 -53.92 6.37
CA LYS D 290 66.82 -54.31 7.53
C LYS D 290 66.42 -53.52 8.75
N HIS D 291 65.87 -52.33 8.53
CA HIS D 291 65.34 -51.51 9.61
C HIS D 291 64.41 -50.47 9.03
N TYR D 292 63.66 -49.80 9.89
CA TYR D 292 62.61 -48.88 9.45
C TYR D 292 62.73 -47.48 10.05
N ARG D 293 63.96 -46.99 10.17
CA ARG D 293 64.15 -45.63 10.65
C ARG D 293 64.41 -44.69 9.48
N PRO D 294 63.82 -43.49 9.53
CA PRO D 294 63.93 -42.53 8.44
C PRO D 294 65.19 -41.67 8.57
N GLY D 295 65.80 -41.29 7.46
CA GLY D 295 66.91 -40.35 7.48
C GLY D 295 68.30 -40.94 7.25
N GLU D 296 68.48 -42.20 7.64
CA GLU D 296 69.77 -42.88 7.49
C GLU D 296 69.70 -44.00 6.45
N GLU D 297 70.86 -44.45 6.00
CA GLU D 297 70.94 -45.45 4.94
C GLU D 297 70.17 -46.73 5.32
N ASN D 298 69.93 -47.58 4.34
CA ASN D 298 69.08 -48.74 4.53
C ASN D 298 69.27 -49.73 3.40
N GLU D 299 68.91 -50.98 3.63
CA GLU D 299 68.96 -52.00 2.58
C GLU D 299 67.65 -52.79 2.47
N VAL D 300 67.28 -53.12 1.24
CA VAL D 300 66.19 -54.06 1.03
C VAL D 300 66.64 -55.42 1.51
N ASP D 301 66.09 -55.88 2.62
CA ASP D 301 66.44 -57.19 3.16
C ASP D 301 66.06 -58.27 2.14
N TYR D 302 64.76 -58.42 1.88
CA TYR D 302 64.30 -59.39 0.88
C TYR D 302 62.90 -59.11 0.33
N ALA D 303 62.52 -59.86 -0.70
CA ALA D 303 61.21 -59.73 -1.31
C ALA D 303 60.23 -60.73 -0.72
N LEU D 304 59.15 -60.20 -0.15
CA LEU D 304 58.05 -61.01 0.35
C LEU D 304 57.07 -61.20 -0.80
N VAL D 305 56.81 -62.46 -1.17
CA VAL D 305 56.15 -62.79 -2.43
C VAL D 305 55.27 -64.04 -2.34
N GLU D 306 54.04 -63.94 -2.86
CA GLU D 306 53.07 -65.03 -2.75
C GLU D 306 52.71 -65.70 -4.07
N ASP D 307 52.52 -67.02 -4.02
CA ASP D 307 51.97 -67.79 -5.14
C ASP D 307 50.45 -67.81 -5.00
N LEU D 308 49.73 -67.38 -6.04
CA LEU D 308 48.29 -67.15 -5.92
C LEU D 308 47.42 -68.29 -6.44
N LEU D 309 48.02 -69.21 -7.19
CA LEU D 309 47.31 -70.43 -7.58
C LEU D 309 47.74 -71.64 -6.77
N PRO D 310 46.76 -72.40 -6.25
CA PRO D 310 46.93 -73.61 -5.43
C PRO D 310 47.96 -74.57 -6.01
N SER D 320 53.86 -72.07 1.04
CA SER D 320 53.39 -71.41 -0.17
C SER D 320 53.56 -69.89 -0.16
N VAL D 321 54.48 -69.42 0.66
CA VAL D 321 54.96 -68.04 0.61
C VAL D 321 56.47 -68.09 0.40
N LYS D 322 57.03 -67.09 -0.27
CA LYS D 322 58.44 -67.17 -0.67
C LYS D 322 59.23 -65.90 -0.39
N LYS D 323 60.10 -65.95 0.61
CA LYS D 323 61.13 -64.93 0.73
C LYS D 323 61.99 -65.11 -0.50
N ILE D 324 62.26 -64.03 -1.23
CA ILE D 324 63.22 -64.09 -2.34
C ILE D 324 64.32 -63.09 -2.12
N TYR D 325 65.52 -63.60 -1.85
CA TYR D 325 66.67 -62.76 -1.61
C TYR D 325 67.44 -62.52 -2.91
N ALA D 326 67.91 -61.29 -3.09
CA ALA D 326 68.74 -60.97 -4.25
C ALA D 326 69.69 -59.83 -3.92
N ARG D 327 70.65 -59.57 -4.79
CA ARG D 327 71.61 -58.49 -4.56
C ARG D 327 70.96 -57.11 -4.75
N SER D 328 70.13 -56.99 -5.78
CA SER D 328 69.44 -55.74 -6.08
C SER D 328 67.95 -55.97 -6.33
N TYR D 329 67.13 -54.95 -6.06
CA TYR D 329 65.66 -55.06 -6.15
C TYR D 329 65.02 -53.95 -6.98
N VAL D 330 64.22 -54.35 -7.97
CA VAL D 330 63.61 -53.40 -8.90
C VAL D 330 62.09 -53.50 -8.90
N VAL D 331 61.43 -52.38 -8.62
CA VAL D 331 59.97 -52.30 -8.68
C VAL D 331 59.56 -51.63 -9.96
N ALA D 332 59.07 -52.42 -10.90
CA ALA D 332 58.66 -51.86 -12.19
C ALA D 332 57.22 -52.28 -12.46
N CYS D 333 56.38 -51.89 -11.52
CA CYS D 333 55.09 -52.44 -11.31
C CYS D 333 53.96 -51.55 -11.86
N GLY D 334 54.31 -50.64 -12.74
CA GLY D 334 53.45 -49.67 -13.34
C GLY D 334 53.51 -48.54 -12.41
N ALA D 335 53.09 -47.37 -12.81
CA ALA D 335 53.06 -46.23 -11.93
C ALA D 335 52.15 -46.29 -10.70
N VAL D 336 51.10 -47.09 -10.73
CA VAL D 336 50.24 -47.20 -9.55
C VAL D 336 50.71 -48.28 -8.58
N ALA D 337 50.91 -49.48 -9.10
CA ALA D 337 51.23 -50.62 -8.26
C ALA D 337 52.65 -50.50 -7.67
N THR D 338 53.50 -49.72 -8.30
CA THR D 338 54.86 -49.54 -7.80
C THR D 338 54.87 -48.75 -6.50
N ALA D 339 54.07 -47.70 -6.45
CA ALA D 339 53.94 -46.91 -5.25
C ALA D 339 53.27 -47.75 -4.18
N GLN D 340 52.42 -48.65 -4.63
CA GLN D 340 51.63 -49.48 -3.75
C GLN D 340 52.56 -50.38 -2.96
N VAL D 341 53.37 -51.13 -3.70
CA VAL D 341 54.30 -52.07 -3.10
C VAL D 341 55.18 -51.41 -2.05
N LEU D 342 55.75 -50.27 -2.42
CA LEU D 342 56.59 -49.47 -1.51
C LEU D 342 55.83 -48.98 -0.29
N ALA D 343 54.63 -48.45 -0.52
CA ALA D 343 53.75 -48.02 0.56
C ALA D 343 53.51 -49.18 1.51
N ASN D 344 53.22 -50.33 0.94
CA ASN D 344 52.90 -51.52 1.70
C ASN D 344 54.15 -52.04 2.39
N SER D 345 55.31 -51.56 1.94
CA SER D 345 56.58 -51.99 2.51
C SER D 345 56.91 -51.20 3.77
N HIS D 346 56.13 -50.16 4.04
CA HIS D 346 56.28 -49.36 5.24
C HIS D 346 55.63 -50.04 6.43
N ILE D 347 55.19 -51.27 6.19
CA ILE D 347 54.68 -52.12 7.25
C ILE D 347 55.57 -53.36 7.34
N PRO D 348 56.26 -53.53 8.49
CA PRO D 348 57.10 -54.71 8.71
C PRO D 348 56.23 -55.89 9.11
N PRO D 349 56.69 -57.12 8.84
CA PRO D 349 55.87 -58.31 9.10
C PRO D 349 56.20 -59.02 10.41
N GLU D 367 39.20 -41.55 9.91
CA GLU D 367 39.98 -42.34 10.86
C GLU D 367 39.88 -43.82 10.48
N ARG D 368 38.72 -44.20 9.95
CA ARG D 368 38.53 -45.47 9.27
C ARG D 368 39.22 -45.29 7.91
N ASP D 369 39.37 -44.03 7.52
CA ASP D 369 39.93 -43.64 6.23
C ASP D 369 41.35 -43.08 6.35
N ALA D 370 42.07 -43.48 7.40
CA ALA D 370 43.46 -43.03 7.54
C ALA D 370 44.36 -43.72 6.52
N THR D 371 45.46 -43.06 6.17
CA THR D 371 46.33 -43.60 5.14
C THR D 371 47.59 -44.16 5.76
N ILE D 372 48.40 -44.84 4.94
CA ILE D 372 49.66 -45.41 5.38
C ILE D 372 50.78 -44.38 5.30
N PRO D 373 51.35 -43.98 6.44
CA PRO D 373 52.44 -42.99 6.42
C PRO D 373 53.67 -43.53 5.69
N THR D 374 54.31 -42.71 4.85
CA THR D 374 55.56 -43.10 4.20
C THR D 374 56.75 -42.22 4.57
N PRO D 375 57.33 -42.44 5.76
CA PRO D 375 58.50 -41.69 6.23
C PRO D 375 59.82 -42.14 5.58
N LEU D 376 59.98 -43.44 5.36
CA LEU D 376 61.19 -43.96 4.71
C LEU D 376 61.32 -43.44 3.28
N MET D 377 60.20 -42.99 2.72
CA MET D 377 60.17 -42.43 1.37
C MET D 377 59.24 -41.20 1.32
N PRO D 378 59.77 -40.05 1.73
CA PRO D 378 59.05 -38.81 2.10
C PRO D 378 58.22 -38.16 0.99
N MET D 379 58.57 -38.39 -0.27
CA MET D 379 57.90 -37.70 -1.37
C MET D 379 57.13 -38.67 -2.27
N LEU D 380 56.97 -39.89 -1.77
CA LEU D 380 56.31 -40.95 -2.53
C LEU D 380 54.85 -40.63 -2.81
N GLY D 381 54.45 -40.86 -4.06
CA GLY D 381 53.07 -40.68 -4.46
C GLY D 381 52.66 -39.22 -4.46
N LYS D 382 53.58 -38.35 -4.08
CA LYS D 382 53.31 -36.94 -4.14
C LYS D 382 53.74 -36.46 -5.51
N TYR D 383 53.34 -35.23 -5.83
CA TYR D 383 53.70 -34.59 -7.08
C TYR D 383 53.18 -35.26 -8.35
N ILE D 384 52.12 -36.07 -8.21
CA ILE D 384 51.65 -36.86 -9.36
C ILE D 384 51.10 -35.99 -10.51
N THR D 385 51.18 -36.56 -11.69
CA THR D 385 50.64 -35.92 -12.84
C THR D 385 49.79 -36.81 -13.76
N GLU D 386 48.71 -36.25 -14.26
CA GLU D 386 48.04 -36.86 -15.39
C GLU D 386 47.63 -35.86 -16.41
N GLN D 387 47.31 -36.36 -17.60
CA GLN D 387 46.98 -35.50 -18.71
C GLN D 387 45.49 -35.35 -19.05
N PRO D 388 45.08 -34.11 -19.13
CA PRO D 388 43.77 -33.78 -19.68
C PRO D 388 43.72 -34.16 -21.15
N MET D 389 42.59 -34.71 -21.57
CA MET D 389 42.42 -35.20 -22.92
C MET D 389 41.14 -34.66 -23.55
N THR D 390 41.21 -34.23 -24.80
CA THR D 390 40.01 -33.94 -25.57
C THR D 390 40.01 -34.90 -26.75
N PHE D 391 38.86 -35.05 -27.40
CA PHE D 391 38.63 -36.13 -28.34
C PHE D 391 37.47 -35.81 -29.26
N CYS D 392 37.56 -36.24 -30.50
CA CYS D 392 36.46 -36.14 -31.43
C CYS D 392 36.80 -36.96 -32.67
N GLN D 393 35.79 -37.34 -33.42
CA GLN D 393 35.98 -38.04 -34.66
C GLN D 393 35.34 -37.19 -35.73
N VAL D 394 35.94 -37.15 -36.92
CA VAL D 394 35.30 -36.47 -38.02
C VAL D 394 35.13 -37.44 -39.16
N VAL D 395 34.27 -37.08 -40.09
CA VAL D 395 34.14 -37.76 -41.36
C VAL D 395 34.83 -36.86 -42.37
N LEU D 396 35.61 -37.45 -43.26
CA LEU D 396 36.35 -36.65 -44.25
C LEU D 396 35.41 -35.91 -45.21
N ASP D 397 35.75 -34.65 -45.50
CA ASP D 397 35.10 -33.91 -46.58
C ASP D 397 35.06 -34.73 -47.86
N SER D 398 33.96 -34.66 -48.60
CA SER D 398 33.79 -35.46 -49.82
C SER D 398 34.54 -34.90 -51.02
N SER D 399 35.02 -33.68 -50.88
CA SER D 399 35.89 -33.11 -51.90
C SER D 399 37.27 -33.76 -51.85
N LEU D 400 37.65 -34.31 -50.69
CA LEU D 400 38.92 -35.02 -50.58
C LEU D 400 38.90 -36.36 -51.28
N MET D 401 37.71 -36.87 -51.56
CA MET D 401 37.60 -38.10 -52.30
C MET D 401 37.99 -37.83 -53.75
N GLU D 402 37.77 -36.60 -54.19
CA GLU D 402 38.22 -36.17 -55.50
C GLU D 402 39.75 -36.23 -55.51
N VAL D 403 40.34 -35.68 -54.45
CA VAL D 403 41.78 -35.74 -54.23
C VAL D 403 42.31 -37.16 -54.29
N VAL D 404 41.63 -38.10 -53.61
CA VAL D 404 42.07 -39.50 -53.62
C VAL D 404 42.07 -40.04 -55.05
N ARG D 405 41.02 -39.71 -55.82
CA ARG D 405 40.93 -40.18 -57.20
C ARG D 405 41.98 -39.50 -58.08
N ASN D 406 42.52 -38.38 -57.63
CA ASN D 406 43.37 -37.55 -58.46
C ASN D 406 44.31 -36.64 -57.66
N PRO D 407 45.34 -37.26 -57.05
CA PRO D 407 46.24 -36.56 -56.12
C PRO D 407 47.17 -35.53 -56.76
N PRO D 408 47.20 -34.34 -56.17
CA PRO D 408 47.89 -33.14 -56.63
C PRO D 408 49.40 -33.19 -56.39
N TRP D 409 49.88 -34.26 -55.74
CA TRP D 409 51.30 -34.37 -55.43
C TRP D 409 52.03 -35.25 -56.46
N PRO D 410 53.11 -34.72 -57.03
CA PRO D 410 53.78 -35.41 -58.13
C PRO D 410 54.46 -36.69 -57.70
N GLY D 411 54.63 -37.60 -58.65
CA GLY D 411 55.32 -38.86 -58.41
C GLY D 411 54.75 -39.79 -57.37
N LEU D 412 53.43 -39.88 -57.27
CA LEU D 412 52.80 -40.83 -56.36
C LEU D 412 52.09 -41.93 -57.12
N ASP D 413 52.84 -42.57 -58.01
CA ASP D 413 52.39 -43.73 -58.77
C ASP D 413 51.61 -44.79 -57.97
N TRP D 414 52.13 -45.16 -56.80
CA TRP D 414 51.56 -46.29 -56.06
C TRP D 414 50.17 -45.96 -55.53
N TRP D 415 49.95 -44.68 -55.26
CA TRP D 415 48.65 -44.19 -54.80
C TRP D 415 47.67 -44.29 -55.95
N LYS D 416 48.05 -43.78 -57.13
CA LYS D 416 47.18 -43.87 -58.30
C LYS D 416 46.89 -45.34 -58.63
N GLU D 417 47.86 -46.21 -58.37
CA GLU D 417 47.74 -47.64 -58.69
C GLU D 417 46.74 -48.37 -57.79
N LYS D 418 46.85 -48.19 -56.48
CA LYS D 418 45.88 -48.75 -55.54
C LYS D 418 44.45 -48.26 -55.82
N VAL D 419 44.31 -46.94 -55.93
CA VAL D 419 43.03 -46.31 -56.25
C VAL D 419 42.40 -46.86 -57.52
N ALA D 420 43.22 -47.09 -58.53
CA ALA D 420 42.71 -47.55 -59.82
C ALA D 420 42.15 -48.94 -59.70
N ARG D 421 42.83 -49.78 -58.94
CA ARG D 421 42.46 -51.17 -58.78
C ARG D 421 41.14 -51.27 -58.05
N HIS D 422 40.97 -50.45 -57.02
CA HIS D 422 39.74 -50.45 -56.23
C HIS D 422 38.54 -49.99 -57.08
N VAL D 423 38.70 -48.86 -57.78
CA VAL D 423 37.64 -48.32 -58.64
C VAL D 423 37.31 -49.27 -59.78
N GLU D 424 38.33 -49.95 -60.28
CA GLU D 424 38.14 -51.10 -61.14
C GLU D 424 37.24 -52.13 -60.47
N ALA D 425 37.65 -52.58 -59.27
CA ALA D 425 37.02 -53.70 -58.59
C ALA D 425 35.66 -53.40 -57.96
N PHE D 426 35.49 -52.16 -57.49
CA PHE D 426 34.23 -51.76 -56.87
C PHE D 426 33.77 -50.45 -57.43
N PRO D 427 33.33 -50.49 -58.66
CA PRO D 427 33.05 -49.31 -59.47
C PRO D 427 31.96 -48.45 -58.84
N ASN D 428 31.03 -49.15 -58.29
CA ASN D 428 29.94 -48.63 -57.53
C ASN D 428 30.17 -47.86 -56.23
N ASP D 429 31.25 -48.16 -55.52
CA ASP D 429 31.55 -47.60 -54.22
C ASP D 429 31.72 -46.11 -54.20
N PRO D 430 31.07 -45.44 -53.30
CA PRO D 430 31.22 -43.98 -53.29
C PRO D 430 32.57 -43.56 -52.73
N ILE D 431 33.35 -44.50 -52.20
CA ILE D 431 34.68 -44.17 -51.68
C ILE D 431 35.77 -44.85 -52.49
N PRO D 432 36.68 -44.06 -53.06
CA PRO D 432 37.73 -44.55 -53.96
C PRO D 432 38.95 -45.11 -53.21
N ILE D 433 38.97 -45.00 -51.89
CA ILE D 433 39.98 -45.66 -51.05
C ILE D 433 39.77 -47.20 -50.94
N PRO D 434 40.80 -47.99 -51.25
CA PRO D 434 40.67 -49.46 -51.18
C PRO D 434 40.35 -50.00 -49.77
N PHE D 435 39.77 -51.20 -49.73
CA PHE D 435 39.16 -51.72 -48.51
C PHE D 435 40.09 -51.93 -47.33
N ARG D 436 41.25 -52.51 -47.56
CA ARG D 436 42.10 -52.87 -46.45
C ARG D 436 43.19 -51.83 -46.28
N ASP D 437 42.88 -50.58 -46.65
CA ASP D 437 43.87 -49.51 -46.56
C ASP D 437 44.05 -49.08 -45.11
N PRO D 438 45.31 -48.91 -44.69
CA PRO D 438 45.63 -48.58 -43.29
C PRO D 438 45.17 -47.19 -42.85
N GLU D 439 44.92 -47.08 -41.56
CA GLU D 439 44.53 -45.84 -40.90
C GLU D 439 45.65 -44.81 -41.04
N PRO D 440 45.34 -43.54 -40.78
CA PRO D 440 46.36 -42.50 -40.68
C PRO D 440 47.10 -42.62 -39.35
N GLN D 441 48.37 -42.28 -39.31
CA GLN D 441 49.12 -42.27 -38.05
C GLN D 441 49.96 -41.03 -37.96
N VAL D 442 49.28 -39.90 -37.77
CA VAL D 442 49.90 -38.59 -37.88
C VAL D 442 49.99 -37.97 -36.51
N THR D 443 50.99 -37.12 -36.29
CA THR D 443 51.13 -36.40 -35.03
C THR D 443 51.48 -34.92 -35.27
N ILE D 444 51.57 -34.19 -34.17
CA ILE D 444 52.16 -32.87 -34.17
C ILE D 444 53.06 -32.84 -32.97
N LYS D 445 54.34 -32.61 -33.22
CA LYS D 445 55.33 -32.55 -32.14
C LYS D 445 54.99 -31.41 -31.20
N PHE D 446 54.93 -31.72 -29.90
CA PHE D 446 54.82 -30.71 -28.86
C PHE D 446 55.76 -29.54 -29.14
N THR D 447 55.27 -28.32 -28.99
CA THR D 447 56.11 -27.13 -29.01
C THR D 447 55.75 -26.33 -27.77
N GLU D 448 56.62 -25.42 -27.33
CA GLU D 448 56.23 -24.59 -26.20
C GLU D 448 55.13 -23.61 -26.55
N GLU D 449 54.96 -23.32 -27.84
CA GLU D 449 53.91 -22.39 -28.27
C GLU D 449 52.57 -23.10 -28.43
N HIS D 450 52.59 -24.43 -28.41
CA HIS D 450 51.37 -25.20 -28.49
C HIS D 450 51.46 -26.43 -27.61
N PRO D 451 51.51 -26.19 -26.29
CA PRO D 451 51.98 -27.09 -25.25
C PRO D 451 51.16 -28.36 -25.03
N TRP D 452 50.90 -29.11 -26.10
CA TRP D 452 50.18 -30.36 -25.97
C TRP D 452 50.58 -31.27 -27.09
N HIS D 453 50.06 -32.49 -27.04
CA HIS D 453 50.46 -33.57 -27.91
C HIS D 453 49.25 -33.98 -28.72
N VAL D 454 49.34 -33.99 -30.04
CA VAL D 454 48.19 -34.46 -30.82
C VAL D 454 48.39 -35.77 -31.57
N GLN D 455 47.30 -36.48 -31.77
CA GLN D 455 47.29 -37.69 -32.57
C GLN D 455 46.08 -37.67 -33.50
N ILE D 456 46.36 -37.81 -34.78
CA ILE D 456 45.33 -37.80 -35.77
C ILE D 456 45.40 -39.16 -36.44
N HIS D 457 44.62 -40.08 -35.90
CA HIS D 457 44.80 -41.50 -36.19
C HIS D 457 43.49 -42.27 -36.11
N ARG D 458 43.61 -43.60 -36.00
CA ARG D 458 42.49 -44.44 -35.56
C ARG D 458 42.99 -45.34 -34.46
N ASP D 459 42.32 -45.26 -33.32
CA ASP D 459 42.70 -46.04 -32.16
C ASP D 459 41.73 -47.21 -31.99
N ALA D 460 42.28 -48.36 -31.61
CA ALA D 460 41.50 -49.54 -31.30
C ALA D 460 40.59 -49.31 -30.07
N PHE D 461 41.06 -48.48 -29.15
CA PHE D 461 40.28 -48.15 -27.97
C PHE D 461 39.27 -47.10 -28.40
N SER D 462 38.12 -47.55 -28.90
CA SER D 462 37.03 -46.63 -29.25
C SER D 462 36.28 -46.27 -28.00
N TYR D 463 35.57 -45.16 -28.05
CA TYR D 463 35.11 -44.49 -26.84
C TYR D 463 33.63 -44.59 -26.63
N GLY D 464 32.91 -45.07 -27.62
CA GLY D 464 31.49 -45.27 -27.48
C GLY D 464 30.99 -46.18 -28.57
N ALA D 465 29.71 -46.06 -28.86
CA ALA D 465 29.01 -46.90 -29.82
C ALA D 465 29.78 -46.99 -31.13
N VAL D 466 29.84 -48.18 -31.71
CA VAL D 466 30.55 -48.34 -32.97
C VAL D 466 29.64 -47.97 -34.14
N ALA D 467 29.97 -46.87 -34.82
CA ALA D 467 29.13 -46.21 -35.81
C ALA D 467 28.54 -47.14 -36.87
N GLU D 468 27.24 -47.40 -36.74
CA GLU D 468 26.54 -48.33 -37.61
C GLU D 468 26.50 -47.90 -39.08
N ASN D 469 26.20 -46.63 -39.33
CA ASN D 469 25.94 -46.23 -40.69
C ASN D 469 27.14 -45.63 -41.47
N MET D 470 28.08 -45.04 -40.77
CA MET D 470 29.20 -44.39 -41.45
C MET D 470 30.34 -45.36 -41.82
N ASP D 471 30.84 -45.28 -43.05
CA ASP D 471 31.95 -46.12 -43.51
C ASP D 471 33.27 -45.74 -42.81
N THR D 472 33.98 -46.74 -42.31
CA THR D 472 35.16 -46.52 -41.46
C THR D 472 36.38 -45.89 -42.18
N ARG D 473 36.50 -46.12 -43.48
CA ARG D 473 37.57 -45.53 -44.28
C ARG D 473 37.62 -44.00 -44.18
N VAL D 474 36.46 -43.37 -44.02
CA VAL D 474 36.41 -41.92 -44.01
C VAL D 474 36.27 -41.32 -42.62
N ILE D 475 36.53 -42.11 -41.59
CA ILE D 475 36.49 -41.61 -40.23
C ILE D 475 37.88 -41.37 -39.69
N VAL D 476 38.11 -40.24 -39.02
CA VAL D 476 39.42 -39.95 -38.44
C VAL D 476 39.31 -39.51 -36.97
N ASP D 477 40.16 -40.06 -36.07
CA ASP D 477 40.15 -39.67 -34.65
C ASP D 477 41.06 -38.50 -34.39
N TYR D 478 40.75 -37.77 -33.32
CA TYR D 478 41.61 -36.71 -32.85
C TYR D 478 41.77 -36.89 -31.35
N ARG D 479 43.02 -36.95 -30.88
CA ARG D 479 43.26 -36.94 -29.44
C ARG D 479 44.33 -35.94 -29.08
N PHE D 480 43.97 -35.03 -28.19
CA PHE D 480 44.89 -34.01 -27.74
C PHE D 480 45.10 -34.23 -26.27
N PHE D 481 46.35 -34.40 -25.88
CA PHE D 481 46.70 -34.63 -24.49
C PHE D 481 47.49 -33.42 -24.05
N GLY D 482 47.03 -32.79 -22.98
CA GLY D 482 47.75 -31.68 -22.39
C GLY D 482 48.66 -32.14 -21.27
N TYR D 483 49.32 -31.19 -20.62
CA TYR D 483 50.18 -31.52 -19.48
C TYR D 483 49.67 -30.88 -18.20
N THR D 484 50.06 -31.42 -17.06
CA THR D 484 49.76 -30.78 -15.80
C THR D 484 51.03 -30.55 -15.00
N GLU D 485 51.12 -29.37 -14.39
CA GLU D 485 52.23 -29.01 -13.55
C GLU D 485 52.28 -29.96 -12.36
N PRO D 486 53.48 -30.53 -12.10
CA PRO D 486 53.73 -31.30 -10.88
C PRO D 486 53.57 -30.39 -9.67
N GLN D 487 52.64 -30.71 -8.78
CA GLN D 487 52.36 -29.92 -7.57
C GLN D 487 52.38 -30.85 -6.36
N GLU D 488 52.92 -30.37 -5.24
CA GLU D 488 53.09 -31.21 -4.07
C GLU D 488 51.76 -31.78 -3.57
N ALA D 489 50.75 -30.92 -3.48
CA ALA D 489 49.44 -31.26 -2.91
C ALA D 489 48.73 -32.35 -3.70
N ASN D 490 48.97 -32.40 -5.00
CA ASN D 490 48.44 -33.44 -5.86
C ASN D 490 49.05 -34.79 -5.53
N GLU D 491 48.28 -35.61 -4.84
CA GLU D 491 48.84 -36.79 -4.21
C GLU D 491 48.32 -38.08 -4.79
N LEU D 492 48.95 -39.15 -4.34
CA LEU D 492 48.43 -40.49 -4.49
C LEU D 492 48.75 -41.17 -3.17
N VAL D 493 47.73 -41.70 -2.51
CA VAL D 493 47.90 -42.27 -1.18
C VAL D 493 47.28 -43.66 -1.10
N PHE D 494 47.48 -44.33 0.02
CA PHE D 494 47.00 -45.69 0.16
C PHE D 494 46.34 -45.91 1.51
N GLN D 495 45.31 -46.74 1.54
CA GLN D 495 44.55 -46.90 2.78
C GLN D 495 45.07 -48.06 3.62
N GLN D 496 45.05 -47.89 4.94
CA GLN D 496 45.49 -48.95 5.83
C GLN D 496 44.45 -50.07 5.89
N HIS D 497 43.17 -49.68 5.87
CA HIS D 497 42.08 -50.59 6.14
C HIS D 497 41.29 -51.02 4.91
N TYR D 498 41.67 -50.49 3.75
CA TYR D 498 40.99 -50.85 2.51
C TYR D 498 41.96 -51.53 1.56
N ARG D 499 41.55 -52.69 1.06
CA ARG D 499 42.43 -53.51 0.24
C ARG D 499 41.72 -53.88 -1.04
N ASP D 500 42.41 -53.75 -2.16
CA ASP D 500 41.82 -54.12 -3.44
C ASP D 500 41.68 -55.62 -3.55
N ALA D 501 41.30 -56.09 -4.73
CA ALA D 501 41.07 -57.52 -4.94
C ALA D 501 42.30 -58.42 -4.71
N TYR D 502 43.48 -57.81 -4.55
CA TYR D 502 44.71 -58.59 -4.38
C TYR D 502 45.32 -58.35 -3.00
N ASP D 503 44.49 -57.88 -2.08
CA ASP D 503 44.87 -57.60 -0.69
C ASP D 503 45.93 -56.53 -0.50
N MET D 504 46.05 -55.65 -1.49
CA MET D 504 47.04 -54.57 -1.45
C MET D 504 46.36 -53.26 -1.07
N PRO D 505 47.11 -52.33 -0.43
CA PRO D 505 46.48 -51.12 0.11
C PRO D 505 45.76 -50.33 -1.00
N GLN D 506 44.54 -49.90 -0.70
CA GLN D 506 43.69 -49.22 -1.69
C GLN D 506 44.22 -47.85 -2.05
N PRO D 507 44.40 -47.61 -3.34
CA PRO D 507 44.79 -46.30 -3.87
C PRO D 507 43.69 -45.28 -3.64
N THR D 508 44.07 -44.04 -3.32
CA THR D 508 43.12 -42.93 -3.32
C THR D 508 43.82 -41.78 -4.01
N PHE D 509 43.10 -41.07 -4.87
CA PHE D 509 43.68 -39.92 -5.57
C PHE D 509 43.20 -38.59 -5.00
N LYS D 510 44.11 -37.63 -4.91
CA LYS D 510 43.75 -36.28 -4.51
C LYS D 510 44.31 -35.33 -5.55
N PHE D 511 43.66 -35.31 -6.70
CA PHE D 511 44.19 -34.53 -7.81
C PHE D 511 43.30 -33.36 -8.21
N THR D 512 43.87 -32.16 -8.15
CA THR D 512 43.21 -30.98 -8.73
C THR D 512 44.22 -30.27 -9.64
N MET D 513 43.78 -29.80 -10.79
CA MET D 513 44.64 -29.08 -11.71
C MET D 513 44.95 -27.72 -11.17
N SER D 514 45.74 -26.95 -11.92
CA SER D 514 46.02 -25.57 -11.58
C SER D 514 45.35 -24.66 -12.59
N GLN D 515 45.28 -23.38 -12.26
CA GLN D 515 44.63 -22.40 -13.12
C GLN D 515 45.30 -22.32 -14.47
N ASP D 516 46.61 -22.51 -14.48
CA ASP D 516 47.36 -22.52 -15.72
C ASP D 516 47.15 -23.82 -16.49
N ASP D 517 47.00 -24.92 -15.76
CA ASP D 517 46.66 -26.18 -16.39
C ASP D 517 45.33 -26.01 -17.11
N ARG D 518 44.40 -25.36 -16.42
CA ARG D 518 43.07 -25.20 -16.96
C ARG D 518 43.10 -24.34 -18.21
N ALA D 519 43.80 -23.21 -18.12
CA ALA D 519 43.88 -22.29 -19.26
C ALA D 519 44.44 -22.99 -20.50
N ARG D 520 45.46 -23.82 -20.32
CA ARG D 520 46.01 -24.55 -21.45
C ARG D 520 44.98 -25.51 -22.06
N ALA D 521 44.21 -26.16 -21.19
CA ALA D 521 43.25 -27.15 -21.64
C ALA D 521 42.16 -26.53 -22.52
N ARG D 522 41.78 -25.30 -22.20
CA ARG D 522 40.82 -24.59 -23.05
C ARG D 522 41.43 -24.36 -24.41
N ARG D 523 42.68 -23.90 -24.43
CA ARG D 523 43.37 -23.66 -25.69
C ARG D 523 43.50 -24.97 -26.46
N MET D 524 43.80 -26.04 -25.74
CA MET D 524 43.87 -27.37 -26.35
C MET D 524 42.53 -27.75 -27.03
N MET D 525 41.43 -27.48 -26.35
CA MET D 525 40.09 -27.69 -26.92
C MET D 525 39.85 -26.87 -28.19
N ASP D 526 40.05 -25.56 -28.07
CA ASP D 526 39.97 -24.64 -29.20
C ASP D 526 40.77 -25.14 -30.40
N ASP D 527 41.99 -25.63 -30.11
CA ASP D 527 42.92 -26.06 -31.15
C ASP D 527 42.48 -27.35 -31.83
N MET D 528 41.92 -28.29 -31.06
CA MET D 528 41.43 -29.54 -31.65
C MET D 528 40.27 -29.29 -32.61
N CYS D 529 39.42 -28.33 -32.24
CA CYS D 529 38.28 -27.96 -33.07
C CYS D 529 38.72 -27.28 -34.38
N ASN D 530 39.65 -26.33 -34.29
CA ASN D 530 40.15 -25.67 -35.49
C ASN D 530 40.79 -26.65 -36.46
N ILE D 531 41.63 -27.53 -35.93
CA ILE D 531 42.39 -28.46 -36.75
C ILE D 531 41.51 -29.50 -37.45
N ALA D 532 40.63 -30.15 -36.70
CA ALA D 532 39.78 -31.20 -37.22
C ALA D 532 38.89 -30.70 -38.36
N LEU D 533 38.36 -29.47 -38.23
CA LEU D 533 37.41 -28.93 -39.19
C LEU D 533 38.01 -28.55 -40.55
N LYS D 534 39.34 -28.62 -40.66
CA LYS D 534 40.05 -28.38 -41.93
C LYS D 534 39.85 -29.48 -42.96
N ILE D 535 39.65 -30.71 -42.50
CA ILE D 535 39.51 -31.80 -43.47
C ILE D 535 38.25 -32.62 -43.32
N GLY D 536 37.46 -32.32 -42.31
CA GLY D 536 36.28 -33.13 -42.04
C GLY D 536 35.30 -32.50 -41.06
N GLY D 537 34.13 -33.11 -40.96
CA GLY D 537 33.08 -32.62 -40.06
C GLY D 537 32.77 -33.65 -38.99
N TYR D 538 32.37 -33.19 -37.82
CA TYR D 538 32.18 -34.07 -36.67
C TYR D 538 31.16 -35.15 -36.98
N LEU D 539 31.50 -36.37 -36.58
CA LEU D 539 30.61 -37.51 -36.66
C LEU D 539 29.69 -37.37 -35.45
N PRO D 540 28.36 -37.34 -35.67
CA PRO D 540 27.46 -37.25 -34.52
C PRO D 540 27.79 -38.32 -33.49
N GLY D 541 27.89 -37.90 -32.24
CA GLY D 541 28.28 -38.83 -31.20
C GLY D 541 29.72 -38.66 -30.74
N SER D 542 30.57 -38.20 -31.65
CA SER D 542 31.98 -37.99 -31.32
C SER D 542 32.38 -36.55 -31.50
N GLU D 543 31.53 -35.63 -31.07
CA GLU D 543 31.81 -34.21 -31.16
C GLU D 543 32.87 -33.88 -30.10
N PRO D 544 33.49 -32.69 -30.19
CA PRO D 544 34.53 -32.24 -29.28
C PRO D 544 34.14 -32.49 -27.85
N GLN D 545 34.93 -33.27 -27.12
CA GLN D 545 34.60 -33.57 -25.74
C GLN D 545 35.87 -33.89 -24.96
N PHE D 546 35.84 -33.59 -23.68
CA PHE D 546 36.90 -33.97 -22.77
C PHE D 546 36.62 -35.36 -22.30
N MET D 547 37.67 -36.13 -22.07
CA MET D 547 37.46 -37.45 -21.54
C MET D 547 37.57 -37.42 -20.03
N THR D 548 37.12 -38.50 -19.42
CA THR D 548 37.28 -38.71 -18.00
C THR D 548 38.75 -38.62 -17.63
N PRO D 549 39.07 -37.89 -16.54
CA PRO D 549 40.45 -37.82 -16.06
C PRO D 549 41.04 -39.20 -15.83
N GLY D 550 42.24 -39.42 -16.37
CA GLY D 550 42.97 -40.64 -16.14
C GLY D 550 42.86 -41.64 -17.26
N LEU D 551 42.04 -41.34 -18.24
CA LEU D 551 41.85 -42.24 -19.36
C LEU D 551 43.13 -42.42 -20.17
N ALA D 552 44.01 -41.44 -20.11
CA ALA D 552 45.27 -41.53 -20.83
C ALA D 552 46.08 -42.68 -20.28
N LEU D 553 46.02 -42.86 -18.96
CA LEU D 553 46.84 -43.83 -18.25
C LEU D 553 48.30 -43.38 -18.29
N HIS D 554 48.47 -42.08 -18.51
CA HIS D 554 49.77 -41.46 -18.46
C HIS D 554 50.02 -40.85 -17.09
N LEU D 555 49.53 -41.53 -16.04
CA LEU D 555 49.85 -41.15 -14.68
C LEU D 555 51.36 -41.27 -14.50
N ALA D 556 51.93 -40.34 -13.73
CA ALA D 556 53.36 -40.21 -13.61
C ALA D 556 53.78 -39.46 -12.36
N GLY D 557 55.02 -39.65 -11.93
CA GLY D 557 55.54 -38.93 -10.77
C GLY D 557 55.08 -39.50 -9.45
N THR D 558 54.71 -40.78 -9.47
CA THR D 558 54.35 -41.49 -8.24
C THR D 558 55.61 -41.92 -7.50
N THR D 559 56.68 -42.17 -8.23
CA THR D 559 58.02 -42.37 -7.67
C THR D 559 59.04 -41.52 -8.38
N ARG D 560 59.01 -40.22 -8.13
CA ARG D 560 59.75 -39.34 -8.95
C ARG D 560 61.26 -39.38 -8.78
N CYS D 561 61.92 -39.32 -9.90
CA CYS D 561 63.35 -39.40 -9.97
C CYS D 561 63.95 -38.16 -10.63
N GLY D 562 64.84 -37.52 -9.91
CA GLY D 562 65.53 -36.33 -10.39
C GLY D 562 66.65 -35.78 -9.49
N LEU D 563 67.17 -34.63 -9.88
CA LEU D 563 68.34 -34.02 -9.24
C LEU D 563 68.08 -33.48 -7.83
N ASP D 564 67.02 -32.69 -7.68
CA ASP D 564 66.62 -32.19 -6.37
C ASP D 564 66.28 -33.39 -5.49
N THR D 565 67.16 -33.72 -4.55
CA THR D 565 66.94 -34.87 -3.68
C THR D 565 65.69 -34.71 -2.82
N GLN D 566 65.46 -33.49 -2.32
CA GLN D 566 64.40 -33.23 -1.36
C GLN D 566 62.98 -33.32 -1.91
N LYS D 567 62.83 -33.34 -3.23
CA LYS D 567 61.50 -33.39 -3.84
C LYS D 567 61.26 -34.70 -4.59
N THR D 568 62.33 -35.43 -4.88
CA THR D 568 62.21 -36.70 -5.59
C THR D 568 62.21 -37.91 -4.67
N VAL D 569 61.89 -39.06 -5.25
CA VAL D 569 61.95 -40.33 -4.55
C VAL D 569 63.28 -41.05 -4.85
N GLY D 570 63.76 -40.89 -6.08
CA GLY D 570 65.00 -41.49 -6.51
C GLY D 570 65.90 -40.47 -7.17
N ASN D 571 67.08 -40.90 -7.60
CA ASN D 571 68.01 -40.02 -8.31
C ASN D 571 67.82 -40.19 -9.79
N THR D 572 68.82 -39.78 -10.57
CA THR D 572 68.74 -39.89 -12.02
C THR D 572 69.04 -41.30 -12.52
N HIS D 573 69.44 -42.19 -11.61
CA HIS D 573 69.64 -43.58 -11.98
C HIS D 573 68.48 -44.40 -11.43
N CYS D 574 67.56 -43.69 -10.78
CA CYS D 574 66.33 -44.28 -10.25
C CYS D 574 66.59 -45.29 -9.13
N LYS D 575 67.58 -44.98 -8.29
CA LYS D 575 67.81 -45.69 -7.03
C LYS D 575 67.11 -44.86 -5.97
N VAL D 576 66.39 -45.52 -5.07
CA VAL D 576 65.66 -44.77 -4.04
C VAL D 576 66.65 -44.15 -3.07
N HIS D 577 66.44 -42.88 -2.74
CA HIS D 577 67.26 -42.22 -1.74
C HIS D 577 67.35 -43.08 -0.49
N ASN D 578 68.58 -43.39 -0.09
CA ASN D 578 68.92 -44.10 1.15
C ASN D 578 68.80 -45.64 1.14
N PHE D 579 68.76 -46.21 -0.06
CA PHE D 579 68.71 -47.66 -0.24
C PHE D 579 69.59 -47.94 -1.43
N ASN D 580 70.69 -48.66 -1.23
CA ASN D 580 71.64 -48.81 -2.33
C ASN D 580 71.36 -49.97 -3.29
N ASN D 581 70.38 -50.79 -2.95
CA ASN D 581 70.00 -51.91 -3.80
C ASN D 581 68.52 -51.87 -4.24
N LEU D 582 67.88 -50.70 -4.12
CA LEU D 582 66.47 -50.57 -4.50
C LEU D 582 66.24 -49.59 -5.64
N TYR D 583 65.72 -50.11 -6.76
CA TYR D 583 65.46 -49.30 -7.93
C TYR D 583 63.98 -49.30 -8.36
N VAL D 584 63.50 -48.17 -8.88
CA VAL D 584 62.14 -48.03 -9.40
C VAL D 584 62.12 -47.86 -10.93
N GLY D 585 61.03 -48.33 -11.54
CA GLY D 585 60.87 -48.27 -12.98
C GLY D 585 59.45 -48.01 -13.42
N GLY D 586 59.31 -47.37 -14.58
CA GLY D 586 58.00 -47.08 -15.12
C GLY D 586 57.65 -45.61 -15.07
N ASN D 587 56.47 -45.28 -15.60
CA ASN D 587 56.06 -43.89 -15.86
C ASN D 587 56.11 -42.99 -14.63
N GLY D 588 56.15 -43.58 -13.45
CA GLY D 588 56.13 -42.82 -12.21
C GLY D 588 57.46 -42.22 -11.80
N VAL D 589 58.55 -42.61 -12.48
CA VAL D 589 59.85 -42.01 -12.19
C VAL D 589 59.96 -40.64 -12.85
N ILE D 590 59.14 -40.42 -13.86
CA ILE D 590 59.15 -39.16 -14.60
C ILE D 590 58.60 -38.05 -13.73
N GLU D 591 59.38 -36.97 -13.64
CA GLU D 591 59.15 -35.92 -12.65
C GLU D 591 58.58 -34.64 -13.25
N THR D 592 58.48 -34.57 -14.56
CA THR D 592 57.95 -33.37 -15.20
C THR D 592 56.46 -33.48 -15.56
N GLY D 593 55.85 -32.33 -15.81
CA GLY D 593 54.55 -32.28 -16.43
C GLY D 593 54.75 -32.41 -17.93
N PHE D 594 54.33 -33.54 -18.48
CA PHE D 594 54.53 -33.82 -19.89
C PHE D 594 53.18 -34.13 -20.52
N ALA D 595 53.13 -34.09 -21.85
CA ALA D 595 51.87 -34.26 -22.59
C ALA D 595 51.98 -35.39 -23.60
N ALA D 596 53.21 -35.79 -23.93
CA ALA D 596 53.42 -36.86 -24.89
C ALA D 596 53.27 -38.21 -24.20
N ASN D 597 53.14 -39.28 -24.97
CA ASN D 597 53.07 -40.60 -24.38
C ASN D 597 54.41 -40.98 -23.71
N PRO D 598 54.36 -41.75 -22.62
CA PRO D 598 55.52 -41.85 -21.73
C PRO D 598 56.36 -43.10 -21.84
N THR D 599 55.87 -44.17 -22.46
CA THR D 599 56.57 -45.45 -22.40
C THR D 599 58.03 -45.43 -22.91
N LEU D 600 58.26 -44.73 -24.02
CA LEU D 600 59.58 -44.72 -24.62
C LEU D 600 60.55 -44.06 -23.67
N THR D 601 60.16 -42.92 -23.13
CA THR D 601 60.98 -42.20 -22.16
C THR D 601 61.25 -43.05 -20.91
N SER D 602 60.24 -43.76 -20.43
CA SER D 602 60.44 -44.62 -19.26
C SER D 602 61.42 -45.75 -19.54
N ILE D 603 61.44 -46.24 -20.77
CA ILE D 603 62.40 -47.24 -21.16
C ILE D 603 63.81 -46.64 -21.09
N CYS D 604 63.91 -45.33 -21.38
CA CYS D 604 65.19 -44.62 -21.26
C CYS D 604 65.67 -44.65 -19.82
N TYR D 605 64.77 -44.42 -18.87
CA TYR D 605 65.14 -44.49 -17.46
C TYR D 605 65.46 -45.91 -17.05
N ALA D 606 64.91 -46.89 -17.74
CA ALA D 606 65.15 -48.27 -17.37
C ALA D 606 66.59 -48.65 -17.72
N ILE D 607 67.01 -48.27 -18.92
CA ILE D 607 68.36 -48.49 -19.39
C ILE D 607 69.36 -47.84 -18.47
N ARG D 608 69.17 -46.55 -18.19
CA ARG D 608 70.04 -45.80 -17.29
C ARG D 608 70.12 -46.47 -15.92
N ALA D 609 68.99 -46.96 -15.43
CA ALA D 609 68.95 -47.68 -14.16
C ALA D 609 69.66 -49.02 -14.25
N SER D 610 69.51 -49.69 -15.38
CA SER D 610 70.11 -51.00 -15.59
C SER D 610 71.64 -50.89 -15.70
N ASN D 611 72.11 -49.76 -16.20
CA ASN D 611 73.53 -49.48 -16.21
C ASN D 611 74.03 -49.27 -14.79
N ASP D 612 73.28 -48.49 -14.00
CA ASP D 612 73.72 -48.15 -12.65
C ASP D 612 73.76 -49.40 -11.81
N ILE D 613 72.81 -50.30 -12.04
CA ILE D 613 72.80 -51.59 -11.37
C ILE D 613 74.05 -52.35 -11.76
N ILE D 614 74.11 -52.78 -13.02
CA ILE D 614 75.26 -53.49 -13.58
C ILE D 614 76.62 -52.93 -13.11
N ALA D 615 76.77 -51.63 -13.09
CA ALA D 615 78.05 -51.05 -12.78
C ALA D 615 78.16 -51.00 -11.28
N LYS D 616 77.42 -51.86 -10.65
CA LYS D 616 77.55 -52.01 -9.23
C LYS D 616 77.67 -53.44 -8.80
N PHE D 617 76.78 -54.26 -9.31
CA PHE D 617 76.61 -55.58 -8.83
C PHE D 617 77.08 -56.50 -9.91
N GLY D 618 77.91 -55.98 -10.79
CA GLY D 618 78.41 -56.80 -11.88
C GLY D 618 79.86 -57.21 -11.71
N MET E 2 -50.75 20.36 12.10
CA MET E 2 -50.91 20.18 10.65
C MET E 2 -50.70 18.73 10.19
N PHE E 3 -51.81 18.02 10.02
CA PHE E 3 -51.80 16.64 9.59
C PHE E 3 -51.89 16.57 8.06
N LEU E 4 -50.99 15.82 7.44
CA LEU E 4 -50.95 15.79 5.98
C LEU E 4 -52.03 14.88 5.40
N ASP E 5 -52.49 15.21 4.20
CA ASP E 5 -53.38 14.33 3.46
C ASP E 5 -52.58 13.43 2.54
N THR E 6 -52.10 12.32 3.11
CA THR E 6 -51.53 11.21 2.35
C THR E 6 -52.24 9.93 2.77
N THR E 7 -51.85 8.79 2.19
CA THR E 7 -52.53 7.53 2.45
C THR E 7 -52.47 7.12 3.93
N PRO E 8 -53.64 6.88 4.55
CA PRO E 8 -53.76 6.47 5.96
C PRO E 8 -52.93 5.22 6.34
N PHE E 9 -52.17 5.35 7.42
CA PHE E 9 -51.39 4.25 7.99
C PHE E 9 -52.18 2.93 8.11
N ARG E 10 -51.67 1.91 7.43
CA ARG E 10 -52.19 0.56 7.58
C ARG E 10 -51.41 -0.14 8.69
N ALA E 11 -52.11 -0.61 9.69
CA ALA E 11 -51.46 -1.38 10.69
C ALA E 11 -51.75 -2.81 10.31
N ASP E 12 -52.26 -3.03 9.12
CA ASP E 12 -52.47 -4.40 8.69
C ASP E 12 -51.38 -5.05 7.82
N GLU E 13 -51.34 -4.71 6.54
CA GLU E 13 -50.48 -5.39 5.58
C GLU E 13 -49.23 -4.57 5.28
N PRO E 14 -48.07 -5.08 5.67
CA PRO E 14 -46.83 -4.29 5.79
C PRO E 14 -46.36 -3.54 4.52
N TYR E 15 -45.69 -2.40 4.75
CA TYR E 15 -45.14 -1.55 3.69
C TYR E 15 -43.91 -2.19 3.06
N ASP E 16 -43.63 -1.82 1.81
CA ASP E 16 -42.42 -2.32 1.16
C ASP E 16 -41.18 -1.65 1.74
N VAL E 17 -41.27 -0.35 2.02
CA VAL E 17 -40.17 0.40 2.61
C VAL E 17 -40.62 1.32 3.77
N PHE E 18 -39.86 1.31 4.85
CA PHE E 18 -40.03 2.28 5.93
C PHE E 18 -38.92 3.30 5.85
N ILE E 19 -39.24 4.56 6.08
CA ILE E 19 -38.25 5.62 6.08
C ILE E 19 -38.39 6.50 7.30
N ALA E 20 -37.32 6.64 8.06
CA ALA E 20 -37.30 7.60 9.17
C ALA E 20 -36.47 8.81 8.78
N GLY E 21 -37.10 9.99 8.74
CA GLY E 21 -36.48 11.22 8.30
C GLY E 21 -37.09 11.73 7.00
N SER E 22 -37.48 13.01 6.98
CA SER E 22 -38.08 13.56 5.76
C SER E 22 -37.25 14.69 5.13
N GLY E 23 -35.95 14.68 5.41
CA GLY E 23 -35.03 15.60 4.78
C GLY E 23 -34.87 15.27 3.31
N PRO E 24 -33.97 15.99 2.63
CA PRO E 24 -33.90 15.78 1.19
C PRO E 24 -33.46 14.36 0.87
N ILE E 25 -32.62 13.80 1.73
CA ILE E 25 -32.14 12.44 1.53
C ILE E 25 -33.27 11.43 1.69
N GLY E 26 -34.02 11.56 2.77
CA GLY E 26 -35.20 10.74 2.99
C GLY E 26 -36.21 10.82 1.84
N ALA E 27 -36.35 12.01 1.27
CA ALA E 27 -37.34 12.22 0.23
C ALA E 27 -36.94 11.59 -1.11
N THR E 28 -35.64 11.41 -1.30
CA THR E 28 -35.10 10.79 -2.52
C THR E 28 -35.44 9.29 -2.53
N PHE E 29 -35.16 8.62 -1.42
CA PHE E 29 -35.59 7.25 -1.23
C PHE E 29 -37.08 7.14 -1.49
N ALA E 30 -37.84 8.10 -0.96
CA ALA E 30 -39.29 8.10 -1.14
C ALA E 30 -39.67 8.28 -2.60
N LYS E 31 -39.21 9.36 -3.22
CA LYS E 31 -39.52 9.61 -4.63
C LYS E 31 -39.17 8.40 -5.48
N LEU E 32 -37.97 7.85 -5.28
CA LEU E 32 -37.50 6.77 -6.13
C LEU E 32 -38.26 5.46 -5.96
N CYS E 33 -38.58 5.11 -4.71
CA CYS E 33 -39.21 3.82 -4.43
C CYS E 33 -40.66 3.82 -4.90
N VAL E 34 -41.38 4.91 -4.62
CA VAL E 34 -42.76 5.06 -5.08
C VAL E 34 -42.83 5.11 -6.58
N ASP E 35 -41.87 5.82 -7.19
CA ASP E 35 -41.74 5.85 -8.64
C ASP E 35 -41.55 4.42 -9.16
N ALA E 36 -40.97 3.58 -8.31
CA ALA E 36 -40.75 2.18 -8.64
C ALA E 36 -41.91 1.28 -8.21
N ASN E 37 -43.07 1.89 -7.92
CA ASN E 37 -44.30 1.18 -7.53
C ASN E 37 -44.30 0.55 -6.15
N LEU E 38 -43.54 1.12 -5.22
CA LEU E 38 -43.39 0.52 -3.91
C LEU E 38 -44.10 1.33 -2.85
N ARG E 39 -44.83 0.65 -1.97
CA ARG E 39 -45.57 1.30 -0.89
C ARG E 39 -44.63 1.77 0.23
N VAL E 40 -44.49 3.10 0.34
CA VAL E 40 -43.59 3.73 1.31
C VAL E 40 -44.31 4.48 2.43
N CYS E 41 -43.91 4.19 3.66
CA CYS E 41 -44.38 4.92 4.83
C CYS E 41 -43.20 5.71 5.35
N MET E 42 -43.41 6.99 5.60
CA MET E 42 -42.34 7.84 6.07
C MET E 42 -42.78 8.51 7.35
N VAL E 43 -41.90 8.60 8.33
CA VAL E 43 -42.23 9.27 9.59
C VAL E 43 -41.21 10.38 9.88
N GLU E 44 -41.69 11.49 10.43
CA GLU E 44 -40.84 12.65 10.65
C GLU E 44 -41.11 13.15 12.04
N ILE E 45 -40.08 13.33 12.85
CA ILE E 45 -40.28 13.67 14.25
C ILE E 45 -40.85 15.07 14.39
N GLY E 46 -40.62 15.89 13.38
CA GLY E 46 -41.07 17.27 13.41
C GLY E 46 -42.38 17.50 12.69
N ALA E 47 -42.79 18.77 12.64
CA ALA E 47 -44.03 19.16 12.01
C ALA E 47 -43.83 19.63 10.58
N ALA E 48 -44.84 19.41 9.76
CA ALA E 48 -44.88 19.99 8.44
C ALA E 48 -45.25 21.44 8.62
N ASP E 49 -44.38 22.34 8.23
CA ASP E 49 -44.57 23.74 8.52
C ASP E 49 -43.97 24.67 7.47
N SER E 50 -43.87 24.22 6.23
CA SER E 50 -43.38 25.13 5.22
C SER E 50 -43.94 24.64 3.92
N PHE E 51 -45.00 25.31 3.46
CA PHE E 51 -45.73 24.77 2.32
C PHE E 51 -45.67 25.66 1.08
N THR E 52 -45.90 25.02 -0.07
CA THR E 52 -46.20 25.67 -1.34
C THR E 52 -47.32 24.87 -1.98
N SER E 53 -47.86 25.35 -3.10
CA SER E 53 -49.03 24.73 -3.72
C SER E 53 -48.78 24.34 -5.15
N LYS E 54 -49.19 23.14 -5.54
CA LYS E 54 -49.00 22.69 -6.91
C LYS E 54 -50.27 22.07 -7.46
N PRO E 55 -50.54 22.31 -8.75
CA PRO E 55 -51.68 21.70 -9.44
C PRO E 55 -51.59 20.19 -9.46
N MET E 56 -52.74 19.55 -9.23
CA MET E 56 -52.87 18.11 -9.31
C MET E 56 -52.93 17.72 -10.77
N LYS E 57 -52.15 16.71 -11.15
CA LYS E 57 -52.23 16.16 -12.50
C LYS E 57 -53.53 15.39 -12.67
N GLY E 71 -58.06 22.88 -7.67
CA GLY E 71 -57.54 21.99 -6.65
C GLY E 71 -56.03 22.09 -6.49
N GLN E 72 -55.59 22.96 -5.59
CA GLN E 72 -54.18 23.12 -5.28
C GLN E 72 -53.81 22.22 -4.10
N VAL E 73 -52.75 21.43 -4.27
CA VAL E 73 -52.30 20.52 -3.23
C VAL E 73 -51.13 21.14 -2.50
N PRO E 74 -51.17 21.13 -1.16
CA PRO E 74 -50.02 21.66 -0.42
C PRO E 74 -48.86 20.67 -0.46
N ILE E 75 -47.66 21.17 -0.71
CA ILE E 75 -46.45 20.37 -0.59
C ILE E 75 -45.62 20.90 0.57
N PRO E 76 -45.24 20.00 1.50
CA PRO E 76 -44.43 20.35 2.68
C PRO E 76 -42.95 20.41 2.30
N GLY E 77 -42.09 20.80 3.25
CA GLY E 77 -40.65 20.83 3.00
C GLY E 77 -40.25 21.82 1.92
N TYR E 78 -40.86 23.00 1.96
CA TYR E 78 -40.64 24.05 0.99
C TYR E 78 -39.68 25.10 1.58
N HIS E 79 -38.83 25.69 0.75
CA HIS E 79 -37.81 26.60 1.29
C HIS E 79 -38.46 27.83 1.91
N LYS E 80 -38.24 28.02 3.21
CA LYS E 80 -38.83 29.11 3.96
C LYS E 80 -38.31 30.47 3.51
N LYS E 81 -37.26 30.46 2.70
CA LYS E 81 -36.65 31.69 2.22
C LYS E 81 -37.37 32.13 0.93
N ASN E 82 -38.05 31.19 0.30
CA ASN E 82 -38.88 31.46 -0.88
C ASN E 82 -40.04 32.45 -0.66
N GLU E 83 -40.39 32.75 0.57
CA GLU E 83 -41.45 33.72 0.82
C GLU E 83 -40.99 35.14 0.51
N ILE E 84 -41.91 35.91 -0.06
CA ILE E 84 -41.67 37.27 -0.52
C ILE E 84 -41.07 38.17 0.55
N GLU E 85 -41.48 37.96 1.79
CA GLU E 85 -40.98 38.77 2.88
C GLU E 85 -39.45 38.72 2.98
N TYR E 86 -38.89 37.53 2.83
CA TYR E 86 -37.44 37.34 2.99
C TYR E 86 -36.77 37.69 1.68
N GLN E 87 -37.49 37.52 0.59
CA GLN E 87 -36.99 37.87 -0.71
C GLN E 87 -36.71 39.38 -0.73
N LYS E 88 -37.58 40.15 -0.08
CA LYS E 88 -37.42 41.60 0.00
C LYS E 88 -36.39 42.08 1.04
N ASP E 89 -36.26 41.35 2.14
CA ASP E 89 -35.38 41.75 3.24
C ASP E 89 -34.55 40.56 3.70
N ILE E 90 -33.53 40.19 2.97
CA ILE E 90 -32.82 38.95 3.28
C ILE E 90 -32.23 38.86 4.72
N ASP E 91 -31.86 40.00 5.28
CA ASP E 91 -31.17 40.05 6.56
C ASP E 91 -32.00 39.46 7.69
N ARG E 92 -33.31 39.51 7.53
CA ARG E 92 -34.21 39.05 8.59
C ARG E 92 -34.17 37.53 8.73
N PHE E 93 -33.78 36.84 7.66
CA PHE E 93 -33.85 35.38 7.59
C PHE E 93 -32.96 34.61 8.57
N VAL E 94 -31.84 35.22 8.97
CA VAL E 94 -30.97 34.60 9.98
C VAL E 94 -31.78 34.19 11.21
N ASN E 95 -32.85 34.92 11.47
CA ASN E 95 -33.71 34.61 12.60
C ASN E 95 -34.41 33.28 12.36
N VAL E 96 -34.91 33.06 11.14
CA VAL E 96 -35.53 31.78 10.81
C VAL E 96 -34.55 30.65 11.07
N ILE E 97 -33.30 30.87 10.69
CA ILE E 97 -32.23 29.91 10.88
C ILE E 97 -31.97 29.67 12.35
N LYS E 98 -31.76 30.73 13.11
CA LYS E 98 -31.45 30.56 14.51
C LYS E 98 -32.66 29.98 15.25
N GLY E 99 -33.84 30.24 14.71
CA GLY E 99 -35.05 29.60 15.20
C GLY E 99 -35.07 28.11 14.95
N ALA E 100 -34.59 27.67 13.79
CA ALA E 100 -34.67 26.26 13.43
C ALA E 100 -33.59 25.37 14.07
N LEU E 101 -32.50 25.95 14.54
CA LEU E 101 -31.35 25.15 14.95
C LEU E 101 -31.37 24.68 16.41
N SER E 102 -31.10 23.40 16.60
CA SER E 102 -31.08 22.83 17.94
C SER E 102 -29.71 22.25 18.24
N THR E 103 -28.97 22.93 19.10
CA THR E 103 -27.62 22.50 19.46
C THR E 103 -27.62 21.08 20.02
N CYS E 104 -26.71 20.27 19.52
CA CYS E 104 -26.63 18.86 19.85
C CYS E 104 -26.09 18.55 21.24
N SER E 105 -25.01 19.22 21.60
CA SER E 105 -24.35 18.92 22.85
C SER E 105 -23.80 20.19 23.48
N ILE E 106 -24.32 20.51 24.66
CA ILE E 106 -23.94 21.70 25.39
C ILE E 106 -23.35 21.35 26.75
N PRO E 107 -22.07 21.67 26.97
CA PRO E 107 -21.38 21.28 28.20
C PRO E 107 -22.04 21.91 29.39
N THR E 108 -21.86 21.33 30.58
CA THR E 108 -22.37 21.97 31.79
C THR E 108 -21.34 23.00 32.23
N SER E 109 -21.75 23.88 33.14
CA SER E 109 -20.91 24.97 33.61
C SER E 109 -21.31 25.28 35.04
N ASN E 110 -20.39 25.79 35.83
CA ASN E 110 -20.77 26.22 37.16
C ASN E 110 -20.12 27.54 37.52
N ASN E 111 -20.56 28.58 36.81
CA ASN E 111 -19.97 29.90 36.87
C ASN E 111 -20.54 30.80 37.93
N HIS E 112 -19.69 31.22 38.84
CA HIS E 112 -20.06 32.19 39.86
C HIS E 112 -20.47 33.51 39.22
N ILE E 113 -21.66 34.01 39.59
CA ILE E 113 -22.13 35.34 39.19
C ILE E 113 -21.92 36.28 40.37
N ALA E 114 -21.05 37.26 40.21
CA ALA E 114 -20.60 38.02 41.36
C ALA E 114 -21.54 39.14 41.78
N THR E 115 -22.37 39.60 40.86
CA THR E 115 -23.25 40.72 41.14
C THR E 115 -24.69 40.36 41.56
N LEU E 116 -24.95 39.07 41.79
CA LEU E 116 -26.28 38.65 42.22
C LEU E 116 -26.72 39.35 43.48
N ASP E 117 -27.97 39.76 43.50
CA ASP E 117 -28.58 40.17 44.75
C ASP E 117 -28.34 39.04 45.73
N PRO E 118 -27.79 39.38 46.90
CA PRO E 118 -27.39 38.43 47.95
C PRO E 118 -28.53 37.54 48.48
N SER E 119 -29.79 37.94 48.29
CA SER E 119 -30.89 37.11 48.79
C SER E 119 -31.40 36.06 47.81
N VAL E 120 -31.09 36.22 46.54
CA VAL E 120 -31.65 35.31 45.54
C VAL E 120 -31.01 33.93 45.53
N VAL E 121 -31.81 32.95 45.15
CA VAL E 121 -31.35 31.62 44.75
C VAL E 121 -30.04 31.69 43.98
N SER E 122 -29.09 30.82 44.32
CA SER E 122 -27.79 30.87 43.68
C SER E 122 -27.11 29.50 43.57
N ASN E 123 -26.17 29.38 42.65
CA ASN E 123 -25.30 28.22 42.59
C ASN E 123 -24.20 28.37 43.63
N SER E 124 -23.55 27.26 43.98
CA SER E 124 -22.38 27.30 44.87
C SER E 124 -21.39 26.31 44.30
N LEU E 125 -20.17 26.28 44.84
CA LEU E 125 -19.13 25.39 44.33
C LEU E 125 -19.51 23.90 44.38
N ASP E 126 -20.30 23.51 45.39
CA ASP E 126 -20.69 22.11 45.51
C ASP E 126 -22.16 21.85 45.20
N LYS E 127 -22.92 22.91 44.94
CA LYS E 127 -24.32 22.78 44.57
C LYS E 127 -24.64 23.55 43.29
N PRO E 128 -24.21 23.03 42.14
CA PRO E 128 -24.47 23.69 40.86
C PRO E 128 -25.92 23.52 40.47
N PHE E 129 -26.39 24.38 39.57
CA PHE E 129 -27.69 24.18 38.97
C PHE E 129 -27.71 22.89 38.18
N ILE E 130 -28.90 22.40 37.88
CA ILE E 130 -29.06 21.30 36.97
C ILE E 130 -30.03 21.79 35.93
N SER E 131 -29.61 21.77 34.69
CA SER E 131 -30.47 22.26 33.63
C SER E 131 -30.69 21.15 32.62
N LEU E 132 -31.86 21.16 31.98
CA LEU E 132 -32.17 20.18 30.96
C LEU E 132 -31.47 20.54 29.68
N GLY E 133 -31.05 19.53 28.92
CA GLY E 133 -30.33 19.77 27.67
C GLY E 133 -28.82 19.86 27.82
N LYS E 134 -28.32 20.30 28.98
CA LYS E 134 -26.89 20.36 29.17
C LYS E 134 -26.37 18.94 29.24
N ASN E 135 -25.21 18.72 28.66
CA ASN E 135 -24.65 17.39 28.60
C ASN E 135 -23.50 17.26 29.58
N PRO E 136 -23.74 16.58 30.71
CA PRO E 136 -22.67 16.59 31.72
C PRO E 136 -21.47 15.75 31.30
N ALA E 137 -21.61 14.90 30.29
CA ALA E 137 -20.51 14.06 29.80
C ALA E 137 -19.60 14.79 28.80
N GLN E 138 -20.10 15.90 28.25
CA GLN E 138 -19.38 16.61 27.20
C GLN E 138 -18.16 17.35 27.74
N ASN E 139 -16.99 16.91 27.35
CA ASN E 139 -15.79 17.71 27.52
C ASN E 139 -15.88 18.86 26.52
N PRO E 140 -15.88 20.10 27.01
CA PRO E 140 -15.95 21.27 26.14
C PRO E 140 -14.81 21.29 25.12
N PHE E 141 -13.64 20.80 25.53
CA PHE E 141 -12.45 20.90 24.69
C PHE E 141 -12.44 19.97 23.47
N VAL E 142 -13.37 19.01 23.41
CA VAL E 142 -13.40 18.09 22.26
C VAL E 142 -14.78 18.11 21.63
N ASN E 143 -15.51 19.15 21.96
CA ASN E 143 -16.87 19.29 21.47
C ASN E 143 -16.90 19.76 20.02
N LEU E 144 -18.03 19.54 19.37
CA LEU E 144 -18.37 20.32 18.18
C LEU E 144 -19.51 21.21 18.64
N GLY E 145 -19.18 22.17 19.49
CA GLY E 145 -20.15 23.00 20.19
C GLY E 145 -21.16 23.76 19.35
N ALA E 146 -21.00 23.72 18.04
CA ALA E 146 -21.97 24.40 17.20
C ALA E 146 -22.70 23.40 16.32
N GLU E 147 -22.35 22.12 16.43
CA GLU E 147 -23.10 21.10 15.70
C GLU E 147 -24.53 21.16 16.20
N ALA E 148 -25.47 20.93 15.29
CA ALA E 148 -26.84 21.30 15.56
C ALA E 148 -27.76 20.61 14.57
N VAL E 149 -29.00 20.40 14.98
CA VAL E 149 -29.96 19.74 14.09
C VAL E 149 -31.19 20.60 13.90
N THR E 150 -31.99 20.23 12.90
CA THR E 150 -33.23 20.92 12.60
C THR E 150 -34.32 19.88 12.36
N ARG E 151 -35.48 20.12 12.96
CA ARG E 151 -36.55 19.13 12.98
C ARG E 151 -37.83 19.67 12.35
N GLY E 152 -38.16 19.14 11.18
CA GLY E 152 -39.38 19.47 10.48
C GLY E 152 -39.31 18.78 9.14
N VAL E 153 -40.42 18.79 8.41
CA VAL E 153 -40.44 18.12 7.13
C VAL E 153 -39.52 18.87 6.18
N GLY E 154 -38.62 18.11 5.55
CA GLY E 154 -37.66 18.68 4.63
C GLY E 154 -36.36 18.87 5.38
N GLY E 155 -36.44 18.72 6.69
CA GLY E 155 -35.26 18.79 7.51
C GLY E 155 -34.57 20.12 7.33
N MET E 156 -33.28 20.07 7.06
CA MET E 156 -32.47 21.27 7.00
C MET E 156 -32.64 21.94 5.67
N SER E 157 -33.21 21.22 4.72
CA SER E 157 -33.39 21.77 3.40
C SER E 157 -34.42 22.90 3.36
N THR E 158 -35.16 23.13 4.43
CA THR E 158 -36.05 24.29 4.42
C THR E 158 -35.31 25.59 4.78
N ALA E 159 -34.03 25.48 5.09
CA ALA E 159 -33.24 26.67 5.39
C ALA E 159 -31.89 26.75 4.67
N TRP E 160 -31.50 25.70 3.94
CA TRP E 160 -30.12 25.64 3.48
C TRP E 160 -29.76 26.65 2.40
N THR E 161 -28.47 26.92 2.29
CA THR E 161 -27.96 27.85 1.29
C THR E 161 -28.06 27.30 -0.13
N CYS E 162 -28.28 25.98 -0.25
CA CYS E 162 -28.40 25.27 -1.54
C CYS E 162 -27.10 25.10 -2.37
N ALA E 163 -25.95 25.42 -1.80
CA ALA E 163 -24.68 25.21 -2.50
C ALA E 163 -24.54 23.73 -2.81
N THR E 164 -24.35 23.39 -4.07
CA THR E 164 -24.21 21.98 -4.43
C THR E 164 -23.06 21.68 -5.39
N PRO E 165 -21.81 21.72 -4.88
CA PRO E 165 -20.67 21.35 -5.73
C PRO E 165 -20.46 19.82 -5.77
N GLU E 166 -19.74 19.34 -6.79
CA GLU E 166 -19.26 17.96 -6.79
C GLU E 166 -18.06 17.81 -5.89
N PHE E 167 -17.81 16.60 -5.42
CA PHE E 167 -16.60 16.31 -4.65
C PHE E 167 -15.44 16.11 -5.59
N PHE E 168 -14.24 16.46 -5.14
CA PHE E 168 -13.03 16.30 -5.92
C PHE E 168 -12.56 14.85 -6.00
N ALA E 169 -12.32 14.38 -7.23
CA ALA E 169 -11.61 13.12 -7.47
C ALA E 169 -10.29 13.41 -8.17
N PRO E 170 -9.16 13.02 -7.55
CA PRO E 170 -7.86 13.29 -8.17
C PRO E 170 -7.72 12.45 -9.43
N ALA E 171 -6.97 12.95 -10.41
CA ALA E 171 -6.78 12.23 -11.67
C ALA E 171 -6.06 10.93 -11.37
N ASP E 172 -5.16 10.97 -10.39
CA ASP E 172 -4.50 9.78 -9.90
C ASP E 172 -5.45 9.03 -8.97
N PHE E 173 -5.96 7.91 -9.48
CA PHE E 173 -6.90 7.09 -8.73
C PHE E 173 -6.32 6.51 -7.45
N ASN E 174 -5.00 6.53 -7.35
CA ASN E 174 -4.34 6.07 -6.13
C ASN E 174 -3.67 7.20 -5.34
N ALA E 175 -4.11 8.44 -5.52
CA ALA E 175 -3.66 9.58 -4.70
C ALA E 175 -3.88 9.34 -3.20
N PRO E 176 -3.03 9.93 -2.36
CA PRO E 176 -3.23 9.71 -0.92
C PRO E 176 -4.45 10.43 -0.35
N HIS E 177 -4.99 11.40 -1.08
CA HIS E 177 -6.24 12.01 -0.64
C HIS E 177 -7.25 12.25 -1.75
N ARG E 178 -8.52 12.07 -1.42
CA ARG E 178 -9.63 12.39 -2.32
C ARG E 178 -10.79 12.88 -1.48
N GLU E 179 -11.68 13.66 -2.10
CA GLU E 179 -12.96 14.03 -1.51
C GLU E 179 -14.00 12.97 -1.86
N ARG E 180 -14.08 12.63 -3.14
CA ARG E 180 -15.04 11.68 -3.65
C ARG E 180 -14.71 10.24 -3.22
N PRO E 181 -15.61 9.63 -2.44
CA PRO E 181 -15.34 8.27 -1.98
C PRO E 181 -15.36 7.32 -3.16
N LYS E 182 -14.71 6.17 -3.03
CA LYS E 182 -14.68 5.19 -4.10
C LYS E 182 -15.81 4.18 -3.92
N LEU E 183 -16.46 3.86 -5.03
CA LEU E 183 -17.58 2.95 -5.08
C LEU E 183 -17.20 1.67 -5.79
N SER E 184 -15.95 1.61 -6.23
CA SER E 184 -15.39 0.42 -6.86
C SER E 184 -13.89 0.54 -6.82
N THR E 185 -13.18 -0.58 -6.81
CA THR E 185 -11.73 -0.56 -6.85
C THR E 185 -11.21 -0.31 -8.26
N ASP E 186 -12.11 -0.42 -9.23
CA ASP E 186 -11.79 -0.16 -10.62
C ASP E 186 -12.02 1.32 -10.93
N ALA E 187 -10.96 2.03 -11.35
CA ALA E 187 -11.00 3.47 -11.56
C ALA E 187 -11.98 3.87 -12.65
N ALA E 188 -11.93 3.13 -13.75
CA ALA E 188 -12.80 3.46 -14.88
C ALA E 188 -14.25 3.40 -14.46
N GLU E 189 -14.61 2.30 -13.79
CA GLU E 189 -15.97 2.03 -13.35
C GLU E 189 -16.44 3.06 -12.36
N ASP E 190 -15.62 3.29 -11.34
CA ASP E 190 -15.92 4.26 -10.32
C ASP E 190 -16.30 5.58 -10.96
N ALA E 191 -15.56 5.96 -12.00
CA ALA E 191 -15.78 7.24 -12.70
C ALA E 191 -17.14 7.29 -13.36
N ARG E 192 -17.54 6.17 -13.97
CA ARG E 192 -18.82 6.10 -14.65
C ARG E 192 -19.99 6.14 -13.67
N ILE E 193 -19.93 5.31 -12.62
CA ILE E 193 -20.98 5.28 -11.61
C ILE E 193 -21.28 6.67 -11.08
N TRP E 194 -20.23 7.41 -10.79
CA TRP E 194 -20.35 8.76 -10.23
C TRP E 194 -20.86 9.79 -11.24
N LYS E 195 -20.53 9.61 -12.52
CA LYS E 195 -21.00 10.50 -13.56
C LYS E 195 -22.50 10.36 -13.68
N ASP E 196 -22.98 9.14 -13.50
CA ASP E 196 -24.40 8.88 -13.60
C ASP E 196 -25.15 9.33 -12.34
N LEU E 197 -24.59 9.09 -11.17
CA LEU E 197 -25.25 9.43 -9.92
C LEU E 197 -25.32 10.93 -9.76
N TYR E 198 -24.32 11.62 -10.30
CA TYR E 198 -24.24 13.06 -10.13
C TYR E 198 -25.19 13.80 -11.08
N ALA E 199 -25.28 13.36 -12.33
CA ALA E 199 -26.24 13.94 -13.24
C ALA E 199 -27.65 13.75 -12.66
N GLN E 200 -27.89 12.55 -12.14
CA GLN E 200 -29.19 12.19 -11.59
C GLN E 200 -29.56 13.00 -10.36
N ALA E 201 -28.56 13.23 -9.52
CA ALA E 201 -28.75 13.95 -8.28
C ALA E 201 -28.89 15.42 -8.56
N LYS E 202 -28.27 15.86 -9.65
CA LYS E 202 -28.26 17.26 -9.99
C LYS E 202 -29.64 17.66 -10.50
N GLU E 203 -30.35 16.68 -11.02
CA GLU E 203 -31.64 16.92 -11.65
C GLU E 203 -32.74 16.78 -10.60
N ILE E 204 -32.47 15.95 -9.60
CA ILE E 204 -33.39 15.73 -8.50
C ILE E 204 -33.52 16.97 -7.64
N ILE E 205 -32.43 17.72 -7.53
CA ILE E 205 -32.36 18.91 -6.67
C ILE E 205 -32.34 20.23 -7.49
N GLY E 206 -32.21 20.12 -8.81
CA GLY E 206 -32.21 21.28 -9.70
C GLY E 206 -31.00 22.20 -9.64
N THR E 207 -29.81 21.68 -9.97
CA THR E 207 -28.57 22.45 -9.86
C THR E 207 -28.37 23.39 -11.04
N SER E 208 -27.93 24.61 -10.75
CA SER E 208 -27.64 25.57 -11.80
C SER E 208 -26.45 26.48 -11.51
N THR E 209 -25.69 26.78 -12.55
CA THR E 209 -24.54 27.66 -12.40
C THR E 209 -24.81 29.00 -13.04
N THR E 210 -26.03 29.19 -13.55
CA THR E 210 -26.32 30.34 -14.37
C THR E 210 -27.20 31.41 -13.71
N GLU E 211 -27.92 31.03 -12.65
CA GLU E 211 -28.91 31.90 -12.01
C GLU E 211 -28.40 33.25 -11.49
N PHE E 212 -27.09 33.48 -11.57
CA PHE E 212 -26.56 34.76 -11.18
C PHE E 212 -25.76 35.43 -12.29
N ASP E 213 -25.98 34.96 -13.51
CA ASP E 213 -25.24 35.46 -14.66
C ASP E 213 -25.60 36.90 -15.01
N HIS E 214 -26.69 37.41 -14.46
CA HIS E 214 -27.00 38.82 -14.69
C HIS E 214 -26.95 39.60 -13.39
N SER E 215 -26.12 39.14 -12.48
CA SER E 215 -25.81 39.97 -11.33
C SER E 215 -24.56 40.80 -11.58
N ILE E 216 -24.65 42.10 -11.37
CA ILE E 216 -23.51 42.96 -11.48
C ILE E 216 -22.49 42.53 -10.41
N ARG E 217 -22.95 42.38 -9.18
CA ARG E 217 -22.03 42.00 -8.11
C ARG E 217 -21.34 40.66 -8.39
N HIS E 218 -22.11 39.68 -8.83
CA HIS E 218 -21.55 38.39 -9.19
C HIS E 218 -20.48 38.56 -10.26
N ASN E 219 -20.83 39.25 -11.34
CA ASN E 219 -19.91 39.43 -12.44
C ASN E 219 -18.69 40.24 -12.09
N LEU E 220 -18.90 41.34 -11.38
CA LEU E 220 -17.81 42.13 -10.88
C LEU E 220 -16.81 41.28 -10.08
N VAL E 221 -17.29 40.47 -9.13
CA VAL E 221 -16.41 39.64 -8.33
C VAL E 221 -15.76 38.52 -9.14
N LEU E 222 -16.54 37.79 -9.92
CA LEU E 222 -16.01 36.64 -10.65
C LEU E 222 -14.96 37.04 -11.68
N ARG E 223 -15.31 38.05 -12.48
CA ARG E 223 -14.42 38.50 -13.53
C ARG E 223 -13.16 39.21 -12.97
N LYS E 224 -13.34 40.05 -11.96
CA LYS E 224 -12.19 40.72 -11.37
C LYS E 224 -11.18 39.72 -10.78
N TYR E 225 -11.68 38.72 -10.06
CA TYR E 225 -10.80 37.73 -9.44
C TYR E 225 -10.05 36.87 -10.44
N ASN E 226 -10.71 36.51 -11.54
CA ASN E 226 -10.02 35.76 -12.57
C ASN E 226 -8.98 36.62 -13.26
N ASP E 227 -9.29 37.90 -13.47
CA ASP E 227 -8.34 38.83 -14.09
C ASP E 227 -7.08 38.94 -13.23
N ILE E 228 -7.28 38.99 -11.92
CA ILE E 228 -6.18 39.08 -10.98
C ILE E 228 -5.30 37.81 -10.96
N PHE E 229 -5.94 36.65 -10.83
CA PHE E 229 -5.19 35.39 -10.69
C PHE E 229 -4.87 34.69 -12.02
N GLN E 230 -4.97 35.43 -13.13
CA GLN E 230 -4.35 34.96 -14.36
C GLN E 230 -2.93 35.51 -14.42
N LYS E 231 -2.67 36.54 -13.63
CA LYS E 231 -1.39 37.24 -13.67
C LYS E 231 -0.62 37.10 -12.36
N GLU E 232 -0.93 36.06 -11.61
CA GLU E 232 -0.19 35.75 -10.40
C GLU E 232 0.67 34.54 -10.66
N ASN E 233 1.68 34.31 -9.82
CA ASN E 233 2.56 33.16 -10.03
C ASN E 233 1.79 31.87 -9.91
N VAL E 234 0.96 31.78 -8.88
CA VAL E 234 0.00 30.70 -8.75
C VAL E 234 -1.28 31.16 -9.45
N ILE E 235 -1.80 30.31 -10.33
CA ILE E 235 -3.09 30.57 -10.93
C ILE E 235 -4.25 29.87 -10.19
N ARG E 236 -5.33 30.62 -9.96
CA ARG E 236 -6.51 30.14 -9.26
C ARG E 236 -7.77 30.40 -10.11
N GLU E 237 -8.63 29.40 -10.19
CA GLU E 237 -9.79 29.46 -11.07
C GLU E 237 -11.06 29.75 -10.26
N PHE E 238 -11.65 30.92 -10.50
CA PHE E 238 -12.91 31.31 -9.87
C PHE E 238 -14.02 30.93 -10.83
N SER E 239 -15.06 30.29 -10.30
CA SER E 239 -16.14 29.75 -11.09
C SER E 239 -17.45 30.07 -10.39
N PRO E 240 -18.58 29.99 -11.10
CA PRO E 240 -19.83 30.26 -10.38
C PRO E 240 -20.14 29.12 -9.43
N LEU E 241 -20.55 29.45 -8.22
CA LEU E 241 -20.98 28.44 -7.27
C LEU E 241 -22.28 27.83 -7.74
N PRO E 242 -22.28 26.51 -7.89
CA PRO E 242 -23.43 25.70 -8.26
C PRO E 242 -24.47 25.79 -7.15
N LEU E 243 -25.73 25.99 -7.52
CA LEU E 243 -26.75 26.38 -6.57
C LEU E 243 -28.06 25.80 -6.99
N ALA E 244 -28.71 25.15 -6.04
CA ALA E 244 -29.99 24.50 -6.27
C ALA E 244 -31.09 25.55 -6.14
N CYS E 245 -31.38 26.19 -7.25
CA CYS E 245 -32.38 27.24 -7.29
C CYS E 245 -32.62 27.60 -8.76
N HIS E 246 -33.71 28.32 -9.01
CA HIS E 246 -33.87 28.94 -10.32
C HIS E 246 -34.47 30.33 -10.15
N ARG E 247 -33.92 31.26 -10.91
CA ARG E 247 -34.38 32.65 -10.90
C ARG E 247 -35.75 32.65 -11.60
N LEU E 248 -36.72 33.32 -10.98
CA LEU E 248 -38.10 33.35 -11.50
C LEU E 248 -38.29 34.37 -12.60
N THR E 249 -39.48 34.38 -13.20
CA THR E 249 -39.80 35.33 -14.28
C THR E 249 -39.45 36.77 -13.91
N ASP E 250 -39.66 37.14 -12.66
CA ASP E 250 -39.19 38.43 -12.16
C ASP E 250 -37.85 38.19 -11.49
N PRO E 251 -36.75 38.71 -12.07
CA PRO E 251 -35.37 38.39 -11.63
C PRO E 251 -34.97 39.08 -10.33
N ASP E 252 -35.93 39.60 -9.59
CA ASP E 252 -35.68 40.07 -8.23
C ASP E 252 -36.04 38.97 -7.24
N TYR E 253 -36.59 37.88 -7.77
CA TYR E 253 -37.01 36.74 -6.96
C TYR E 253 -36.31 35.44 -7.38
N VAL E 254 -36.01 34.59 -6.40
CA VAL E 254 -35.44 33.26 -6.66
C VAL E 254 -36.27 32.19 -5.95
N GLU E 255 -36.57 31.10 -6.65
CA GLU E 255 -37.07 29.91 -5.96
C GLU E 255 -35.90 29.01 -5.58
N TRP E 256 -35.55 29.02 -4.30
CA TRP E 256 -34.57 28.09 -3.75
C TRP E 256 -35.24 26.76 -3.55
N HIS E 257 -34.51 25.72 -3.96
CA HIS E 257 -35.05 24.39 -4.00
C HIS E 257 -34.92 23.76 -2.65
N ALA E 258 -35.88 22.90 -2.33
CA ALA E 258 -35.85 22.16 -1.10
C ALA E 258 -36.51 20.82 -1.34
N THR E 259 -36.91 20.19 -0.25
CA THR E 259 -37.49 18.86 -0.31
C THR E 259 -38.81 18.80 -1.10
N ASP E 260 -39.58 19.90 -1.06
CA ASP E 260 -40.82 19.99 -1.83
C ASP E 260 -40.69 19.50 -3.28
N ARG E 261 -39.68 19.99 -4.00
CA ARG E 261 -39.52 19.60 -5.40
C ARG E 261 -39.20 18.12 -5.54
N ILE E 262 -38.64 17.54 -4.48
CA ILE E 262 -38.34 16.12 -4.50
C ILE E 262 -39.63 15.34 -4.28
N LEU E 263 -40.43 15.76 -3.30
CA LEU E 263 -41.64 15.02 -2.93
C LEU E 263 -42.81 15.27 -3.87
N GLU E 264 -42.72 16.34 -4.65
CA GLU E 264 -43.84 16.91 -5.39
C GLU E 264 -44.86 15.91 -5.96
N GLU E 265 -44.38 14.91 -6.69
CA GLU E 265 -45.29 14.00 -7.39
C GLU E 265 -45.91 12.98 -6.46
N LEU E 266 -45.41 12.91 -5.22
CA LEU E 266 -46.00 12.03 -4.23
C LEU E 266 -47.22 12.68 -3.63
N PHE E 267 -47.43 13.95 -3.99
CA PHE E 267 -48.56 14.70 -3.49
C PHE E 267 -49.50 15.11 -4.61
N THR E 268 -48.98 15.10 -5.82
CA THR E 268 -49.65 15.75 -6.92
C THR E 268 -50.11 14.74 -7.99
N ASP E 269 -49.60 13.51 -7.90
CA ASP E 269 -50.08 12.42 -8.74
C ASP E 269 -50.81 11.42 -7.87
N PRO E 270 -52.15 11.36 -8.02
CA PRO E 270 -53.03 10.55 -7.17
C PRO E 270 -52.62 9.09 -7.11
N VAL E 271 -52.00 8.60 -8.19
CA VAL E 271 -51.51 7.24 -8.24
C VAL E 271 -50.39 7.06 -7.24
N LYS E 272 -49.38 7.93 -7.37
CA LYS E 272 -48.23 7.89 -6.50
C LYS E 272 -48.65 8.21 -5.06
N ARG E 273 -49.64 9.11 -4.91
CA ARG E 273 -50.15 9.49 -3.60
C ARG E 273 -50.67 8.27 -2.81
N GLY E 274 -51.19 7.28 -3.51
CA GLY E 274 -51.71 6.08 -2.86
C GLY E 274 -50.65 5.07 -2.42
N ARG E 275 -49.39 5.31 -2.79
CA ARG E 275 -48.31 4.44 -2.30
C ARG E 275 -47.43 5.12 -1.26
N PHE E 276 -47.86 6.26 -0.75
CA PHE E 276 -47.02 7.08 0.10
C PHE E 276 -47.78 7.60 1.31
N THR E 277 -47.24 7.28 2.49
CA THR E 277 -47.82 7.72 3.75
C THR E 277 -46.72 8.47 4.49
N LEU E 278 -47.05 9.65 5.02
CA LEU E 278 -46.08 10.46 5.76
C LEU E 278 -46.68 11.04 7.06
N LEU E 279 -46.20 10.53 8.19
CA LEU E 279 -46.69 10.92 9.52
C LEU E 279 -45.82 11.97 10.22
N THR E 280 -46.24 13.23 10.23
CA THR E 280 -45.52 14.25 10.96
C THR E 280 -45.61 14.04 12.47
N ASN E 281 -44.80 14.78 13.22
CA ASN E 281 -44.74 14.65 14.66
C ASN E 281 -44.60 13.21 15.19
N HIS E 282 -43.98 12.33 14.39
CA HIS E 282 -43.80 10.94 14.76
C HIS E 282 -42.33 10.58 14.93
N ARG E 283 -41.99 10.08 16.11
CA ARG E 283 -40.62 9.77 16.43
C ARG E 283 -40.30 8.34 16.15
N CYS E 284 -39.29 8.11 15.32
CA CYS E 284 -38.75 6.76 15.20
C CYS E 284 -37.83 6.55 16.39
N THR E 285 -38.35 5.85 17.38
CA THR E 285 -37.67 5.75 18.66
C THR E 285 -36.53 4.77 18.53
N LYS E 286 -36.80 3.65 17.86
CA LYS E 286 -35.76 2.70 17.56
C LYS E 286 -36.29 1.69 16.57
N LEU E 287 -35.41 0.81 16.13
CA LEU E 287 -35.78 -0.35 15.34
C LEU E 287 -35.61 -1.58 16.23
N VAL E 288 -36.45 -2.58 16.01
CA VAL E 288 -36.33 -3.84 16.74
C VAL E 288 -35.81 -4.86 15.74
N PHE E 289 -34.79 -5.62 16.17
CA PHE E 289 -34.12 -6.57 15.28
C PHE E 289 -34.61 -7.99 15.56
N LYS E 290 -34.32 -8.92 14.67
CA LYS E 290 -34.68 -10.31 14.92
C LYS E 290 -34.01 -10.84 16.19
N HIS E 291 -32.71 -10.57 16.33
CA HIS E 291 -31.98 -10.93 17.53
C HIS E 291 -30.92 -9.88 17.79
N TYR E 292 -30.20 -10.04 18.89
CA TYR E 292 -29.26 -9.03 19.34
C TYR E 292 -27.88 -9.62 19.51
N ARG E 293 -27.48 -10.45 18.54
CA ARG E 293 -26.18 -11.12 18.61
C ARG E 293 -25.19 -10.60 17.57
N PRO E 294 -24.12 -9.97 18.05
CA PRO E 294 -23.11 -9.40 17.17
C PRO E 294 -22.50 -10.38 16.15
N GLY E 295 -22.12 -9.84 15.00
CA GLY E 295 -21.47 -10.61 13.96
C GLY E 295 -22.32 -11.64 13.24
N GLU E 296 -23.56 -11.81 13.67
CA GLU E 296 -24.42 -12.82 13.06
C GLU E 296 -25.43 -12.18 12.15
N GLU E 297 -25.78 -12.88 11.07
CA GLU E 297 -26.76 -12.37 10.13
C GLU E 297 -28.06 -12.04 10.85
N ASN E 298 -28.70 -10.96 10.45
CA ASN E 298 -29.79 -10.40 11.21
C ASN E 298 -30.74 -9.66 10.28
N GLU E 299 -31.82 -9.13 10.84
CA GLU E 299 -32.76 -8.32 10.08
C GLU E 299 -33.66 -7.50 11.00
N VAL E 300 -34.10 -6.35 10.54
CA VAL E 300 -34.97 -5.49 11.32
C VAL E 300 -36.38 -6.06 11.31
N ASP E 301 -36.94 -6.21 12.49
CA ASP E 301 -38.25 -6.81 12.70
C ASP E 301 -39.36 -5.79 12.40
N TYR E 302 -39.26 -4.63 13.04
CA TYR E 302 -40.23 -3.57 12.87
C TYR E 302 -39.64 -2.31 13.48
N ALA E 303 -40.19 -1.14 13.11
CA ALA E 303 -39.76 0.15 13.65
C ALA E 303 -40.71 0.60 14.77
N LEU E 304 -40.15 0.97 15.92
CA LEU E 304 -40.95 1.48 17.04
C LEU E 304 -41.21 2.97 16.86
N VAL E 305 -42.45 3.34 16.57
CA VAL E 305 -42.73 4.73 16.24
C VAL E 305 -43.77 5.34 17.18
N GLU E 306 -43.50 6.55 17.67
CA GLU E 306 -44.40 7.17 18.63
C GLU E 306 -44.94 8.50 18.13
N ASP E 307 -46.26 8.64 18.18
CA ASP E 307 -46.90 9.93 17.87
C ASP E 307 -46.62 10.86 19.05
N LEU E 308 -46.03 12.01 18.78
CA LEU E 308 -45.68 12.86 19.89
C LEU E 308 -46.83 13.77 20.29
N LEU E 309 -47.86 13.85 19.45
CA LEU E 309 -49.01 14.72 19.70
C LEU E 309 -49.95 14.24 20.80
N PRO E 310 -50.40 15.18 21.65
CA PRO E 310 -51.44 15.00 22.68
C PRO E 310 -52.70 14.30 22.15
N SER E 320 -50.99 4.94 20.82
CA SER E 320 -49.95 5.98 20.74
C SER E 320 -48.67 5.49 20.10
N VAL E 321 -48.29 4.27 20.45
CA VAL E 321 -47.09 3.64 19.92
C VAL E 321 -47.49 2.82 18.71
N LYS E 322 -46.56 2.64 17.77
CA LYS E 322 -46.90 1.92 16.55
C LYS E 322 -45.78 1.00 16.14
N LYS E 323 -46.04 -0.30 16.14
CA LYS E 323 -45.10 -1.21 15.52
C LYS E 323 -45.34 -1.07 14.02
N ILE E 324 -44.42 -0.40 13.33
CA ILE E 324 -44.51 -0.31 11.87
C ILE E 324 -43.65 -1.36 11.20
N TYR E 325 -44.31 -2.19 10.40
CA TYR E 325 -43.66 -3.31 9.73
C TYR E 325 -43.38 -2.99 8.28
N ALA E 326 -42.26 -3.49 7.78
CA ALA E 326 -41.88 -3.26 6.40
C ALA E 326 -40.84 -4.27 5.95
N ARG E 327 -40.75 -4.44 4.64
CA ARG E 327 -39.78 -5.37 4.10
C ARG E 327 -38.35 -4.80 4.17
N SER E 328 -38.24 -3.49 4.02
CA SER E 328 -36.94 -2.83 4.11
C SER E 328 -37.06 -1.54 4.91
N TYR E 329 -36.05 -1.23 5.71
CA TYR E 329 -36.07 -0.06 6.57
C TYR E 329 -34.91 0.90 6.26
N VAL E 330 -35.25 2.16 6.04
CA VAL E 330 -34.29 3.18 5.69
C VAL E 330 -34.19 4.23 6.80
N VAL E 331 -33.02 4.40 7.40
CA VAL E 331 -32.87 5.42 8.45
C VAL E 331 -32.14 6.63 7.87
N ALA E 332 -32.85 7.71 7.65
CA ALA E 332 -32.27 8.91 7.02
C ALA E 332 -32.56 10.18 7.82
N CYS E 333 -32.02 10.25 9.03
CA CYS E 333 -32.37 11.28 9.99
C CYS E 333 -31.27 12.32 10.19
N GLY E 334 -30.34 12.39 9.26
CA GLY E 334 -29.22 13.31 9.43
C GLY E 334 -28.08 12.61 10.13
N ALA E 335 -26.87 13.14 9.97
CA ALA E 335 -25.66 12.47 10.44
C ALA E 335 -25.74 12.03 11.89
N VAL E 336 -26.33 12.86 12.73
CA VAL E 336 -26.30 12.62 14.15
C VAL E 336 -27.40 11.66 14.58
N ALA E 337 -28.62 11.95 14.15
CA ALA E 337 -29.79 11.23 14.65
C ALA E 337 -29.87 9.87 14.00
N THR E 338 -29.32 9.76 12.79
CA THR E 338 -29.29 8.46 12.18
C THR E 338 -28.52 7.53 13.11
N ALA E 339 -27.37 7.99 13.58
CA ALA E 339 -26.57 7.19 14.50
C ALA E 339 -27.30 7.06 15.83
N GLN E 340 -28.08 8.07 16.18
CA GLN E 340 -28.77 8.13 17.46
C GLN E 340 -29.86 7.06 17.51
N VAL E 341 -30.55 6.88 16.39
CA VAL E 341 -31.58 5.87 16.28
C VAL E 341 -30.98 4.47 16.39
N LEU E 342 -29.98 4.20 15.55
CA LEU E 342 -29.29 2.92 15.58
C LEU E 342 -28.71 2.61 16.96
N ALA E 343 -28.13 3.62 17.61
CA ALA E 343 -27.58 3.40 18.93
C ALA E 343 -28.66 2.89 19.89
N ASN E 344 -29.77 3.61 19.91
CA ASN E 344 -30.90 3.32 20.78
C ASN E 344 -31.47 1.97 20.45
N SER E 345 -31.37 1.59 19.17
CA SER E 345 -31.87 0.28 18.74
C SER E 345 -31.10 -0.86 19.41
N HIS E 346 -29.95 -0.52 19.99
CA HIS E 346 -29.13 -1.51 20.66
C HIS E 346 -29.68 -1.93 21.99
N ILE E 347 -30.62 -1.14 22.52
CA ILE E 347 -31.33 -1.54 23.73
C ILE E 347 -32.70 -2.10 23.36
N PRO E 348 -32.85 -3.44 23.39
CA PRO E 348 -34.10 -4.09 23.01
C PRO E 348 -35.20 -3.82 24.05
N PRO E 349 -36.49 -3.89 23.65
CA PRO E 349 -37.60 -3.87 24.62
C PRO E 349 -37.86 -5.23 25.27
N ASP E 369 -22.66 8.57 33.12
CA ASP E 369 -21.66 8.87 32.09
C ASP E 369 -21.37 7.73 31.09
N ALA E 370 -21.77 6.51 31.43
CA ALA E 370 -21.58 5.37 30.51
C ALA E 370 -22.27 5.60 29.17
N THR E 371 -21.68 5.11 28.09
CA THR E 371 -22.28 5.31 26.79
C THR E 371 -22.94 4.02 26.38
N ILE E 372 -23.70 4.07 25.29
CA ILE E 372 -24.37 2.87 24.81
C ILE E 372 -23.43 2.09 23.92
N PRO E 373 -23.03 0.90 24.38
CA PRO E 373 -22.17 0.03 23.56
C PRO E 373 -22.96 -0.28 22.31
N THR E 374 -22.34 -0.21 21.14
CA THR E 374 -23.07 -0.50 19.93
C THR E 374 -22.38 -1.57 19.11
N PRO E 375 -22.29 -2.81 19.65
CA PRO E 375 -21.53 -3.91 19.05
C PRO E 375 -22.23 -4.65 17.91
N LEU E 376 -23.53 -4.41 17.72
CA LEU E 376 -24.18 -4.93 16.53
C LEU E 376 -23.71 -4.17 15.29
N MET E 377 -23.13 -2.99 15.53
CA MET E 377 -22.65 -2.07 14.47
C MET E 377 -21.44 -1.31 14.99
N PRO E 378 -20.30 -2.01 15.09
CA PRO E 378 -19.18 -1.53 15.90
C PRO E 378 -18.58 -0.20 15.44
N MET E 379 -18.70 0.14 14.16
CA MET E 379 -18.06 1.36 13.65
C MET E 379 -18.97 2.58 13.69
N LEU E 380 -20.22 2.38 14.14
CA LEU E 380 -21.18 3.46 14.29
C LEU E 380 -20.54 4.58 15.10
N GLY E 381 -20.58 5.79 14.56
CA GLY E 381 -20.09 6.96 15.26
C GLY E 381 -18.58 7.08 15.31
N LYS E 382 -17.91 6.35 14.44
CA LYS E 382 -16.45 6.42 14.41
C LYS E 382 -15.93 6.98 13.10
N TYR E 383 -14.70 7.49 13.12
CA TYR E 383 -14.10 8.15 11.97
C TYR E 383 -14.91 9.38 11.53
N ILE E 384 -15.57 10.04 12.47
CA ILE E 384 -16.42 11.16 12.10
C ILE E 384 -15.56 12.33 11.70
N THR E 385 -16.09 13.19 10.84
CA THR E 385 -15.37 14.36 10.35
C THR E 385 -16.25 15.60 10.37
N GLU E 386 -15.67 16.72 10.73
CA GLU E 386 -16.33 18.03 10.54
C GLU E 386 -15.31 19.02 9.98
N GLN E 387 -15.82 20.05 9.31
CA GLN E 387 -14.99 20.99 8.59
C GLN E 387 -14.72 22.22 9.39
N PRO E 388 -13.43 22.52 9.59
CA PRO E 388 -12.98 23.79 10.16
C PRO E 388 -13.37 24.89 9.18
N MET E 389 -13.75 26.07 9.66
CA MET E 389 -14.28 27.13 8.81
C MET E 389 -13.65 28.48 9.16
N THR E 390 -13.06 29.15 8.17
CA THR E 390 -12.63 30.54 8.39
C THR E 390 -13.57 31.47 7.69
N PHE E 391 -13.67 32.69 8.20
CA PHE E 391 -14.70 33.61 7.74
C PHE E 391 -14.21 35.04 7.81
N CYS E 392 -14.69 35.88 6.91
CA CYS E 392 -14.57 37.34 7.08
C CYS E 392 -15.47 38.06 6.11
N GLN E 393 -15.59 39.36 6.30
CA GLN E 393 -16.30 40.17 5.32
C GLN E 393 -15.45 41.33 4.92
N VAL E 394 -15.48 41.68 3.63
CA VAL E 394 -14.89 42.93 3.20
C VAL E 394 -15.91 43.93 2.67
N VAL E 395 -15.48 45.18 2.67
CA VAL E 395 -16.12 46.22 1.88
C VAL E 395 -15.29 46.31 0.61
N LEU E 396 -15.92 46.18 -0.55
CA LEU E 396 -15.25 46.37 -1.83
C LEU E 396 -14.50 47.71 -1.91
N ASP E 397 -13.39 47.72 -2.64
CA ASP E 397 -12.61 48.94 -2.86
C ASP E 397 -13.41 49.97 -3.68
N SER E 398 -13.26 51.26 -3.34
CA SER E 398 -13.95 52.32 -4.10
C SER E 398 -13.61 52.36 -5.59
N SER E 399 -12.43 51.89 -5.96
CA SER E 399 -12.04 51.89 -7.37
C SER E 399 -12.93 50.95 -8.16
N LEU E 400 -13.47 49.94 -7.50
CA LEU E 400 -14.34 48.96 -8.16
C LEU E 400 -15.70 49.56 -8.56
N MET E 401 -16.08 50.67 -7.91
CA MET E 401 -17.30 51.35 -8.29
C MET E 401 -17.17 51.96 -9.70
N GLU E 402 -15.99 52.53 -9.99
CA GLU E 402 -15.62 53.00 -11.34
C GLU E 402 -15.82 51.92 -12.39
N VAL E 403 -15.41 50.70 -12.05
CA VAL E 403 -15.62 49.56 -12.93
C VAL E 403 -17.11 49.21 -13.11
N VAL E 404 -17.92 49.43 -12.07
CA VAL E 404 -19.34 49.16 -12.18
C VAL E 404 -19.98 50.14 -13.18
N ARG E 405 -19.64 51.42 -13.04
CA ARG E 405 -20.13 52.44 -13.98
C ARG E 405 -19.64 52.23 -15.41
N ASN E 406 -18.45 51.65 -15.56
CA ASN E 406 -17.78 51.58 -16.84
C ASN E 406 -17.00 50.28 -17.02
N PRO E 407 -17.71 49.15 -17.18
CA PRO E 407 -17.04 47.84 -17.20
C PRO E 407 -16.06 47.72 -18.36
N PRO E 408 -15.05 46.85 -18.23
CA PRO E 408 -14.09 46.62 -19.32
C PRO E 408 -14.50 45.50 -20.27
N TRP E 409 -15.03 44.41 -19.74
CA TRP E 409 -15.39 43.24 -20.54
C TRP E 409 -16.53 43.55 -21.53
N PRO E 410 -16.52 42.89 -22.70
CA PRO E 410 -17.54 43.14 -23.74
C PRO E 410 -18.85 42.41 -23.47
N GLY E 411 -19.97 42.93 -23.99
CA GLY E 411 -21.26 42.26 -23.95
C GLY E 411 -22.11 42.46 -22.70
N LEU E 412 -21.68 43.36 -21.83
CA LEU E 412 -22.43 43.64 -20.63
C LEU E 412 -23.54 44.67 -20.85
N ASP E 413 -24.25 44.57 -21.98
CA ASP E 413 -25.32 45.54 -22.27
C ASP E 413 -26.34 45.58 -21.13
N TRP E 414 -26.78 44.41 -20.67
CA TRP E 414 -27.68 44.31 -19.54
C TRP E 414 -27.16 45.07 -18.34
N TRP E 415 -25.83 45.08 -18.19
CA TRP E 415 -25.18 45.70 -17.03
C TRP E 415 -25.18 47.22 -17.15
N LYS E 416 -24.78 47.74 -18.30
CA LYS E 416 -24.75 49.19 -18.45
C LYS E 416 -26.16 49.77 -18.39
N GLU E 417 -27.14 48.99 -18.83
CA GLU E 417 -28.55 49.37 -18.71
C GLU E 417 -29.00 49.50 -17.25
N LYS E 418 -28.73 48.47 -16.44
CA LYS E 418 -29.19 48.49 -15.05
C LYS E 418 -28.57 49.65 -14.27
N VAL E 419 -27.33 49.99 -14.56
CA VAL E 419 -26.69 51.10 -13.85
C VAL E 419 -27.30 52.48 -14.17
N ALA E 420 -27.49 52.77 -15.46
CA ALA E 420 -28.14 54.01 -15.89
C ALA E 420 -29.48 54.25 -15.19
N ARG E 421 -30.35 53.24 -15.21
CA ARG E 421 -31.62 53.26 -14.49
C ARG E 421 -31.47 53.64 -13.01
N HIS E 422 -30.44 53.10 -12.36
CA HIS E 422 -30.23 53.38 -10.94
C HIS E 422 -29.71 54.81 -10.71
N VAL E 423 -28.69 55.20 -11.50
CA VAL E 423 -28.13 56.55 -11.39
C VAL E 423 -29.23 57.57 -11.69
N GLU E 424 -30.12 57.22 -12.59
CA GLU E 424 -31.23 58.11 -12.94
C GLU E 424 -32.18 58.30 -11.78
N ALA E 425 -32.64 57.20 -11.18
CA ALA E 425 -33.56 57.27 -10.05
C ALA E 425 -32.86 57.72 -8.78
N PHE E 426 -31.56 57.42 -8.68
CA PHE E 426 -30.82 57.70 -7.45
C PHE E 426 -29.52 58.45 -7.75
N PRO E 427 -29.65 59.72 -8.20
CA PRO E 427 -28.50 60.52 -8.66
C PRO E 427 -27.44 60.75 -7.60
N ASN E 428 -27.82 60.98 -6.34
CA ASN E 428 -26.84 61.24 -5.31
C ASN E 428 -26.33 59.99 -4.63
N ASP E 429 -26.70 58.83 -5.16
CA ASP E 429 -26.24 57.59 -4.55
C ASP E 429 -24.77 57.39 -4.90
N PRO E 430 -23.90 57.41 -3.89
CA PRO E 430 -22.49 57.16 -4.12
C PRO E 430 -22.27 55.79 -4.74
N ILE E 431 -23.17 54.85 -4.48
CA ILE E 431 -23.00 53.50 -5.00
C ILE E 431 -23.79 53.29 -6.28
N PRO E 432 -23.11 52.84 -7.35
CA PRO E 432 -23.75 52.72 -8.65
C PRO E 432 -24.46 51.38 -8.81
N ILE E 433 -24.27 50.46 -7.88
CA ILE E 433 -24.95 49.16 -7.94
C ILE E 433 -26.47 49.29 -7.64
N PRO E 434 -27.30 48.76 -8.54
CA PRO E 434 -28.76 48.81 -8.38
C PRO E 434 -29.20 48.14 -7.09
N PHE E 435 -30.27 48.63 -6.52
CA PHE E 435 -30.75 48.14 -5.23
C PHE E 435 -31.08 46.65 -5.14
N ARG E 436 -31.77 46.11 -6.13
CA ARG E 436 -32.25 44.73 -6.02
C ARG E 436 -31.18 43.70 -6.39
N ASP E 437 -30.04 44.22 -6.86
CA ASP E 437 -29.04 43.41 -7.52
C ASP E 437 -28.54 42.22 -6.71
N PRO E 438 -28.67 41.00 -7.26
CA PRO E 438 -28.31 39.78 -6.54
C PRO E 438 -26.87 39.77 -6.02
N GLU E 439 -26.65 39.03 -4.94
CA GLU E 439 -25.34 38.88 -4.32
C GLU E 439 -24.40 38.05 -5.20
N PRO E 440 -23.09 38.24 -5.04
CA PRO E 440 -22.07 37.36 -5.63
C PRO E 440 -22.30 35.90 -5.25
N GLN E 441 -22.05 34.98 -6.16
CA GLN E 441 -22.14 33.56 -5.84
C GLN E 441 -20.99 32.84 -6.45
N VAL E 442 -19.82 33.06 -5.86
CA VAL E 442 -18.59 32.59 -6.46
C VAL E 442 -17.86 31.51 -5.64
N THR E 443 -17.16 30.61 -6.31
CA THR E 443 -16.39 29.58 -5.61
C THR E 443 -15.08 29.25 -6.31
N ILE E 444 -14.17 28.60 -5.57
CA ILE E 444 -12.98 28.02 -6.18
C ILE E 444 -13.09 26.53 -5.93
N LYS E 445 -13.15 25.73 -6.98
CA LYS E 445 -13.19 24.29 -6.79
C LYS E 445 -11.96 23.83 -6.01
N PHE E 446 -12.18 22.93 -5.07
CA PHE E 446 -11.14 22.21 -4.33
C PHE E 446 -10.07 21.67 -5.28
N THR E 447 -8.81 21.74 -4.85
CA THR E 447 -7.69 21.17 -5.62
C THR E 447 -6.73 20.63 -4.60
N GLU E 448 -5.89 19.68 -5.00
CA GLU E 448 -4.88 19.15 -4.11
C GLU E 448 -3.90 20.22 -3.62
N GLU E 449 -3.64 21.20 -4.49
CA GLU E 449 -2.65 22.25 -4.20
C GLU E 449 -3.18 23.19 -3.14
N HIS E 450 -4.48 23.44 -3.22
CA HIS E 450 -5.18 24.31 -2.28
C HIS E 450 -6.43 23.57 -1.83
N PRO E 451 -6.23 22.55 -0.97
CA PRO E 451 -7.22 21.55 -0.56
C PRO E 451 -8.22 22.06 0.47
N TRP E 452 -8.94 23.10 0.09
CA TRP E 452 -10.09 23.55 0.86
C TRP E 452 -11.20 23.97 -0.10
N HIS E 453 -12.31 24.44 0.44
CA HIS E 453 -13.48 24.74 -0.38
C HIS E 453 -13.87 26.16 -0.09
N VAL E 454 -14.04 26.97 -1.12
CA VAL E 454 -14.23 28.39 -0.83
C VAL E 454 -15.54 28.91 -1.39
N GLN E 455 -16.13 29.83 -0.63
CA GLN E 455 -17.33 30.53 -1.06
C GLN E 455 -17.13 32.03 -0.88
N ILE E 456 -17.42 32.75 -1.95
CA ILE E 456 -17.34 34.20 -1.98
C ILE E 456 -18.72 34.62 -2.38
N HIS E 457 -19.43 35.27 -1.46
CA HIS E 457 -20.90 35.28 -1.55
C HIS E 457 -21.53 36.13 -0.46
N ARG E 458 -22.86 36.05 -0.38
CA ARG E 458 -23.60 36.54 0.79
C ARG E 458 -24.55 35.47 1.23
N ASP E 459 -24.52 35.17 2.52
CA ASP E 459 -25.24 34.04 3.06
C ASP E 459 -26.26 34.63 4.00
N ALA E 460 -27.46 34.07 3.98
CA ALA E 460 -28.54 34.48 4.88
C ALA E 460 -28.14 34.23 6.33
N PHE E 461 -27.30 33.23 6.56
CA PHE E 461 -26.81 32.95 7.91
C PHE E 461 -25.65 33.88 8.30
N SER E 462 -25.97 35.10 8.67
CA SER E 462 -24.98 36.04 9.17
C SER E 462 -24.47 35.64 10.57
N TYR E 463 -23.31 36.14 10.96
CA TYR E 463 -22.67 35.68 12.21
C TYR E 463 -22.60 36.71 13.32
N GLY E 464 -22.83 37.97 13.01
CA GLY E 464 -22.80 38.96 14.06
C GLY E 464 -23.90 39.99 13.91
N ALA E 465 -23.80 41.07 14.69
CA ALA E 465 -24.69 42.20 14.49
C ALA E 465 -24.57 42.63 13.04
N VAL E 466 -25.70 42.73 12.35
CA VAL E 466 -25.74 43.26 11.00
C VAL E 466 -25.13 44.67 11.03
N ALA E 467 -24.72 45.18 9.87
CA ALA E 467 -24.01 46.45 9.78
C ALA E 467 -24.93 47.66 9.82
N GLU E 468 -24.71 48.56 10.77
CA GLU E 468 -25.54 49.75 10.84
C GLU E 468 -25.11 50.82 9.85
N ASN E 469 -23.79 50.99 9.70
CA ASN E 469 -23.24 52.13 8.99
C ASN E 469 -22.51 51.77 7.71
N MET E 470 -22.92 50.71 7.04
CA MET E 470 -22.24 50.32 5.81
C MET E 470 -23.23 49.74 4.83
N ASP E 471 -23.16 50.19 3.59
CA ASP E 471 -24.16 49.79 2.62
C ASP E 471 -23.97 48.34 2.23
N THR E 472 -25.06 47.61 2.32
CA THR E 472 -25.05 46.19 2.07
C THR E 472 -24.54 45.84 0.67
N ARG E 473 -24.77 46.71 -0.29
CA ARG E 473 -24.41 46.39 -1.68
C ARG E 473 -22.90 46.21 -1.91
N VAL E 474 -22.07 46.81 -1.05
CA VAL E 474 -20.63 46.67 -1.21
C VAL E 474 -19.90 45.73 -0.22
N ILE E 475 -20.65 44.90 0.49
CA ILE E 475 -20.09 43.92 1.43
C ILE E 475 -20.03 42.53 0.82
N VAL E 476 -18.95 41.81 1.07
CA VAL E 476 -18.81 40.46 0.55
C VAL E 476 -18.37 39.52 1.64
N ASP E 477 -18.86 38.28 1.62
CA ASP E 477 -18.50 37.29 2.63
C ASP E 477 -17.48 36.32 2.10
N TYR E 478 -16.66 35.81 3.01
CA TYR E 478 -15.73 34.74 2.69
C TYR E 478 -15.89 33.64 3.70
N ARG E 479 -16.23 32.45 3.21
CA ARG E 479 -16.17 31.29 4.05
C ARG E 479 -15.27 30.33 3.36
N PHE E 480 -14.23 29.91 4.08
CA PHE E 480 -13.33 28.86 3.60
C PHE E 480 -13.49 27.59 4.45
N PHE E 481 -13.78 26.47 3.82
CA PHE E 481 -14.03 25.20 4.52
C PHE E 481 -12.89 24.21 4.31
N GLY E 482 -12.23 23.84 5.39
CA GLY E 482 -11.20 22.82 5.33
C GLY E 482 -11.75 21.41 5.49
N TYR E 483 -10.86 20.42 5.45
CA TYR E 483 -11.31 19.05 5.71
C TYR E 483 -10.57 18.40 6.87
N THR E 484 -11.10 17.29 7.34
CA THR E 484 -10.47 16.57 8.43
C THR E 484 -10.35 15.08 8.10
N GLU E 485 -9.22 14.51 8.49
CA GLU E 485 -8.92 13.11 8.24
C GLU E 485 -9.79 12.27 9.11
N PRO E 486 -10.40 11.23 8.53
CA PRO E 486 -11.15 10.26 9.32
C PRO E 486 -10.23 9.53 10.29
N GLN E 487 -10.52 9.57 11.58
CA GLN E 487 -9.73 8.81 12.54
C GLN E 487 -10.66 8.05 13.46
N GLU E 488 -10.36 6.79 13.70
CA GLU E 488 -11.16 5.94 14.58
C GLU E 488 -11.46 6.59 15.94
N ALA E 489 -10.54 7.41 16.42
CA ALA E 489 -10.65 8.04 17.74
C ALA E 489 -11.56 9.25 17.73
N ASN E 490 -11.89 9.76 16.55
CA ASN E 490 -12.87 10.83 16.51
C ASN E 490 -14.25 10.16 16.51
N GLU E 491 -15.08 10.56 17.47
CA GLU E 491 -16.21 9.76 17.89
C GLU E 491 -17.47 10.56 18.22
N LEU E 492 -18.60 10.04 17.76
CA LEU E 492 -19.91 10.43 18.27
C LEU E 492 -20.45 9.29 19.11
N VAL E 493 -20.48 9.47 20.42
CA VAL E 493 -21.10 8.48 21.31
C VAL E 493 -22.43 8.97 21.86
N PHE E 494 -23.24 8.04 22.39
CA PHE E 494 -24.54 8.43 22.97
C PHE E 494 -24.72 7.95 24.41
N GLN E 495 -25.26 8.83 25.24
CA GLN E 495 -25.31 8.60 26.67
C GLN E 495 -26.42 7.64 27.09
N GLN E 496 -26.06 6.71 27.96
CA GLN E 496 -26.98 5.67 28.40
C GLN E 496 -27.95 6.19 29.47
N HIS E 497 -27.58 7.30 30.11
CA HIS E 497 -28.33 7.82 31.25
C HIS E 497 -28.72 9.30 31.11
N TYR E 498 -28.52 9.88 29.92
CA TYR E 498 -28.93 11.27 29.69
C TYR E 498 -29.71 11.38 28.39
N ARG E 499 -30.72 12.24 28.38
CA ARG E 499 -31.64 12.35 27.26
C ARG E 499 -31.68 13.76 26.73
N ASP E 500 -32.09 13.91 25.47
CA ASP E 500 -32.44 15.22 24.95
C ASP E 500 -33.96 15.41 25.07
N ALA E 501 -34.49 16.48 24.50
CA ALA E 501 -35.88 16.84 24.73
C ALA E 501 -36.89 15.89 24.10
N TYR E 502 -36.41 14.97 23.28
CA TYR E 502 -37.28 14.06 22.56
C TYR E 502 -37.03 12.66 23.07
N ASP E 503 -36.49 12.58 24.28
CA ASP E 503 -36.22 11.32 24.95
C ASP E 503 -35.30 10.36 24.19
N MET E 504 -34.54 10.87 23.24
CA MET E 504 -33.50 10.09 22.60
C MET E 504 -32.18 10.33 23.36
N PRO E 505 -31.31 9.30 23.41
CA PRO E 505 -30.07 9.39 24.19
C PRO E 505 -29.16 10.55 23.77
N GLN E 506 -28.64 11.29 24.75
CA GLN E 506 -27.81 12.47 24.53
C GLN E 506 -26.55 12.19 23.73
N PRO E 507 -26.38 12.90 22.59
CA PRO E 507 -25.15 12.81 21.79
C PRO E 507 -23.94 13.44 22.48
N THR E 508 -22.82 12.73 22.43
CA THR E 508 -21.55 13.26 22.95
C THR E 508 -20.45 13.19 21.89
N PHE E 509 -19.77 14.30 21.69
CA PHE E 509 -18.65 14.31 20.75
C PHE E 509 -17.29 14.12 21.43
N LYS E 510 -16.43 13.33 20.81
CA LYS E 510 -15.01 13.27 21.15
C LYS E 510 -14.21 13.58 19.89
N PHE E 511 -13.86 14.84 19.68
CA PHE E 511 -13.28 15.23 18.39
C PHE E 511 -12.05 16.14 18.51
N THR E 512 -10.91 15.62 18.06
CA THR E 512 -9.67 16.40 18.00
C THR E 512 -9.08 16.27 16.58
N MET E 513 -8.79 17.39 15.92
CA MET E 513 -8.21 17.30 14.57
C MET E 513 -6.74 16.87 14.55
N SER E 514 -6.34 16.24 13.45
CA SER E 514 -4.97 15.80 13.28
C SER E 514 -4.01 16.95 13.06
N GLN E 515 -2.73 16.69 13.31
CA GLN E 515 -1.70 17.69 13.06
C GLN E 515 -1.68 18.13 11.60
N ASP E 516 -2.01 17.23 10.68
CA ASP E 516 -2.14 17.58 9.28
C ASP E 516 -3.31 18.54 9.05
N ASP E 517 -4.49 18.16 9.55
CA ASP E 517 -5.68 19.01 9.52
C ASP E 517 -5.33 20.41 9.98
N ARG E 518 -4.52 20.53 11.01
CA ARG E 518 -4.18 21.86 11.55
C ARG E 518 -3.29 22.69 10.61
N ALA E 519 -2.29 22.03 10.02
CA ALA E 519 -1.38 22.71 9.10
C ALA E 519 -2.14 23.23 7.88
N ARG E 520 -3.08 22.43 7.39
CA ARG E 520 -3.94 22.85 6.31
C ARG E 520 -4.79 24.04 6.76
N ALA E 521 -5.23 24.00 8.00
CA ALA E 521 -6.11 25.05 8.49
C ALA E 521 -5.42 26.40 8.41
N ARG E 522 -4.17 26.41 8.88
CA ARG E 522 -3.35 27.61 8.89
C ARG E 522 -3.15 28.12 7.46
N ARG E 523 -2.79 27.21 6.57
CA ARG E 523 -2.61 27.59 5.17
C ARG E 523 -3.92 28.18 4.63
N MET E 524 -5.03 27.56 5.02
CA MET E 524 -6.34 27.98 4.59
C MET E 524 -6.69 29.39 5.08
N MET E 525 -6.36 29.70 6.33
CA MET E 525 -6.63 31.05 6.84
C MET E 525 -5.80 32.10 6.06
N ASP E 526 -4.59 31.69 5.69
CA ASP E 526 -3.67 32.55 4.98
C ASP E 526 -4.16 32.79 3.56
N ASP E 527 -4.68 31.74 2.92
CA ASP E 527 -5.26 31.87 1.61
C ASP E 527 -6.40 32.91 1.65
N MET E 528 -7.26 32.84 2.67
CA MET E 528 -8.44 33.71 2.75
C MET E 528 -8.04 35.17 2.79
N CYS E 529 -7.18 35.52 3.74
CA CYS E 529 -6.72 36.89 3.88
C CYS E 529 -6.13 37.41 2.58
N ASN E 530 -5.32 36.58 1.93
CA ASN E 530 -4.65 37.03 0.73
C ASN E 530 -5.66 37.28 -0.38
N ILE E 531 -6.60 36.35 -0.52
CA ILE E 531 -7.68 36.46 -1.53
C ILE E 531 -8.68 37.60 -1.28
N ALA E 532 -9.11 37.76 -0.03
CA ALA E 532 -10.13 38.75 0.30
C ALA E 532 -9.62 40.15 0.08
N LEU E 533 -8.40 40.41 0.54
CA LEU E 533 -7.78 41.72 0.36
C LEU E 533 -7.48 42.07 -1.10
N LYS E 534 -7.75 41.17 -2.04
CA LYS E 534 -7.56 41.49 -3.45
C LYS E 534 -8.58 42.53 -3.90
N ILE E 535 -9.78 42.49 -3.35
CA ILE E 535 -10.83 43.40 -3.81
C ILE E 535 -11.46 44.26 -2.72
N GLY E 536 -11.03 44.11 -1.48
CA GLY E 536 -11.64 44.89 -0.42
C GLY E 536 -10.84 44.92 0.85
N GLY E 537 -11.32 45.67 1.83
CA GLY E 537 -10.71 45.72 3.14
C GLY E 537 -11.68 45.18 4.19
N TYR E 538 -11.15 44.62 5.28
CA TYR E 538 -11.98 43.94 6.28
C TYR E 538 -12.99 44.87 6.94
N LEU E 539 -14.27 44.50 6.81
CA LEU E 539 -15.36 45.13 7.54
C LEU E 539 -15.13 44.94 9.04
N PRO E 540 -15.06 46.04 9.79
CA PRO E 540 -14.87 45.96 11.23
C PRO E 540 -15.91 45.06 11.89
N GLY E 541 -15.46 44.17 12.78
CA GLY E 541 -16.37 43.21 13.37
C GLY E 541 -16.30 41.89 12.65
N SER E 542 -15.99 41.92 11.36
CA SER E 542 -15.94 40.69 10.58
C SER E 542 -14.52 40.35 10.11
N GLU E 543 -13.53 40.81 10.88
CA GLU E 543 -12.14 40.53 10.57
C GLU E 543 -11.91 39.01 10.55
N PRO E 544 -10.86 38.54 9.85
CA PRO E 544 -10.61 37.10 9.70
C PRO E 544 -10.62 36.36 11.04
N GLN E 545 -11.12 35.13 11.02
CA GLN E 545 -11.42 34.41 12.26
C GLN E 545 -11.87 33.01 11.95
N PHE E 546 -11.57 32.09 12.86
CA PHE E 546 -12.13 30.75 12.79
C PHE E 546 -13.49 30.77 13.47
N MET E 547 -14.42 29.97 12.96
CA MET E 547 -15.72 29.81 13.60
C MET E 547 -15.69 28.61 14.57
N THR E 548 -16.67 28.51 15.48
CA THR E 548 -16.83 27.38 16.39
C THR E 548 -16.93 26.08 15.60
N PRO E 549 -16.24 25.03 16.05
CA PRO E 549 -16.35 23.71 15.43
C PRO E 549 -17.81 23.23 15.40
N GLY E 550 -18.26 22.76 14.26
CA GLY E 550 -19.64 22.33 14.12
C GLY E 550 -20.44 23.26 13.24
N LEU E 551 -20.08 24.54 13.24
CA LEU E 551 -20.89 25.57 12.59
C LEU E 551 -21.29 25.28 11.13
N ALA E 552 -20.59 24.36 10.50
CA ALA E 552 -20.78 24.09 9.09
C ALA E 552 -21.88 23.06 8.89
N LEU E 553 -22.07 22.22 9.91
CA LEU E 553 -23.08 21.18 9.90
C LEU E 553 -22.85 20.19 8.77
N HIS E 554 -21.59 20.03 8.40
CA HIS E 554 -21.22 19.06 7.37
C HIS E 554 -20.65 17.78 8.01
N LEU E 555 -20.83 17.66 9.32
CA LEU E 555 -20.53 16.44 10.04
C LEU E 555 -20.84 15.21 9.20
N ALA E 556 -19.85 14.33 9.06
CA ALA E 556 -20.00 13.15 8.23
C ALA E 556 -19.36 11.95 8.92
N GLY E 557 -19.56 10.75 8.37
CA GLY E 557 -18.87 9.58 8.85
C GLY E 557 -19.45 8.90 10.08
N THR E 558 -20.58 9.40 10.56
CA THR E 558 -21.25 8.85 11.74
C THR E 558 -21.80 7.45 11.47
N THR E 559 -22.07 7.16 10.20
CA THR E 559 -22.49 5.85 9.76
C THR E 559 -21.85 5.56 8.41
N ARG E 560 -20.52 5.52 8.38
CA ARG E 560 -19.81 5.55 7.11
C ARG E 560 -20.02 4.35 6.21
N CYS E 561 -20.15 4.57 4.94
CA CYS E 561 -20.29 3.51 3.96
C CYS E 561 -19.24 3.48 2.91
N GLY E 562 -18.69 2.32 2.73
CA GLY E 562 -17.54 2.16 1.91
C GLY E 562 -17.26 0.74 1.62
N LEU E 563 -16.17 0.56 0.91
CA LEU E 563 -15.58 -0.69 0.54
C LEU E 563 -14.98 -1.59 1.62
N ASP E 564 -14.35 -1.01 2.62
CA ASP E 564 -13.73 -1.78 3.70
C ASP E 564 -14.77 -2.12 4.75
N THR E 565 -15.21 -3.36 4.70
CA THR E 565 -16.19 -3.89 5.62
C THR E 565 -15.80 -3.68 7.07
N GLN E 566 -14.52 -3.83 7.37
CA GLN E 566 -14.06 -3.81 8.76
C GLN E 566 -13.99 -2.39 9.34
N LYS E 567 -14.07 -1.38 8.48
CA LYS E 567 -13.97 -0.01 8.96
C LYS E 567 -15.22 0.84 8.69
N THR E 568 -16.20 0.26 7.99
CA THR E 568 -17.46 0.96 7.69
C THR E 568 -18.68 0.40 8.44
N VAL E 569 -19.80 1.08 8.29
CA VAL E 569 -21.05 0.62 8.87
C VAL E 569 -21.90 -0.13 7.82
N GLY E 570 -21.82 0.32 6.58
CA GLY E 570 -22.57 -0.32 5.50
C GLY E 570 -21.74 -0.41 4.23
N ASN E 571 -22.28 -1.13 3.24
CA ASN E 571 -21.56 -1.36 1.98
C ASN E 571 -21.73 -0.21 0.98
N THR E 572 -21.24 -0.36 -0.26
CA THR E 572 -21.34 0.75 -1.21
C THR E 572 -22.78 1.06 -1.60
N HIS E 573 -23.71 0.20 -1.20
CA HIS E 573 -25.11 0.51 -1.43
C HIS E 573 -25.81 0.98 -0.15
N CYS E 574 -25.01 1.24 0.89
CA CYS E 574 -25.45 1.79 2.16
C CYS E 574 -26.21 0.82 3.04
N LYS E 575 -26.29 -0.43 2.62
CA LYS E 575 -26.92 -1.47 3.44
C LYS E 575 -26.02 -1.76 4.63
N VAL E 576 -26.57 -1.62 5.83
CA VAL E 576 -25.80 -1.85 7.05
C VAL E 576 -25.30 -3.29 7.10
N HIS E 577 -24.03 -3.49 7.46
CA HIS E 577 -23.46 -4.84 7.53
C HIS E 577 -24.24 -5.79 8.43
N ASN E 578 -24.48 -6.99 7.91
CA ASN E 578 -25.15 -8.11 8.60
C ASN E 578 -26.69 -8.02 8.65
N PHE E 579 -27.21 -6.89 8.20
CA PHE E 579 -28.65 -6.66 8.18
C PHE E 579 -29.14 -6.69 6.75
N ASN E 580 -29.95 -7.69 6.47
CA ASN E 580 -30.42 -7.95 5.14
C ASN E 580 -31.30 -6.81 4.59
N ASN E 581 -31.93 -6.04 5.48
CA ASN E 581 -32.97 -5.10 5.07
C ASN E 581 -32.89 -3.74 5.77
N LEU E 582 -31.68 -3.29 6.07
CA LEU E 582 -31.51 -2.03 6.77
C LEU E 582 -30.54 -1.13 6.03
N TYR E 583 -30.96 0.12 5.78
CA TYR E 583 -30.15 1.06 5.01
C TYR E 583 -29.98 2.41 5.68
N VAL E 584 -28.94 3.15 5.30
CA VAL E 584 -28.73 4.48 5.85
C VAL E 584 -28.54 5.52 4.74
N GLY E 585 -28.86 6.77 5.03
CA GLY E 585 -28.74 7.86 4.08
C GLY E 585 -28.26 9.10 4.81
N GLY E 586 -27.58 9.99 4.12
CA GLY E 586 -27.10 11.20 4.77
C GLY E 586 -25.60 11.41 4.74
N ASN E 587 -25.16 12.53 5.29
CA ASN E 587 -23.77 12.90 5.26
C ASN E 587 -22.93 11.91 6.05
N GLY E 588 -23.54 11.36 7.09
CA GLY E 588 -22.92 10.35 7.91
C GLY E 588 -22.41 9.13 7.17
N VAL E 589 -22.83 8.93 5.93
CA VAL E 589 -22.37 7.79 5.15
C VAL E 589 -21.06 8.08 4.44
N ILE E 590 -20.71 9.35 4.33
CA ILE E 590 -19.51 9.70 3.60
C ILE E 590 -18.23 9.43 4.40
N GLU E 591 -17.36 8.60 3.84
CA GLU E 591 -16.21 8.03 4.56
C GLU E 591 -14.93 8.86 4.43
N THR E 592 -14.97 9.90 3.60
CA THR E 592 -13.77 10.68 3.34
C THR E 592 -13.74 11.97 4.13
N GLY E 593 -12.57 12.58 4.18
CA GLY E 593 -12.45 13.95 4.65
C GLY E 593 -12.68 14.84 3.44
N PHE E 594 -13.75 15.62 3.46
CA PHE E 594 -14.08 16.52 2.36
C PHE E 594 -14.29 17.90 2.91
N ALA E 595 -14.30 18.88 2.02
CA ALA E 595 -14.35 20.28 2.40
C ALA E 595 -15.56 20.96 1.79
N ALA E 596 -16.07 20.37 0.71
CA ALA E 596 -17.19 20.92 -0.03
C ALA E 596 -18.49 20.57 0.67
N ASN E 597 -19.56 21.24 0.27
CA ASN E 597 -20.90 20.97 0.77
C ASN E 597 -21.31 19.54 0.39
N PRO E 598 -21.77 18.76 1.38
CA PRO E 598 -22.03 17.33 1.20
C PRO E 598 -23.32 16.94 0.53
N THR E 599 -24.39 17.74 0.69
CA THR E 599 -25.73 17.27 0.33
C THR E 599 -25.83 16.56 -1.03
N LEU E 600 -25.35 17.21 -2.10
CA LEU E 600 -25.43 16.59 -3.42
C LEU E 600 -24.80 15.20 -3.47
N THR E 601 -23.63 15.06 -2.85
CA THR E 601 -22.98 13.75 -2.76
C THR E 601 -23.87 12.76 -2.01
N SER E 602 -24.40 13.18 -0.87
CA SER E 602 -25.30 12.31 -0.10
C SER E 602 -26.52 11.86 -0.91
N ILE E 603 -27.01 12.71 -1.79
CA ILE E 603 -28.14 12.34 -2.62
C ILE E 603 -27.76 11.23 -3.57
N CYS E 604 -26.53 11.29 -4.07
CA CYS E 604 -25.98 10.25 -4.95
C CYS E 604 -26.03 8.89 -4.26
N TYR E 605 -25.75 8.89 -2.96
CA TYR E 605 -25.83 7.67 -2.18
C TYR E 605 -27.26 7.20 -2.00
N ALA E 606 -28.18 8.14 -1.84
CA ALA E 606 -29.59 7.81 -1.74
C ALA E 606 -30.05 7.15 -3.04
N ILE E 607 -29.63 7.69 -4.17
CA ILE E 607 -29.96 7.08 -5.45
C ILE E 607 -29.44 5.66 -5.54
N ARG E 608 -28.18 5.49 -5.21
CA ARG E 608 -27.53 4.18 -5.32
C ARG E 608 -28.19 3.14 -4.39
N ALA E 609 -28.53 3.56 -3.17
CA ALA E 609 -29.13 2.67 -2.18
C ALA E 609 -30.55 2.31 -2.55
N SER E 610 -31.31 3.35 -2.93
CA SER E 610 -32.68 3.20 -3.43
C SER E 610 -32.75 2.13 -4.50
N ASN E 611 -31.77 2.16 -5.39
CA ASN E 611 -31.77 1.23 -6.49
C ASN E 611 -31.39 -0.17 -6.03
N ASP E 612 -30.62 -0.27 -4.95
CA ASP E 612 -30.35 -1.59 -4.34
C ASP E 612 -31.62 -2.11 -3.69
N ILE E 613 -32.46 -1.22 -3.18
CA ILE E 613 -33.72 -1.62 -2.57
C ILE E 613 -34.76 -1.99 -3.62
N ILE E 614 -34.84 -1.18 -4.67
CA ILE E 614 -35.70 -1.49 -5.80
C ILE E 614 -35.33 -2.86 -6.37
N ALA E 615 -34.05 -3.14 -6.46
CA ALA E 615 -33.60 -4.44 -6.92
C ALA E 615 -34.05 -5.56 -5.99
N LYS E 616 -33.62 -5.50 -4.74
CA LYS E 616 -33.86 -6.61 -3.81
C LYS E 616 -35.33 -6.80 -3.44
N PHE E 617 -36.09 -5.72 -3.33
CA PHE E 617 -37.47 -5.81 -2.84
C PHE E 617 -38.53 -5.35 -3.85
N GLY E 618 -38.25 -5.54 -5.13
CA GLY E 618 -39.21 -5.28 -6.20
C GLY E 618 -39.18 -6.36 -7.25
N MET F 2 -48.09 29.18 -2.09
CA MET F 2 -49.15 28.47 -1.35
C MET F 2 -50.57 29.05 -1.53
N PHE F 3 -51.35 28.37 -2.36
CA PHE F 3 -52.69 28.79 -2.74
C PHE F 3 -53.72 28.14 -1.80
N LEU F 4 -54.42 28.95 -1.00
CA LEU F 4 -55.46 28.44 -0.12
C LEU F 4 -56.66 27.97 -0.92
N ASP F 5 -57.29 26.88 -0.49
CA ASP F 5 -58.40 26.36 -1.27
C ASP F 5 -59.74 26.95 -0.83
N THR F 6 -59.74 28.25 -0.59
CA THR F 6 -60.97 28.99 -0.46
C THR F 6 -61.55 29.09 -1.86
N THR F 7 -62.87 29.20 -1.96
CA THR F 7 -63.52 29.21 -3.26
C THR F 7 -63.06 30.38 -4.14
N PRO F 8 -62.80 30.11 -5.42
CA PRO F 8 -62.11 31.04 -6.34
C PRO F 8 -62.73 32.43 -6.43
N PHE F 9 -61.87 33.40 -6.73
CA PHE F 9 -62.29 34.77 -6.92
C PHE F 9 -63.00 34.89 -8.26
N ARG F 10 -64.21 35.46 -8.24
CA ARG F 10 -64.88 35.80 -9.48
C ARG F 10 -65.20 37.29 -9.50
N ALA F 11 -64.87 37.93 -10.62
CA ALA F 11 -65.03 39.37 -10.78
C ALA F 11 -66.33 39.70 -11.52
N ASP F 12 -67.22 38.72 -11.62
CA ASP F 12 -68.46 38.87 -12.35
C ASP F 12 -69.69 38.96 -11.44
N GLU F 13 -69.46 38.83 -10.14
CA GLU F 13 -70.50 39.07 -9.14
C GLU F 13 -69.90 39.74 -7.91
N PRO F 14 -70.32 40.99 -7.64
CA PRO F 14 -69.80 41.81 -6.56
C PRO F 14 -70.04 41.18 -5.20
N TYR F 15 -68.97 41.00 -4.43
CA TYR F 15 -69.05 40.36 -3.11
C TYR F 15 -69.93 41.16 -2.17
N ASP F 16 -70.37 40.55 -1.08
CA ASP F 16 -71.16 41.28 -0.11
C ASP F 16 -70.23 42.12 0.77
N VAL F 17 -69.18 41.49 1.29
CA VAL F 17 -68.14 42.22 2.04
C VAL F 17 -66.74 41.96 1.50
N PHE F 18 -65.97 43.03 1.34
CA PHE F 18 -64.55 42.95 1.05
C PHE F 18 -63.79 43.29 2.33
N ILE F 19 -62.76 42.51 2.63
CA ILE F 19 -61.90 42.78 3.78
C ILE F 19 -60.43 42.79 3.37
N ALA F 20 -59.70 43.83 3.73
CA ALA F 20 -58.25 43.79 3.57
C ALA F 20 -57.60 43.57 4.93
N GLY F 21 -56.77 42.53 5.02
CA GLY F 21 -56.12 42.17 6.28
C GLY F 21 -56.64 40.89 6.89
N SER F 22 -55.75 39.92 7.12
CA SER F 22 -56.20 38.64 7.64
C SER F 22 -55.73 38.40 9.06
N GLY F 23 -55.42 39.47 9.78
CA GLY F 23 -55.20 39.37 11.21
C GLY F 23 -56.48 38.95 11.94
N PRO F 24 -56.45 38.99 13.28
CA PRO F 24 -57.61 38.46 14.00
C PRO F 24 -58.84 39.32 13.79
N ILE F 25 -58.68 40.63 13.69
CA ILE F 25 -59.83 41.49 13.53
C ILE F 25 -60.50 41.20 12.19
N GLY F 26 -59.70 41.11 11.13
CA GLY F 26 -60.22 40.73 9.83
C GLY F 26 -60.96 39.41 9.85
N ALA F 27 -60.42 38.42 10.57
CA ALA F 27 -61.01 37.10 10.61
C ALA F 27 -62.36 37.13 11.30
N THR F 28 -62.44 37.90 12.36
CA THR F 28 -63.69 38.15 13.07
C THR F 28 -64.76 38.72 12.14
N PHE F 29 -64.45 39.85 11.47
CA PHE F 29 -65.32 40.42 10.44
C PHE F 29 -65.71 39.34 9.45
N ALA F 30 -64.75 38.50 9.07
CA ALA F 30 -65.03 37.41 8.15
C ALA F 30 -65.94 36.34 8.77
N LYS F 31 -65.62 35.92 9.99
CA LYS F 31 -66.37 34.88 10.67
C LYS F 31 -67.86 35.21 10.77
N LEU F 32 -68.15 36.41 11.24
CA LEU F 32 -69.50 36.81 11.52
C LEU F 32 -70.32 36.94 10.25
N CYS F 33 -69.71 37.52 9.22
CA CYS F 33 -70.42 37.81 7.99
C CYS F 33 -70.72 36.54 7.19
N VAL F 34 -69.81 35.58 7.23
CA VAL F 34 -70.10 34.30 6.58
C VAL F 34 -71.16 33.54 7.36
N ASP F 35 -71.12 33.67 8.69
CA ASP F 35 -72.13 33.09 9.56
C ASP F 35 -73.51 33.67 9.26
N ALA F 36 -73.55 34.94 8.89
CA ALA F 36 -74.79 35.61 8.57
C ALA F 36 -75.09 35.54 7.08
N ASN F 37 -74.51 34.56 6.40
CA ASN F 37 -74.85 34.27 5.00
C ASN F 37 -74.52 35.37 3.98
N LEU F 38 -73.51 36.17 4.27
CA LEU F 38 -72.97 37.11 3.30
C LEU F 38 -71.79 36.50 2.55
N ARG F 39 -71.49 37.07 1.38
CA ARG F 39 -70.36 36.62 0.58
C ARG F 39 -69.14 37.51 0.81
N VAL F 40 -68.11 36.96 1.43
CA VAL F 40 -66.94 37.72 1.85
C VAL F 40 -65.69 37.38 1.08
N CYS F 41 -64.99 38.40 0.58
CA CYS F 41 -63.68 38.22 -0.03
C CYS F 41 -62.57 38.94 0.75
N MET F 42 -61.54 38.19 1.14
CA MET F 42 -60.49 38.74 1.98
C MET F 42 -59.11 38.63 1.33
N VAL F 43 -58.38 39.73 1.34
CA VAL F 43 -57.01 39.78 0.81
C VAL F 43 -55.95 39.98 1.91
N GLU F 44 -54.92 39.15 1.88
CA GLU F 44 -53.79 39.31 2.79
C GLU F 44 -52.52 39.61 2.01
N ILE F 45 -51.76 40.62 2.42
CA ILE F 45 -50.50 40.94 1.74
C ILE F 45 -49.43 39.86 1.90
N GLY F 46 -49.22 39.36 3.13
CA GLY F 46 -48.27 38.29 3.36
C GLY F 46 -48.80 36.94 2.90
N ALA F 47 -48.06 35.88 3.21
CA ALA F 47 -48.45 34.52 2.82
C ALA F 47 -49.08 33.75 3.97
N ALA F 48 -49.72 32.63 3.64
CA ALA F 48 -50.20 31.68 4.64
C ALA F 48 -49.02 30.78 5.01
N ASP F 49 -48.42 31.06 6.16
CA ASP F 49 -47.16 30.44 6.54
C ASP F 49 -47.26 29.49 7.73
N SER F 50 -48.44 29.41 8.34
CA SER F 50 -48.60 28.68 9.59
C SER F 50 -49.93 27.91 9.65
N PHE F 51 -49.84 26.58 9.68
CA PHE F 51 -51.00 25.72 9.53
C PHE F 51 -51.23 24.71 10.65
N THR F 52 -52.50 24.51 10.97
CA THR F 52 -52.92 23.29 11.63
C THR F 52 -54.00 22.64 10.76
N SER F 53 -54.42 21.44 11.16
CA SER F 53 -55.36 20.65 10.39
C SER F 53 -56.65 20.43 11.20
N LYS F 54 -57.80 20.44 10.55
CA LYS F 54 -59.08 20.23 11.24
C LYS F 54 -59.96 19.31 10.41
N PRO F 55 -60.75 18.45 11.08
CA PRO F 55 -61.64 17.54 10.36
C PRO F 55 -62.69 18.27 9.53
N MET F 56 -62.94 17.75 8.32
CA MET F 56 -64.03 18.23 7.47
C MET F 56 -65.34 17.58 7.93
N LYS F 57 -66.41 18.36 7.96
CA LYS F 57 -67.73 17.84 8.36
C LYS F 57 -68.21 16.74 7.43
N GLY F 71 -59.56 13.86 4.11
CA GLY F 71 -60.59 14.39 4.98
C GLY F 71 -60.14 15.57 5.84
N GLN F 72 -58.83 15.73 5.96
CA GLN F 72 -58.26 16.76 6.81
C GLN F 72 -57.99 18.07 6.06
N VAL F 73 -58.56 19.17 6.54
CA VAL F 73 -58.39 20.48 5.92
C VAL F 73 -57.40 21.42 6.66
N PRO F 74 -56.47 22.02 5.91
CA PRO F 74 -55.53 22.90 6.59
C PRO F 74 -56.17 24.25 6.89
N ILE F 75 -55.80 24.81 8.04
CA ILE F 75 -56.26 26.13 8.43
C ILE F 75 -55.04 27.02 8.67
N PRO F 76 -55.01 28.21 8.04
CA PRO F 76 -53.89 29.14 8.22
C PRO F 76 -54.08 30.02 9.45
N GLY F 77 -53.07 30.79 9.82
CA GLY F 77 -53.18 31.65 10.98
C GLY F 77 -52.98 30.95 12.30
N TYR F 78 -52.41 29.76 12.25
CA TYR F 78 -52.06 28.99 13.45
C TYR F 78 -50.87 29.58 14.18
N HIS F 79 -50.96 29.64 15.51
CA HIS F 79 -49.91 30.21 16.33
C HIS F 79 -48.64 29.31 16.27
N LYS F 80 -47.52 29.91 15.92
CA LYS F 80 -46.28 29.18 15.73
C LYS F 80 -45.71 28.64 17.03
N LYS F 81 -46.15 29.20 18.15
CA LYS F 81 -45.66 28.78 19.47
C LYS F 81 -46.12 27.36 19.73
N ASN F 82 -47.16 26.95 19.04
CA ASN F 82 -47.81 25.67 19.27
C ASN F 82 -47.03 24.44 18.84
N GLU F 83 -46.08 24.59 17.93
CA GLU F 83 -45.33 23.41 17.53
C GLU F 83 -44.50 22.87 18.69
N ILE F 84 -44.36 21.55 18.72
CA ILE F 84 -43.66 20.86 19.80
C ILE F 84 -42.28 21.46 20.07
N GLU F 85 -41.63 21.91 19.01
CA GLU F 85 -40.29 22.48 19.12
C GLU F 85 -40.22 23.66 20.07
N TYR F 86 -41.18 24.59 19.99
CA TYR F 86 -41.17 25.74 20.89
C TYR F 86 -41.83 25.42 22.23
N GLN F 87 -42.42 24.24 22.31
CA GLN F 87 -43.05 23.84 23.55
C GLN F 87 -42.02 23.10 24.40
N LYS F 88 -41.07 22.45 23.75
CA LYS F 88 -40.00 21.79 24.46
C LYS F 88 -38.91 22.81 24.78
N ASP F 89 -38.66 23.73 23.85
CA ASP F 89 -37.62 24.73 24.02
C ASP F 89 -38.14 26.14 23.74
N ILE F 90 -38.78 26.73 24.73
CA ILE F 90 -39.48 28.01 24.55
C ILE F 90 -38.53 29.17 24.20
N ASP F 91 -37.29 29.11 24.67
CA ASP F 91 -36.36 30.24 24.52
C ASP F 91 -35.95 30.49 23.08
N ARG F 92 -36.25 29.54 22.20
CA ARG F 92 -35.92 29.66 20.79
C ARG F 92 -36.93 30.50 20.02
N PHE F 93 -38.11 30.70 20.61
CA PHE F 93 -39.21 31.30 19.89
C PHE F 93 -39.00 32.77 19.66
N VAL F 94 -38.16 33.39 20.50
CA VAL F 94 -37.82 34.78 20.32
C VAL F 94 -37.28 35.02 18.90
N ASN F 95 -36.62 34.00 18.34
CA ASN F 95 -36.10 34.09 16.98
C ASN F 95 -37.20 34.13 15.93
N VAL F 96 -38.35 33.55 16.25
CA VAL F 96 -39.49 33.61 15.34
C VAL F 96 -40.06 35.02 15.31
N ILE F 97 -40.13 35.61 16.49
CA ILE F 97 -40.69 36.94 16.65
C ILE F 97 -39.83 37.96 15.93
N LYS F 98 -38.52 37.87 16.13
CA LYS F 98 -37.59 38.79 15.50
C LYS F 98 -37.63 38.57 14.00
N GLY F 99 -37.81 37.32 13.62
CA GLY F 99 -37.97 36.99 12.22
C GLY F 99 -39.19 37.61 11.56
N ALA F 100 -40.28 37.81 12.32
CA ALA F 100 -41.53 38.30 11.74
C ALA F 100 -41.77 39.81 11.86
N LEU F 101 -41.03 40.47 12.72
CA LEU F 101 -41.26 41.88 12.94
C LEU F 101 -40.50 42.70 11.90
N SER F 102 -41.16 43.73 11.37
CA SER F 102 -40.62 44.54 10.30
C SER F 102 -40.83 46.00 10.63
N THR F 103 -39.78 46.63 11.13
CA THR F 103 -39.85 47.96 11.72
C THR F 103 -40.44 49.00 10.79
N CYS F 104 -41.28 49.86 11.36
CA CYS F 104 -42.05 50.81 10.56
C CYS F 104 -41.23 51.99 10.01
N SER F 105 -40.40 52.58 10.85
CA SER F 105 -39.75 53.85 10.51
C SER F 105 -38.38 53.96 11.13
N ILE F 106 -37.35 53.77 10.31
CA ILE F 106 -35.97 53.88 10.75
C ILE F 106 -35.37 55.15 10.18
N PRO F 107 -34.86 56.04 11.04
CA PRO F 107 -34.26 57.28 10.56
C PRO F 107 -32.94 57.04 9.84
N THR F 108 -32.55 57.97 8.98
CA THR F 108 -31.26 57.86 8.33
C THR F 108 -30.13 58.20 9.30
N SER F 109 -28.94 57.80 8.95
CA SER F 109 -27.79 58.10 9.76
C SER F 109 -26.65 58.31 8.81
N ASN F 110 -25.65 59.07 9.24
CA ASN F 110 -24.40 59.15 8.48
C ASN F 110 -23.19 59.06 9.39
N ASN F 111 -23.12 58.00 10.17
CA ASN F 111 -21.98 57.73 11.03
C ASN F 111 -20.69 57.48 10.27
N HIS F 112 -19.61 58.05 10.81
CA HIS F 112 -18.25 57.85 10.31
C HIS F 112 -17.67 56.59 10.93
N ILE F 113 -17.20 55.66 10.12
CA ILE F 113 -16.47 54.52 10.64
C ILE F 113 -14.97 54.80 10.58
N ALA F 114 -14.42 55.26 11.71
CA ALA F 114 -12.99 55.55 11.87
C ALA F 114 -12.05 54.48 11.34
N THR F 115 -12.36 53.20 11.57
CA THR F 115 -11.40 52.13 11.28
C THR F 115 -11.62 51.37 9.98
N LEU F 116 -12.17 52.03 8.97
CA LEU F 116 -12.29 51.38 7.68
C LEU F 116 -10.93 51.28 7.00
N ASP F 117 -10.71 50.21 6.25
CA ASP F 117 -9.56 50.15 5.38
C ASP F 117 -9.63 51.34 4.41
N PRO F 118 -8.55 52.13 4.33
CA PRO F 118 -8.53 53.39 3.56
C PRO F 118 -8.95 53.26 2.09
N SER F 119 -8.95 52.07 1.52
CA SER F 119 -9.25 51.92 0.10
C SER F 119 -10.70 51.53 -0.20
N VAL F 120 -11.50 51.28 0.83
CA VAL F 120 -12.84 50.72 0.61
C VAL F 120 -13.90 51.81 0.40
N VAL F 121 -14.98 51.44 -0.29
CA VAL F 121 -16.14 52.30 -0.43
C VAL F 121 -16.48 52.93 0.93
N SER F 122 -16.70 54.24 0.96
CA SER F 122 -16.97 54.93 2.22
C SER F 122 -17.97 56.10 2.10
N ASN F 123 -18.75 56.33 3.17
CA ASN F 123 -19.60 57.51 3.23
C ASN F 123 -18.76 58.73 3.60
N SER F 124 -19.36 59.91 3.46
CA SER F 124 -18.65 61.14 3.81
C SER F 124 -19.67 62.20 4.15
N LEU F 125 -19.15 63.31 4.64
CA LEU F 125 -19.97 64.46 4.99
C LEU F 125 -21.13 64.71 4.03
N ASP F 126 -20.84 65.08 2.78
CA ASP F 126 -21.91 65.45 1.86
C ASP F 126 -22.29 64.36 0.86
N LYS F 127 -21.68 63.17 1.01
CA LYS F 127 -22.12 62.00 0.27
C LYS F 127 -22.44 60.84 1.23
N PRO F 128 -23.51 60.96 2.03
CA PRO F 128 -23.91 59.81 2.84
C PRO F 128 -24.30 58.62 1.94
N PHE F 129 -24.36 57.42 2.51
CA PHE F 129 -24.90 56.30 1.76
C PHE F 129 -26.40 56.52 1.59
N ILE F 130 -27.00 55.80 0.68
CA ILE F 130 -28.45 55.82 0.58
C ILE F 130 -28.98 54.42 0.75
N SER F 131 -29.51 54.15 1.94
CA SER F 131 -29.91 52.81 2.32
C SER F 131 -31.41 52.55 2.16
N LEU F 132 -31.73 51.43 1.52
CA LEU F 132 -33.12 50.98 1.36
C LEU F 132 -33.87 51.00 2.68
N GLY F 133 -35.09 51.53 2.64
CA GLY F 133 -36.01 51.34 3.75
C GLY F 133 -35.82 52.30 4.88
N LYS F 134 -34.74 53.07 4.87
CA LYS F 134 -34.60 54.13 5.85
C LYS F 134 -35.61 55.22 5.51
N ASN F 135 -35.93 56.06 6.49
CA ASN F 135 -36.89 57.15 6.28
C ASN F 135 -36.26 58.50 6.59
N PRO F 136 -35.95 59.27 5.53
CA PRO F 136 -35.29 60.57 5.64
C PRO F 136 -36.16 61.58 6.36
N ALA F 137 -37.45 61.29 6.51
CA ALA F 137 -38.39 62.20 7.14
C ALA F 137 -38.39 62.12 8.66
N GLN F 138 -38.16 60.92 9.17
CA GLN F 138 -38.28 60.63 10.59
C GLN F 138 -37.31 61.40 11.49
N ASN F 139 -37.85 62.29 12.31
CA ASN F 139 -37.07 62.83 13.43
C ASN F 139 -37.03 61.79 14.54
N PRO F 140 -35.82 61.32 14.88
CA PRO F 140 -35.58 60.24 15.85
C PRO F 140 -36.14 60.55 17.21
N PHE F 141 -36.09 61.82 17.60
CA PHE F 141 -36.55 62.25 18.91
C PHE F 141 -38.08 62.22 19.04
N VAL F 142 -38.77 61.99 17.92
CA VAL F 142 -40.21 61.82 18.01
C VAL F 142 -40.65 60.57 17.27
N ASN F 143 -39.76 59.59 17.23
CA ASN F 143 -40.07 58.32 16.59
C ASN F 143 -40.70 57.38 17.59
N LEU F 144 -41.52 56.48 17.09
CA LEU F 144 -41.84 55.27 17.84
C LEU F 144 -40.89 54.25 17.25
N GLY F 145 -39.63 54.33 17.68
CA GLY F 145 -38.55 53.59 17.05
C GLY F 145 -38.69 52.08 17.02
N ALA F 146 -39.42 51.52 17.97
CA ALA F 146 -39.59 50.07 18.01
C ALA F 146 -40.92 49.59 17.39
N GLU F 147 -41.77 50.53 16.97
CA GLU F 147 -43.02 50.19 16.29
C GLU F 147 -42.75 49.33 15.04
N ALA F 148 -43.53 48.26 14.87
CA ALA F 148 -43.28 47.29 13.79
C ALA F 148 -44.56 46.62 13.33
N VAL F 149 -44.49 45.87 12.24
CA VAL F 149 -45.64 45.12 11.73
C VAL F 149 -45.27 43.69 11.34
N THR F 150 -46.27 42.81 11.33
CA THR F 150 -46.09 41.45 10.83
C THR F 150 -47.03 41.28 9.67
N ARG F 151 -46.60 40.53 8.66
CA ARG F 151 -47.44 40.24 7.51
C ARG F 151 -47.53 38.73 7.34
N GLY F 152 -48.64 38.28 6.78
CA GLY F 152 -48.92 36.86 6.67
C GLY F 152 -50.28 36.60 7.27
N VAL F 153 -50.89 35.46 6.94
CA VAL F 153 -52.22 35.13 7.44
C VAL F 153 -52.22 35.02 8.97
N GLY F 154 -53.10 35.78 9.60
CA GLY F 154 -53.19 35.76 11.05
C GLY F 154 -52.53 36.97 11.66
N GLY F 155 -51.93 37.80 10.83
CA GLY F 155 -51.26 38.99 11.28
C GLY F 155 -50.26 38.71 12.39
N MET F 156 -50.30 39.52 13.43
CA MET F 156 -49.42 39.31 14.57
C MET F 156 -49.91 38.20 15.47
N SER F 157 -51.07 37.62 15.17
CA SER F 157 -51.63 36.62 16.08
C SER F 157 -50.90 35.28 16.02
N THR F 158 -50.06 35.06 14.99
CA THR F 158 -49.25 33.83 14.98
C THR F 158 -48.04 33.88 15.92
N ALA F 159 -47.88 34.98 16.64
CA ALA F 159 -46.72 35.12 17.51
C ALA F 159 -47.06 35.71 18.87
N TRP F 160 -48.29 36.22 19.02
CA TRP F 160 -48.61 37.00 20.20
C TRP F 160 -48.57 36.23 21.53
N THR F 161 -48.29 36.98 22.59
CA THR F 161 -48.30 36.47 23.96
C THR F 161 -49.70 36.01 24.41
N CYS F 162 -50.74 36.54 23.78
CA CYS F 162 -52.15 36.14 23.98
C CYS F 162 -52.81 36.69 25.25
N ALA F 163 -52.25 37.74 25.83
CA ALA F 163 -52.89 38.33 27.01
C ALA F 163 -54.11 39.14 26.57
N THR F 164 -55.27 38.80 27.14
CA THR F 164 -56.53 39.40 26.75
C THR F 164 -57.32 39.91 27.93
N PRO F 165 -56.95 41.06 28.48
CA PRO F 165 -57.65 41.64 29.63
C PRO F 165 -58.73 42.58 29.16
N GLU F 166 -59.52 43.13 30.07
CA GLU F 166 -60.48 44.17 29.73
C GLU F 166 -59.89 45.54 30.06
N PHE F 167 -60.42 46.58 29.43
CA PHE F 167 -60.03 47.94 29.72
C PHE F 167 -60.80 48.39 30.95
N PHE F 168 -60.18 49.23 31.78
CA PHE F 168 -60.82 49.73 33.00
C PHE F 168 -61.98 50.67 32.67
N ALA F 169 -63.03 50.58 33.48
CA ALA F 169 -64.15 51.51 33.47
C ALA F 169 -64.40 52.02 34.89
N PRO F 170 -64.24 53.33 35.11
CA PRO F 170 -64.47 53.89 36.45
C PRO F 170 -65.96 54.04 36.75
N ALA F 171 -66.32 54.09 38.02
CA ALA F 171 -67.72 54.18 38.38
C ALA F 171 -68.33 55.53 37.95
N ASP F 172 -67.57 56.62 38.10
CA ASP F 172 -68.01 57.91 37.60
C ASP F 172 -67.87 57.96 36.08
N PHE F 173 -68.99 58.15 35.40
CA PHE F 173 -69.04 58.11 33.96
C PHE F 173 -68.42 59.35 33.36
N ASN F 174 -68.16 60.35 34.19
CA ASN F 174 -67.45 61.53 33.74
C ASN F 174 -66.15 61.72 34.50
N ALA F 175 -65.54 60.60 34.89
CA ALA F 175 -64.22 60.64 35.51
C ALA F 175 -63.34 61.27 34.47
N PRO F 176 -62.29 61.99 34.91
CA PRO F 176 -61.35 62.63 33.98
C PRO F 176 -60.59 61.64 33.09
N HIS F 177 -60.43 60.37 33.51
CA HIS F 177 -59.86 59.36 32.62
C HIS F 177 -60.55 57.99 32.69
N ARG F 178 -60.58 57.32 31.53
CA ARG F 178 -61.05 55.95 31.37
C ARG F 178 -60.26 55.20 30.25
N GLU F 179 -60.04 53.90 30.44
CA GLU F 179 -59.48 53.06 29.38
C GLU F 179 -60.57 52.69 28.37
N ARG F 180 -61.66 52.10 28.85
CA ARG F 180 -62.72 51.67 27.95
C ARG F 180 -63.46 52.84 27.32
N PRO F 181 -63.47 52.89 25.97
CA PRO F 181 -64.12 54.01 25.27
C PRO F 181 -65.63 54.09 25.51
N LYS F 182 -66.22 55.24 25.21
CA LYS F 182 -67.67 55.40 25.34
C LYS F 182 -68.37 55.02 24.07
N LEU F 183 -69.33 54.11 24.20
CA LEU F 183 -70.09 53.62 23.05
C LEU F 183 -71.43 54.34 22.92
N SER F 184 -72.01 54.72 24.05
CA SER F 184 -73.22 55.53 24.07
C SER F 184 -73.09 56.60 25.14
N THR F 185 -73.88 57.66 25.00
CA THR F 185 -73.78 58.78 25.92
C THR F 185 -74.57 58.47 27.19
N ASP F 186 -75.42 57.45 27.12
CA ASP F 186 -76.08 56.93 28.31
C ASP F 186 -75.20 55.86 28.90
N ALA F 187 -74.99 55.94 30.22
CA ALA F 187 -74.05 55.07 30.93
C ALA F 187 -74.53 53.63 31.01
N ALA F 188 -75.79 53.45 31.34
CA ALA F 188 -76.38 52.12 31.48
C ALA F 188 -76.26 51.36 30.17
N GLU F 189 -76.56 52.04 29.07
CA GLU F 189 -76.46 51.42 27.75
C GLU F 189 -75.01 51.15 27.42
N ASP F 190 -74.11 52.04 27.82
CA ASP F 190 -72.68 51.79 27.63
C ASP F 190 -72.25 50.50 28.33
N ALA F 191 -72.67 50.33 29.59
CA ALA F 191 -72.32 49.13 30.35
C ALA F 191 -72.90 47.85 29.76
N ARG F 192 -74.06 47.95 29.11
CA ARG F 192 -74.74 46.81 28.53
C ARG F 192 -74.09 46.33 27.25
N ILE F 193 -73.82 47.26 26.34
CA ILE F 193 -73.21 46.94 25.06
C ILE F 193 -71.83 46.30 25.25
N TRP F 194 -71.06 46.80 26.22
CA TRP F 194 -69.71 46.28 26.47
C TRP F 194 -69.73 44.87 27.03
N LYS F 195 -70.64 44.65 27.97
CA LYS F 195 -70.77 43.35 28.63
C LYS F 195 -71.13 42.28 27.61
N ASP F 196 -72.04 42.60 26.70
CA ASP F 196 -72.36 41.68 25.60
C ASP F 196 -71.14 41.41 24.72
N LEU F 197 -70.46 42.48 24.31
CA LEU F 197 -69.30 42.40 23.41
C LEU F 197 -68.13 41.59 24.00
N TYR F 198 -67.81 41.86 25.27
CA TYR F 198 -66.71 41.18 25.93
C TYR F 198 -66.91 39.69 26.03
N ALA F 199 -68.09 39.26 26.44
CA ALA F 199 -68.36 37.84 26.63
C ALA F 199 -68.24 37.14 25.30
N GLN F 200 -68.72 37.81 24.26
CA GLN F 200 -68.67 37.32 22.89
C GLN F 200 -67.22 37.29 22.40
N ALA F 201 -66.52 38.40 22.59
CA ALA F 201 -65.09 38.51 22.19
C ALA F 201 -64.21 37.49 22.91
N LYS F 202 -64.54 37.18 24.17
CA LYS F 202 -63.81 36.17 24.94
C LYS F 202 -64.12 34.74 24.46
N GLU F 203 -65.30 34.54 23.89
CA GLU F 203 -65.63 33.24 23.33
C GLU F 203 -64.87 33.00 22.02
N ILE F 204 -64.92 34.01 21.14
CA ILE F 204 -64.24 33.96 19.86
C ILE F 204 -62.76 33.72 20.00
N ILE F 205 -62.14 34.39 20.98
CA ILE F 205 -60.71 34.19 21.15
C ILE F 205 -60.38 33.09 22.16
N GLY F 206 -61.30 32.79 23.07
CA GLY F 206 -61.10 31.69 23.99
C GLY F 206 -60.30 32.08 25.22
N THR F 207 -60.53 33.27 25.73
CA THR F 207 -59.92 33.69 26.99
C THR F 207 -60.18 32.72 28.15
N SER F 208 -59.17 32.55 28.99
CA SER F 208 -59.29 31.76 30.21
C SER F 208 -58.34 32.32 31.28
N THR F 209 -58.67 32.12 32.55
CA THR F 209 -57.82 32.58 33.63
C THR F 209 -57.33 31.43 34.50
N THR F 210 -57.53 30.21 34.03
CA THR F 210 -57.26 29.07 34.89
C THR F 210 -56.30 28.05 34.29
N GLU F 211 -55.74 28.38 33.13
CA GLU F 211 -54.83 27.47 32.45
C GLU F 211 -53.48 27.32 33.15
N PHE F 212 -53.23 28.13 34.18
CA PHE F 212 -51.96 28.05 34.93
C PHE F 212 -52.22 27.83 36.42
N ASP F 213 -53.35 27.19 36.70
CA ASP F 213 -53.81 27.08 38.08
C ASP F 213 -53.12 25.98 38.88
N HIS F 214 -52.49 25.03 38.19
CA HIS F 214 -51.74 24.00 38.89
C HIS F 214 -50.22 24.05 38.62
N SER F 215 -49.69 25.26 38.45
CA SER F 215 -48.26 25.47 38.36
C SER F 215 -47.72 25.99 39.67
N ILE F 216 -46.65 25.36 40.15
CA ILE F 216 -46.05 25.78 41.40
C ILE F 216 -45.54 27.22 41.34
N ARG F 217 -44.92 27.57 40.21
CA ARG F 217 -44.32 28.90 40.02
C ARG F 217 -45.39 29.98 39.97
N HIS F 218 -46.42 29.75 39.16
CA HIS F 218 -47.54 30.68 39.10
C HIS F 218 -48.22 30.86 40.45
N ASN F 219 -48.38 29.75 41.17
CA ASN F 219 -49.04 29.81 42.45
C ASN F 219 -48.18 30.51 43.48
N LEU F 220 -46.88 30.19 43.48
CA LEU F 220 -45.94 30.80 44.40
C LEU F 220 -45.92 32.31 44.20
N VAL F 221 -45.88 32.74 42.95
CA VAL F 221 -45.87 34.18 42.68
C VAL F 221 -47.17 34.86 43.11
N LEU F 222 -48.31 34.33 42.62
CA LEU F 222 -49.63 34.86 42.96
C LEU F 222 -49.92 34.97 44.45
N ARG F 223 -49.68 33.89 45.17
CA ARG F 223 -50.08 33.83 46.57
C ARG F 223 -49.16 34.58 47.52
N LYS F 224 -47.86 34.59 47.24
CA LYS F 224 -46.93 35.37 48.06
C LYS F 224 -47.21 36.86 47.84
N TYR F 225 -47.48 37.24 46.58
CA TYR F 225 -47.80 38.64 46.30
C TYR F 225 -49.08 39.13 47.00
N ASN F 226 -50.11 38.29 47.04
CA ASN F 226 -51.32 38.70 47.76
C ASN F 226 -51.13 38.73 49.25
N ASP F 227 -50.44 37.72 49.81
CA ASP F 227 -50.15 37.71 51.24
C ASP F 227 -49.38 38.94 51.62
N ILE F 228 -48.32 39.23 50.88
CA ILE F 228 -47.51 40.39 51.11
C ILE F 228 -48.36 41.66 51.00
N PHE F 229 -49.13 41.76 49.94
CA PHE F 229 -49.83 43.02 49.69
C PHE F 229 -51.15 43.19 50.42
N GLN F 230 -51.75 42.11 50.90
CA GLN F 230 -52.94 42.25 51.73
C GLN F 230 -52.57 42.98 53.02
N LYS F 231 -51.30 42.88 53.41
CA LYS F 231 -50.84 43.52 54.64
C LYS F 231 -50.34 44.96 54.47
N GLU F 232 -50.07 45.39 53.23
CA GLU F 232 -49.53 46.74 53.01
C GLU F 232 -50.49 47.84 53.43
N ASN F 233 -49.98 49.06 53.59
CA ASN F 233 -50.86 50.18 53.94
C ASN F 233 -51.72 50.60 52.75
N VAL F 234 -51.32 50.18 51.56
CA VAL F 234 -52.10 50.34 50.34
C VAL F 234 -52.13 49.00 49.62
N ILE F 235 -53.26 48.33 49.73
CA ILE F 235 -53.41 46.97 49.21
C ILE F 235 -53.34 46.92 47.68
N ARG F 236 -52.68 45.90 47.15
CA ARG F 236 -52.65 45.70 45.71
C ARG F 236 -53.16 44.29 45.40
N GLU F 237 -53.93 44.17 44.33
CA GLU F 237 -54.67 42.95 44.06
C GLU F 237 -54.07 42.21 42.88
N PHE F 238 -53.55 41.01 43.15
CA PHE F 238 -52.90 40.21 42.13
C PHE F 238 -53.84 39.12 41.61
N SER F 239 -53.92 38.95 40.29
CA SER F 239 -54.90 38.04 39.70
C SER F 239 -54.29 37.33 38.49
N PRO F 240 -54.91 36.24 38.03
CA PRO F 240 -54.26 35.61 36.88
C PRO F 240 -54.40 36.46 35.62
N LEU F 241 -53.35 36.49 34.81
CA LEU F 241 -53.41 37.20 33.56
C LEU F 241 -54.30 36.40 32.64
N PRO F 242 -55.37 37.02 32.12
CA PRO F 242 -56.26 36.34 31.19
C PRO F 242 -55.54 36.02 29.88
N LEU F 243 -55.58 34.75 29.46
CA LEU F 243 -54.85 34.28 28.29
C LEU F 243 -55.76 33.57 27.31
N ALA F 244 -55.62 33.91 26.04
CA ALA F 244 -56.35 33.21 25.00
C ALA F 244 -55.59 31.95 24.70
N CYS F 245 -55.80 30.93 25.52
CA CYS F 245 -55.09 29.66 25.37
C CYS F 245 -55.78 28.62 26.22
N HIS F 246 -55.54 27.35 25.92
CA HIS F 246 -56.04 26.27 26.77
C HIS F 246 -55.01 25.17 26.97
N ARG F 247 -54.89 24.70 28.20
CA ARG F 247 -53.96 23.63 28.49
C ARG F 247 -54.43 22.32 27.87
N LEU F 248 -53.51 21.57 27.30
CA LEU F 248 -53.84 20.36 26.58
C LEU F 248 -53.88 19.18 27.53
N THR F 249 -54.43 18.07 27.06
CA THR F 249 -54.69 16.90 27.90
C THR F 249 -53.41 16.48 28.61
N ASP F 250 -52.30 16.54 27.88
CA ASP F 250 -50.98 16.47 28.49
C ASP F 250 -50.63 17.89 28.87
N PRO F 251 -50.67 18.19 30.18
CA PRO F 251 -50.54 19.57 30.66
C PRO F 251 -49.11 20.11 30.57
N ASP F 252 -48.25 19.42 29.83
CA ASP F 252 -46.91 19.95 29.60
C ASP F 252 -46.95 20.89 28.43
N TYR F 253 -48.00 20.76 27.63
CA TYR F 253 -48.24 21.62 26.46
C TYR F 253 -49.46 22.50 26.63
N VAL F 254 -49.46 23.63 25.92
CA VAL F 254 -50.56 24.58 25.92
C VAL F 254 -50.80 24.98 24.48
N GLU F 255 -52.06 25.03 24.07
CA GLU F 255 -52.36 25.56 22.75
C GLU F 255 -52.69 27.04 22.87
N TRP F 256 -51.84 27.88 22.29
CA TRP F 256 -52.08 29.31 22.26
C TRP F 256 -52.99 29.62 21.08
N HIS F 257 -53.96 30.49 21.29
CA HIS F 257 -55.02 30.71 20.30
C HIS F 257 -54.63 31.75 19.28
N ALA F 258 -55.09 31.58 18.06
CA ALA F 258 -54.86 32.58 17.05
C ALA F 258 -56.00 32.67 16.06
N THR F 259 -55.73 33.31 14.94
CA THR F 259 -56.71 33.62 13.93
C THR F 259 -57.37 32.33 13.37
N ASP F 260 -56.69 31.20 13.57
CA ASP F 260 -57.15 29.90 13.07
C ASP F 260 -58.47 29.45 13.71
N ARG F 261 -58.62 29.66 15.01
CA ARG F 261 -59.86 29.29 15.67
C ARG F 261 -60.98 30.22 15.21
N ILE F 262 -60.63 31.43 14.80
CA ILE F 262 -61.61 32.37 14.30
C ILE F 262 -62.14 31.96 12.93
N LEU F 263 -61.27 31.38 12.11
CA LEU F 263 -61.57 31.11 10.70
C LEU F 263 -61.93 29.67 10.47
N GLU F 264 -61.78 28.86 11.52
CA GLU F 264 -61.88 27.41 11.43
C GLU F 264 -63.09 26.94 10.64
N GLU F 265 -64.26 27.43 11.04
CA GLU F 265 -65.48 27.02 10.36
C GLU F 265 -65.55 27.47 8.89
N LEU F 266 -64.95 28.62 8.55
CA LEU F 266 -64.94 29.03 7.14
C LEU F 266 -64.15 28.08 6.25
N PHE F 267 -63.40 27.15 6.86
CA PHE F 267 -62.62 26.18 6.10
C PHE F 267 -63.17 24.78 6.24
N THR F 268 -63.72 24.47 7.41
CA THR F 268 -64.20 23.12 7.67
C THR F 268 -65.71 22.91 7.41
N ASP F 269 -66.41 24.01 7.11
CA ASP F 269 -67.85 23.94 6.87
C ASP F 269 -68.17 24.23 5.41
N PRO F 270 -68.52 23.17 4.66
CA PRO F 270 -68.72 23.22 3.20
C PRO F 270 -69.57 24.41 2.75
N VAL F 271 -70.55 24.77 3.56
CA VAL F 271 -71.46 25.82 3.16
C VAL F 271 -70.84 27.20 3.40
N LYS F 272 -69.96 27.29 4.39
CA LYS F 272 -69.29 28.55 4.70
C LYS F 272 -68.16 28.81 3.71
N ARG F 273 -67.41 27.74 3.41
CA ARG F 273 -66.42 27.77 2.33
C ARG F 273 -67.00 28.45 1.11
N GLY F 274 -68.23 28.07 0.76
CA GLY F 274 -68.90 28.63 -0.41
C GLY F 274 -68.95 30.15 -0.45
N ARG F 275 -68.89 30.78 0.71
CA ARG F 275 -69.04 32.22 0.80
C ARG F 275 -67.79 32.92 1.28
N PHE F 276 -66.63 32.30 1.06
CA PHE F 276 -65.39 32.85 1.59
C PHE F 276 -64.24 32.70 0.60
N THR F 277 -63.58 33.81 0.31
CA THR F 277 -62.42 33.82 -0.55
C THR F 277 -61.28 34.47 0.20
N LEU F 278 -60.21 33.72 0.43
CA LEU F 278 -58.99 34.31 0.96
C LEU F 278 -57.83 34.20 -0.04
N LEU F 279 -57.37 35.36 -0.49
CA LEU F 279 -56.24 35.47 -1.42
C LEU F 279 -54.99 35.86 -0.66
N THR F 280 -53.96 35.03 -0.75
CA THR F 280 -52.69 35.32 -0.10
C THR F 280 -51.77 36.11 -1.04
N ASN F 281 -50.69 36.67 -0.49
CA ASN F 281 -49.77 37.50 -1.26
C ASN F 281 -50.43 38.56 -2.15
N HIS F 282 -51.55 39.09 -1.68
CA HIS F 282 -52.30 40.12 -2.40
C HIS F 282 -52.37 41.45 -1.66
N ARG F 283 -51.81 42.50 -2.26
CA ARG F 283 -51.79 43.79 -1.61
C ARG F 283 -53.02 44.62 -1.92
N CYS F 284 -53.59 45.21 -0.88
CA CYS F 284 -54.63 46.19 -1.08
C CYS F 284 -53.93 47.53 -1.12
N THR F 285 -53.72 48.03 -2.33
CA THR F 285 -52.95 49.22 -2.54
C THR F 285 -53.75 50.42 -2.11
N LYS F 286 -55.06 50.33 -2.36
CA LYS F 286 -55.98 51.45 -2.14
C LYS F 286 -57.44 51.08 -2.46
N LEU F 287 -58.36 51.72 -1.75
CA LEU F 287 -59.77 51.70 -2.14
C LEU F 287 -59.97 52.86 -3.07
N VAL F 288 -60.85 52.71 -4.04
CA VAL F 288 -61.17 53.83 -4.91
C VAL F 288 -62.56 54.35 -4.60
N PHE F 289 -62.68 55.67 -4.53
CA PHE F 289 -63.91 56.33 -4.13
C PHE F 289 -64.74 56.80 -5.31
N LYS F 290 -65.99 57.14 -5.03
CA LYS F 290 -66.91 57.72 -6.01
C LYS F 290 -66.35 59.05 -6.52
N HIS F 291 -65.90 59.87 -5.59
CA HIS F 291 -65.34 61.17 -5.91
C HIS F 291 -64.32 61.51 -4.84
N TYR F 292 -63.73 62.70 -4.92
CA TYR F 292 -62.67 63.08 -4.00
C TYR F 292 -62.89 64.48 -3.40
N ARG F 293 -64.17 64.79 -3.16
CA ARG F 293 -64.59 66.05 -2.59
C ARG F 293 -64.77 65.93 -1.08
N PRO F 294 -64.04 66.76 -0.31
CA PRO F 294 -64.12 66.72 1.15
C PRO F 294 -65.49 67.13 1.69
N GLY F 295 -65.99 66.37 2.65
CA GLY F 295 -67.21 66.71 3.35
C GLY F 295 -68.49 66.11 2.80
N GLU F 296 -68.52 65.75 1.53
CA GLU F 296 -69.74 65.21 0.94
C GLU F 296 -69.91 63.74 1.25
N GLU F 297 -71.16 63.30 1.24
CA GLU F 297 -71.47 61.88 1.36
C GLU F 297 -70.78 61.19 0.20
N ASN F 298 -70.09 60.10 0.51
CA ASN F 298 -69.25 59.43 -0.48
C ASN F 298 -69.33 57.91 -0.36
N GLU F 299 -68.60 57.20 -1.22
CA GLU F 299 -68.66 55.74 -1.24
C GLU F 299 -67.41 55.13 -1.85
N VAL F 300 -67.02 53.96 -1.35
CA VAL F 300 -65.99 53.15 -1.99
C VAL F 300 -66.57 52.55 -3.26
N ASP F 301 -65.95 52.83 -4.40
CA ASP F 301 -66.39 52.23 -5.64
C ASP F 301 -65.84 50.80 -5.75
N TYR F 302 -64.53 50.66 -5.56
CA TYR F 302 -63.88 49.35 -5.56
C TYR F 302 -62.58 49.37 -4.75
N ALA F 303 -62.01 48.20 -4.53
CA ALA F 303 -60.70 48.06 -3.87
C ALA F 303 -59.67 47.70 -4.93
N LEU F 304 -58.53 48.37 -4.89
CA LEU F 304 -57.47 48.11 -5.87
C LEU F 304 -56.43 47.13 -5.31
N VAL F 305 -56.57 45.87 -5.71
CA VAL F 305 -55.80 44.78 -5.13
C VAL F 305 -54.80 44.20 -6.13
N GLU F 306 -53.54 44.09 -5.70
CA GLU F 306 -52.44 43.74 -6.58
C GLU F 306 -51.79 42.42 -6.17
N ASP F 307 -51.73 41.45 -7.10
CA ASP F 307 -51.10 40.16 -6.83
C ASP F 307 -49.60 40.30 -6.88
N LEU F 308 -48.92 39.96 -5.77
CA LEU F 308 -47.46 40.08 -5.69
C LEU F 308 -46.68 38.83 -6.12
N LEU F 309 -47.36 37.84 -6.70
CA LEU F 309 -46.63 36.68 -7.19
C LEU F 309 -46.34 36.78 -8.69
N PRO F 310 -45.14 36.33 -9.11
CA PRO F 310 -44.75 36.32 -10.53
C PRO F 310 -45.78 35.63 -11.44
N SER F 320 -51.86 42.95 -14.19
CA SER F 320 -51.58 42.31 -12.90
C SER F 320 -52.51 42.79 -11.80
N VAL F 321 -53.14 43.93 -12.05
CA VAL F 321 -54.06 44.53 -11.08
C VAL F 321 -55.36 43.76 -11.02
N LYS F 322 -56.08 43.97 -9.92
CA LYS F 322 -57.45 43.50 -9.83
C LYS F 322 -58.33 44.55 -9.14
N LYS F 323 -59.37 45.00 -9.84
CA LYS F 323 -60.39 45.80 -9.20
C LYS F 323 -61.33 44.81 -8.55
N ILE F 324 -61.53 44.96 -7.24
CA ILE F 324 -62.46 44.09 -6.52
C ILE F 324 -63.67 44.86 -6.03
N TYR F 325 -64.85 44.41 -6.44
CA TYR F 325 -66.09 45.08 -6.09
C TYR F 325 -66.89 44.36 -5.01
N ALA F 326 -67.29 45.09 -3.98
CA ALA F 326 -68.19 44.56 -2.98
C ALA F 326 -69.20 45.64 -2.60
N ARG F 327 -70.12 45.31 -1.70
CA ARG F 327 -71.10 46.27 -1.25
C ARG F 327 -70.61 46.98 -0.01
N SER F 328 -69.67 46.36 0.69
CA SER F 328 -69.04 46.96 1.86
C SER F 328 -67.55 46.60 1.89
N TYR F 329 -66.78 47.45 2.57
CA TYR F 329 -65.34 47.33 2.58
C TYR F 329 -64.81 47.51 3.99
N VAL F 330 -64.05 46.54 4.47
CA VAL F 330 -63.42 46.65 5.78
C VAL F 330 -61.90 46.68 5.63
N VAL F 331 -61.29 47.77 6.06
CA VAL F 331 -59.86 47.82 6.13
C VAL F 331 -59.41 47.45 7.53
N ALA F 332 -58.75 46.29 7.62
CA ALA F 332 -58.34 45.73 8.89
C ALA F 332 -56.89 45.33 8.77
N CYS F 333 -56.06 46.32 8.47
CA CYS F 333 -54.66 46.07 8.18
C CYS F 333 -53.72 46.45 9.33
N GLY F 334 -54.18 46.31 10.57
CA GLY F 334 -53.37 46.73 11.70
C GLY F 334 -53.40 48.24 11.82
N ALA F 335 -52.96 48.77 12.96
CA ALA F 335 -53.10 50.21 13.18
C ALA F 335 -52.25 51.10 12.26
N VAL F 336 -51.07 50.63 11.85
CA VAL F 336 -50.26 51.41 10.91
C VAL F 336 -50.77 51.25 9.48
N ALA F 337 -50.83 50.02 9.01
CA ALA F 337 -51.16 49.81 7.60
C ALA F 337 -52.58 50.24 7.22
N THR F 338 -53.52 50.16 8.17
CA THR F 338 -54.90 50.53 7.89
C THR F 338 -54.94 51.98 7.43
N ALA F 339 -54.37 52.86 8.25
CA ALA F 339 -54.20 54.25 7.90
C ALA F 339 -53.45 54.41 6.56
N GLN F 340 -52.35 53.67 6.43
CA GLN F 340 -51.51 53.68 5.24
C GLN F 340 -52.33 53.43 3.97
N VAL F 341 -53.25 52.48 4.07
CA VAL F 341 -54.10 52.14 2.94
C VAL F 341 -55.06 53.27 2.61
N LEU F 342 -55.75 53.78 3.64
CA LEU F 342 -56.69 54.88 3.46
C LEU F 342 -55.99 56.12 2.93
N ALA F 343 -54.77 56.36 3.41
CA ALA F 343 -53.97 57.49 2.96
C ALA F 343 -53.61 57.36 1.49
N ASN F 344 -53.17 56.17 1.10
CA ASN F 344 -52.83 55.90 -0.28
C ASN F 344 -54.07 55.98 -1.17
N SER F 345 -55.23 55.86 -0.54
CA SER F 345 -56.52 55.91 -1.22
C SER F 345 -56.90 57.33 -1.63
N HIS F 346 -56.26 58.31 -1.01
CA HIS F 346 -56.48 59.72 -1.35
C HIS F 346 -55.79 60.08 -2.67
N ILE F 347 -54.97 59.16 -3.19
CA ILE F 347 -54.35 59.39 -4.49
C ILE F 347 -55.25 58.77 -5.54
N PRO F 348 -56.04 59.60 -6.22
CA PRO F 348 -56.87 58.97 -7.24
C PRO F 348 -55.97 58.54 -8.38
N PRO F 349 -56.36 57.49 -9.10
CA PRO F 349 -55.61 57.01 -10.27
C PRO F 349 -55.76 57.92 -11.49
N GLU F 367 -39.35 70.03 -0.39
CA GLU F 367 -40.68 69.44 -0.45
C GLU F 367 -40.58 67.92 -0.58
N ARG F 368 -39.36 67.39 -0.48
CA ARG F 368 -39.19 65.94 -0.62
C ARG F 368 -39.82 65.20 0.57
N ASP F 369 -39.95 65.89 1.71
CA ASP F 369 -40.64 65.35 2.86
C ASP F 369 -42.13 65.68 2.87
N ALA F 370 -42.71 65.91 1.68
CA ALA F 370 -44.14 66.19 1.58
C ALA F 370 -44.97 65.00 2.00
N THR F 371 -45.95 65.24 2.87
CA THR F 371 -46.81 64.16 3.29
C THR F 371 -48.09 64.17 2.49
N ILE F 372 -48.87 63.10 2.65
CA ILE F 372 -50.13 63.00 1.91
C ILE F 372 -51.27 63.70 2.67
N PRO F 373 -51.92 64.65 1.99
CA PRO F 373 -53.07 65.33 2.62
C PRO F 373 -54.26 64.37 2.68
N THR F 374 -54.92 64.35 3.82
CA THR F 374 -56.10 63.49 3.98
C THR F 374 -57.36 64.27 4.38
N PRO F 375 -57.91 65.07 3.44
CA PRO F 375 -59.10 65.89 3.71
C PRO F 375 -60.39 65.08 3.76
N LEU F 376 -60.40 63.90 3.12
CA LEU F 376 -61.60 63.07 3.07
C LEU F 376 -61.81 62.37 4.41
N MET F 377 -60.75 62.30 5.20
CA MET F 377 -60.82 61.80 6.57
C MET F 377 -59.91 62.67 7.42
N PRO F 378 -60.37 63.88 7.72
CA PRO F 378 -59.54 64.91 8.35
C PRO F 378 -58.83 64.50 9.63
N MET F 379 -59.29 63.45 10.30
CA MET F 379 -58.67 63.04 11.56
C MET F 379 -57.81 61.79 11.43
N LEU F 380 -57.64 61.30 10.20
CA LEU F 380 -56.85 60.09 9.99
C LEU F 380 -55.41 60.27 10.48
N GLY F 381 -54.99 59.38 11.37
CA GLY F 381 -53.66 59.41 11.93
C GLY F 381 -53.42 60.51 12.94
N LYS F 382 -54.47 61.00 13.58
CA LYS F 382 -54.27 61.99 14.64
C LYS F 382 -54.69 61.41 15.98
N TYR F 383 -54.24 62.05 17.05
CA TYR F 383 -54.46 61.57 18.41
C TYR F 383 -53.90 60.16 18.72
N ILE F 384 -52.98 59.66 17.89
CA ILE F 384 -52.35 58.34 18.11
C ILE F 384 -51.75 58.16 19.52
N THR F 385 -51.87 56.94 20.05
CA THR F 385 -51.36 56.64 21.38
C THR F 385 -50.56 55.35 21.42
N GLU F 386 -49.38 55.40 22.07
CA GLU F 386 -48.55 54.20 22.27
C GLU F 386 -48.07 54.16 23.72
N GLN F 387 -47.71 52.97 24.19
CA GLN F 387 -47.48 52.73 25.61
C GLN F 387 -46.02 52.74 26.01
N PRO F 388 -45.65 53.66 26.92
CA PRO F 388 -44.31 53.54 27.48
C PRO F 388 -44.23 52.31 28.36
N MET F 389 -43.15 51.55 28.22
CA MET F 389 -42.98 50.27 28.91
C MET F 389 -41.71 50.21 29.75
N THR F 390 -41.83 49.81 31.01
CA THR F 390 -40.65 49.48 31.79
C THR F 390 -40.54 47.98 31.96
N PHE F 391 -39.34 47.51 32.28
CA PHE F 391 -39.07 46.09 32.27
C PHE F 391 -37.98 45.76 33.26
N CYS F 392 -38.00 44.54 33.79
CA CYS F 392 -36.87 43.98 34.51
C CYS F 392 -37.09 42.50 34.73
N GLN F 393 -36.04 41.80 35.15
CA GLN F 393 -36.20 40.44 35.63
C GLN F 393 -35.62 40.27 37.02
N VAL F 394 -36.19 39.34 37.79
CA VAL F 394 -35.60 39.00 39.07
C VAL F 394 -35.31 37.51 39.16
N VAL F 395 -34.44 37.17 40.10
CA VAL F 395 -34.26 35.80 40.52
C VAL F 395 -34.97 35.75 41.85
N LEU F 396 -35.85 34.77 42.03
CA LEU F 396 -36.61 34.64 43.27
C LEU F 396 -35.67 34.51 44.44
N ASP F 397 -36.12 34.98 45.61
CA ASP F 397 -35.37 34.82 46.84
C ASP F 397 -35.20 33.34 47.13
N SER F 398 -34.11 32.99 47.80
CA SER F 398 -33.84 31.60 48.08
C SER F 398 -34.65 31.15 49.27
N SER F 399 -35.19 32.11 50.01
CA SER F 399 -36.15 31.78 51.06
C SER F 399 -37.34 31.08 50.42
N LEU F 400 -37.88 31.64 49.34
CA LEU F 400 -39.08 31.09 48.70
C LEU F 400 -38.97 29.62 48.27
N MET F 401 -37.77 29.09 48.33
CA MET F 401 -37.57 27.69 47.98
C MET F 401 -38.05 26.78 49.11
N GLU F 402 -38.01 27.29 50.34
CA GLU F 402 -38.58 26.52 51.44
C GLU F 402 -40.09 26.56 51.34
N VAL F 403 -40.63 27.75 51.06
CA VAL F 403 -42.03 27.91 50.69
C VAL F 403 -42.46 26.87 49.65
N VAL F 404 -41.63 26.65 48.62
CA VAL F 404 -41.92 25.62 47.63
C VAL F 404 -41.94 24.23 48.29
N ARG F 405 -40.97 23.97 49.16
CA ARG F 405 -40.85 22.67 49.81
C ARG F 405 -41.84 22.52 50.96
N ASN F 406 -42.49 23.63 51.34
CA ASN F 406 -43.33 23.66 52.52
C ASN F 406 -44.37 24.77 52.44
N PRO F 407 -45.38 24.60 51.60
CA PRO F 407 -46.33 25.70 51.43
C PRO F 407 -47.14 26.00 52.69
N PRO F 408 -47.25 27.29 53.07
CA PRO F 408 -47.96 27.76 54.26
C PRO F 408 -49.45 27.88 53.99
N TRP F 409 -49.87 27.45 52.80
CA TRP F 409 -51.28 27.47 52.44
C TRP F 409 -51.79 26.04 52.44
N PRO F 410 -52.74 25.73 53.33
CA PRO F 410 -53.31 24.39 53.45
C PRO F 410 -54.12 23.93 52.24
N GLY F 411 -54.25 22.62 52.10
CA GLY F 411 -55.04 22.02 51.04
C GLY F 411 -54.44 22.13 49.66
N LEU F 412 -53.12 22.13 49.57
CA LEU F 412 -52.45 22.17 48.27
C LEU F 412 -51.69 20.88 47.99
N ASP F 413 -52.41 19.76 48.04
CA ASP F 413 -51.80 18.45 47.83
C ASP F 413 -51.05 18.33 46.50
N TRP F 414 -51.65 18.83 45.42
CA TRP F 414 -51.05 18.66 44.10
C TRP F 414 -49.66 19.30 44.06
N TRP F 415 -49.50 20.38 44.82
CA TRP F 415 -48.24 21.08 44.91
C TRP F 415 -47.23 20.21 45.65
N LYS F 416 -47.61 19.74 46.84
CA LYS F 416 -46.76 18.91 47.67
C LYS F 416 -46.36 17.66 46.91
N GLU F 417 -47.29 17.14 46.10
CA GLU F 417 -47.06 15.91 45.38
C GLU F 417 -46.09 16.13 44.21
N LYS F 418 -46.23 17.25 43.50
CA LYS F 418 -45.33 17.55 42.38
C LYS F 418 -43.92 17.84 42.88
N VAL F 419 -43.81 18.56 43.99
CA VAL F 419 -42.52 18.90 44.55
C VAL F 419 -41.80 17.64 45.03
N ALA F 420 -42.55 16.78 45.70
CA ALA F 420 -41.98 15.54 46.22
C ALA F 420 -41.49 14.59 45.14
N ARG F 421 -42.20 14.54 44.01
CA ARG F 421 -41.79 13.68 42.90
C ARG F 421 -40.48 14.17 42.27
N HIS F 422 -40.27 15.48 42.33
CA HIS F 422 -39.07 16.10 41.77
C HIS F 422 -37.84 15.87 42.65
N VAL F 423 -37.92 16.28 43.90
CA VAL F 423 -36.84 16.10 44.87
C VAL F 423 -36.35 14.64 44.97
N GLU F 424 -37.26 13.69 44.77
CA GLU F 424 -36.90 12.28 44.80
C GLU F 424 -36.03 11.92 43.58
N ALA F 425 -36.31 12.56 42.46
CA ALA F 425 -35.59 12.27 41.22
C ALA F 425 -34.26 13.04 41.12
N PHE F 426 -34.21 14.18 41.79
CA PHE F 426 -33.06 15.06 41.71
C PHE F 426 -32.78 15.64 43.07
N PRO F 427 -32.23 14.81 43.95
CA PRO F 427 -31.98 15.26 45.32
C PRO F 427 -31.01 16.44 45.34
N ASN F 428 -30.11 16.47 44.35
CA ASN F 428 -29.02 17.45 44.35
C ASN F 428 -29.40 18.84 43.82
N ASP F 429 -30.55 18.92 43.19
CA ASP F 429 -31.05 20.17 42.65
C ASP F 429 -31.25 21.16 43.80
N PRO F 430 -30.79 22.41 43.64
CA PRO F 430 -31.05 23.43 44.67
C PRO F 430 -32.47 24.01 44.50
N ILE F 431 -33.08 23.68 43.37
CA ILE F 431 -34.40 24.16 43.01
C ILE F 431 -35.42 23.02 43.04
N PRO F 432 -36.38 23.10 43.97
CA PRO F 432 -37.43 22.12 44.24
C PRO F 432 -38.59 22.19 43.24
N ILE F 433 -38.51 23.17 42.34
CA ILE F 433 -39.51 23.37 41.31
C ILE F 433 -39.30 22.35 40.18
N PRO F 434 -40.35 21.57 39.85
CA PRO F 434 -40.33 20.60 38.76
C PRO F 434 -39.84 21.23 37.47
N PHE F 435 -39.27 20.43 36.56
CA PHE F 435 -38.66 20.98 35.36
C PHE F 435 -39.67 21.59 34.38
N ARG F 436 -40.74 20.86 34.09
CA ARG F 436 -41.66 21.33 33.09
C ARG F 436 -42.69 22.33 33.65
N ASP F 437 -42.52 22.74 34.91
CA ASP F 437 -43.48 23.60 35.59
C ASP F 437 -43.67 24.91 34.87
N PRO F 438 -44.91 25.20 34.46
CA PRO F 438 -45.26 26.41 33.70
C PRO F 438 -44.78 27.71 34.35
N GLU F 439 -44.49 28.69 33.51
CA GLU F 439 -44.23 30.08 33.94
C GLU F 439 -45.42 30.64 34.71
N PRO F 440 -45.18 31.59 35.62
CA PRO F 440 -46.32 32.32 36.19
C PRO F 440 -46.95 33.25 35.17
N GLN F 441 -48.21 33.60 35.39
CA GLN F 441 -48.99 34.46 34.50
C GLN F 441 -49.84 35.41 35.33
N VAL F 442 -49.22 36.43 35.88
CA VAL F 442 -49.88 37.23 36.90
C VAL F 442 -50.01 38.70 36.48
N THR F 443 -51.13 39.33 36.87
CA THR F 443 -51.37 40.71 36.53
C THR F 443 -51.86 41.47 37.73
N ILE F 444 -51.91 42.78 37.57
CA ILE F 444 -52.65 43.64 38.48
C ILE F 444 -53.54 44.46 37.58
N LYS F 445 -54.85 44.36 37.76
CA LYS F 445 -55.76 45.08 36.89
C LYS F 445 -55.60 46.58 37.11
N PHE F 446 -55.60 47.31 36.01
CA PHE F 446 -55.50 48.77 36.00
C PHE F 446 -56.48 49.40 36.98
N THR F 447 -55.98 50.23 37.88
CA THR F 447 -56.85 51.07 38.72
C THR F 447 -56.56 52.56 38.49
N GLU F 448 -57.50 53.44 38.78
CA GLU F 448 -57.22 54.86 38.55
C GLU F 448 -56.14 55.38 39.49
N GLU F 449 -56.09 54.81 40.70
CA GLU F 449 -55.04 55.13 41.66
C GLU F 449 -53.66 54.61 41.22
N HIS F 450 -53.64 53.55 40.42
CA HIS F 450 -52.39 52.98 39.92
C HIS F 450 -52.52 52.69 38.44
N PRO F 451 -52.64 53.77 37.65
CA PRO F 451 -53.08 53.71 36.26
C PRO F 451 -52.03 53.14 35.31
N TRP F 452 -51.73 51.86 35.49
CA TRP F 452 -50.93 51.15 34.50
C TRP F 452 -51.26 49.67 34.54
N HIS F 453 -50.80 48.95 33.53
CA HIS F 453 -51.05 47.52 33.38
C HIS F 453 -49.77 46.74 33.70
N VAL F 454 -49.81 45.89 34.73
CA VAL F 454 -48.63 45.11 35.06
C VAL F 454 -48.76 43.65 34.71
N GLN F 455 -47.64 43.09 34.28
CA GLN F 455 -47.57 41.68 33.95
C GLN F 455 -46.34 41.13 34.62
N ILE F 456 -46.56 40.11 35.45
CA ILE F 456 -45.48 39.44 36.15
C ILE F 456 -45.52 38.02 35.64
N HIS F 457 -44.66 37.70 34.70
CA HIS F 457 -44.78 36.45 33.95
C HIS F 457 -43.42 36.06 33.36
N ARG F 458 -43.43 35.21 32.33
CA ARG F 458 -42.26 34.97 31.46
C ARG F 458 -42.64 35.04 29.98
N ASP F 459 -42.27 36.13 29.29
CA ASP F 459 -42.59 36.27 27.87
C ASP F 459 -41.62 35.55 26.97
N ALA F 460 -42.12 35.06 25.83
CA ALA F 460 -41.26 34.46 24.82
C ALA F 460 -40.47 35.51 24.08
N PHE F 461 -40.90 36.77 24.22
CA PHE F 461 -40.19 37.91 23.65
C PHE F 461 -39.16 38.42 24.66
N SER F 462 -38.01 37.75 24.74
CA SER F 462 -36.90 38.19 25.57
C SER F 462 -36.12 39.34 24.92
N TYR F 463 -35.71 40.31 25.74
CA TYR F 463 -34.99 41.47 25.26
C TYR F 463 -33.49 41.32 25.47
N GLY F 464 -32.81 40.80 24.47
CA GLY F 464 -31.39 40.54 24.61
C GLY F 464 -31.04 39.15 25.11
N ALA F 465 -29.74 38.94 25.31
CA ALA F 465 -29.14 37.63 25.55
C ALA F 465 -29.77 36.83 26.69
N VAL F 466 -29.91 35.54 26.46
CA VAL F 466 -30.48 34.63 27.45
C VAL F 466 -29.45 34.27 28.52
N ALA F 467 -29.91 34.12 29.77
CA ALA F 467 -29.05 33.75 30.90
C ALA F 467 -28.45 32.36 30.71
N GLU F 468 -27.12 32.28 30.81
CA GLU F 468 -26.42 31.02 30.62
C GLU F 468 -26.10 30.40 31.97
N ASN F 469 -26.02 31.24 32.99
CA ASN F 469 -25.64 30.77 34.31
C ASN F 469 -26.76 30.70 35.33
N MET F 470 -27.85 31.42 35.09
CA MET F 470 -28.99 31.40 36.01
C MET F 470 -30.09 30.41 35.53
N ASP F 471 -30.67 29.67 36.47
CA ASP F 471 -31.71 28.68 36.12
C ASP F 471 -33.01 29.35 35.70
N THR F 472 -33.58 28.90 34.59
CA THR F 472 -34.81 29.49 34.08
C THR F 472 -35.98 29.42 35.09
N ARG F 473 -35.97 28.39 35.93
CA ARG F 473 -37.08 28.18 36.87
C ARG F 473 -37.25 29.29 37.88
N VAL F 474 -36.20 30.03 38.19
CA VAL F 474 -36.35 31.04 39.24
C VAL F 474 -36.37 32.46 38.70
N ILE F 475 -36.52 32.59 37.40
CA ILE F 475 -36.54 33.90 36.76
C ILE F 475 -37.97 34.34 36.52
N VAL F 476 -38.25 35.60 36.81
CA VAL F 476 -39.56 36.18 36.62
C VAL F 476 -39.43 37.53 35.90
N ASP F 477 -40.14 37.70 34.78
CA ASP F 477 -40.17 38.99 34.10
C ASP F 477 -41.19 39.93 34.74
N TYR F 478 -40.97 41.22 34.53
CA TYR F 478 -41.91 42.26 34.87
C TYR F 478 -42.04 43.15 33.65
N ARG F 479 -43.27 43.50 33.31
CA ARG F 479 -43.53 44.45 32.25
C ARG F 479 -44.68 45.35 32.68
N PHE F 480 -44.36 46.63 32.87
CA PHE F 480 -45.36 47.61 33.25
C PHE F 480 -45.64 48.54 32.06
N PHE F 481 -46.88 48.59 31.63
CA PHE F 481 -47.26 49.42 30.50
C PHE F 481 -48.07 50.59 31.04
N GLY F 482 -47.73 51.80 30.62
CA GLY F 482 -48.55 52.96 30.95
C GLY F 482 -49.37 53.44 29.77
N TYR F 483 -50.08 54.53 29.97
CA TYR F 483 -50.87 55.09 28.88
C TYR F 483 -50.42 56.52 28.54
N THR F 484 -50.70 56.91 27.29
CA THR F 484 -50.51 58.29 26.84
C THR F 484 -51.84 58.93 26.48
N GLU F 485 -51.98 60.19 26.86
CA GLU F 485 -53.17 60.99 26.56
C GLU F 485 -53.38 61.13 25.05
N PRO F 486 -54.66 61.13 24.60
CA PRO F 486 -54.87 61.46 23.19
C PRO F 486 -54.60 62.96 22.96
N GLN F 487 -53.92 63.27 21.87
CA GLN F 487 -53.53 64.64 21.54
C GLN F 487 -53.48 64.76 20.03
N GLU F 488 -54.12 65.80 19.50
CA GLU F 488 -54.25 66.02 18.05
C GLU F 488 -52.91 66.16 17.36
N ALA F 489 -51.95 66.72 18.09
CA ALA F 489 -50.61 66.97 17.56
C ALA F 489 -49.79 65.69 17.37
N ASN F 490 -50.06 64.67 18.17
CA ASN F 490 -49.36 63.40 18.03
C ASN F 490 -49.95 62.64 16.89
N GLU F 491 -49.12 62.33 15.90
CA GLU F 491 -49.71 61.85 14.66
C GLU F 491 -48.84 60.92 13.86
N LEU F 492 -49.49 60.07 13.08
CA LEU F 492 -48.82 59.24 12.11
C LEU F 492 -49.17 59.81 10.74
N VAL F 493 -48.16 60.13 9.94
CA VAL F 493 -48.41 60.63 8.60
C VAL F 493 -47.70 59.78 7.56
N PHE F 494 -47.99 60.04 6.29
CA PHE F 494 -47.36 59.27 5.22
C PHE F 494 -46.72 60.13 4.13
N GLN F 495 -45.63 59.62 3.55
CA GLN F 495 -44.82 60.37 2.60
C GLN F 495 -45.28 60.25 1.15
N GLN F 496 -45.41 61.39 0.48
CA GLN F 496 -45.74 61.39 -0.95
C GLN F 496 -44.61 60.80 -1.81
N HIS F 497 -43.38 60.83 -1.29
CA HIS F 497 -42.20 60.54 -2.11
C HIS F 497 -41.26 59.45 -1.61
N TYR F 498 -41.58 58.82 -0.49
CA TYR F 498 -40.81 57.66 -0.03
C TYR F 498 -41.77 56.50 0.21
N ARG F 499 -41.39 55.30 -0.21
CA ARG F 499 -42.27 54.15 -0.02
C ARG F 499 -41.59 53.03 0.75
N ASP F 500 -42.39 52.14 1.32
CA ASP F 500 -41.83 51.00 2.00
C ASP F 500 -41.57 49.86 1.03
N ALA F 501 -41.16 48.70 1.53
CA ALA F 501 -40.69 47.62 0.66
C ALA F 501 -41.83 46.97 -0.13
N TYR F 502 -43.06 47.22 0.32
CA TYR F 502 -44.24 46.74 -0.39
C TYR F 502 -44.88 47.90 -1.14
N ASP F 503 -44.07 48.92 -1.42
CA ASP F 503 -44.43 49.96 -2.37
C ASP F 503 -45.60 50.83 -1.84
N MET F 504 -45.73 50.90 -0.53
CA MET F 504 -46.83 51.63 0.09
C MET F 504 -46.24 52.85 0.74
N PRO F 505 -47.00 53.94 0.82
CA PRO F 505 -46.54 55.20 1.43
C PRO F 505 -45.78 54.98 2.75
N GLN F 506 -44.59 55.57 2.86
CA GLN F 506 -43.74 55.37 4.03
C GLN F 506 -44.29 56.07 5.28
N PRO F 507 -44.49 55.31 6.36
CA PRO F 507 -45.00 55.93 7.60
C PRO F 507 -43.97 56.79 8.32
N THR F 508 -44.45 57.89 8.89
CA THR F 508 -43.63 58.77 9.72
C THR F 508 -44.39 59.06 11.01
N PHE F 509 -43.70 58.95 12.14
CA PHE F 509 -44.29 59.28 13.43
C PHE F 509 -43.92 60.67 13.94
N LYS F 510 -44.86 61.28 14.66
CA LYS F 510 -44.59 62.50 15.42
C LYS F 510 -45.22 62.32 16.79
N PHE F 511 -44.41 61.90 17.75
CA PHE F 511 -44.89 61.58 19.09
C PHE F 511 -44.08 62.28 20.17
N THR F 512 -44.78 62.91 21.11
CA THR F 512 -44.13 63.61 22.22
C THR F 512 -45.12 63.47 23.37
N MET F 513 -44.79 62.64 24.35
CA MET F 513 -45.66 62.40 25.49
C MET F 513 -45.99 63.72 26.20
N SER F 514 -47.09 63.72 26.95
CA SER F 514 -47.48 64.89 27.71
C SER F 514 -46.75 64.87 29.03
N GLN F 515 -46.76 65.99 29.72
CA GLN F 515 -46.02 66.10 30.97
C GLN F 515 -46.60 65.14 32.00
N ASP F 516 -47.91 64.97 31.99
CA ASP F 516 -48.59 64.07 32.93
C ASP F 516 -48.36 62.60 32.62
N ASP F 517 -48.38 62.26 31.32
CA ASP F 517 -47.88 60.98 30.85
C ASP F 517 -46.54 60.66 31.49
N ARG F 518 -45.61 61.61 31.39
CA ARG F 518 -44.30 61.49 32.00
C ARG F 518 -44.42 61.26 33.50
N ALA F 519 -45.24 62.06 34.15
CA ALA F 519 -45.42 61.95 35.60
C ALA F 519 -45.87 60.56 36.00
N ARG F 520 -46.69 59.94 35.17
CA ARG F 520 -47.20 58.62 35.46
C ARG F 520 -46.14 57.60 35.14
N ALA F 521 -45.29 57.93 34.19
CA ALA F 521 -44.23 57.02 33.80
C ALA F 521 -43.28 56.84 34.95
N ARG F 522 -42.93 57.94 35.61
CA ARG F 522 -42.01 57.87 36.73
C ARG F 522 -42.69 57.09 37.85
N ARG F 523 -43.97 57.37 38.09
CA ARG F 523 -44.72 56.63 39.11
C ARG F 523 -44.65 55.14 38.80
N MET F 524 -44.90 54.81 37.54
CA MET F 524 -44.93 53.43 37.11
C MET F 524 -43.59 52.71 37.35
N MET F 525 -42.49 53.39 37.05
CA MET F 525 -41.15 52.82 37.23
C MET F 525 -40.88 52.53 38.70
N ASP F 526 -41.14 53.54 39.54
CA ASP F 526 -40.95 53.38 40.97
C ASP F 526 -41.82 52.26 41.53
N ASP F 527 -42.98 52.05 40.91
CA ASP F 527 -43.87 51.00 41.37
C ASP F 527 -43.30 49.62 41.05
N MET F 528 -42.74 49.48 39.83
CA MET F 528 -42.10 48.23 39.41
C MET F 528 -40.94 47.84 40.31
N CYS F 529 -40.14 48.83 40.69
CA CYS F 529 -38.98 48.57 41.53
C CYS F 529 -39.48 48.04 42.87
N ASN F 530 -40.41 48.77 43.47
CA ASN F 530 -40.95 48.37 44.76
C ASN F 530 -41.53 46.96 44.71
N ILE F 531 -42.36 46.71 43.71
CA ILE F 531 -43.06 45.45 43.60
C ILE F 531 -42.10 44.29 43.33
N ALA F 532 -41.23 44.46 42.34
CA ALA F 532 -40.30 43.40 41.97
C ALA F 532 -39.49 42.91 43.18
N LEU F 533 -39.05 43.84 44.02
CA LEU F 533 -38.16 43.51 45.12
C LEU F 533 -38.82 42.82 46.31
N LYS F 534 -40.11 42.54 46.22
CA LYS F 534 -40.74 41.86 47.33
C LYS F 534 -40.42 40.35 47.31
N ILE F 535 -40.18 39.81 46.12
CA ILE F 535 -39.95 38.38 46.01
C ILE F 535 -38.63 37.95 45.38
N GLY F 536 -37.89 38.90 44.79
CA GLY F 536 -36.66 38.59 44.10
C GLY F 536 -35.66 39.72 43.98
N GLY F 537 -34.50 39.43 43.37
CA GLY F 537 -33.47 40.44 43.16
C GLY F 537 -33.10 40.57 41.70
N TYR F 538 -32.92 41.81 41.23
CA TYR F 538 -32.62 42.06 39.80
C TYR F 538 -31.55 41.12 39.28
N LEU F 539 -31.87 40.44 38.19
CA LEU F 539 -30.90 39.65 37.46
C LEU F 539 -30.02 40.61 36.62
N PRO F 540 -28.68 40.50 36.78
CA PRO F 540 -27.75 41.38 36.04
C PRO F 540 -28.05 41.42 34.54
N GLY F 541 -28.19 42.62 34.00
CA GLY F 541 -28.52 42.77 32.60
C GLY F 541 -29.99 43.10 32.41
N SER F 542 -30.80 42.71 33.39
CA SER F 542 -32.24 42.97 33.30
C SER F 542 -32.70 43.88 34.40
N GLU F 543 -31.89 44.88 34.76
CA GLU F 543 -32.21 45.80 35.84
C GLU F 543 -33.32 46.72 35.35
N PRO F 544 -34.02 47.39 36.28
CA PRO F 544 -35.13 48.26 35.83
C PRO F 544 -34.72 49.25 34.72
N GLN F 545 -35.52 49.31 33.66
CA GLN F 545 -35.21 50.15 32.52
C GLN F 545 -36.51 50.44 31.77
N PHE F 546 -36.50 51.52 30.98
CA PHE F 546 -37.57 51.78 30.03
C PHE F 546 -37.23 51.10 28.73
N MET F 547 -38.25 50.75 27.95
CA MET F 547 -38.01 50.08 26.69
C MET F 547 -38.15 51.09 25.55
N THR F 548 -37.64 50.75 24.37
CA THR F 548 -37.67 51.66 23.23
C THR F 548 -39.13 51.95 22.86
N PRO F 549 -39.48 53.25 22.74
CA PRO F 549 -40.89 53.60 22.48
C PRO F 549 -41.39 52.86 21.26
N GLY F 550 -42.61 52.33 21.35
CA GLY F 550 -43.16 51.53 20.27
C GLY F 550 -43.07 50.04 20.47
N LEU F 551 -42.15 49.57 21.33
CA LEU F 551 -41.93 48.13 21.53
C LEU F 551 -43.19 47.33 21.91
N ALA F 552 -44.10 47.95 22.65
CA ALA F 552 -45.31 47.27 23.12
C ALA F 552 -46.22 46.89 21.96
N LEU F 553 -46.08 47.58 20.84
CA LEU F 553 -46.91 47.38 19.65
C LEU F 553 -48.40 47.60 19.94
N HIS F 554 -48.69 48.55 20.84
CA HIS F 554 -50.06 48.82 21.25
C HIS F 554 -50.57 50.14 20.68
N LEU F 555 -49.97 50.51 19.54
CA LEU F 555 -50.37 51.70 18.81
C LEU F 555 -51.87 51.69 18.54
N ALA F 556 -52.50 52.84 18.78
CA ALA F 556 -53.92 53.00 18.64
C ALA F 556 -54.22 54.44 18.22
N GLY F 557 -55.46 54.69 17.83
CA GLY F 557 -55.88 56.04 17.50
C GLY F 557 -55.50 56.48 16.10
N THR F 558 -55.18 55.51 15.25
CA THR F 558 -54.80 55.86 13.89
C THR F 558 -56.02 56.03 13.01
N THR F 559 -57.08 55.33 13.37
CA THR F 559 -58.38 55.51 12.72
C THR F 559 -59.46 55.64 13.78
N ARG F 560 -59.23 56.50 14.76
CA ARG F 560 -60.01 56.44 15.99
C ARG F 560 -61.50 56.58 15.75
N CYS F 561 -62.26 55.68 16.38
CA CYS F 561 -63.69 55.62 16.25
C CYS F 561 -64.32 55.97 17.59
N GLY F 562 -65.54 56.52 17.55
CA GLY F 562 -66.22 56.92 18.77
C GLY F 562 -67.32 57.93 18.51
N LEU F 563 -67.77 58.55 19.59
CA LEU F 563 -68.88 59.48 19.52
C LEU F 563 -68.67 60.78 18.80
N ASP F 564 -67.57 61.45 19.07
CA ASP F 564 -67.37 62.81 18.67
C ASP F 564 -66.89 62.81 17.28
N THR F 565 -67.80 63.05 16.38
CA THR F 565 -67.63 62.85 14.97
C THR F 565 -66.52 63.73 14.43
N GLN F 566 -66.48 64.92 14.96
CA GLN F 566 -65.50 65.92 14.56
C GLN F 566 -64.06 65.48 14.80
N LYS F 567 -63.85 64.77 15.89
CA LYS F 567 -62.50 64.37 16.27
C LYS F 567 -62.25 62.89 16.07
N THR F 568 -63.06 62.24 15.23
CA THR F 568 -62.88 60.83 14.97
C THR F 568 -62.91 60.50 13.48
N VAL F 569 -62.34 59.37 13.12
CA VAL F 569 -62.37 58.94 11.73
C VAL F 569 -63.69 58.24 11.43
N GLY F 570 -64.30 57.68 12.46
CA GLY F 570 -65.55 56.96 12.25
C GLY F 570 -66.44 56.92 13.48
N ASN F 571 -67.65 56.39 13.31
CA ASN F 571 -68.59 56.30 14.43
C ASN F 571 -68.37 55.06 15.29
N THR F 572 -69.31 54.79 16.19
CA THR F 572 -69.14 53.76 17.20
C THR F 572 -69.37 52.35 16.65
N HIS F 573 -69.82 52.28 15.41
CA HIS F 573 -69.83 51.01 14.67
C HIS F 573 -68.70 51.04 13.63
N CYS F 574 -67.74 51.93 13.82
CA CYS F 574 -66.51 51.98 13.01
C CYS F 574 -66.77 52.21 11.53
N LYS F 575 -67.87 52.89 11.23
CA LYS F 575 -68.08 53.36 9.88
C LYS F 575 -67.37 54.70 9.73
N VAL F 576 -66.53 54.79 8.71
CA VAL F 576 -65.79 55.99 8.39
C VAL F 576 -66.79 57.09 8.01
N HIS F 577 -66.66 58.28 8.57
CA HIS F 577 -67.62 59.34 8.29
C HIS F 577 -67.77 59.63 6.80
N ASN F 578 -69.00 59.94 6.40
CA ASN F 578 -69.38 60.27 5.02
C ASN F 578 -69.34 59.11 4.02
N PHE F 579 -68.87 57.96 4.46
CA PHE F 579 -68.80 56.78 3.60
C PHE F 579 -69.82 55.72 4.04
N ASN F 580 -70.78 55.43 3.18
CA ASN F 580 -71.83 54.46 3.49
C ASN F 580 -71.28 53.07 3.73
N ASN F 581 -70.27 52.71 2.96
CA ASN F 581 -69.84 51.33 2.85
C ASN F 581 -68.38 51.06 3.26
N LEU F 582 -67.88 51.81 4.23
CA LEU F 582 -66.48 51.70 4.61
C LEU F 582 -66.32 51.60 6.11
N TYR F 583 -65.72 50.50 6.55
CA TYR F 583 -65.47 50.25 7.95
C TYR F 583 -64.00 49.95 8.19
N VAL F 584 -63.54 50.25 9.39
CA VAL F 584 -62.16 50.01 9.77
C VAL F 584 -62.11 49.13 11.02
N GLY F 585 -61.16 48.22 11.07
CA GLY F 585 -61.02 47.35 12.23
C GLY F 585 -59.63 47.47 12.79
N GLY F 586 -59.50 47.25 14.09
CA GLY F 586 -58.19 47.12 14.69
C GLY F 586 -57.89 48.08 15.81
N ASN F 587 -56.67 48.02 16.34
CA ASN F 587 -56.27 48.88 17.45
C ASN F 587 -56.34 50.35 17.08
N GLY F 588 -56.28 50.67 15.79
CA GLY F 588 -56.42 52.04 15.32
C GLY F 588 -57.73 52.72 15.68
N VAL F 589 -58.79 51.95 16.01
CA VAL F 589 -60.11 52.54 16.28
C VAL F 589 -60.25 53.06 17.70
N ILE F 590 -59.44 52.51 18.61
CA ILE F 590 -59.49 52.87 20.01
C ILE F 590 -59.09 54.33 20.20
N GLU F 591 -60.00 55.11 20.79
CA GLU F 591 -59.85 56.57 20.88
C GLU F 591 -59.29 57.03 22.22
N THR F 592 -59.20 56.10 23.17
CA THR F 592 -58.79 56.45 24.52
C THR F 592 -57.30 56.27 24.70
N GLY F 593 -56.79 56.82 25.80
CA GLY F 593 -55.48 56.44 26.30
C GLY F 593 -55.62 55.24 27.25
N PHE F 594 -55.06 54.11 26.83
CA PHE F 594 -55.15 52.87 27.60
C PHE F 594 -53.77 52.21 27.77
N ALA F 595 -53.62 51.45 28.86
CA ALA F 595 -52.36 50.77 29.17
C ALA F 595 -52.41 49.26 28.92
N ALA F 596 -53.59 48.65 29.04
CA ALA F 596 -53.71 47.20 28.87
C ALA F 596 -53.53 46.78 27.42
N ASN F 597 -53.57 45.46 27.17
CA ASN F 597 -53.42 44.93 25.81
C ASN F 597 -54.75 45.01 25.04
N PRO F 598 -54.70 45.58 23.82
CA PRO F 598 -55.92 46.05 23.16
C PRO F 598 -56.72 45.03 22.33
N THR F 599 -56.15 43.86 22.06
CA THR F 599 -56.77 42.94 21.09
C THR F 599 -58.23 42.56 21.37
N LEU F 600 -58.52 42.18 22.61
CA LEU F 600 -59.86 41.72 22.96
C LEU F 600 -60.86 42.82 22.66
N THR F 601 -60.50 44.00 23.11
CA THR F 601 -61.27 45.20 22.89
C THR F 601 -61.49 45.48 21.42
N SER F 602 -60.45 45.32 20.62
CA SER F 602 -60.58 45.56 19.19
C SER F 602 -61.51 44.53 18.57
N ILE F 603 -61.53 43.33 19.15
CA ILE F 603 -62.41 42.27 18.68
C ILE F 603 -63.85 42.66 18.94
N CYS F 604 -64.07 43.32 20.07
CA CYS F 604 -65.37 43.89 20.38
C CYS F 604 -65.78 44.81 19.25
N TYR F 605 -64.89 45.74 18.91
CA TYR F 605 -65.18 46.73 17.89
C TYR F 605 -65.41 46.06 16.54
N ALA F 606 -64.75 44.94 16.32
CA ALA F 606 -64.96 44.23 15.08
C ALA F 606 -66.37 43.66 15.08
N ILE F 607 -66.78 43.09 16.21
CA ILE F 607 -68.09 42.47 16.33
C ILE F 607 -69.20 43.50 16.13
N ARG F 608 -69.06 44.63 16.81
CA ARG F 608 -70.00 45.73 16.70
C ARG F 608 -70.05 46.30 15.30
N ALA F 609 -68.91 46.51 14.67
CA ALA F 609 -68.89 47.01 13.30
C ALA F 609 -69.51 45.97 12.37
N SER F 610 -69.26 44.70 12.65
CA SER F 610 -69.79 43.64 11.81
C SER F 610 -71.30 43.53 11.95
N ASN F 611 -71.82 43.76 13.15
CA ASN F 611 -73.26 43.65 13.33
C ASN F 611 -73.97 44.76 12.57
N ASP F 612 -73.38 45.95 12.57
CA ASP F 612 -73.87 47.02 11.74
C ASP F 612 -73.83 46.60 10.26
N ILE F 613 -72.76 45.94 9.85
CA ILE F 613 -72.63 45.50 8.46
C ILE F 613 -73.70 44.48 8.07
N ILE F 614 -73.95 43.51 8.94
CA ILE F 614 -74.90 42.44 8.65
C ILE F 614 -76.32 43.01 8.52
N ALA F 615 -76.63 44.00 9.35
CA ALA F 615 -77.92 44.69 9.28
C ALA F 615 -78.09 45.46 7.95
N LYS F 616 -77.09 46.20 7.53
CA LYS F 616 -77.27 47.10 6.40
C LYS F 616 -77.08 46.44 5.05
N PHE F 617 -76.68 45.17 5.03
CA PHE F 617 -76.30 44.56 3.76
C PHE F 617 -76.71 43.09 3.57
N GLY F 618 -77.39 42.52 4.57
CA GLY F 618 -77.87 41.14 4.47
C GLY F 618 -78.91 40.94 3.37
N MET G 2 4.34 70.28 43.45
CA MET G 2 5.79 70.19 43.38
C MET G 2 6.43 71.37 42.68
N PHE G 3 7.21 72.17 43.42
CA PHE G 3 7.94 73.29 42.82
C PHE G 3 9.44 72.96 42.71
N LEU G 4 9.86 72.59 41.51
CA LEU G 4 11.25 72.18 41.25
C LEU G 4 12.31 73.07 41.88
N ASP G 5 13.41 72.45 42.26
CA ASP G 5 14.50 73.13 42.98
C ASP G 5 15.55 73.76 42.05
N THR G 6 15.09 74.57 41.11
CA THR G 6 15.97 75.19 40.13
C THR G 6 16.40 76.59 40.56
N THR G 7 16.95 77.34 39.62
CA THR G 7 17.33 78.72 39.88
C THR G 7 16.08 79.59 39.78
N PRO G 8 15.79 80.37 40.83
CA PRO G 8 14.61 81.24 40.87
C PRO G 8 14.52 82.16 39.64
N PHE G 9 13.29 82.52 39.26
CA PHE G 9 13.05 83.35 38.07
C PHE G 9 13.53 84.81 38.27
N ARG G 10 14.76 85.08 37.85
CA ARG G 10 15.28 86.44 37.82
C ARG G 10 14.67 87.15 36.60
N ALA G 11 13.47 87.68 36.77
CA ALA G 11 12.74 88.32 35.68
C ALA G 11 13.28 89.71 35.30
N ASP G 12 14.35 90.14 35.96
CA ASP G 12 15.00 91.40 35.61
C ASP G 12 16.11 91.19 34.58
N GLU G 13 16.99 90.22 34.86
CA GLU G 13 18.07 89.87 33.94
C GLU G 13 17.49 88.91 32.90
N PRO G 14 17.71 89.22 31.61
CA PRO G 14 17.21 88.37 30.52
C PRO G 14 17.94 87.02 30.45
N TYR G 15 17.20 85.95 30.19
CA TYR G 15 17.79 84.63 29.98
C TYR G 15 18.39 84.55 28.61
N ASP G 16 19.25 83.56 28.39
CA ASP G 16 19.80 83.34 27.07
C ASP G 16 18.77 82.61 26.20
N VAL G 17 18.38 81.40 26.61
CA VAL G 17 17.32 80.68 25.91
C VAL G 17 16.07 80.46 26.74
N PHE G 18 14.92 80.75 26.14
CA PHE G 18 13.64 80.40 26.71
C PHE G 18 13.12 79.17 25.99
N ILE G 19 12.58 78.21 26.74
CA ILE G 19 12.07 77.01 26.12
C ILE G 19 10.66 76.68 26.60
N ALA G 20 9.72 76.71 25.68
CA ALA G 20 8.37 76.27 25.99
C ALA G 20 8.34 74.78 25.70
N GLY G 21 7.91 74.01 26.69
CA GLY G 21 7.86 72.57 26.56
C GLY G 21 9.00 71.86 27.26
N SER G 22 8.65 70.87 28.10
CA SER G 22 9.67 70.12 28.84
C SER G 22 9.74 68.67 28.37
N GLY G 23 9.34 68.43 27.13
CA GLY G 23 9.50 67.11 26.55
C GLY G 23 10.97 66.84 26.35
N PRO G 24 11.32 65.63 25.92
CA PRO G 24 12.72 65.24 25.70
C PRO G 24 13.44 66.17 24.72
N ILE G 25 12.74 66.62 23.68
CA ILE G 25 13.31 67.60 22.76
C ILE G 25 13.64 68.87 23.52
N GLY G 26 12.66 69.40 24.25
CA GLY G 26 12.87 70.62 25.00
C GLY G 26 14.04 70.46 25.96
N ALA G 27 14.07 69.29 26.59
CA ALA G 27 15.12 68.90 27.52
C ALA G 27 16.46 68.86 26.83
N THR G 28 16.45 68.43 25.57
CA THR G 28 17.68 68.38 24.78
C THR G 28 18.27 69.77 24.58
N PHE G 29 17.47 70.66 23.99
CA PHE G 29 17.82 72.06 23.83
C PHE G 29 18.38 72.53 25.15
N ALA G 30 17.57 72.40 26.18
CA ALA G 30 17.93 72.86 27.51
C ALA G 30 19.25 72.29 27.97
N LYS G 31 19.43 70.97 27.83
CA LYS G 31 20.68 70.34 28.25
C LYS G 31 21.89 70.92 27.52
N LEU G 32 21.87 70.88 26.20
CA LEU G 32 23.01 71.27 25.39
C LEU G 32 23.40 72.73 25.56
N CYS G 33 22.41 73.61 25.63
CA CYS G 33 22.67 75.05 25.80
C CYS G 33 23.29 75.37 27.17
N VAL G 34 22.95 74.60 28.19
CA VAL G 34 23.52 74.77 29.52
C VAL G 34 24.94 74.16 29.59
N ASP G 35 25.17 73.16 28.74
CA ASP G 35 26.48 72.51 28.69
C ASP G 35 27.53 73.49 28.13
N ALA G 36 27.04 74.62 27.60
CA ALA G 36 27.88 75.65 27.02
C ALA G 36 27.65 77.00 27.69
N ASN G 37 27.28 76.98 28.97
CA ASN G 37 27.25 78.17 29.83
C ASN G 37 26.18 79.24 29.59
N LEU G 38 25.00 78.83 29.14
CA LEU G 38 23.94 79.79 28.81
C LEU G 38 22.72 79.68 29.72
N ARG G 39 22.26 80.80 30.29
CA ARG G 39 21.12 80.81 31.20
C ARG G 39 19.84 80.41 30.49
N VAL G 40 19.26 79.28 30.88
CA VAL G 40 18.05 78.78 30.22
C VAL G 40 16.82 78.79 31.12
N CYS G 41 15.81 79.56 30.76
CA CYS G 41 14.53 79.46 31.44
C CYS G 41 13.56 78.59 30.65
N MET G 42 13.18 77.46 31.24
CA MET G 42 12.25 76.54 30.63
C MET G 42 10.90 76.54 31.35
N VAL G 43 9.82 76.51 30.57
CA VAL G 43 8.48 76.41 31.15
C VAL G 43 7.71 75.18 30.66
N GLU G 44 6.95 74.58 31.56
CA GLU G 44 6.16 73.41 31.23
C GLU G 44 4.74 73.61 31.74
N ILE G 45 3.76 73.44 30.86
CA ILE G 45 2.35 73.68 31.23
C ILE G 45 1.86 72.64 32.23
N GLY G 46 2.47 71.45 32.20
CA GLY G 46 2.11 70.37 33.11
C GLY G 46 2.86 70.35 34.43
N ALA G 47 2.58 69.34 35.25
CA ALA G 47 3.20 69.25 36.57
C ALA G 47 4.39 68.30 36.57
N ALA G 48 5.19 68.38 37.62
CA ALA G 48 6.27 67.44 37.81
C ALA G 48 5.73 66.26 38.59
N ASP G 49 5.57 65.12 37.93
CA ASP G 49 4.84 64.02 38.54
C ASP G 49 5.63 62.72 38.59
N SER G 50 6.71 62.64 37.85
CA SER G 50 7.47 61.42 37.84
C SER G 50 8.91 61.69 38.17
N PHE G 51 9.36 61.19 39.32
CA PHE G 51 10.72 61.42 39.77
C PHE G 51 11.52 60.15 39.95
N THR G 52 12.82 60.28 39.75
CA THR G 52 13.77 59.34 40.32
C THR G 52 14.70 60.25 41.13
N SER G 53 15.61 59.67 41.88
CA SER G 53 16.54 60.47 42.67
C SER G 53 17.97 60.00 42.45
N LYS G 54 18.87 60.95 42.17
CA LYS G 54 20.31 60.68 42.04
C LYS G 54 21.12 61.62 42.95
N PRO G 55 22.26 61.16 43.46
CA PRO G 55 23.05 61.99 44.38
C PRO G 55 23.69 63.22 43.74
N MET G 56 23.86 64.28 44.52
CA MET G 56 24.45 65.54 44.05
C MET G 56 25.92 65.33 43.60
N LYS G 57 26.49 66.33 42.92
CA LYS G 57 27.91 66.29 42.55
C LYS G 57 28.83 66.77 43.68
N GLY G 71 21.04 63.99 51.19
CA GLY G 71 21.92 64.70 50.31
C GLY G 71 21.80 64.27 48.86
N GLN G 72 20.59 63.95 48.43
CA GLN G 72 20.33 63.55 47.05
C GLN G 72 19.44 64.57 46.32
N VAL G 73 19.18 64.32 45.04
CA VAL G 73 18.40 65.24 44.21
C VAL G 73 17.32 64.53 43.38
N PRO G 74 16.07 65.00 43.50
CA PRO G 74 15.02 64.44 42.64
C PRO G 74 15.20 64.86 41.17
N ILE G 75 15.06 63.90 40.26
CA ILE G 75 15.11 64.21 38.83
C ILE G 75 13.75 63.90 38.19
N PRO G 76 13.04 64.95 37.73
CA PRO G 76 11.69 64.79 37.18
C PRO G 76 11.73 64.26 35.76
N GLY G 77 10.58 63.86 35.22
CA GLY G 77 10.52 63.37 33.86
C GLY G 77 11.07 61.97 33.79
N TYR G 78 11.00 61.27 34.92
CA TYR G 78 11.38 59.86 35.01
C TYR G 78 10.29 59.02 34.35
N HIS G 79 10.66 57.88 33.78
CA HIS G 79 9.68 57.04 33.11
C HIS G 79 8.82 56.31 34.15
N LYS G 80 7.50 56.35 33.93
CA LYS G 80 6.53 55.85 34.91
C LYS G 80 6.50 54.34 34.95
N LYS G 81 6.94 53.72 33.87
CA LYS G 81 7.03 52.26 33.78
C LYS G 81 8.20 51.74 34.62
N ASN G 82 9.07 52.62 35.09
CA ASN G 82 10.21 52.14 35.86
C ASN G 82 9.85 51.85 37.30
N GLU G 83 8.76 52.45 37.77
CA GLU G 83 8.25 52.16 39.11
C GLU G 83 8.02 50.67 39.16
N ILE G 84 8.27 50.08 40.32
CA ILE G 84 8.31 48.63 40.46
C ILE G 84 6.97 47.89 40.23
N GLU G 85 5.87 48.48 40.70
CA GLU G 85 4.52 47.94 40.43
C GLU G 85 4.32 47.49 38.98
N TYR G 86 4.78 48.31 38.04
CA TYR G 86 4.63 48.01 36.61
C TYR G 86 5.70 47.05 36.06
N GLN G 87 6.75 46.78 36.83
CA GLN G 87 7.73 45.77 36.41
C GLN G 87 7.19 44.35 36.67
N LYS G 88 6.41 44.19 37.74
CA LYS G 88 5.73 42.93 38.02
C LYS G 88 4.41 42.84 37.26
N ASP G 89 3.62 43.91 37.31
CA ASP G 89 2.29 43.97 36.67
C ASP G 89 2.29 44.87 35.43
N ILE G 90 2.85 44.37 34.33
CA ILE G 90 3.02 45.18 33.13
C ILE G 90 1.69 45.51 32.46
N ASP G 91 0.73 44.59 32.59
CA ASP G 91 -0.58 44.77 31.94
C ASP G 91 -1.37 45.95 32.51
N ARG G 92 -0.94 46.45 33.66
CA ARG G 92 -1.65 47.53 34.34
C ARG G 92 -1.16 48.90 33.88
N PHE G 93 -0.07 48.93 33.13
CA PHE G 93 0.46 50.22 32.69
C PHE G 93 -0.46 50.98 31.75
N VAL G 94 -1.23 50.27 30.94
CA VAL G 94 -2.15 50.89 29.98
C VAL G 94 -3.03 51.96 30.62
N ASN G 95 -3.33 51.80 31.92
CA ASN G 95 -4.12 52.79 32.64
C ASN G 95 -3.39 54.11 32.78
N VAL G 96 -2.09 54.05 33.09
CA VAL G 96 -1.28 55.24 33.18
C VAL G 96 -1.33 55.98 31.86
N ILE G 97 -1.07 55.24 30.79
CA ILE G 97 -1.13 55.77 29.44
C ILE G 97 -2.49 56.41 29.22
N LYS G 98 -3.57 55.67 29.50
CA LYS G 98 -4.90 56.19 29.28
C LYS G 98 -5.20 57.41 30.17
N GLY G 99 -4.61 57.46 31.35
CA GLY G 99 -4.80 58.60 32.22
C GLY G 99 -3.96 59.79 31.79
N ALA G 100 -2.98 59.54 30.93
CA ALA G 100 -2.05 60.60 30.52
C ALA G 100 -2.50 61.32 29.24
N LEU G 101 -3.19 60.60 28.36
CA LEU G 101 -3.60 61.14 27.08
C LEU G 101 -4.85 62.00 27.09
N SER G 102 -4.81 63.15 26.40
CA SER G 102 -6.00 64.00 26.20
C SER G 102 -6.24 64.33 24.72
N THR G 103 -7.29 63.71 24.18
CA THR G 103 -7.64 63.81 22.77
C THR G 103 -7.74 65.26 22.29
N CYS G 104 -7.16 65.51 21.13
CA CYS G 104 -7.01 66.86 20.64
C CYS G 104 -8.31 67.48 20.13
N SER G 105 -9.00 66.75 19.27
CA SER G 105 -10.21 67.28 18.64
C SER G 105 -11.33 66.24 18.64
N ILE G 106 -12.33 66.45 19.49
CA ILE G 106 -13.49 65.57 19.54
C ILE G 106 -14.72 66.25 18.95
N PRO G 107 -15.23 65.71 17.83
CA PRO G 107 -16.37 66.33 17.16
C PRO G 107 -17.67 66.22 17.99
N THR G 108 -18.47 67.27 17.97
CA THR G 108 -19.72 67.31 18.69
C THR G 108 -20.68 66.34 18.08
N SER G 109 -21.60 65.83 18.88
CA SER G 109 -22.62 64.90 18.41
C SER G 109 -23.93 65.21 19.09
N ASN G 110 -25.01 64.62 18.58
CA ASN G 110 -26.32 64.81 19.19
C ASN G 110 -27.19 63.60 19.00
N ASN G 111 -26.77 62.49 19.58
CA ASN G 111 -27.49 61.23 19.44
C ASN G 111 -28.66 61.12 20.38
N HIS G 112 -29.67 60.41 19.90
CA HIS G 112 -30.91 60.20 20.62
C HIS G 112 -30.76 58.99 21.53
N ILE G 113 -30.94 59.18 22.83
CA ILE G 113 -30.98 58.03 23.75
C ILE G 113 -32.41 57.55 23.87
N ALA G 114 -32.77 56.59 23.02
CA ALA G 114 -34.13 56.06 22.94
C ALA G 114 -34.73 55.61 24.26
N THR G 115 -33.92 55.21 25.22
CA THR G 115 -34.47 54.61 26.43
C THR G 115 -34.39 55.45 27.70
N LEU G 116 -34.18 56.75 27.58
CA LEU G 116 -34.22 57.61 28.76
C LEU G 116 -35.57 57.54 29.49
N ASP G 117 -35.53 57.69 30.80
CA ASP G 117 -36.73 57.93 31.59
C ASP G 117 -37.38 59.21 31.05
N PRO G 118 -38.65 59.14 30.63
CA PRO G 118 -39.38 60.26 30.02
C PRO G 118 -39.32 61.59 30.77
N SER G 119 -39.09 61.55 32.08
CA SER G 119 -39.10 62.78 32.87
C SER G 119 -37.75 63.51 32.97
N VAL G 120 -36.68 62.93 32.44
CA VAL G 120 -35.35 63.48 32.69
C VAL G 120 -34.89 64.49 31.66
N VAL G 121 -33.90 65.27 32.05
CA VAL G 121 -33.27 66.27 31.20
C VAL G 121 -32.85 65.61 29.91
N SER G 122 -33.20 66.20 28.78
CA SER G 122 -32.97 65.55 27.50
C SER G 122 -32.63 66.52 26.36
N ASN G 123 -31.84 66.04 25.40
CA ASN G 123 -31.54 66.81 24.20
C ASN G 123 -32.62 66.58 23.17
N SER G 124 -32.70 67.48 22.18
CA SER G 124 -33.58 67.31 21.03
C SER G 124 -32.86 67.69 19.75
N LEU G 125 -33.59 67.61 18.64
CA LEU G 125 -33.03 67.91 17.33
C LEU G 125 -32.60 69.37 17.26
N ASP G 126 -33.49 70.24 17.72
CA ASP G 126 -33.31 71.68 17.63
C ASP G 126 -32.65 72.21 18.89
N LYS G 127 -32.21 71.31 19.76
CA LYS G 127 -31.52 71.73 20.98
C LYS G 127 -30.64 70.62 21.53
N PRO G 128 -29.38 70.57 21.07
CA PRO G 128 -28.42 69.57 21.54
C PRO G 128 -27.87 69.98 22.89
N PHE G 129 -27.04 69.14 23.48
CA PHE G 129 -26.36 69.54 24.68
C PHE G 129 -25.22 70.43 24.27
N ILE G 130 -24.91 71.42 25.09
CA ILE G 130 -23.64 72.10 24.97
C ILE G 130 -22.66 71.23 25.73
N SER G 131 -21.92 70.42 24.99
CA SER G 131 -20.99 69.50 25.59
C SER G 131 -19.66 70.21 25.85
N LEU G 132 -19.22 70.21 27.10
CA LEU G 132 -17.94 70.82 27.44
C LEU G 132 -16.82 70.00 26.81
N GLY G 133 -15.98 70.68 26.01
CA GLY G 133 -14.82 70.05 25.44
C GLY G 133 -14.82 69.84 23.93
N LYS G 134 -15.97 69.44 23.37
CA LYS G 134 -16.03 69.11 21.94
C LYS G 134 -15.72 70.30 21.03
N ASN G 135 -15.66 70.05 19.72
CA ASN G 135 -15.26 71.08 18.74
C ASN G 135 -16.23 71.06 17.56
N PRO G 136 -17.13 72.07 17.51
CA PRO G 136 -18.15 72.23 16.46
C PRO G 136 -17.56 72.28 15.05
N ALA G 137 -16.35 72.80 14.95
CA ALA G 137 -15.68 72.94 13.66
C ALA G 137 -15.25 71.60 13.04
N GLN G 138 -15.01 70.60 13.87
CA GLN G 138 -14.36 69.37 13.40
C GLN G 138 -15.27 68.45 12.60
N ASN G 139 -14.86 68.16 11.37
CA ASN G 139 -15.52 67.13 10.59
C ASN G 139 -14.82 65.80 10.84
N PRO G 140 -15.55 64.84 11.43
CA PRO G 140 -15.08 63.51 11.82
C PRO G 140 -14.52 62.67 10.68
N PHE G 141 -15.05 62.85 9.48
CA PHE G 141 -14.54 62.08 8.34
C PHE G 141 -13.10 62.41 7.97
N VAL G 142 -12.66 63.62 8.30
CA VAL G 142 -11.33 64.07 7.94
C VAL G 142 -10.50 64.37 9.19
N ASN G 143 -10.80 63.65 10.28
CA ASN G 143 -10.18 63.89 11.57
C ASN G 143 -9.00 62.96 11.86
N LEU G 144 -8.20 63.32 12.86
CA LEU G 144 -7.26 62.38 13.47
C LEU G 144 -7.81 62.15 14.86
N GLY G 145 -8.70 61.17 14.94
CA GLY G 145 -9.57 61.02 16.10
C GLY G 145 -8.82 60.68 17.37
N ALA G 146 -7.78 59.87 17.25
CA ALA G 146 -7.01 59.42 18.40
C ALA G 146 -5.77 60.29 18.65
N GLU G 147 -5.61 61.36 17.88
CA GLU G 147 -4.52 62.30 18.10
C GLU G 147 -4.71 63.00 19.44
N ALA G 148 -3.65 63.03 20.24
CA ALA G 148 -3.72 63.41 21.66
C ALA G 148 -2.37 63.87 22.20
N VAL G 149 -2.39 64.73 23.22
CA VAL G 149 -1.15 65.21 23.84
C VAL G 149 -1.01 64.77 25.30
N THR G 150 0.16 65.00 25.89
CA THR G 150 0.38 64.69 27.29
C THR G 150 1.04 65.85 27.99
N ARG G 151 0.61 66.12 29.22
CA ARG G 151 1.10 67.28 29.96
C ARG G 151 1.78 66.91 31.27
N GLY G 152 3.01 67.40 31.42
CA GLY G 152 3.83 67.13 32.59
C GLY G 152 5.30 67.22 32.22
N VAL G 153 6.17 67.27 33.22
CA VAL G 153 7.60 67.26 32.97
C VAL G 153 7.95 66.00 32.21
N GLY G 154 8.59 66.17 31.06
CA GLY G 154 8.96 65.04 30.24
C GLY G 154 8.01 64.83 29.10
N GLY G 155 6.86 65.47 29.19
CA GLY G 155 5.79 65.27 28.21
C GLY G 155 5.49 63.81 28.03
N MET G 156 5.60 63.34 26.79
CA MET G 156 5.22 61.97 26.48
C MET G 156 6.26 60.94 26.86
N SER G 157 7.49 61.39 27.12
CA SER G 157 8.57 60.47 27.48
C SER G 157 8.29 59.77 28.82
N THR G 158 7.36 60.30 29.60
CA THR G 158 7.06 59.62 30.86
C THR G 158 6.16 58.40 30.67
N ALA G 159 5.76 58.12 29.43
CA ALA G 159 4.92 56.96 29.13
C ALA G 159 5.22 56.26 27.82
N TRP G 160 6.24 56.67 27.10
CA TRP G 160 6.47 56.11 25.77
C TRP G 160 7.05 54.69 25.73
N THR G 161 7.02 54.11 24.54
CA THR G 161 7.52 52.77 24.26
C THR G 161 9.06 52.71 24.09
N CYS G 162 9.67 53.87 23.83
CA CYS G 162 11.13 54.02 23.76
C CYS G 162 11.81 53.51 22.49
N ALA G 163 11.01 53.14 21.49
CA ALA G 163 11.54 52.68 20.20
C ALA G 163 12.20 53.85 19.47
N THR G 164 13.46 53.65 19.12
CA THR G 164 14.22 54.72 18.48
C THR G 164 15.03 54.25 17.27
N PRO G 165 14.35 53.95 16.15
CA PRO G 165 15.09 53.54 14.96
C PRO G 165 15.53 54.78 14.15
N GLU G 166 16.30 54.56 13.08
CA GLU G 166 16.68 55.64 12.18
C GLU G 166 15.70 55.68 11.03
N PHE G 167 15.72 56.78 10.28
CA PHE G 167 14.88 56.91 9.09
C PHE G 167 15.62 56.44 7.85
N PHE G 168 14.93 55.66 7.05
CA PHE G 168 15.52 55.09 5.84
C PHE G 168 15.99 56.16 4.85
N ALA G 169 17.22 55.99 4.36
CA ALA G 169 17.69 56.77 3.22
C ALA G 169 18.08 55.83 2.09
N PRO G 170 17.55 56.09 0.90
CA PRO G 170 17.96 55.26 -0.24
C PRO G 170 19.34 55.67 -0.73
N ALA G 171 19.98 54.81 -1.51
CA ALA G 171 21.30 55.10 -2.08
C ALA G 171 21.21 56.30 -3.00
N ASP G 172 20.13 56.31 -3.77
CA ASP G 172 19.88 57.36 -4.74
C ASP G 172 19.29 58.59 -4.04
N PHE G 173 20.12 59.59 -3.82
CA PHE G 173 19.68 60.87 -3.24
C PHE G 173 18.49 61.50 -3.99
N ASN G 174 18.25 61.07 -5.22
CA ASN G 174 17.15 61.60 -6.01
C ASN G 174 15.94 60.68 -6.10
N ALA G 175 15.88 59.70 -5.19
CA ALA G 175 14.73 58.81 -5.14
C ALA G 175 13.44 59.59 -4.88
N PRO G 176 12.34 59.21 -5.56
CA PRO G 176 11.00 59.79 -5.38
C PRO G 176 10.55 59.84 -3.92
N HIS G 177 10.98 58.90 -3.09
CA HIS G 177 10.65 58.92 -1.67
C HIS G 177 11.80 58.61 -0.72
N ARG G 178 11.79 59.26 0.43
CA ARG G 178 12.74 59.03 1.50
C ARG G 178 12.10 59.33 2.86
N GLU G 179 12.48 58.59 3.89
CA GLU G 179 12.04 58.87 5.25
C GLU G 179 12.88 60.00 5.80
N ARG G 180 14.18 59.92 5.55
CA ARG G 180 15.12 60.85 6.15
C ARG G 180 15.18 62.11 5.31
N PRO G 181 14.81 63.25 5.91
CA PRO G 181 14.88 64.49 5.14
C PRO G 181 16.31 65.01 4.88
N LYS G 182 16.43 65.82 3.84
CA LYS G 182 17.71 66.36 3.43
C LYS G 182 18.03 67.57 4.28
N LEU G 183 19.25 67.57 4.83
CA LEU G 183 19.74 68.68 5.65
C LEU G 183 20.70 69.56 4.86
N SER G 184 21.02 69.13 3.65
CA SER G 184 21.90 69.88 2.76
C SER G 184 21.62 69.40 1.35
N THR G 185 22.25 70.01 0.35
CA THR G 185 22.00 69.54 -1.01
C THR G 185 23.13 68.63 -1.51
N ASP G 186 24.15 68.49 -0.68
CA ASP G 186 25.19 67.51 -0.95
C ASP G 186 24.82 66.17 -0.33
N ALA G 187 24.67 65.16 -1.18
CA ALA G 187 24.40 63.82 -0.75
C ALA G 187 25.46 63.32 0.24
N ALA G 188 26.69 63.78 0.04
CA ALA G 188 27.80 63.34 0.89
C ALA G 188 27.80 64.09 2.22
N GLU G 189 27.51 65.39 2.16
CA GLU G 189 27.42 66.20 3.36
C GLU G 189 26.19 65.77 4.17
N ASP G 190 25.08 65.50 3.48
CA ASP G 190 23.86 65.05 4.15
C ASP G 190 24.17 63.82 5.00
N ALA G 191 24.74 62.80 4.36
CA ALA G 191 25.14 61.56 5.02
C ALA G 191 26.06 61.79 6.21
N ARG G 192 26.98 62.73 6.07
CA ARG G 192 27.92 63.05 7.13
C ARG G 192 27.20 63.68 8.34
N ILE G 193 26.39 64.71 8.09
CA ILE G 193 25.64 65.39 9.13
C ILE G 193 24.73 64.41 9.90
N TRP G 194 24.05 63.54 9.16
CA TRP G 194 23.20 62.55 9.80
C TRP G 194 23.98 61.55 10.66
N LYS G 195 25.17 61.13 10.18
CA LYS G 195 26.00 60.19 10.93
C LYS G 195 26.16 60.74 12.32
N ASP G 196 26.67 61.96 12.37
CA ASP G 196 26.95 62.67 13.60
C ASP G 196 25.71 62.80 14.49
N LEU G 197 24.63 63.36 13.93
CA LEU G 197 23.43 63.67 14.71
C LEU G 197 22.80 62.45 15.39
N TYR G 198 22.64 61.38 14.64
CA TYR G 198 22.14 60.12 15.20
C TYR G 198 23.03 59.62 16.32
N ALA G 199 24.32 59.58 16.05
CA ALA G 199 25.28 59.12 17.04
C ALA G 199 25.09 59.92 18.32
N GLN G 200 25.00 61.24 18.17
CA GLN G 200 24.72 62.09 19.30
C GLN G 200 23.38 61.74 19.95
N ALA G 201 22.32 61.69 19.13
CA ALA G 201 20.96 61.51 19.62
C ALA G 201 20.81 60.17 20.33
N LYS G 202 21.56 59.18 19.86
CA LYS G 202 21.53 57.86 20.48
C LYS G 202 22.11 57.88 21.88
N GLU G 203 23.18 58.63 22.06
CA GLU G 203 23.80 58.74 23.37
C GLU G 203 22.92 59.50 24.35
N ILE G 204 22.25 60.54 23.84
CA ILE G 204 21.33 61.36 24.63
C ILE G 204 20.16 60.57 25.17
N ILE G 205 19.56 59.76 24.31
CA ILE G 205 18.41 58.99 24.70
C ILE G 205 18.79 57.58 25.16
N GLY G 206 20.06 57.22 25.00
CA GLY G 206 20.57 55.94 25.47
C GLY G 206 20.08 54.72 24.74
N THR G 207 20.19 54.72 23.42
CA THR G 207 19.67 53.65 22.57
C THR G 207 20.50 52.36 22.66
N SER G 208 19.83 51.21 22.70
CA SER G 208 20.51 49.92 22.61
C SER G 208 19.68 48.92 21.79
N THR G 209 20.35 47.95 21.17
CA THR G 209 19.66 46.87 20.43
C THR G 209 19.92 45.50 21.04
N THR G 210 20.47 45.49 22.25
CA THR G 210 20.99 44.26 22.82
C THR G 210 20.30 43.85 24.11
N GLU G 211 19.40 44.69 24.59
CA GLU G 211 18.78 44.49 25.91
C GLU G 211 17.73 43.38 25.99
N PHE G 212 17.48 42.68 24.88
CA PHE G 212 16.56 41.54 24.91
C PHE G 212 17.20 40.29 24.32
N ASP G 213 18.51 40.35 24.15
CA ASP G 213 19.28 39.24 23.58
C ASP G 213 19.22 37.98 24.43
N HIS G 214 18.78 38.09 25.68
CA HIS G 214 18.67 36.92 26.53
C HIS G 214 17.22 36.59 26.94
N SER G 215 16.30 36.77 25.99
CA SER G 215 14.92 36.38 26.15
C SER G 215 14.63 35.26 25.18
N ILE G 216 14.11 34.15 25.68
CA ILE G 216 13.64 33.08 24.84
C ILE G 216 12.56 33.56 23.87
N ARG G 217 11.68 34.42 24.36
CA ARG G 217 10.59 34.92 23.51
C ARG G 217 11.14 35.79 22.40
N HIS G 218 12.04 36.69 22.76
CA HIS G 218 12.61 37.58 21.75
C HIS G 218 13.38 36.79 20.71
N ASN G 219 14.11 35.78 21.19
CA ASN G 219 14.99 34.99 20.32
C ASN G 219 14.20 34.00 19.49
N LEU G 220 13.15 33.43 20.08
CA LEU G 220 12.30 32.49 19.37
C LEU G 220 11.68 33.15 18.15
N VAL G 221 11.18 34.37 18.33
CA VAL G 221 10.59 35.13 17.24
C VAL G 221 11.64 35.54 16.20
N LEU G 222 12.68 36.24 16.66
CA LEU G 222 13.80 36.70 15.82
C LEU G 222 14.40 35.61 14.95
N ARG G 223 14.76 34.49 15.56
CA ARG G 223 15.43 33.44 14.81
C ARG G 223 14.49 32.68 13.89
N LYS G 224 13.26 32.46 14.36
CA LYS G 224 12.28 31.74 13.55
C LYS G 224 11.92 32.54 12.32
N TYR G 225 11.68 33.84 12.49
CA TYR G 225 11.36 34.68 11.35
C TYR G 225 12.44 34.75 10.29
N ASN G 226 13.69 34.89 10.75
CA ASN G 226 14.82 34.91 9.83
C ASN G 226 15.04 33.58 9.14
N ASP G 227 14.98 32.50 9.90
CA ASP G 227 15.03 31.17 9.31
C ASP G 227 14.02 31.03 8.19
N ILE G 228 12.76 31.40 8.47
CA ILE G 228 11.71 31.36 7.48
C ILE G 228 12.01 32.25 6.29
N PHE G 229 12.20 33.54 6.58
CA PHE G 229 12.21 34.51 5.49
C PHE G 229 13.48 34.51 4.65
N GLN G 230 14.49 33.78 5.11
CA GLN G 230 15.70 33.63 4.32
C GLN G 230 15.48 32.65 3.15
N LYS G 231 14.57 31.69 3.34
CA LYS G 231 14.16 30.82 2.24
C LYS G 231 13.01 31.39 1.41
N GLU G 232 12.55 32.60 1.72
CA GLU G 232 11.48 33.20 0.93
C GLU G 232 11.96 33.67 -0.43
N ASN G 233 11.04 33.78 -1.39
CA ASN G 233 11.36 34.41 -2.67
C ASN G 233 11.88 35.82 -2.45
N VAL G 234 11.05 36.67 -1.83
CA VAL G 234 11.52 37.95 -1.35
C VAL G 234 12.01 37.83 0.09
N ILE G 235 13.32 37.78 0.27
CA ILE G 235 13.92 37.80 1.59
C ILE G 235 13.46 39.06 2.36
N ARG G 236 13.24 38.92 3.67
CA ARG G 236 12.94 40.07 4.53
C ARG G 236 13.81 39.93 5.76
N GLU G 237 14.46 41.01 6.17
CA GLU G 237 15.41 40.93 7.27
C GLU G 237 14.75 41.40 8.55
N PHE G 238 14.76 40.55 9.58
CA PHE G 238 14.22 40.90 10.90
C PHE G 238 15.39 41.23 11.81
N SER G 239 15.24 42.21 12.70
CA SER G 239 16.34 42.61 13.58
C SER G 239 15.85 43.13 14.93
N PRO G 240 16.75 43.25 15.93
CA PRO G 240 16.25 43.77 17.22
C PRO G 240 15.76 45.21 17.11
N LEU G 241 14.63 45.50 17.76
CA LEU G 241 14.06 46.85 17.74
C LEU G 241 14.91 47.76 18.61
N PRO G 242 15.41 48.87 18.02
CA PRO G 242 16.27 49.78 18.80
C PRO G 242 15.47 50.44 19.90
N LEU G 243 15.93 50.32 21.15
CA LEU G 243 15.13 50.78 22.30
C LEU G 243 15.92 51.58 23.30
N ALA G 244 15.36 52.71 23.70
CA ALA G 244 16.04 53.59 24.66
C ALA G 244 15.84 53.08 26.08
N CYS G 245 16.64 52.07 26.43
CA CYS G 245 16.56 51.40 27.74
C CYS G 245 17.80 50.57 27.96
N HIS G 246 18.01 50.16 29.21
CA HIS G 246 19.00 49.13 29.54
C HIS G 246 18.50 48.18 30.62
N ARG G 247 18.69 46.89 30.39
CA ARG G 247 18.31 45.88 31.38
C ARG G 247 19.11 46.08 32.65
N LEU G 248 18.56 45.72 33.80
CA LEU G 248 19.25 46.02 35.05
C LEU G 248 20.04 44.81 35.56
N THR G 249 20.77 45.04 36.65
CA THR G 249 21.67 44.02 37.21
C THR G 249 20.91 42.73 37.42
N ASP G 250 19.68 42.88 37.94
CA ASP G 250 18.69 41.80 37.98
C ASP G 250 17.96 41.78 36.64
N PRO G 251 18.16 40.71 35.86
CA PRO G 251 17.62 40.62 34.49
C PRO G 251 16.10 40.49 34.42
N ASP G 252 15.39 40.62 35.53
CA ASP G 252 13.93 40.65 35.50
C ASP G 252 13.45 42.08 35.69
N TYR G 253 14.36 43.03 35.51
CA TYR G 253 14.03 44.46 35.52
C TYR G 253 14.74 45.20 34.38
N VAL G 254 14.11 46.27 33.92
CA VAL G 254 14.59 47.05 32.78
C VAL G 254 14.36 48.52 33.08
N GLU G 255 15.37 49.36 32.92
CA GLU G 255 15.16 50.82 33.04
C GLU G 255 14.89 51.49 31.71
N TRP G 256 13.68 52.01 31.55
CA TRP G 256 13.28 52.72 30.34
C TRP G 256 13.71 54.18 30.42
N HIS G 257 14.18 54.72 29.31
CA HIS G 257 14.76 56.03 29.32
C HIS G 257 13.75 57.10 29.06
N ALA G 258 14.05 58.29 29.50
CA ALA G 258 13.08 59.36 29.44
C ALA G 258 13.79 60.67 29.69
N THR G 259 13.04 61.75 29.59
CA THR G 259 13.52 63.09 29.83
C THR G 259 14.44 63.19 31.05
N ASP G 260 14.18 62.40 32.09
CA ASP G 260 15.06 62.36 33.27
C ASP G 260 16.57 62.26 32.93
N ARG G 261 16.97 61.42 31.98
CA ARG G 261 18.39 61.22 31.77
C ARG G 261 18.98 62.34 30.91
N ILE G 262 18.10 63.15 30.34
CA ILE G 262 18.50 64.32 29.58
C ILE G 262 18.75 65.53 30.49
N LEU G 263 17.91 65.68 31.50
CA LEU G 263 17.92 66.84 32.38
C LEU G 263 18.79 66.63 33.60
N GLU G 264 19.32 65.42 33.72
CA GLU G 264 19.95 64.95 34.96
C GLU G 264 21.08 65.84 35.50
N GLU G 265 22.01 66.19 34.63
CA GLU G 265 23.15 66.99 35.05
C GLU G 265 22.71 68.41 35.38
N LEU G 266 21.66 68.87 34.71
CA LEU G 266 21.06 70.16 35.02
C LEU G 266 20.49 70.18 36.45
N PHE G 267 20.28 69.02 37.05
CA PHE G 267 19.82 68.97 38.44
C PHE G 267 20.90 68.52 39.42
N THR G 268 21.81 67.65 38.98
CA THR G 268 22.82 67.14 39.90
C THR G 268 24.11 67.95 40.00
N ASP G 269 24.48 68.65 38.94
CA ASP G 269 25.70 69.47 38.99
C ASP G 269 25.37 70.85 39.54
N PRO G 270 26.01 71.22 40.66
CA PRO G 270 25.70 72.50 41.31
C PRO G 270 25.95 73.64 40.33
N VAL G 271 26.95 73.46 39.48
CA VAL G 271 27.33 74.44 38.48
C VAL G 271 26.22 74.62 37.45
N LYS G 272 26.03 73.61 36.60
CA LYS G 272 25.03 73.66 35.54
C LYS G 272 23.65 74.08 36.09
N ARG G 273 23.33 73.65 37.30
CA ARG G 273 22.00 73.86 37.83
C ARG G 273 21.77 75.32 38.14
N GLY G 274 22.86 76.07 38.28
CA GLY G 274 22.78 77.49 38.50
C GLY G 274 22.31 78.21 37.25
N ARG G 275 22.46 77.57 36.10
CA ARG G 275 22.04 78.19 34.85
C ARG G 275 20.69 77.69 34.36
N PHE G 276 19.95 77.03 35.25
CA PHE G 276 18.69 76.40 34.84
C PHE G 276 17.48 76.82 35.68
N THR G 277 16.43 77.25 35.00
CA THR G 277 15.16 77.57 35.64
C THR G 277 14.03 76.73 35.04
N LEU G 278 13.32 76.00 35.90
CA LEU G 278 12.15 75.24 35.46
C LEU G 278 10.91 75.58 36.29
N LEU G 279 9.96 76.21 35.61
CA LEU G 279 8.72 76.61 36.22
C LEU G 279 7.61 75.72 35.70
N THR G 280 6.98 74.97 36.60
CA THR G 280 5.93 74.03 36.23
C THR G 280 4.55 74.60 36.53
N ASN G 281 3.54 74.11 35.79
CA ASN G 281 2.19 74.67 35.79
C ASN G 281 2.19 76.10 35.23
N HIS G 282 3.07 76.31 34.26
CA HIS G 282 3.22 77.61 33.61
C HIS G 282 2.91 77.49 32.13
N ARG G 283 1.71 77.88 31.74
CA ARG G 283 1.33 77.91 30.35
C ARG G 283 2.10 78.99 29.62
N CYS G 284 2.50 78.70 28.40
CA CYS G 284 3.06 79.71 27.53
C CYS G 284 1.94 80.13 26.58
N THR G 285 1.20 81.17 26.97
CA THR G 285 0.10 81.66 26.16
C THR G 285 0.55 82.05 24.74
N LYS G 286 1.48 83.00 24.64
CA LYS G 286 1.88 83.44 23.31
C LYS G 286 3.23 84.16 23.31
N LEU G 287 3.86 84.17 22.14
CA LEU G 287 5.06 84.97 21.94
C LEU G 287 4.63 86.31 21.34
N VAL G 288 4.91 87.39 22.04
CA VAL G 288 4.61 88.70 21.49
C VAL G 288 5.76 89.17 20.61
N PHE G 289 5.43 89.69 19.44
CA PHE G 289 6.43 90.02 18.42
C PHE G 289 6.71 91.53 18.32
N LYS G 290 7.88 91.83 17.74
CA LYS G 290 8.32 93.20 17.48
C LYS G 290 7.27 93.93 16.69
N HIS G 291 6.98 93.42 15.50
CA HIS G 291 5.93 93.97 14.67
C HIS G 291 5.09 92.83 14.14
N TYR G 292 3.93 93.15 13.60
CA TYR G 292 3.05 92.11 13.08
C TYR G 292 2.86 92.22 11.56
N ARG G 293 3.96 92.40 10.84
CA ARG G 293 3.94 92.50 9.37
C ARG G 293 4.56 91.25 8.75
N PRO G 294 3.93 90.73 7.69
CA PRO G 294 4.41 89.51 7.03
C PRO G 294 5.55 89.81 6.08
N GLY G 295 6.28 88.77 5.69
CA GLY G 295 7.37 88.88 4.73
C GLY G 295 8.36 90.02 4.97
N GLU G 296 8.67 90.27 6.22
CA GLU G 296 9.67 91.26 6.54
C GLU G 296 10.25 90.84 7.83
N GLU G 297 11.51 91.14 8.06
CA GLU G 297 12.22 90.61 9.19
C GLU G 297 11.59 90.94 10.53
N ASN G 298 11.71 90.04 11.49
CA ASN G 298 11.00 90.17 12.75
C ASN G 298 11.75 89.58 13.91
N GLU G 299 11.33 89.87 15.14
CA GLU G 299 11.88 89.19 16.32
C GLU G 299 10.82 88.97 17.41
N VAL G 300 11.14 88.13 18.39
CA VAL G 300 10.30 88.00 19.57
C VAL G 300 10.82 88.94 20.66
N ASP G 301 9.94 89.76 21.23
CA ASP G 301 10.33 90.49 22.44
C ASP G 301 10.26 89.57 23.64
N TYR G 302 9.05 89.13 23.98
CA TYR G 302 8.86 88.33 25.18
C TYR G 302 7.93 87.14 24.97
N ALA G 303 8.06 86.14 25.84
CA ALA G 303 7.07 85.07 25.95
C ALA G 303 6.00 85.47 26.96
N LEU G 304 4.74 85.44 26.53
CA LEU G 304 3.64 85.72 27.43
C LEU G 304 3.28 84.43 28.16
N VAL G 305 3.65 84.37 29.44
CA VAL G 305 3.57 83.15 30.23
C VAL G 305 2.70 83.32 31.48
N GLU G 306 1.88 82.30 31.76
CA GLU G 306 0.89 82.35 32.83
C GLU G 306 1.13 81.28 33.89
N ASP G 307 1.07 81.65 35.17
CA ASP G 307 1.07 80.63 36.23
C ASP G 307 -0.33 80.09 36.51
N LEU G 308 -0.45 78.76 36.53
CA LEU G 308 -1.77 78.14 36.65
C LEU G 308 -2.13 77.67 38.06
N LEU G 309 -1.18 77.84 38.99
CA LEU G 309 -1.45 77.58 40.40
C LEU G 309 -2.16 78.75 41.07
N PRO G 310 -3.32 78.46 41.70
CA PRO G 310 -4.06 79.42 42.54
C PRO G 310 -3.21 79.97 43.69
N SER G 320 1.02 87.75 38.98
CA SER G 320 0.48 86.44 38.63
C SER G 320 0.52 86.16 37.11
N VAL G 321 0.85 87.18 36.33
CA VAL G 321 1.07 87.03 34.89
C VAL G 321 2.49 87.46 34.60
N LYS G 322 3.18 86.74 33.72
CA LYS G 322 4.61 86.99 33.57
C LYS G 322 5.16 87.11 32.15
N LYS G 323 5.87 88.20 31.90
CA LYS G 323 6.62 88.37 30.66
C LYS G 323 8.05 87.90 30.89
N ILE G 324 8.48 86.91 30.12
CA ILE G 324 9.82 86.36 30.28
C ILE G 324 10.74 86.79 29.13
N TYR G 325 11.84 87.46 29.47
CA TYR G 325 12.78 87.96 28.47
C TYR G 325 13.98 87.05 28.24
N ALA G 326 14.18 86.68 26.99
CA ALA G 326 15.36 85.93 26.60
C ALA G 326 15.87 86.44 25.27
N ARG G 327 17.14 86.18 24.97
CA ARG G 327 17.70 86.60 23.69
C ARG G 327 17.20 85.67 22.57
N SER G 328 17.09 84.38 22.86
CA SER G 328 16.59 83.39 21.91
C SER G 328 15.42 82.60 22.49
N TYR G 329 14.55 82.09 21.60
CA TYR G 329 13.31 81.44 22.01
C TYR G 329 13.07 80.06 21.34
N VAL G 330 12.70 79.06 22.12
CA VAL G 330 12.43 77.73 21.56
C VAL G 330 11.05 77.19 21.94
N VAL G 331 10.21 76.98 20.94
CA VAL G 331 8.93 76.32 21.13
C VAL G 331 9.10 74.86 20.81
N ALA G 332 9.10 74.04 21.85
CA ALA G 332 9.18 72.59 21.69
C ALA G 332 8.05 71.91 22.45
N CYS G 333 6.83 72.11 21.97
CA CYS G 333 5.65 71.67 22.72
C CYS G 333 4.91 70.50 22.06
N GLY G 334 5.64 69.67 21.32
CA GLY G 334 5.03 68.58 20.59
C GLY G 334 4.40 69.10 19.31
N ALA G 335 4.12 68.21 18.38
CA ALA G 335 3.63 68.63 17.07
C ALA G 335 2.33 69.42 17.09
N VAL G 336 1.55 69.29 18.16
CA VAL G 336 0.25 69.95 18.20
C VAL G 336 0.30 71.32 18.88
N ALA G 337 0.85 71.39 20.08
CA ALA G 337 0.84 72.64 20.82
C ALA G 337 1.93 73.62 20.35
N THR G 338 2.96 73.09 19.70
CA THR G 338 3.96 73.96 19.09
C THR G 338 3.29 74.86 18.06
N ALA G 339 2.53 74.27 17.16
CA ALA G 339 1.73 75.02 16.20
C ALA G 339 0.74 75.96 16.90
N GLN G 340 0.10 75.44 17.95
CA GLN G 340 -0.92 76.16 18.69
C GLN G 340 -0.39 77.46 19.27
N VAL G 341 0.74 77.37 19.96
CA VAL G 341 1.36 78.53 20.57
C VAL G 341 1.76 79.57 19.52
N LEU G 342 2.28 79.10 18.38
CA LEU G 342 2.68 79.98 17.30
C LEU G 342 1.45 80.62 16.67
N ALA G 343 0.35 79.87 16.61
CA ALA G 343 -0.88 80.39 16.05
C ALA G 343 -1.54 81.43 16.96
N ASN G 344 -1.54 81.18 18.27
CA ASN G 344 -2.12 82.13 19.23
C ASN G 344 -1.28 83.40 19.28
N SER G 345 -0.13 83.27 18.65
CA SER G 345 0.88 84.26 18.57
C SER G 345 0.64 85.36 17.53
N HIS G 346 -0.29 85.16 16.63
CA HIS G 346 -0.61 86.13 15.63
C HIS G 346 -1.63 87.06 16.17
N ILE G 347 -1.76 87.13 17.48
CA ILE G 347 -2.69 88.00 18.14
C ILE G 347 -1.99 88.86 19.21
N PRO G 348 -1.86 90.18 19.01
CA PRO G 348 -1.16 91.04 19.98
C PRO G 348 -2.06 91.63 21.07
N PRO G 349 -1.78 91.30 22.34
CA PRO G 349 -2.54 91.78 23.50
C PRO G 349 -2.65 93.31 23.56
N GLU G 367 -19.59 80.83 9.84
CA GLU G 367 -18.80 82.00 10.23
C GLU G 367 -18.11 81.77 11.57
N ARG G 368 -18.77 81.03 12.46
CA ARG G 368 -18.25 80.84 13.80
C ARG G 368 -17.11 79.82 13.82
N ASP G 369 -16.92 79.12 12.70
CA ASP G 369 -15.83 78.14 12.54
C ASP G 369 -14.60 78.80 11.91
N ALA G 370 -14.42 80.09 12.19
CA ALA G 370 -13.30 80.80 11.63
C ALA G 370 -12.03 80.39 12.36
N THR G 371 -10.93 80.38 11.61
CA THR G 371 -9.65 80.00 12.15
C THR G 371 -8.76 81.22 12.30
N ILE G 372 -7.56 81.03 12.83
CA ILE G 372 -6.60 82.11 12.98
C ILE G 372 -5.67 82.12 11.78
N PRO G 373 -5.85 83.09 10.88
CA PRO G 373 -4.97 83.15 9.70
C PRO G 373 -3.56 83.38 10.19
N THR G 374 -2.59 82.66 9.63
CA THR G 374 -1.22 82.74 10.12
C THR G 374 -0.22 83.30 9.10
N PRO G 375 -0.41 84.57 8.67
CA PRO G 375 0.37 85.13 7.55
C PRO G 375 1.84 85.48 7.85
N LEU G 376 2.29 85.39 9.10
CA LEU G 376 3.70 85.55 9.41
C LEU G 376 4.43 84.22 9.25
N MET G 377 3.77 83.14 9.65
CA MET G 377 4.28 81.80 9.46
C MET G 377 3.27 81.05 8.62
N PRO G 378 3.23 81.35 7.32
CA PRO G 378 2.17 80.95 6.40
C PRO G 378 2.02 79.44 6.25
N MET G 379 3.13 78.72 6.24
CA MET G 379 3.10 77.28 6.06
C MET G 379 2.81 76.52 7.37
N LEU G 380 2.43 77.26 8.41
CA LEU G 380 2.12 76.66 9.70
C LEU G 380 0.88 75.76 9.66
N GLY G 381 1.07 74.51 10.05
CA GLY G 381 -0.03 73.57 10.15
C GLY G 381 -0.46 73.01 8.81
N LYS G 382 0.33 73.28 7.77
CA LYS G 382 0.09 72.75 6.43
C LYS G 382 1.09 71.66 6.11
N TYR G 383 0.78 70.82 5.12
CA TYR G 383 1.59 69.64 4.81
C TYR G 383 1.73 68.64 5.97
N ILE G 384 0.70 68.48 6.78
CA ILE G 384 0.81 67.53 7.90
C ILE G 384 0.78 66.09 7.40
N THR G 385 1.31 65.20 8.22
CA THR G 385 1.37 63.76 7.94
C THR G 385 1.14 63.01 9.26
N GLU G 386 0.46 61.87 9.17
CA GLU G 386 0.22 60.96 10.30
C GLU G 386 0.11 59.54 9.77
N GLN G 387 0.50 58.58 10.59
CA GLN G 387 0.69 57.23 10.12
C GLN G 387 -0.54 56.36 10.26
N PRO G 388 -0.96 55.71 9.16
CA PRO G 388 -1.92 54.61 9.32
C PRO G 388 -1.25 53.41 9.97
N MET G 389 -1.99 52.77 10.86
CA MET G 389 -1.51 51.64 11.62
C MET G 389 -2.45 50.48 11.44
N THR G 390 -1.90 49.29 11.24
CA THR G 390 -2.70 48.09 11.32
C THR G 390 -2.21 47.35 12.52
N PHE G 391 -3.04 46.46 13.04
CA PHE G 391 -2.74 45.78 14.28
C PHE G 391 -3.44 44.43 14.36
N CYS G 392 -2.81 43.49 15.03
CA CYS G 392 -3.40 42.21 15.39
C CYS G 392 -2.48 41.57 16.40
N GLN G 393 -2.99 40.56 17.10
CA GLN G 393 -2.15 39.79 18.00
C GLN G 393 -2.26 38.34 17.58
N VAL G 394 -1.26 37.52 17.90
CA VAL G 394 -1.31 36.08 17.64
C VAL G 394 -1.01 35.32 18.91
N VAL G 395 -1.42 34.05 18.90
CA VAL G 395 -0.98 33.06 19.86
C VAL G 395 0.02 32.19 19.13
N LEU G 396 1.16 31.93 19.76
CA LEU G 396 2.22 31.18 19.11
C LEU G 396 1.81 29.77 18.77
N ASP G 397 2.38 29.24 17.69
CA ASP G 397 2.04 27.91 17.25
C ASP G 397 2.37 26.90 18.33
N SER G 398 1.53 25.87 18.43
CA SER G 398 1.76 24.81 19.39
C SER G 398 3.13 24.17 19.14
N SER G 399 3.40 23.87 17.87
CA SER G 399 4.71 23.41 17.41
C SER G 399 5.90 24.16 18.03
N LEU G 400 5.78 25.48 18.18
CA LEU G 400 6.89 26.31 18.66
C LEU G 400 7.20 26.11 20.13
N MET G 401 6.36 25.38 20.84
CA MET G 401 6.69 25.05 22.22
C MET G 401 7.72 23.92 22.23
N GLU G 402 7.61 23.03 21.25
CA GLU G 402 8.59 21.97 21.02
C GLU G 402 9.94 22.61 20.76
N VAL G 403 9.94 23.71 20.02
CA VAL G 403 11.16 24.44 19.79
C VAL G 403 11.73 25.00 21.08
N VAL G 404 10.89 25.62 21.92
CA VAL G 404 11.36 26.13 23.21
C VAL G 404 12.04 25.02 24.02
N ARG G 405 11.48 23.82 23.98
CA ARG G 405 12.04 22.71 24.74
C ARG G 405 13.32 22.20 24.09
N ASN G 406 13.49 22.48 22.80
CA ASN G 406 14.60 21.94 22.03
C ASN G 406 15.00 22.77 20.82
N PRO G 407 15.66 23.91 21.07
CA PRO G 407 16.03 24.84 20.01
C PRO G 407 16.94 24.19 18.97
N PRO G 408 16.60 24.35 17.69
CA PRO G 408 17.36 23.78 16.57
C PRO G 408 18.69 24.46 16.39
N TRP G 409 18.76 25.76 16.73
CA TRP G 409 20.01 26.53 16.70
C TRP G 409 20.93 26.11 17.85
N PRO G 410 22.06 25.48 17.52
CA PRO G 410 23.01 24.98 18.53
C PRO G 410 23.78 26.07 19.30
N GLY G 411 24.09 25.80 20.56
CA GLY G 411 24.96 26.66 21.33
C GLY G 411 24.28 27.57 22.34
N LEU G 412 22.95 27.52 22.39
CA LEU G 412 22.21 28.37 23.31
C LEU G 412 22.04 27.71 24.67
N ASP G 413 23.17 27.56 25.34
CA ASP G 413 23.22 27.05 26.70
C ASP G 413 22.35 27.87 27.68
N TRP G 414 22.37 29.21 27.55
CA TRP G 414 21.60 30.07 28.45
C TRP G 414 20.11 29.80 28.33
N TRP G 415 19.68 29.52 27.10
CA TRP G 415 18.28 29.27 26.81
C TRP G 415 17.86 27.96 27.47
N LYS G 416 18.60 26.90 27.17
CA LYS G 416 18.28 25.57 27.67
C LYS G 416 18.28 25.49 29.20
N GLU G 417 18.93 26.45 29.86
CA GLU G 417 19.00 26.48 31.31
C GLU G 417 17.82 27.17 31.96
N LYS G 418 17.42 28.30 31.39
CA LYS G 418 16.19 28.94 31.81
C LYS G 418 15.00 28.00 31.63
N VAL G 419 15.02 27.22 30.55
CA VAL G 419 13.90 26.35 30.25
C VAL G 419 13.88 25.18 31.22
N ALA G 420 15.05 24.60 31.44
CA ALA G 420 15.12 23.42 32.29
C ALA G 420 14.76 23.77 33.73
N ARG G 421 15.14 24.97 34.18
CA ARG G 421 14.78 25.42 35.51
C ARG G 421 13.28 25.71 35.60
N HIS G 422 12.69 26.05 34.47
CA HIS G 422 11.27 26.35 34.48
C HIS G 422 10.44 25.09 34.53
N VAL G 423 10.81 24.12 33.68
CA VAL G 423 10.12 22.85 33.55
C VAL G 423 10.43 21.88 34.70
N GLU G 424 11.25 22.34 35.65
CA GLU G 424 11.48 21.57 36.86
C GLU G 424 10.52 22.09 37.90
N ALA G 425 10.51 23.41 38.05
CA ALA G 425 9.64 24.10 39.01
C ALA G 425 8.15 24.04 38.64
N PHE G 426 7.85 23.76 37.36
CA PHE G 426 6.47 23.77 36.88
C PHE G 426 6.23 22.68 35.83
N PRO G 427 6.35 21.41 36.23
CA PRO G 427 6.28 20.28 35.30
C PRO G 427 4.94 20.20 34.60
N ASN G 428 3.90 20.73 35.23
CA ASN G 428 2.56 20.65 34.66
C ASN G 428 2.27 21.70 33.59
N ASP G 429 3.01 22.82 33.63
CA ASP G 429 2.81 23.96 32.74
C ASP G 429 3.00 23.54 31.30
N PRO G 430 1.97 23.72 30.47
CA PRO G 430 2.09 23.33 29.07
C PRO G 430 2.93 24.33 28.26
N ILE G 431 3.32 25.42 28.90
CA ILE G 431 4.18 26.42 28.26
C ILE G 431 5.58 26.34 28.88
N PRO G 432 6.57 26.00 28.06
CA PRO G 432 7.92 25.84 28.62
C PRO G 432 8.71 27.16 28.78
N ILE G 433 8.12 28.28 28.35
CA ILE G 433 8.77 29.58 28.54
C ILE G 433 8.73 29.95 30.03
N PRO G 434 9.84 30.46 30.59
CA PRO G 434 9.86 30.86 32.00
C PRO G 434 8.96 32.05 32.27
N PHE G 435 8.52 32.26 33.51
CA PHE G 435 7.48 33.22 33.81
C PHE G 435 7.83 34.68 33.58
N ARG G 436 9.06 35.04 33.86
CA ARG G 436 9.48 36.43 33.76
C ARG G 436 10.32 36.62 32.51
N ASP G 437 10.17 35.73 31.54
CA ASP G 437 10.93 35.85 30.31
C ASP G 437 10.39 37.00 29.45
N PRO G 438 11.27 37.96 29.13
CA PRO G 438 10.96 39.22 28.44
C PRO G 438 10.27 39.05 27.10
N GLU G 439 9.42 40.02 26.78
CA GLU G 439 8.68 40.04 25.53
C GLU G 439 9.61 40.23 24.34
N PRO G 440 9.19 39.77 23.16
CA PRO G 440 10.04 40.00 21.99
C PRO G 440 10.06 41.50 21.64
N GLN G 441 11.15 41.96 21.03
CA GLN G 441 11.28 43.33 20.57
C GLN G 441 11.96 43.32 19.19
N VAL G 442 11.15 43.08 18.17
CA VAL G 442 11.61 42.72 16.84
C VAL G 442 11.11 43.69 15.79
N THR G 443 11.96 44.03 14.83
CA THR G 443 11.48 44.89 13.76
C THR G 443 11.98 44.49 12.39
N ILE G 444 11.39 45.10 11.38
CA ILE G 444 11.89 44.97 10.04
C ILE G 444 12.08 46.39 9.57
N LYS G 445 13.30 46.72 9.15
CA LYS G 445 13.64 48.08 8.75
C LYS G 445 12.87 48.51 7.49
N PHE G 446 12.37 49.74 7.52
CA PHE G 446 11.77 50.34 6.34
C PHE G 446 12.69 50.12 5.13
N THR G 447 12.11 49.63 4.05
CA THR G 447 12.77 49.57 2.75
C THR G 447 11.74 50.05 1.74
N GLU G 448 12.20 50.66 0.64
CA GLU G 448 11.26 51.19 -0.34
C GLU G 448 10.44 50.12 -1.04
N GLU G 449 10.95 48.90 -1.05
CA GLU G 449 10.27 47.76 -1.63
C GLU G 449 9.04 47.34 -0.80
N HIS G 450 9.07 47.64 0.49
CA HIS G 450 7.96 47.36 1.41
C HIS G 450 7.86 48.52 2.38
N PRO G 451 7.36 49.67 1.90
CA PRO G 451 7.54 50.97 2.55
C PRO G 451 6.66 51.16 3.77
N TRP G 452 6.90 50.34 4.81
CA TRP G 452 6.29 50.53 6.10
C TRP G 452 7.25 50.13 7.23
N HIS G 453 6.92 50.52 8.45
CA HIS G 453 7.68 50.15 9.65
C HIS G 453 6.94 49.04 10.41
N VAL G 454 7.57 47.88 10.59
CA VAL G 454 6.95 46.82 11.38
C VAL G 454 7.56 46.62 12.77
N GLN G 455 6.70 46.48 13.76
CA GLN G 455 7.07 46.13 15.11
C GLN G 455 6.32 44.88 15.55
N ILE G 456 7.06 43.95 16.09
CA ILE G 456 6.62 42.68 16.55
C ILE G 456 7.04 42.51 17.98
N HIS G 457 6.11 42.53 18.90
CA HIS G 457 6.48 42.80 20.24
C HIS G 457 5.36 42.66 21.22
N ARG G 458 5.52 43.21 22.41
CA ARG G 458 4.40 43.57 23.24
C ARG G 458 4.51 44.98 23.71
N ASP G 459 3.58 45.82 23.34
CA ASP G 459 3.48 47.16 23.84
C ASP G 459 2.72 47.20 25.15
N ALA G 460 2.98 48.21 25.94
CA ALA G 460 2.22 48.50 27.13
C ALA G 460 0.86 49.04 26.83
N PHE G 461 0.75 49.70 25.72
CA PHE G 461 -0.49 50.30 25.25
C PHE G 461 -1.40 49.26 24.58
N SER G 462 -2.18 48.54 25.39
CA SER G 462 -3.14 47.56 24.87
C SER G 462 -4.43 48.25 24.37
N TYR G 463 -5.05 47.67 23.34
CA TYR G 463 -6.12 48.37 22.64
C TYR G 463 -7.51 47.84 22.91
N GLY G 464 -7.61 46.82 23.75
CA GLY G 464 -8.91 46.28 24.08
C GLY G 464 -8.88 45.59 25.42
N ALA G 465 -9.96 44.93 25.78
CA ALA G 465 -9.98 44.12 26.99
C ALA G 465 -8.80 43.15 26.91
N VAL G 466 -8.14 42.93 28.03
CA VAL G 466 -7.03 41.99 28.05
C VAL G 466 -7.54 40.55 28.03
N ALA G 467 -6.75 39.65 27.45
CA ALA G 467 -7.11 38.24 27.34
C ALA G 467 -7.37 37.68 28.73
N GLU G 468 -8.42 36.91 28.87
CA GLU G 468 -8.71 36.36 30.18
C GLU G 468 -8.26 34.92 30.24
N ASN G 469 -8.36 34.26 29.10
CA ASN G 469 -8.20 32.83 29.05
C ASN G 469 -6.94 32.39 28.30
N MET G 470 -6.18 33.35 27.79
CA MET G 470 -4.94 33.03 27.10
C MET G 470 -3.76 33.47 27.97
N ASP G 471 -2.74 32.63 27.99
CA ASP G 471 -1.53 32.93 28.73
C ASP G 471 -0.71 33.98 27.95
N THR G 472 -0.26 34.99 28.68
CA THR G 472 0.44 36.12 28.08
C THR G 472 1.78 35.73 27.44
N ARG G 473 2.39 34.65 27.94
CA ARG G 473 3.68 34.20 27.44
C ARG G 473 3.64 33.77 25.97
N VAL G 474 2.47 33.38 25.46
CA VAL G 474 2.36 33.01 24.05
C VAL G 474 1.66 34.04 23.15
N ILE G 475 1.54 35.26 23.65
CA ILE G 475 0.92 36.33 22.86
C ILE G 475 1.96 37.26 22.20
N VAL G 476 1.78 37.54 20.92
CA VAL G 476 2.64 38.48 20.20
C VAL G 476 1.83 39.59 19.51
N ASP G 477 2.30 40.83 19.59
CA ASP G 477 1.63 41.96 18.95
C ASP G 477 2.21 42.30 17.59
N TYR G 478 1.34 42.79 16.71
CA TYR G 478 1.80 43.25 15.42
C TYR G 478 1.34 44.67 15.24
N ARG G 479 2.30 45.54 14.90
CA ARG G 479 1.98 46.92 14.57
C ARG G 479 2.76 47.32 13.35
N PHE G 480 2.05 47.55 12.26
CA PHE G 480 2.66 48.08 11.05
C PHE G 480 2.25 49.52 10.88
N PHE G 481 3.24 50.40 10.67
CA PHE G 481 2.98 51.81 10.48
C PHE G 481 3.33 52.13 9.04
N GLY G 482 2.45 52.84 8.35
CA GLY G 482 2.69 53.28 6.98
C GLY G 482 2.94 54.77 7.04
N TYR G 483 3.22 55.39 5.89
CA TYR G 483 3.43 56.84 5.83
C TYR G 483 2.47 57.54 4.87
N THR G 484 2.03 58.74 5.23
CA THR G 484 1.30 59.59 4.30
C THR G 484 2.17 60.69 3.67
N GLU G 485 1.89 60.99 2.41
CA GLU G 485 2.60 62.04 1.70
C GLU G 485 2.29 63.42 2.26
N PRO G 486 3.31 64.29 2.31
CA PRO G 486 3.10 65.71 2.62
C PRO G 486 2.27 66.35 1.51
N GLN G 487 1.11 66.87 1.86
CA GLN G 487 0.26 67.55 0.90
C GLN G 487 -0.19 68.86 1.50
N GLU G 488 -0.19 69.92 0.70
CA GLU G 488 -0.55 71.23 1.21
C GLU G 488 -1.96 71.26 1.77
N ALA G 489 -2.88 70.57 1.08
CA ALA G 489 -4.29 70.57 1.44
C ALA G 489 -4.56 70.01 2.83
N ASN G 490 -3.58 69.29 3.37
CA ASN G 490 -3.73 68.65 4.66
C ASN G 490 -3.21 69.48 5.82
N GLU G 491 -4.10 69.76 6.77
CA GLU G 491 -3.93 70.89 7.65
C GLU G 491 -4.30 70.63 9.10
N LEU G 492 -3.51 71.23 9.98
CA LEU G 492 -3.92 71.46 11.36
C LEU G 492 -4.10 72.97 11.49
N VAL G 493 -5.32 73.38 11.85
CA VAL G 493 -5.66 74.79 11.97
C VAL G 493 -6.29 75.08 13.33
N PHE G 494 -6.36 76.35 13.70
CA PHE G 494 -6.80 76.70 15.04
C PHE G 494 -8.03 77.64 15.08
N GLN G 495 -9.01 77.28 15.91
CA GLN G 495 -10.26 78.02 15.95
C GLN G 495 -10.13 79.32 16.72
N GLN G 496 -10.62 80.39 16.12
CA GLN G 496 -10.61 81.70 16.76
C GLN G 496 -11.59 81.76 17.92
N HIS G 497 -12.69 81.01 17.83
CA HIS G 497 -13.78 81.14 18.79
C HIS G 497 -13.92 80.02 19.81
N TYR G 498 -13.15 78.95 19.65
CA TYR G 498 -13.17 77.85 20.63
C TYR G 498 -11.80 77.69 21.30
N ARG G 499 -11.81 77.20 22.53
CA ARG G 499 -10.57 77.03 23.29
C ARG G 499 -10.53 75.69 24.04
N ASP G 500 -9.34 75.15 24.25
CA ASP G 500 -9.22 73.91 25.02
C ASP G 500 -9.32 74.19 26.52
N ALA G 501 -9.16 73.17 27.35
CA ALA G 501 -9.29 73.32 28.79
C ALA G 501 -8.27 74.29 29.40
N TYR G 502 -7.21 74.58 28.65
CA TYR G 502 -6.16 75.47 29.13
C TYR G 502 -6.16 76.84 28.43
N ASP G 503 -7.31 77.17 27.83
CA ASP G 503 -7.52 78.45 27.17
C ASP G 503 -6.61 78.73 25.96
N MET G 504 -6.19 77.67 25.27
CA MET G 504 -5.44 77.82 24.03
C MET G 504 -6.42 77.64 22.86
N PRO G 505 -6.03 78.03 21.63
CA PRO G 505 -7.00 77.87 20.55
C PRO G 505 -7.22 76.41 20.19
N GLN G 506 -8.49 76.04 20.01
CA GLN G 506 -8.90 74.69 19.68
C GLN G 506 -8.30 74.18 18.36
N PRO G 507 -7.50 73.11 18.46
CA PRO G 507 -6.96 72.48 17.24
C PRO G 507 -8.05 71.82 16.41
N THR G 508 -7.94 71.87 15.08
CA THR G 508 -8.88 71.20 14.18
C THR G 508 -8.16 70.66 12.96
N PHE G 509 -8.39 69.39 12.64
CA PHE G 509 -7.68 68.73 11.54
C PHE G 509 -8.51 68.66 10.28
N LYS G 510 -7.84 68.76 9.14
CA LYS G 510 -8.43 68.43 7.85
C LYS G 510 -7.46 67.54 7.12
N PHE G 511 -7.64 66.23 7.30
CA PHE G 511 -6.68 65.26 6.80
C PHE G 511 -7.31 64.18 5.95
N THR G 512 -6.78 64.02 4.75
CA THR G 512 -7.24 63.02 3.82
C THR G 512 -6.01 62.42 3.15
N MET G 513 -5.91 61.11 3.21
CA MET G 513 -4.81 60.41 2.57
C MET G 513 -4.95 60.51 1.06
N SER G 514 -3.83 60.33 0.38
CA SER G 514 -3.82 60.34 -1.06
C SER G 514 -4.12 58.94 -1.55
N GLN G 515 -4.32 58.80 -2.85
CA GLN G 515 -4.55 57.49 -3.46
C GLN G 515 -3.35 56.57 -3.24
N ASP G 516 -2.15 57.14 -3.25
CA ASP G 516 -0.95 56.33 -3.13
C ASP G 516 -0.76 55.83 -1.69
N ASP G 517 -0.96 56.70 -0.71
CA ASP G 517 -1.06 56.31 0.69
C ASP G 517 -1.96 55.07 0.89
N ARG G 518 -3.11 55.05 0.23
CA ARG G 518 -4.10 53.99 0.46
C ARG G 518 -3.63 52.68 -0.16
N ALA G 519 -3.07 52.77 -1.37
CA ALA G 519 -2.50 51.61 -2.05
C ALA G 519 -1.45 50.92 -1.19
N ARG G 520 -0.54 51.72 -0.63
CA ARG G 520 0.44 51.18 0.30
C ARG G 520 -0.22 50.63 1.56
N ALA G 521 -1.27 51.28 2.02
CA ALA G 521 -1.95 50.85 3.24
C ALA G 521 -2.57 49.46 3.08
N ARG G 522 -3.19 49.20 1.93
CA ARG G 522 -3.62 47.87 1.59
C ARG G 522 -2.48 46.85 1.64
N ARG G 523 -1.40 47.15 0.95
CA ARG G 523 -0.27 46.24 0.85
C ARG G 523 0.25 45.96 2.23
N MET G 524 0.33 47.00 3.05
CA MET G 524 0.74 46.85 4.41
C MET G 524 -0.17 45.89 5.19
N MET G 525 -1.49 46.02 5.01
CA MET G 525 -2.43 45.10 5.65
C MET G 525 -2.18 43.67 5.17
N ASP G 526 -2.01 43.50 3.87
CA ASP G 526 -1.68 42.18 3.32
C ASP G 526 -0.38 41.66 3.95
N ASP G 527 0.60 42.54 4.07
CA ASP G 527 1.90 42.14 4.60
C ASP G 527 1.79 41.63 6.04
N MET G 528 1.02 42.34 6.87
CA MET G 528 0.80 41.95 8.27
C MET G 528 0.25 40.54 8.37
N CYS G 529 -0.82 40.28 7.63
CA CYS G 529 -1.46 38.97 7.66
C CYS G 529 -0.46 37.89 7.33
N ASN G 530 0.23 38.03 6.20
CA ASN G 530 1.21 37.03 5.78
C ASN G 530 2.27 36.76 6.83
N ILE G 531 2.87 37.82 7.35
CA ILE G 531 3.95 37.69 8.32
C ILE G 531 3.49 37.06 9.65
N ALA G 532 2.38 37.53 10.19
CA ALA G 532 1.91 37.06 11.51
C ALA G 532 1.49 35.59 11.56
N LEU G 533 0.90 35.10 10.47
CA LEU G 533 0.46 33.73 10.37
C LEU G 533 1.63 32.76 10.17
N LYS G 534 2.83 33.28 9.93
CA LYS G 534 3.97 32.41 9.78
C LYS G 534 4.25 31.70 11.09
N ILE G 535 4.13 32.43 12.19
CA ILE G 535 4.51 31.87 13.49
C ILE G 535 3.37 31.69 14.48
N GLY G 536 2.17 32.19 14.14
CA GLY G 536 1.02 32.13 15.04
C GLY G 536 -0.35 32.27 14.38
N GLY G 537 -1.41 32.36 15.18
CA GLY G 537 -2.78 32.50 14.70
C GLY G 537 -3.51 33.58 15.48
N TYR G 538 -4.36 34.36 14.82
CA TYR G 538 -4.94 35.56 15.44
C TYR G 538 -5.69 35.27 16.74
N LEU G 539 -5.58 36.19 17.67
CA LEU G 539 -6.25 36.05 18.94
C LEU G 539 -7.63 36.69 18.78
N PRO G 540 -8.71 35.95 19.10
CA PRO G 540 -10.07 36.52 18.98
C PRO G 540 -10.14 37.86 19.70
N GLY G 541 -10.60 38.90 18.99
CA GLY G 541 -10.60 40.23 19.56
C GLY G 541 -9.49 41.08 19.03
N SER G 542 -8.43 40.43 18.56
CA SER G 542 -7.28 41.15 17.99
C SER G 542 -6.97 40.61 16.61
N GLU G 543 -7.99 40.53 15.78
CA GLU G 543 -7.83 40.13 14.39
C GLU G 543 -7.34 41.36 13.61
N PRO G 544 -6.78 41.16 12.40
CA PRO G 544 -6.16 42.27 11.68
C PRO G 544 -7.15 43.42 11.49
N GLN G 545 -6.71 44.63 11.78
CA GLN G 545 -7.61 45.79 11.78
C GLN G 545 -6.80 47.10 11.68
N PHE G 546 -7.39 48.12 11.07
CA PHE G 546 -6.81 49.47 11.13
C PHE G 546 -7.21 50.13 12.45
N MET G 547 -6.33 50.94 13.01
CA MET G 547 -6.64 51.65 14.24
C MET G 547 -7.19 53.04 13.91
N THR G 548 -7.68 53.76 14.91
CA THR G 548 -8.22 55.10 14.67
C THR G 548 -7.10 56.09 14.32
N PRO G 549 -7.17 56.68 13.12
CA PRO G 549 -6.18 57.65 12.62
C PRO G 549 -5.68 58.60 13.70
N GLY G 550 -4.38 58.57 13.96
CA GLY G 550 -3.79 59.41 14.97
C GLY G 550 -3.31 58.63 16.17
N LEU G 551 -3.72 57.38 16.24
CA LEU G 551 -3.40 56.56 17.39
C LEU G 551 -1.89 56.48 17.70
N ALA G 552 -1.07 56.45 16.66
CA ALA G 552 0.37 56.29 16.87
C ALA G 552 0.97 57.57 17.45
N LEU G 553 0.26 58.68 17.31
CA LEU G 553 0.71 60.00 17.78
C LEU G 553 2.04 60.41 17.13
N HIS G 554 2.24 60.01 15.88
CA HIS G 554 3.48 60.30 15.18
C HIS G 554 3.19 61.38 14.17
N LEU G 555 2.36 62.32 14.60
CA LEU G 555 1.94 63.45 13.81
C LEU G 555 3.17 64.31 13.55
N ALA G 556 3.31 64.78 12.31
CA ALA G 556 4.48 65.55 11.92
C ALA G 556 4.15 66.53 10.81
N GLY G 557 5.05 67.49 10.59
CA GLY G 557 4.90 68.41 9.48
C GLY G 557 4.11 69.65 9.83
N THR G 558 3.87 69.87 11.12
CA THR G 558 3.04 70.98 11.55
C THR G 558 3.77 72.31 11.59
N THR G 559 5.08 72.27 11.85
CA THR G 559 5.93 73.45 11.72
C THR G 559 7.19 73.01 10.97
N ARG G 560 6.99 72.49 9.77
CA ARG G 560 8.03 71.75 9.06
C ARG G 560 9.26 72.59 8.74
N CYS G 561 10.40 71.91 8.62
CA CYS G 561 11.68 72.58 8.42
C CYS G 561 12.51 71.88 7.34
N GLY G 562 12.90 72.62 6.33
CA GLY G 562 13.63 72.05 5.23
C GLY G 562 14.34 73.11 4.46
N LEU G 563 14.58 72.85 3.17
CA LEU G 563 15.36 73.77 2.33
C LEU G 563 14.47 74.64 1.46
N ASP G 564 13.42 74.05 0.89
CA ASP G 564 12.43 74.83 0.18
C ASP G 564 11.82 75.79 1.21
N THR G 565 11.99 77.08 0.99
CA THR G 565 11.59 78.09 1.97
C THR G 565 10.13 78.51 1.77
N GLN G 566 9.70 78.50 0.50
CA GLN G 566 8.32 78.81 0.14
C GLN G 566 7.36 77.79 0.74
N LYS G 567 7.89 76.62 1.08
CA LYS G 567 7.08 75.48 1.54
C LYS G 567 7.31 75.05 2.99
N THR G 568 8.30 75.64 3.66
CA THR G 568 8.58 75.28 5.04
C THR G 568 8.32 76.40 6.02
N VAL G 569 8.28 76.05 7.31
CA VAL G 569 8.11 77.05 8.34
C VAL G 569 9.48 77.53 8.79
N GLY G 570 10.46 76.64 8.69
CA GLY G 570 11.81 76.96 9.09
C GLY G 570 12.92 76.40 8.21
N ASN G 571 14.15 76.82 8.49
CA ASN G 571 15.31 76.27 7.79
C ASN G 571 15.84 75.02 8.50
N THR G 572 16.87 74.40 7.94
CA THR G 572 17.37 73.13 8.46
C THR G 572 18.02 73.25 9.84
N HIS G 573 18.06 74.46 10.38
CA HIS G 573 18.51 74.62 11.76
C HIS G 573 17.31 74.97 12.64
N CYS G 574 16.12 74.81 12.06
CA CYS G 574 14.85 75.01 12.76
C CYS G 574 14.62 76.46 13.25
N LYS G 575 15.30 77.41 12.61
CA LYS G 575 14.95 78.82 12.76
C LYS G 575 13.69 79.09 11.94
N VAL G 576 12.72 79.76 12.53
CA VAL G 576 11.51 80.12 11.78
C VAL G 576 11.92 81.21 10.79
N HIS G 577 11.46 81.09 9.55
CA HIS G 577 11.79 82.05 8.52
C HIS G 577 11.35 83.46 8.90
N ASN G 578 12.14 84.44 8.45
CA ASN G 578 11.91 85.85 8.73
C ASN G 578 12.15 86.25 10.18
N PHE G 579 12.52 85.26 11.00
CA PHE G 579 12.85 85.51 12.42
C PHE G 579 14.31 85.18 12.65
N ASN G 580 14.81 85.49 13.84
CA ASN G 580 16.22 85.27 14.11
C ASN G 580 16.46 84.68 15.49
N ASN G 581 15.52 84.95 16.39
CA ASN G 581 15.64 84.53 17.78
C ASN G 581 14.60 83.49 18.16
N LEU G 582 13.93 82.91 17.16
CA LEU G 582 12.84 81.97 17.37
C LEU G 582 13.05 80.65 16.65
N TYR G 583 13.05 79.57 17.44
CA TYR G 583 13.28 78.23 16.92
C TYR G 583 12.15 77.31 17.34
N VAL G 584 12.06 76.17 16.66
CA VAL G 584 11.06 75.16 16.99
C VAL G 584 11.71 73.78 17.06
N GLY G 585 11.00 72.84 17.68
CA GLY G 585 11.51 71.49 17.86
C GLY G 585 10.36 70.55 18.14
N GLY G 586 10.65 69.25 18.05
CA GLY G 586 9.63 68.24 18.17
C GLY G 586 9.32 67.63 16.82
N ASN G 587 8.50 66.58 16.81
CA ASN G 587 8.17 65.89 15.56
C ASN G 587 7.62 66.79 14.47
N GLY G 588 7.08 67.95 14.87
CA GLY G 588 6.50 68.89 13.94
C GLY G 588 7.47 69.37 12.85
N VAL G 589 8.76 69.48 13.20
CA VAL G 589 9.76 69.99 12.26
C VAL G 589 9.98 69.07 11.06
N ILE G 590 9.60 67.80 11.21
CA ILE G 590 9.87 66.80 10.17
C ILE G 590 8.99 67.04 8.93
N GLU G 591 9.63 67.11 7.78
CA GLU G 591 9.00 67.58 6.56
C GLU G 591 8.55 66.43 5.68
N THR G 592 9.13 65.26 5.92
CA THR G 592 8.87 64.11 5.06
C THR G 592 7.72 63.26 5.60
N GLY G 593 7.29 62.33 4.76
CA GLY G 593 6.38 61.28 5.20
C GLY G 593 7.19 60.05 5.56
N PHE G 594 7.17 59.69 6.84
CA PHE G 594 7.95 58.57 7.35
C PHE G 594 7.03 57.55 8.02
N ALA G 595 7.51 56.31 8.19
CA ALA G 595 6.70 55.27 8.83
C ALA G 595 7.21 54.91 10.23
N ALA G 596 8.49 55.15 10.50
CA ALA G 596 9.09 54.68 11.74
C ALA G 596 8.90 55.66 12.90
N ASN G 597 9.39 55.31 14.08
CA ASN G 597 9.20 56.16 15.27
C ASN G 597 10.11 57.38 15.25
N PRO G 598 9.49 58.57 15.19
CA PRO G 598 10.10 59.88 14.91
C PRO G 598 11.04 60.46 15.96
N THR G 599 10.91 60.08 17.23
CA THR G 599 11.62 60.79 18.31
C THR G 599 13.13 60.94 18.11
N LEU G 600 13.83 59.85 17.73
CA LEU G 600 15.28 59.92 17.60
C LEU G 600 15.68 61.00 16.61
N THR G 601 14.99 61.00 15.49
CA THR G 601 15.17 62.01 14.45
C THR G 601 14.90 63.44 14.94
N SER G 602 13.84 63.60 15.71
CA SER G 602 13.53 64.90 16.27
C SER G 602 14.59 65.34 17.27
N ILE G 603 15.17 64.39 17.99
CA ILE G 603 16.31 64.70 18.85
C ILE G 603 17.48 65.21 18.01
N CYS G 604 17.60 64.67 16.81
CA CYS G 604 18.60 65.18 15.88
C CYS G 604 18.40 66.67 15.58
N TYR G 605 17.16 67.08 15.31
CA TYR G 605 16.88 68.47 15.02
C TYR G 605 17.14 69.36 16.22
N ALA G 606 16.80 68.86 17.39
CA ALA G 606 17.00 69.62 18.61
C ALA G 606 18.49 69.92 18.85
N ILE G 607 19.36 68.99 18.44
CA ILE G 607 20.81 69.18 18.52
C ILE G 607 21.29 70.22 17.50
N ARG G 608 21.05 69.94 16.23
CA ARG G 608 21.36 70.85 15.14
C ARG G 608 20.86 72.28 15.42
N ALA G 609 19.68 72.38 16.00
CA ALA G 609 19.09 73.67 16.34
C ALA G 609 19.82 74.28 17.53
N SER G 610 20.14 73.44 18.52
CA SER G 610 20.91 73.90 19.67
C SER G 610 22.29 74.45 19.27
N ASN G 611 23.02 73.70 18.45
CA ASN G 611 24.32 74.15 17.96
C ASN G 611 24.22 75.50 17.26
N ASP G 612 23.11 75.74 16.57
CA ASP G 612 22.94 77.00 15.88
C ASP G 612 22.61 78.14 16.84
N ILE G 613 21.84 77.82 17.88
CA ILE G 613 21.55 78.79 18.92
C ILE G 613 22.84 79.16 19.63
N ILE G 614 23.68 78.15 19.83
CA ILE G 614 24.97 78.33 20.49
C ILE G 614 25.89 79.21 19.65
N ALA G 615 25.92 78.92 18.35
CA ALA G 615 26.83 79.60 17.42
C ALA G 615 26.37 81.00 17.06
N LYS G 616 25.31 81.47 17.69
CA LYS G 616 24.79 82.79 17.37
C LYS G 616 24.51 83.62 18.60
N PHE G 617 24.58 82.99 19.78
CA PHE G 617 24.20 83.69 21.01
C PHE G 617 25.12 83.41 22.21
N GLY G 618 26.09 82.52 22.04
CA GLY G 618 27.03 82.21 23.10
C GLY G 618 28.00 83.34 23.43
N MET H 2 12.39 57.61 43.73
CA MET H 2 12.95 58.77 44.43
C MET H 2 13.26 58.49 45.90
N PHE H 3 14.54 58.26 46.19
CA PHE H 3 15.01 58.11 47.56
C PHE H 3 14.83 59.44 48.27
N LEU H 4 14.23 59.41 49.45
CA LEU H 4 13.73 60.63 50.10
C LEU H 4 14.73 61.30 51.03
N ASP H 5 14.54 62.61 51.21
CA ASP H 5 15.43 63.41 52.04
C ASP H 5 14.97 63.42 53.50
N THR H 6 15.13 62.28 54.15
CA THR H 6 14.93 62.19 55.58
C THR H 6 16.22 61.67 56.19
N THR H 7 16.20 61.38 57.48
CA THR H 7 17.39 60.90 58.18
C THR H 7 17.76 59.53 57.61
N PRO H 8 19.06 59.29 57.36
CA PRO H 8 19.48 57.95 56.91
C PRO H 8 19.33 56.88 57.98
N PHE H 9 19.73 55.66 57.64
CA PHE H 9 19.57 54.53 58.55
C PHE H 9 20.87 54.31 59.34
N ARG H 10 20.79 53.50 60.39
CA ARG H 10 21.99 53.02 61.08
C ARG H 10 21.68 51.80 61.96
N ALA H 11 22.50 50.77 61.82
CA ALA H 11 22.32 49.53 62.57
C ALA H 11 22.92 49.62 63.98
N ASP H 12 23.70 50.68 64.21
CA ASP H 12 24.36 50.88 65.50
C ASP H 12 23.51 51.76 66.44
N GLU H 13 22.19 51.75 66.22
CA GLU H 13 21.28 52.59 67.00
C GLU H 13 19.80 52.19 66.83
N PRO H 14 19.17 51.78 67.93
CA PRO H 14 17.76 51.35 67.92
C PRO H 14 16.83 52.55 67.80
N TYR H 15 15.90 52.48 66.85
CA TYR H 15 14.90 53.53 66.69
C TYR H 15 13.89 53.42 67.82
N ASP H 16 13.25 54.54 68.16
CA ASP H 16 12.16 54.53 69.14
C ASP H 16 10.93 53.77 68.63
N VAL H 17 10.40 54.16 67.47
CA VAL H 17 9.27 53.46 66.90
C VAL H 17 9.56 52.96 65.50
N PHE H 18 9.32 51.68 65.25
CA PHE H 18 9.36 51.17 63.89
C PHE H 18 7.95 51.07 63.31
N ILE H 19 7.80 51.49 62.06
CA ILE H 19 6.49 51.52 61.41
C ILE H 19 6.55 50.90 60.02
N ALA H 20 5.66 49.95 59.72
CA ALA H 20 5.55 49.44 58.36
C ALA H 20 4.27 49.93 57.69
N GLY H 21 4.43 50.83 56.72
CA GLY H 21 3.31 51.34 55.93
C GLY H 21 3.25 52.85 55.95
N SER H 22 3.02 53.48 54.80
CA SER H 22 2.99 54.93 54.71
C SER H 22 1.62 55.48 54.31
N GLY H 23 0.57 54.68 54.52
CA GLY H 23 -0.78 55.19 54.35
C GLY H 23 -1.11 56.21 55.43
N PRO H 24 -2.35 56.72 55.41
CA PRO H 24 -2.84 57.67 56.41
C PRO H 24 -2.67 57.16 57.83
N ILE H 25 -2.80 55.85 58.02
CA ILE H 25 -2.67 55.26 59.35
C ILE H 25 -1.23 55.29 59.86
N GLY H 26 -0.32 54.66 59.10
CA GLY H 26 1.08 54.64 59.47
C GLY H 26 1.61 56.06 59.67
N ALA H 27 1.18 56.96 58.78
CA ALA H 27 1.63 58.35 58.83
C ALA H 27 1.24 59.02 60.14
N THR H 28 0.02 58.73 60.61
CA THR H 28 -0.48 59.33 61.83
C THR H 28 0.41 59.00 63.01
N PHE H 29 0.81 57.73 63.10
CA PHE H 29 1.72 57.27 64.13
C PHE H 29 2.99 58.10 64.06
N ALA H 30 3.58 58.14 62.88
CA ALA H 30 4.80 58.88 62.66
C ALA H 30 4.68 60.30 63.19
N LYS H 31 3.58 60.97 62.83
CA LYS H 31 3.39 62.37 63.21
C LYS H 31 3.38 62.53 64.72
N LEU H 32 2.56 61.74 65.38
CA LEU H 32 2.39 61.86 66.82
C LEU H 32 3.62 61.34 67.60
N CYS H 33 4.23 60.26 67.12
CA CYS H 33 5.40 59.70 67.79
C CYS H 33 6.60 60.62 67.71
N VAL H 34 6.79 61.22 66.54
CA VAL H 34 7.87 62.18 66.33
C VAL H 34 7.61 63.50 67.06
N ASP H 35 6.36 63.96 67.02
CA ASP H 35 5.98 65.15 67.77
C ASP H 35 6.23 64.98 69.28
N ALA H 36 6.26 63.74 69.74
CA ALA H 36 6.62 63.42 71.13
C ALA H 36 8.11 63.09 71.24
N ASN H 37 8.89 63.62 70.31
CA ASN H 37 10.34 63.42 70.26
C ASN H 37 10.80 61.97 70.35
N LEU H 38 10.38 61.17 69.39
CA LEU H 38 10.85 59.82 69.33
C LEU H 38 11.42 59.57 67.94
N ARG H 39 12.49 58.77 67.87
CA ARG H 39 13.09 58.40 66.58
C ARG H 39 12.22 57.37 65.88
N VAL H 40 11.72 57.72 64.69
CA VAL H 40 10.82 56.83 63.96
C VAL H 40 11.43 56.34 62.65
N CYS H 41 11.39 55.03 62.44
CA CYS H 41 11.81 54.49 61.15
C CYS H 41 10.62 53.87 60.44
N MET H 42 10.19 54.48 59.36
CA MET H 42 9.05 53.98 58.60
C MET H 42 9.46 53.40 57.26
N VAL H 43 8.93 52.24 56.92
CA VAL H 43 9.22 51.59 55.64
C VAL H 43 7.98 51.46 54.76
N GLU H 44 8.11 51.87 53.51
CA GLU H 44 7.00 51.74 52.57
C GLU H 44 7.43 50.87 51.40
N ILE H 45 6.66 49.82 51.15
CA ILE H 45 7.01 48.84 50.13
C ILE H 45 6.91 49.46 48.74
N GLY H 46 6.11 50.52 48.63
CA GLY H 46 5.91 51.18 47.35
C GLY H 46 6.91 52.27 47.08
N ALA H 47 6.68 53.03 46.03
CA ALA H 47 7.55 54.16 45.72
C ALA H 47 6.85 55.46 46.10
N ALA H 48 7.62 56.53 46.23
CA ALA H 48 7.02 57.85 46.43
C ALA H 48 6.75 58.46 45.05
N ASP H 49 5.48 58.52 44.69
CA ASP H 49 5.08 58.72 43.30
C ASP H 49 4.18 59.92 43.10
N SER H 50 3.92 60.64 44.18
CA SER H 50 3.02 61.77 44.14
C SER H 50 3.53 62.83 45.09
N PHE H 51 3.78 64.03 44.57
CA PHE H 51 4.44 65.07 45.38
C PHE H 51 3.78 66.44 45.35
N THR H 52 3.90 67.15 46.46
CA THR H 52 3.66 68.58 46.44
C THR H 52 4.86 69.25 47.10
N SER H 53 4.96 70.57 47.01
CA SER H 53 5.99 71.32 47.72
C SER H 53 5.38 72.15 48.83
N LYS H 54 6.07 72.24 49.97
CA LYS H 54 5.68 73.14 51.05
C LYS H 54 6.95 73.84 51.54
N PRO H 55 6.83 75.09 52.01
CA PRO H 55 8.02 75.90 52.33
C PRO H 55 8.68 75.51 53.64
N MET H 56 9.99 75.73 53.72
CA MET H 56 10.75 75.42 54.93
C MET H 56 10.48 76.46 56.02
N LYS H 57 10.40 76.02 57.28
CA LYS H 57 10.07 76.93 58.38
C LYS H 57 11.29 77.62 59.01
N GLY H 71 15.19 76.56 48.65
CA GLY H 71 14.87 75.89 49.90
C GLY H 71 13.48 75.27 49.91
N GLN H 72 13.14 74.55 48.85
CA GLN H 72 11.82 73.93 48.72
C GLN H 72 11.80 72.43 49.00
N VAL H 73 11.06 72.04 50.05
CA VAL H 73 11.00 70.65 50.44
C VAL H 73 9.80 69.94 49.78
N PRO H 74 10.08 68.83 49.08
CA PRO H 74 9.01 68.08 48.43
C PRO H 74 8.30 67.17 49.43
N ILE H 75 7.00 67.01 49.26
CA ILE H 75 6.19 66.26 50.21
C ILE H 75 5.45 65.15 49.49
N PRO H 76 5.80 63.90 49.82
CA PRO H 76 5.20 62.71 49.21
C PRO H 76 3.81 62.48 49.79
N GLY H 77 3.05 61.57 49.20
CA GLY H 77 1.71 61.26 49.68
C GLY H 77 0.72 62.37 49.38
N TYR H 78 0.96 63.07 48.28
CA TYR H 78 0.06 64.13 47.83
C TYR H 78 -1.08 63.48 47.05
N HIS H 79 -2.27 64.09 47.04
CA HIS H 79 -3.41 63.51 46.33
C HIS H 79 -3.28 63.71 44.84
N LYS H 80 -3.23 62.62 44.09
CA LYS H 80 -3.05 62.71 42.64
C LYS H 80 -4.22 63.44 41.98
N LYS H 81 -5.38 63.42 42.64
CA LYS H 81 -6.58 64.13 42.18
C LYS H 81 -6.35 65.63 42.12
N ASN H 82 -5.31 66.11 42.79
CA ASN H 82 -5.05 67.55 42.86
C ASN H 82 -4.33 68.21 41.67
N GLU H 83 -3.72 67.43 40.78
CA GLU H 83 -3.13 67.99 39.57
C GLU H 83 -4.19 68.71 38.75
N ILE H 84 -3.79 69.80 38.09
CA ILE H 84 -4.69 70.57 37.24
C ILE H 84 -5.26 69.73 36.09
N GLU H 85 -4.52 68.69 35.69
CA GLU H 85 -5.01 67.74 34.71
C GLU H 85 -6.32 67.12 35.20
N TYR H 86 -6.37 66.72 36.47
CA TYR H 86 -7.54 66.01 36.98
C TYR H 86 -8.65 66.94 37.49
N GLN H 87 -8.28 68.17 37.85
CA GLN H 87 -9.28 69.18 38.14
C GLN H 87 -10.06 69.57 36.88
N LYS H 88 -9.34 69.69 35.75
CA LYS H 88 -9.93 70.13 34.48
C LYS H 88 -10.62 69.02 33.66
N ASP H 89 -10.42 67.77 34.05
CA ASP H 89 -11.01 66.66 33.32
C ASP H 89 -11.12 65.47 34.26
N ILE H 90 -11.95 65.61 35.30
CA ILE H 90 -12.09 64.59 36.34
C ILE H 90 -12.35 63.18 35.80
N ASP H 91 -13.04 63.09 34.67
CA ASP H 91 -13.37 61.80 34.08
C ASP H 91 -12.15 60.91 33.84
N ARG H 92 -10.97 61.52 33.74
CA ARG H 92 -9.78 60.76 33.39
C ARG H 92 -9.20 60.02 34.59
N PHE H 93 -9.51 60.53 35.77
CA PHE H 93 -8.93 60.02 37.00
C PHE H 93 -9.22 58.56 37.27
N VAL H 94 -10.32 58.05 36.72
CA VAL H 94 -10.63 56.63 36.86
C VAL H 94 -9.44 55.76 36.41
N ASN H 95 -8.71 56.23 35.40
CA ASN H 95 -7.54 55.52 34.90
C ASN H 95 -6.41 55.48 35.93
N VAL H 96 -6.28 56.57 36.68
CA VAL H 96 -5.32 56.60 37.77
C VAL H 96 -5.70 55.57 38.83
N ILE H 97 -6.99 55.51 39.17
CA ILE H 97 -7.50 54.56 40.18
C ILE H 97 -7.32 53.10 39.74
N LYS H 98 -7.74 52.78 38.53
CA LYS H 98 -7.54 51.45 37.99
C LYS H 98 -6.06 51.09 37.84
N GLY H 99 -5.20 52.10 37.72
CA GLY H 99 -3.78 51.87 37.56
C GLY H 99 -3.07 51.50 38.86
N ALA H 100 -3.60 51.97 39.98
CA ALA H 100 -3.01 51.70 41.28
C ALA H 100 -3.68 50.53 42.01
N LEU H 101 -4.82 50.07 41.52
CA LEU H 101 -5.49 49.00 42.24
C LEU H 101 -4.92 47.65 41.88
N SER H 102 -4.58 46.88 42.91
CA SER H 102 -4.03 45.56 42.72
C SER H 102 -4.95 44.55 43.44
N THR H 103 -5.68 43.76 42.66
CA THR H 103 -6.59 42.78 43.19
C THR H 103 -5.87 41.69 43.99
N CYS H 104 -6.43 41.35 45.14
CA CYS H 104 -5.79 40.45 46.12
C CYS H 104 -5.86 38.97 45.77
N SER H 105 -7.01 38.55 45.26
CA SER H 105 -7.30 37.13 45.10
C SER H 105 -8.08 36.81 43.83
N ILE H 106 -7.37 36.29 42.83
CA ILE H 106 -7.95 35.93 41.55
C ILE H 106 -7.99 34.42 41.39
N PRO H 107 -9.19 33.85 41.34
CA PRO H 107 -9.29 32.40 41.25
C PRO H 107 -8.74 31.91 39.91
N THR H 108 -8.44 30.62 39.82
CA THR H 108 -8.02 30.07 38.56
C THR H 108 -9.24 29.67 37.77
N SER H 109 -9.09 29.63 36.45
CA SER H 109 -10.19 29.22 35.60
C SER H 109 -9.61 28.38 34.49
N ASN H 110 -10.48 27.66 33.78
CA ASN H 110 -10.02 26.88 32.65
C ASN H 110 -11.01 26.87 31.50
N ASN H 111 -11.43 28.05 31.06
CA ASN H 111 -12.41 28.13 29.98
C ASN H 111 -11.83 27.86 28.60
N HIS H 112 -12.64 27.22 27.79
CA HIS H 112 -12.24 26.76 26.48
C HIS H 112 -12.49 27.88 25.51
N ILE H 113 -11.45 28.30 24.78
CA ILE H 113 -11.69 29.26 23.72
C ILE H 113 -11.98 28.48 22.45
N ALA H 114 -13.23 28.54 22.04
CA ALA H 114 -13.73 27.69 20.98
C ALA H 114 -13.21 28.10 19.61
N THR H 115 -12.89 29.38 19.46
CA THR H 115 -12.49 29.88 18.13
C THR H 115 -10.97 30.14 17.94
N LEU H 116 -10.16 29.55 18.82
CA LEU H 116 -8.70 29.56 18.65
C LEU H 116 -8.34 28.98 17.31
N ASP H 117 -7.33 29.57 16.68
CA ASP H 117 -6.66 28.96 15.54
C ASP H 117 -6.18 27.58 16.01
N PRO H 118 -6.46 26.56 15.22
CA PRO H 118 -6.23 25.20 15.69
C PRO H 118 -4.75 24.83 15.84
N SER H 119 -3.81 25.64 15.36
CA SER H 119 -2.38 25.30 15.54
C SER H 119 -1.72 26.07 16.67
N VAL H 120 -2.49 26.76 17.49
CA VAL H 120 -1.85 27.56 18.50
C VAL H 120 -1.91 26.87 19.81
N VAL H 121 -1.10 27.37 20.74
CA VAL H 121 -1.09 26.90 22.10
C VAL H 121 -2.51 26.96 22.66
N SER H 122 -2.94 25.89 23.29
CA SER H 122 -4.28 25.92 23.88
C SER H 122 -4.31 25.22 25.21
N ASN H 123 -5.13 25.72 26.13
CA ASN H 123 -5.34 24.98 27.36
C ASN H 123 -6.14 23.72 27.05
N SER H 124 -6.15 22.74 27.96
CA SER H 124 -6.97 21.54 27.77
C SER H 124 -7.65 21.22 29.08
N LEU H 125 -8.53 20.22 29.06
CA LEU H 125 -9.21 19.78 30.28
C LEU H 125 -8.20 19.36 31.35
N ASP H 126 -7.19 18.62 30.93
CA ASP H 126 -6.19 18.11 31.84
C ASP H 126 -4.88 18.89 31.91
N LYS H 127 -4.81 20.03 31.25
CA LYS H 127 -3.59 20.82 31.22
C LYS H 127 -3.89 22.25 30.97
N PRO H 128 -4.41 22.89 31.97
CA PRO H 128 -4.68 24.31 31.93
C PRO H 128 -3.44 25.15 32.00
N PHE H 129 -3.54 26.41 31.66
CA PHE H 129 -2.42 27.30 31.79
C PHE H 129 -2.07 27.50 33.23
N ILE H 130 -0.91 28.08 33.48
CA ILE H 130 -0.60 28.59 34.81
C ILE H 130 -0.23 30.04 34.68
N SER H 131 -0.56 30.81 35.69
CA SER H 131 -0.36 32.24 35.60
C SER H 131 -0.07 32.78 36.95
N LEU H 132 0.99 33.57 37.00
CA LEU H 132 1.29 34.39 38.16
C LEU H 132 0.02 35.10 38.57
N GLY H 133 -0.09 35.39 39.85
CA GLY H 133 -1.15 36.26 40.33
C GLY H 133 -2.44 35.54 40.62
N LYS H 134 -2.73 34.49 39.86
CA LYS H 134 -3.92 33.70 40.13
C LYS H 134 -3.74 32.76 41.30
N ASN H 135 -4.69 32.85 42.25
CA ASN H 135 -4.74 32.04 43.46
C ASN H 135 -5.58 30.77 43.27
N PRO H 136 -4.92 29.61 43.21
CA PRO H 136 -5.55 28.29 43.06
C PRO H 136 -6.40 27.85 44.28
N ALA H 137 -6.21 28.49 45.42
CA ALA H 137 -6.91 28.12 46.64
C ALA H 137 -8.20 28.90 46.84
N GLN H 138 -8.46 29.89 46.00
CA GLN H 138 -9.64 30.72 46.19
C GLN H 138 -10.85 30.05 45.59
N ASN H 139 -11.88 29.88 46.42
CA ASN H 139 -13.20 29.53 45.94
C ASN H 139 -13.85 30.83 45.51
N PRO H 140 -14.19 30.94 44.22
CA PRO H 140 -14.79 32.17 43.69
C PRO H 140 -16.11 32.51 44.40
N PHE H 141 -16.84 31.50 44.89
CA PHE H 141 -18.15 31.70 45.52
C PHE H 141 -18.06 32.37 46.90
N VAL H 142 -16.92 32.27 47.55
CA VAL H 142 -16.76 32.89 48.87
C VAL H 142 -15.74 34.05 48.89
N ASN H 143 -15.39 34.53 47.71
CA ASN H 143 -14.35 35.55 47.55
C ASN H 143 -14.82 36.98 47.83
N LEU H 144 -13.86 37.89 48.02
CA LEU H 144 -14.10 39.31 47.87
C LEU H 144 -13.41 39.81 46.60
N GLY H 145 -13.90 39.31 45.46
CA GLY H 145 -13.31 39.48 44.14
C GLY H 145 -12.76 40.83 43.74
N ALA H 146 -13.28 41.91 44.32
CA ALA H 146 -12.81 43.25 43.94
C ALA H 146 -11.96 43.89 45.03
N GLU H 147 -11.72 43.18 46.11
CA GLU H 147 -10.80 43.68 47.12
C GLU H 147 -9.44 43.82 46.48
N ALA H 148 -8.85 44.99 46.65
CA ALA H 148 -7.57 45.30 46.01
C ALA H 148 -6.70 46.15 46.93
N VAL H 149 -5.43 46.28 46.59
CA VAL H 149 -4.52 47.11 47.39
C VAL H 149 -3.80 48.17 46.55
N THR H 150 -3.21 49.14 47.23
CA THR H 150 -2.38 50.13 46.54
C THR H 150 -1.02 50.32 47.21
N ARG H 151 0.05 50.12 46.44
CA ARG H 151 1.39 50.30 46.97
C ARG H 151 2.02 51.62 46.54
N GLY H 152 2.62 52.31 47.50
CA GLY H 152 3.20 53.59 47.24
C GLY H 152 3.14 54.40 48.49
N VAL H 153 3.85 55.51 48.53
CA VAL H 153 3.81 56.35 49.70
C VAL H 153 2.49 57.10 49.77
N GLY H 154 1.76 56.89 50.86
CA GLY H 154 0.44 57.46 51.03
C GLY H 154 -0.64 56.39 50.96
N GLY H 155 -0.23 55.18 50.58
CA GLY H 155 -1.16 54.07 50.48
C GLY H 155 -2.33 54.44 49.57
N MET H 156 -3.53 54.19 50.06
CA MET H 156 -4.71 54.44 49.25
C MET H 156 -5.14 55.91 49.31
N SER H 157 -4.55 56.67 50.22
CA SER H 157 -4.92 58.08 50.36
C SER H 157 -4.56 58.92 49.14
N THR H 158 -3.63 58.45 48.32
CA THR H 158 -3.20 59.25 47.17
C THR H 158 -4.26 59.23 46.06
N ALA H 159 -5.35 58.51 46.29
CA ALA H 159 -6.43 58.52 45.31
C ALA H 159 -7.84 58.35 45.91
N TRP H 160 -7.94 58.40 47.23
CA TRP H 160 -9.22 58.09 47.88
C TRP H 160 -10.28 59.17 47.66
N THR H 161 -11.53 58.85 47.96
CA THR H 161 -12.65 59.79 47.76
C THR H 161 -12.71 60.86 48.86
N CYS H 162 -12.07 60.60 50.00
CA CYS H 162 -11.94 61.58 51.10
C CYS H 162 -13.21 61.80 51.94
N ALA H 163 -14.16 60.87 51.87
CA ALA H 163 -15.35 60.94 52.71
C ALA H 163 -15.02 60.41 54.10
N THR H 164 -15.24 61.23 55.11
CA THR H 164 -14.81 60.91 56.47
C THR H 164 -15.92 61.05 57.51
N PRO H 165 -16.97 60.21 57.43
CA PRO H 165 -18.01 60.39 58.44
C PRO H 165 -17.68 59.65 59.74
N GLU H 166 -18.38 60.01 60.82
CA GLU H 166 -18.25 59.28 62.08
C GLU H 166 -19.07 57.99 62.05
N PHE H 167 -18.79 57.07 62.95
CA PHE H 167 -19.61 55.86 63.07
C PHE H 167 -20.78 56.09 64.02
N PHE H 168 -21.95 55.57 63.64
CA PHE H 168 -23.17 55.67 64.42
C PHE H 168 -23.02 55.03 65.79
N ALA H 169 -23.54 55.70 66.81
CA ALA H 169 -23.51 55.19 68.17
C ALA H 169 -24.90 55.25 68.76
N PRO H 170 -25.54 54.08 68.93
CA PRO H 170 -26.92 54.00 69.42
C PRO H 170 -27.11 54.64 70.80
N ALA H 171 -28.26 55.25 71.02
CA ALA H 171 -28.60 55.84 72.31
C ALA H 171 -28.45 54.82 73.43
N ASP H 172 -29.10 53.67 73.29
CA ASP H 172 -28.89 52.59 74.23
C ASP H 172 -27.49 52.01 74.03
N PHE H 173 -26.63 52.20 75.02
CA PHE H 173 -25.25 51.74 74.93
C PHE H 173 -25.15 50.23 74.76
N ASN H 174 -26.21 49.52 75.12
CA ASN H 174 -26.22 48.06 75.03
C ASN H 174 -27.08 47.50 73.92
N ALA H 175 -27.50 48.36 73.00
CA ALA H 175 -28.23 47.92 71.81
C ALA H 175 -27.51 46.75 71.12
N PRO H 176 -28.28 45.82 70.51
CA PRO H 176 -27.70 44.66 69.82
C PRO H 176 -26.65 45.05 68.79
N HIS H 177 -26.95 46.01 67.92
CA HIS H 177 -25.97 46.48 66.97
C HIS H 177 -25.54 47.93 67.10
N ARG H 178 -24.23 48.13 67.04
CA ARG H 178 -23.66 49.46 66.99
C ARG H 178 -22.61 49.53 65.89
N GLU H 179 -22.42 50.73 65.35
CA GLU H 179 -21.41 51.02 64.35
C GLU H 179 -20.07 51.42 65.00
N ARG H 180 -20.16 52.20 66.08
CA ARG H 180 -18.98 52.74 66.74
C ARG H 180 -18.53 51.82 67.87
N PRO H 181 -17.37 51.18 67.71
CA PRO H 181 -16.87 50.12 68.60
C PRO H 181 -16.70 50.58 70.04
N LYS H 182 -16.74 49.63 70.97
CA LYS H 182 -16.65 49.96 72.40
C LYS H 182 -15.20 50.05 72.86
N LEU H 183 -14.85 51.17 73.48
CA LEU H 183 -13.51 51.38 74.02
C LEU H 183 -13.52 51.35 75.55
N SER H 184 -14.71 51.39 76.13
CA SER H 184 -14.87 51.32 77.57
C SER H 184 -16.14 50.56 77.90
N THR H 185 -16.11 49.80 78.99
CA THR H 185 -17.33 49.12 79.43
C THR H 185 -18.29 50.17 79.99
N ASP H 186 -17.76 51.37 80.26
CA ASP H 186 -18.53 52.48 80.83
C ASP H 186 -18.86 53.52 79.76
N ALA H 187 -20.14 53.60 79.41
CA ALA H 187 -20.63 54.45 78.33
C ALA H 187 -20.17 55.92 78.43
N ALA H 188 -20.22 56.47 79.64
CA ALA H 188 -19.81 57.85 79.85
C ALA H 188 -18.39 58.10 79.34
N GLU H 189 -17.46 57.24 79.72
CA GLU H 189 -16.08 57.41 79.25
C GLU H 189 -15.87 56.96 77.82
N ASP H 190 -16.63 55.97 77.39
CA ASP H 190 -16.61 55.58 75.98
C ASP H 190 -16.88 56.81 75.14
N ALA H 191 -18.09 57.35 75.29
CA ALA H 191 -18.48 58.56 74.57
C ALA H 191 -17.42 59.65 74.66
N ARG H 192 -16.81 59.76 75.84
CA ARG H 192 -15.79 60.76 76.13
C ARG H 192 -14.57 60.65 75.22
N ILE H 193 -13.92 59.49 75.24
CA ILE H 193 -12.72 59.26 74.44
C ILE H 193 -13.00 59.49 72.96
N TRP H 194 -14.11 58.95 72.47
CA TRP H 194 -14.46 59.06 71.06
C TRP H 194 -14.70 60.51 70.67
N LYS H 195 -15.40 61.26 71.51
CA LYS H 195 -15.66 62.66 71.25
C LYS H 195 -14.33 63.36 71.16
N ASP H 196 -13.38 62.89 71.97
CA ASP H 196 -12.01 63.38 71.98
C ASP H 196 -11.21 62.96 70.73
N LEU H 197 -11.11 61.65 70.50
CA LEU H 197 -10.34 61.14 69.37
C LEU H 197 -10.84 61.70 68.05
N TYR H 198 -12.16 61.67 67.85
CA TYR H 198 -12.76 62.10 66.59
C TYR H 198 -12.37 63.54 66.25
N ALA H 199 -12.37 64.42 67.25
CA ALA H 199 -12.05 65.84 67.04
C ALA H 199 -10.63 66.05 66.51
N GLN H 200 -9.69 65.27 67.03
CA GLN H 200 -8.33 65.30 66.52
C GLN H 200 -8.28 64.77 65.10
N ALA H 201 -8.85 63.58 64.91
CA ALA H 201 -8.94 62.92 63.62
C ALA H 201 -9.38 63.86 62.50
N LYS H 202 -10.43 64.63 62.76
CA LYS H 202 -10.98 65.56 61.78
C LYS H 202 -10.04 66.71 61.46
N GLU H 203 -9.03 66.92 62.31
CA GLU H 203 -8.08 68.01 62.14
C GLU H 203 -6.77 67.49 61.55
N ILE H 204 -6.41 66.27 61.95
CA ILE H 204 -5.30 65.57 61.35
C ILE H 204 -5.55 65.43 59.84
N ILE H 205 -6.78 65.08 59.48
CA ILE H 205 -7.15 64.84 58.09
C ILE H 205 -7.82 66.05 57.42
N GLY H 206 -8.38 66.96 58.22
CA GLY H 206 -8.98 68.17 57.68
C GLY H 206 -10.41 68.00 57.18
N THR H 207 -11.28 67.46 58.02
CA THR H 207 -12.69 67.26 57.66
C THR H 207 -13.50 68.56 57.68
N SER H 208 -14.22 68.83 56.61
CA SER H 208 -15.07 70.02 56.53
C SER H 208 -16.36 69.76 55.77
N THR H 209 -17.48 69.81 56.48
CA THR H 209 -18.79 69.57 55.87
C THR H 209 -19.23 70.73 54.96
N THR H 210 -18.39 71.75 54.85
CA THR H 210 -18.80 73.04 54.30
C THR H 210 -18.28 73.34 52.89
N GLU H 211 -17.44 72.46 52.36
CA GLU H 211 -16.64 72.78 51.18
C GLU H 211 -17.40 72.81 49.86
N PHE H 212 -18.69 72.52 49.91
CA PHE H 212 -19.49 72.48 48.69
C PHE H 212 -20.73 73.35 48.83
N ASP H 213 -20.69 74.24 49.82
CA ASP H 213 -21.83 75.10 50.12
C ASP H 213 -22.16 76.15 49.04
N HIS H 214 -21.31 76.27 48.02
CA HIS H 214 -21.62 77.16 46.90
C HIS H 214 -21.69 76.46 45.56
N SER H 215 -22.08 75.18 45.59
CA SER H 215 -22.41 74.44 44.39
C SER H 215 -23.91 74.49 44.15
N ILE H 216 -24.32 74.87 42.94
CA ILE H 216 -25.74 74.94 42.63
C ILE H 216 -26.29 73.52 42.71
N ARG H 217 -25.48 72.57 42.28
CA ARG H 217 -25.87 71.18 42.25
C ARG H 217 -25.96 70.55 43.63
N HIS H 218 -24.98 70.83 44.49
CA HIS H 218 -25.04 70.31 45.85
C HIS H 218 -26.28 70.82 46.55
N ASN H 219 -26.52 72.11 46.43
CA ASN H 219 -27.68 72.72 47.07
C ASN H 219 -29.01 72.28 46.49
N LEU H 220 -29.09 72.18 45.18
CA LEU H 220 -30.30 71.66 44.54
C LEU H 220 -30.63 70.27 45.07
N VAL H 221 -29.64 69.39 45.09
CA VAL H 221 -29.84 68.03 45.54
C VAL H 221 -30.13 67.92 47.05
N LEU H 222 -29.35 68.61 47.86
CA LEU H 222 -29.49 68.51 49.31
C LEU H 222 -30.80 69.14 49.79
N ARG H 223 -31.07 70.36 49.35
CA ARG H 223 -32.27 71.08 49.75
C ARG H 223 -33.57 70.42 49.27
N LYS H 224 -33.60 69.96 48.02
CA LYS H 224 -34.81 69.34 47.49
C LYS H 224 -35.17 68.05 48.21
N TYR H 225 -34.17 67.17 48.40
CA TYR H 225 -34.39 65.90 49.08
C TYR H 225 -34.96 66.10 50.48
N ASN H 226 -34.44 67.09 51.20
CA ASN H 226 -34.96 67.38 52.52
C ASN H 226 -36.38 67.92 52.41
N ASP H 227 -36.61 68.77 51.42
CA ASP H 227 -37.96 69.26 51.14
C ASP H 227 -38.95 68.13 50.82
N ILE H 228 -38.47 67.09 50.15
CA ILE H 228 -39.32 65.97 49.77
C ILE H 228 -39.63 65.06 50.95
N PHE H 229 -38.60 64.68 51.69
CA PHE H 229 -38.77 63.68 52.73
C PHE H 229 -39.36 64.20 54.04
N GLN H 230 -39.31 65.52 54.24
CA GLN H 230 -40.01 66.13 55.37
C GLN H 230 -41.50 65.84 55.25
N LYS H 231 -41.96 65.72 54.01
CA LYS H 231 -43.35 65.53 53.71
C LYS H 231 -43.70 64.06 53.52
N GLU H 232 -42.71 63.18 53.64
CA GLU H 232 -42.96 61.75 53.64
C GLU H 232 -43.44 61.31 55.03
N ASN H 233 -44.08 60.15 55.11
CA ASN H 233 -44.56 59.66 56.40
C ASN H 233 -43.45 58.99 57.24
N VAL H 234 -42.32 58.73 56.60
CA VAL H 234 -41.10 58.36 57.30
C VAL H 234 -40.00 59.36 56.97
N ILE H 235 -39.50 60.03 57.99
CA ILE H 235 -38.57 61.12 57.76
C ILE H 235 -37.17 60.58 57.51
N ARG H 236 -36.47 61.20 56.57
CA ARG H 236 -35.10 60.82 56.24
C ARG H 236 -34.22 62.07 56.22
N GLU H 237 -33.07 62.02 56.88
CA GLU H 237 -32.24 63.21 57.08
C GLU H 237 -31.13 63.38 56.05
N PHE H 238 -31.24 64.41 55.22
CA PHE H 238 -30.20 64.67 54.22
C PHE H 238 -29.24 65.78 54.67
N SER H 239 -27.94 65.47 54.70
CA SER H 239 -26.93 66.39 55.19
C SER H 239 -25.68 66.36 54.29
N PRO H 240 -24.76 67.34 54.46
CA PRO H 240 -23.53 67.32 53.65
C PRO H 240 -22.55 66.20 54.02
N LEU H 241 -22.01 65.57 52.98
CA LEU H 241 -21.02 64.51 53.17
C LEU H 241 -19.72 65.11 53.65
N PRO H 242 -19.28 64.76 54.87
CA PRO H 242 -18.03 65.28 55.41
C PRO H 242 -16.86 64.91 54.52
N LEU H 243 -15.97 65.85 54.26
CA LEU H 243 -14.86 65.61 53.34
C LEU H 243 -13.54 66.15 53.87
N ALA H 244 -12.50 65.35 53.68
CA ALA H 244 -11.13 65.77 53.98
C ALA H 244 -10.59 66.60 52.82
N CYS H 245 -11.01 67.85 52.76
CA CYS H 245 -10.60 68.75 51.69
C CYS H 245 -10.91 70.20 52.05
N HIS H 246 -10.25 71.11 51.35
CA HIS H 246 -10.63 72.53 51.41
C HIS H 246 -10.60 73.15 50.02
N ARG H 247 -11.61 73.96 49.72
CA ARG H 247 -11.68 74.66 48.44
C ARG H 247 -10.61 75.74 48.44
N LEU H 248 -10.00 75.98 47.28
CA LEU H 248 -8.84 76.87 47.19
C LEU H 248 -9.18 78.32 46.82
N THR H 249 -8.15 79.15 46.60
CA THR H 249 -8.34 80.56 46.26
C THR H 249 -9.21 80.70 45.02
N ASP H 250 -9.06 79.78 44.09
CA ASP H 250 -9.92 79.68 42.92
C ASP H 250 -10.97 78.59 43.21
N PRO H 251 -12.26 78.97 43.21
CA PRO H 251 -13.35 78.06 43.56
C PRO H 251 -13.67 77.02 42.49
N ASP H 252 -12.91 77.02 41.39
CA ASP H 252 -12.97 75.93 40.42
C ASP H 252 -12.07 74.79 40.90
N TYR H 253 -11.41 75.00 42.04
CA TYR H 253 -10.43 74.04 42.52
C TYR H 253 -10.63 73.66 43.98
N VAL H 254 -10.28 72.41 44.27
CA VAL H 254 -10.36 71.85 45.62
C VAL H 254 -9.03 71.15 45.89
N GLU H 255 -8.56 71.19 47.14
CA GLU H 255 -7.43 70.38 47.52
C GLU H 255 -7.91 69.21 48.37
N TRP H 256 -7.79 68.02 47.83
CA TRP H 256 -8.17 66.80 48.54
C TRP H 256 -7.02 66.34 49.41
N HIS H 257 -7.23 66.27 50.71
CA HIS H 257 -6.17 65.89 51.59
C HIS H 257 -5.82 64.46 51.46
N ALA H 258 -4.61 64.13 51.80
CA ALA H 258 -4.09 62.80 51.75
C ALA H 258 -3.02 62.80 52.78
N THR H 259 -2.08 61.89 52.65
CA THR H 259 -0.98 61.71 53.56
C THR H 259 -0.01 62.91 53.65
N ASP H 260 0.07 63.71 52.58
CA ASP H 260 0.81 64.98 52.50
C ASP H 260 0.72 65.90 53.72
N ARG H 261 -0.49 66.11 54.26
CA ARG H 261 -0.64 67.01 55.39
C ARG H 261 -0.32 66.36 56.74
N ILE H 262 -0.47 65.05 56.81
CA ILE H 262 -0.12 64.32 58.03
C ILE H 262 1.39 64.28 58.26
N LEU H 263 2.14 63.97 57.22
CA LEU H 263 3.58 64.02 57.26
C LEU H 263 4.23 65.39 57.11
N GLU H 264 3.52 66.44 56.79
CA GLU H 264 4.13 67.64 56.27
C GLU H 264 5.17 68.28 57.17
N GLU H 265 4.96 68.30 58.47
CA GLU H 265 5.96 68.82 59.39
C GLU H 265 7.18 67.98 59.36
N LEU H 266 7.05 66.68 59.23
CA LEU H 266 8.20 65.77 59.30
C LEU H 266 9.20 66.04 58.19
N PHE H 267 8.84 66.92 57.26
CA PHE H 267 9.74 67.33 56.19
C PHE H 267 9.98 68.84 56.22
N THR H 268 8.98 69.58 56.70
CA THR H 268 9.03 71.04 56.77
C THR H 268 9.89 71.55 57.92
N ASP H 269 9.69 70.96 59.09
CA ASP H 269 10.41 71.38 60.28
C ASP H 269 11.70 70.55 60.46
N PRO H 270 12.87 71.21 60.34
CA PRO H 270 14.17 70.53 60.38
C PRO H 270 14.41 69.78 61.69
N VAL H 271 13.73 70.22 62.75
CA VAL H 271 13.82 69.57 64.04
C VAL H 271 13.17 68.18 63.99
N LYS H 272 11.88 68.16 63.65
CA LYS H 272 11.13 66.92 63.57
C LYS H 272 11.73 65.99 62.52
N ARG H 273 12.39 66.58 61.53
CA ARG H 273 12.95 65.82 60.42
C ARG H 273 14.15 64.95 60.81
N GLY H 274 14.83 65.34 61.89
CA GLY H 274 16.02 64.63 62.33
C GLY H 274 15.76 63.24 62.86
N ARG H 275 14.61 63.07 63.50
CA ARG H 275 14.29 61.77 64.05
C ARG H 275 13.14 61.14 63.26
N PHE H 276 13.40 60.85 61.99
CA PHE H 276 12.44 60.20 61.09
C PHE H 276 13.13 59.72 59.81
N THR H 277 13.22 58.40 59.68
CA THR H 277 13.72 57.76 58.47
C THR H 277 12.54 57.19 57.67
N LEU H 278 12.52 57.39 56.37
CA LEU H 278 11.49 56.80 55.52
C LEU H 278 12.10 56.07 54.31
N LEU H 279 11.91 54.76 54.26
CA LEU H 279 12.50 53.95 53.19
C LEU H 279 11.46 53.48 52.16
N THR H 280 11.49 54.06 50.96
CA THR H 280 10.57 53.66 49.91
C THR H 280 11.06 52.35 49.34
N ASN H 281 10.23 51.73 48.50
CA ASN H 281 10.57 50.44 47.90
C ASN H 281 11.23 49.43 48.86
N HIS H 282 10.86 49.51 50.13
CA HIS H 282 11.36 48.59 51.14
C HIS H 282 10.24 47.74 51.70
N ARG H 283 10.39 46.42 51.62
CA ARG H 283 9.37 45.54 52.12
C ARG H 283 9.73 44.97 53.46
N CYS H 284 8.84 45.16 54.42
CA CYS H 284 8.95 44.45 55.68
C CYS H 284 8.47 43.02 55.45
N THR H 285 9.40 42.11 55.22
CA THR H 285 9.08 40.75 54.82
C THR H 285 8.36 40.02 55.94
N LYS H 286 8.82 40.22 57.16
CA LYS H 286 8.20 39.61 58.33
C LYS H 286 8.71 40.25 59.60
N LEU H 287 8.08 39.90 60.71
CA LEU H 287 8.62 40.21 62.02
C LEU H 287 9.19 38.96 62.68
N VAL H 288 10.24 39.17 63.46
CA VAL H 288 10.93 38.10 64.13
C VAL H 288 10.74 38.27 65.64
N PHE H 289 10.22 37.22 66.27
CA PHE H 289 9.80 37.27 67.67
C PHE H 289 10.84 36.66 68.60
N LYS H 290 10.85 37.07 69.87
CA LYS H 290 11.81 36.53 70.83
C LYS H 290 11.69 35.00 70.94
N HIS H 291 10.47 34.49 70.77
CA HIS H 291 10.21 33.07 70.72
C HIS H 291 8.89 32.88 69.99
N TYR H 292 8.64 31.69 69.48
CA TYR H 292 7.38 31.41 68.80
C TYR H 292 6.53 30.43 69.60
N ARG H 293 6.51 30.63 70.90
CA ARG H 293 5.68 29.81 71.78
C ARG H 293 4.39 30.51 72.11
N PRO H 294 3.27 29.95 71.65
CA PRO H 294 1.96 30.62 71.72
C PRO H 294 1.39 30.73 73.14
N GLY H 295 0.53 31.71 73.33
CA GLY H 295 -0.22 31.83 74.57
C GLY H 295 0.58 32.38 75.73
N GLU H 296 1.85 32.67 75.50
CA GLU H 296 2.68 33.21 76.57
C GLU H 296 3.37 34.52 76.18
N GLU H 297 3.79 35.27 77.20
CA GLU H 297 4.30 36.62 77.02
C GLU H 297 5.41 36.64 75.99
N ASN H 298 5.50 37.72 75.22
CA ASN H 298 6.38 37.76 74.07
C ASN H 298 6.65 39.19 73.60
N GLU H 299 7.59 39.33 72.69
CA GLU H 299 8.03 40.62 72.17
C GLU H 299 8.57 40.48 70.76
N VAL H 300 8.76 41.61 70.09
CA VAL H 300 9.37 41.62 68.77
C VAL H 300 10.87 41.82 68.91
N ASP H 301 11.66 40.96 68.29
CA ASP H 301 13.10 41.07 68.35
C ASP H 301 13.63 42.13 67.38
N TYR H 302 13.14 42.07 66.14
CA TYR H 302 13.47 43.03 65.09
C TYR H 302 12.54 42.89 63.89
N ALA H 303 12.86 43.59 62.80
CA ALA H 303 12.07 43.53 61.58
C ALA H 303 12.92 43.15 60.37
N LEU H 304 12.62 42.00 59.76
CA LEU H 304 13.31 41.58 58.55
C LEU H 304 12.79 42.40 57.38
N VAL H 305 13.61 43.34 56.92
CA VAL H 305 13.22 44.29 55.88
C VAL H 305 14.20 44.24 54.72
N GLU H 306 13.68 44.09 53.51
CA GLU H 306 14.51 43.99 52.33
C GLU H 306 14.25 45.10 51.33
N ASP H 307 15.35 45.68 50.84
CA ASP H 307 15.31 46.65 49.74
C ASP H 307 15.00 45.94 48.44
N LEU H 308 13.94 46.37 47.78
CA LEU H 308 13.53 45.76 46.52
C LEU H 308 14.23 46.32 45.28
N LEU H 309 14.99 47.41 45.42
CA LEU H 309 15.76 47.97 44.29
C LEU H 309 16.94 47.10 43.82
N PRO H 310 17.33 47.25 42.54
CA PRO H 310 18.55 46.66 41.96
C PRO H 310 19.66 47.69 41.71
N SER H 320 21.19 41.96 50.48
CA SER H 320 20.36 43.17 50.46
C SER H 320 19.19 43.09 51.46
N VAL H 321 19.48 42.55 52.64
CA VAL H 321 18.48 42.47 53.71
C VAL H 321 18.89 43.39 54.87
N LYS H 322 17.91 43.86 55.64
CA LYS H 322 18.19 44.73 56.77
C LYS H 322 17.46 44.22 57.98
N LYS H 323 18.18 44.00 59.08
CA LYS H 323 17.54 43.78 60.36
C LYS H 323 17.34 45.14 60.99
N ILE H 324 16.08 45.53 61.19
CA ILE H 324 15.78 46.84 61.77
C ILE H 324 15.31 46.68 63.21
N TYR H 325 16.02 47.34 64.14
CA TYR H 325 15.70 47.23 65.57
C TYR H 325 14.96 48.46 66.09
N ALA H 326 14.08 48.23 67.04
CA ALA H 326 13.31 49.30 67.66
C ALA H 326 12.77 48.83 69.00
N ARG H 327 12.23 49.76 69.78
CA ARG H 327 11.67 49.43 71.08
C ARG H 327 10.19 49.04 70.91
N SER H 328 9.61 49.50 69.81
CA SER H 328 8.23 49.21 69.49
C SER H 328 8.11 48.95 68.00
N TYR H 329 7.05 48.26 67.59
CA TYR H 329 6.89 47.91 66.17
C TYR H 329 5.44 48.04 65.77
N VAL H 330 5.19 48.87 64.78
CA VAL H 330 3.84 49.17 64.36
C VAL H 330 3.57 48.69 62.94
N VAL H 331 2.62 47.78 62.79
CA VAL H 331 2.26 47.29 61.47
C VAL H 331 0.98 47.99 61.01
N ALA H 332 1.13 48.91 60.09
CA ALA H 332 -0.01 49.64 59.56
C ALA H 332 -0.01 49.50 58.04
N CYS H 333 -0.42 48.33 57.56
CA CYS H 333 -0.26 48.00 56.15
C CYS H 333 -1.57 47.81 55.38
N GLY H 334 -2.66 48.32 55.93
CA GLY H 334 -3.96 48.02 55.37
C GLY H 334 -4.48 46.69 55.88
N ALA H 335 -5.77 46.48 55.72
CA ALA H 335 -6.40 45.32 56.33
C ALA H 335 -5.75 44.01 55.88
N VAL H 336 -5.45 43.91 54.59
CA VAL H 336 -4.89 42.67 54.03
C VAL H 336 -3.40 42.47 54.36
N ALA H 337 -2.58 43.46 54.02
CA ALA H 337 -1.13 43.32 54.14
C ALA H 337 -0.68 43.21 55.60
N THR H 338 -1.36 43.93 56.49
CA THR H 338 -1.02 43.84 57.90
C THR H 338 -1.14 42.39 58.39
N ALA H 339 -2.29 41.79 58.10
CA ALA H 339 -2.48 40.40 58.45
C ALA H 339 -1.45 39.55 57.72
N GLN H 340 -1.05 39.99 56.52
CA GLN H 340 -0.07 39.27 55.71
C GLN H 340 1.29 39.20 56.39
N VAL H 341 1.77 40.34 56.87
CA VAL H 341 3.07 40.39 57.53
C VAL H 341 3.09 39.53 58.79
N LEU H 342 2.01 39.59 59.56
CA LEU H 342 1.89 38.78 60.79
C LEU H 342 1.72 37.30 60.49
N ALA H 343 1.05 37.02 59.39
CA ALA H 343 0.94 35.64 58.95
C ALA H 343 2.32 35.12 58.68
N ASN H 344 3.08 35.88 57.90
CA ASN H 344 4.41 35.49 57.47
C ASN H 344 5.39 35.49 58.64
N SER H 345 5.10 36.28 59.67
CA SER H 345 5.97 36.32 60.84
C SER H 345 5.86 35.04 61.63
N HIS H 346 4.79 34.29 61.40
CA HIS H 346 4.63 33.00 62.07
C HIS H 346 5.58 31.93 61.51
N ILE H 347 6.35 32.28 60.48
CA ILE H 347 7.40 31.40 59.97
C ILE H 347 8.76 31.86 60.48
N PRO H 348 9.39 31.07 61.35
CA PRO H 348 10.74 31.43 61.83
C PRO H 348 11.77 31.36 60.71
N PRO H 349 12.68 32.35 60.64
CA PRO H 349 13.75 32.44 59.65
C PRO H 349 14.66 31.20 59.58
N GLU H 367 -0.72 18.87 51.56
CA GLU H 367 -1.66 19.42 50.57
C GLU H 367 -1.28 20.85 50.15
N ARG H 368 -1.42 21.11 48.86
CA ARG H 368 -0.95 22.33 48.22
C ARG H 368 -1.72 23.57 48.64
N ASP H 369 -2.97 23.41 49.06
CA ASP H 369 -3.80 24.54 49.47
C ASP H 369 -3.65 24.87 50.95
N ALA H 370 -2.61 24.33 51.57
CA ALA H 370 -2.36 24.51 52.99
C ALA H 370 -2.16 25.99 53.35
N THR H 371 -2.57 26.36 54.56
CA THR H 371 -2.53 27.75 55.01
C THR H 371 -1.56 27.90 56.16
N ILE H 372 -1.18 29.13 56.46
CA ILE H 372 -0.21 29.36 57.52
C ILE H 372 -0.94 29.42 58.84
N PRO H 373 -0.66 28.46 59.74
CA PRO H 373 -1.36 28.50 61.02
C PRO H 373 -0.79 29.64 61.82
N THR H 374 -1.64 30.40 62.51
CA THR H 374 -1.14 31.50 63.32
C THR H 374 -1.53 31.39 64.80
N PRO H 375 -0.96 30.40 65.50
CA PRO H 375 -1.27 30.17 66.92
C PRO H 375 -0.83 31.29 67.86
N LEU H 376 0.17 32.07 67.48
CA LEU H 376 0.61 33.15 68.36
C LEU H 376 -0.45 34.26 68.40
N MET H 377 -1.35 34.24 67.41
CA MET H 377 -2.41 35.23 67.29
C MET H 377 -3.63 34.56 66.67
N PRO H 378 -4.33 33.74 67.46
CA PRO H 378 -5.35 32.81 66.98
C PRO H 378 -6.54 33.45 66.26
N MET H 379 -6.78 34.74 66.50
CA MET H 379 -7.89 35.42 65.86
C MET H 379 -7.49 36.26 64.63
N LEU H 380 -6.22 36.22 64.25
CA LEU H 380 -5.79 36.92 63.05
C LEU H 380 -6.56 36.44 61.83
N GLY H 381 -7.20 37.35 61.12
CA GLY H 381 -7.89 36.99 59.90
C GLY H 381 -9.25 36.36 60.12
N LYS H 382 -9.72 36.37 61.36
CA LYS H 382 -11.09 35.93 61.65
C LYS H 382 -12.02 37.13 61.89
N TYR H 383 -13.32 36.92 61.71
CA TYR H 383 -14.32 37.97 61.90
C TYR H 383 -14.16 39.13 60.91
N ILE H 384 -13.84 38.80 59.66
CA ILE H 384 -13.59 39.82 58.66
C ILE H 384 -14.90 40.38 58.13
N THR H 385 -15.00 41.69 58.08
CA THR H 385 -16.22 42.33 57.61
C THR H 385 -15.97 43.18 56.37
N GLU H 386 -16.84 43.02 55.38
CA GLU H 386 -16.80 43.85 54.19
C GLU H 386 -18.22 44.30 53.79
N GLN H 387 -18.34 45.54 53.34
CA GLN H 387 -19.63 46.16 53.05
C GLN H 387 -20.14 45.84 51.66
N PRO H 388 -21.34 45.26 51.57
CA PRO H 388 -21.95 45.14 50.26
C PRO H 388 -22.45 46.51 49.78
N MET H 389 -22.51 46.67 48.46
CA MET H 389 -22.77 47.98 47.88
C MET H 389 -23.75 47.92 46.72
N THR H 390 -24.79 48.74 46.76
CA THR H 390 -25.65 48.97 45.59
C THR H 390 -25.26 50.28 44.89
N PHE H 391 -25.38 50.30 43.57
CA PHE H 391 -25.03 51.47 42.80
C PHE H 391 -26.05 51.78 41.72
N CYS H 392 -26.20 53.06 41.41
CA CYS H 392 -26.93 53.46 40.22
C CYS H 392 -26.70 54.93 39.95
N GLN H 393 -27.24 55.39 38.83
CA GLN H 393 -27.12 56.78 38.43
C GLN H 393 -28.41 57.31 37.79
N VAL H 394 -28.78 58.53 38.12
CA VAL H 394 -29.91 59.14 37.44
C VAL H 394 -29.53 60.38 36.64
N VAL H 395 -30.36 60.64 35.63
CA VAL H 395 -30.41 61.94 35.01
C VAL H 395 -31.43 62.76 35.79
N LEU H 396 -31.06 63.97 36.21
CA LEU H 396 -32.00 64.86 36.90
C LEU H 396 -33.27 65.06 36.09
N ASP H 397 -34.39 65.31 36.77
CA ASP H 397 -35.64 65.56 36.06
C ASP H 397 -35.61 66.88 35.31
N SER H 398 -36.27 66.93 34.16
CA SER H 398 -36.42 68.16 33.37
C SER H 398 -37.00 69.33 34.19
N SER H 399 -37.85 68.99 35.14
CA SER H 399 -38.53 69.99 35.95
C SER H 399 -37.57 70.68 36.92
N LEU H 400 -36.48 69.98 37.26
CA LEU H 400 -35.49 70.52 38.19
C LEU H 400 -34.63 71.62 37.58
N MET H 401 -34.61 71.69 36.26
CA MET H 401 -33.92 72.77 35.60
C MET H 401 -34.56 74.12 35.95
N GLU H 402 -35.88 74.21 35.81
CA GLU H 402 -36.60 75.44 36.15
C GLU H 402 -36.40 75.84 37.61
N VAL H 403 -36.06 74.87 38.46
CA VAL H 403 -35.77 75.14 39.85
C VAL H 403 -34.41 75.80 40.01
N VAL H 404 -33.44 75.35 39.20
CA VAL H 404 -32.13 75.99 39.14
C VAL H 404 -32.27 77.43 38.66
N ARG H 405 -33.12 77.62 37.66
CA ARG H 405 -33.48 78.95 37.19
C ARG H 405 -34.21 79.80 38.24
N ASN H 406 -35.08 79.18 39.03
CA ASN H 406 -35.91 79.91 39.99
C ASN H 406 -36.03 79.20 41.34
N PRO H 407 -34.95 79.22 42.14
CA PRO H 407 -34.94 78.48 43.41
C PRO H 407 -35.94 79.09 44.38
N PRO H 408 -36.50 78.27 45.29
CA PRO H 408 -37.49 78.80 46.24
C PRO H 408 -36.94 79.09 47.63
N TRP H 409 -35.65 78.84 47.85
CA TRP H 409 -35.05 79.07 49.16
C TRP H 409 -34.35 80.42 49.26
N PRO H 410 -34.36 80.99 50.47
CA PRO H 410 -33.75 82.29 50.74
C PRO H 410 -32.24 82.20 50.86
N GLY H 411 -31.57 83.35 50.73
CA GLY H 411 -30.14 83.43 50.95
C GLY H 411 -29.33 82.81 49.83
N LEU H 412 -29.92 82.79 48.63
CA LEU H 412 -29.32 82.10 47.49
C LEU H 412 -29.09 83.04 46.32
N ASP H 413 -28.53 84.21 46.58
CA ASP H 413 -28.33 85.19 45.52
C ASP H 413 -27.13 84.88 44.62
N TRP H 414 -26.15 84.19 45.18
CA TRP H 414 -24.98 83.74 44.41
C TRP H 414 -25.38 82.68 43.41
N TRP H 415 -26.44 81.97 43.74
CA TRP H 415 -27.00 80.93 42.89
C TRP H 415 -27.66 81.61 41.71
N LYS H 416 -28.53 82.57 41.99
CA LYS H 416 -29.21 83.31 40.94
C LYS H 416 -28.17 84.01 40.06
N GLU H 417 -27.09 84.44 40.70
CA GLU H 417 -26.01 85.15 40.02
C GLU H 417 -25.31 84.27 38.99
N LYS H 418 -24.93 83.05 39.40
CA LYS H 418 -24.17 82.15 38.55
C LYS H 418 -24.99 81.70 37.35
N VAL H 419 -26.29 81.52 37.57
CA VAL H 419 -27.23 81.09 36.53
C VAL H 419 -27.46 82.24 35.55
N ALA H 420 -27.45 83.47 36.07
CA ALA H 420 -27.54 84.67 35.25
C ALA H 420 -26.34 84.77 34.33
N ARG H 421 -25.15 84.60 34.89
CA ARG H 421 -23.92 84.70 34.11
C ARG H 421 -23.85 83.60 33.04
N HIS H 422 -24.36 82.41 33.34
CA HIS H 422 -24.26 81.28 32.42
C HIS H 422 -25.30 81.30 31.30
N VAL H 423 -26.54 81.63 31.64
CA VAL H 423 -27.60 81.69 30.63
C VAL H 423 -27.32 82.79 29.62
N GLU H 424 -26.89 83.95 30.12
CA GLU H 424 -26.42 85.04 29.26
C GLU H 424 -25.32 84.57 28.29
N ALA H 425 -24.39 83.75 28.78
CA ALA H 425 -23.24 83.35 27.97
C ALA H 425 -23.59 82.25 26.96
N PHE H 426 -24.41 81.29 27.38
CA PHE H 426 -24.81 80.18 26.52
C PHE H 426 -26.33 80.08 26.48
N PRO H 427 -26.97 81.02 25.79
CA PRO H 427 -28.43 81.12 25.67
C PRO H 427 -29.11 79.81 25.29
N ASN H 428 -28.47 79.03 24.42
CA ASN H 428 -29.11 77.84 23.90
C ASN H 428 -28.83 76.57 24.71
N ASP H 429 -28.04 76.69 25.77
CA ASP H 429 -27.83 75.56 26.65
C ASP H 429 -29.15 75.13 27.25
N PRO H 430 -29.55 73.88 26.98
CA PRO H 430 -30.76 73.32 27.61
C PRO H 430 -30.58 73.20 29.12
N ILE H 431 -29.34 73.31 29.60
CA ILE H 431 -29.06 73.25 31.02
C ILE H 431 -28.60 74.59 31.57
N PRO H 432 -29.35 75.16 32.51
CA PRO H 432 -29.03 76.47 33.09
C PRO H 432 -27.86 76.43 34.07
N ILE H 433 -27.47 75.23 34.49
CA ILE H 433 -26.35 75.03 35.42
C ILE H 433 -25.02 75.45 34.81
N PRO H 434 -24.22 76.24 35.54
CA PRO H 434 -22.91 76.65 35.05
C PRO H 434 -22.00 75.46 34.82
N PHE H 435 -20.93 75.67 34.06
CA PHE H 435 -20.09 74.59 33.54
C PHE H 435 -19.11 73.96 34.51
N ARG H 436 -18.59 74.74 35.45
CA ARG H 436 -17.64 74.21 36.41
C ARG H 436 -18.26 74.00 37.79
N ASP H 437 -19.58 73.93 37.84
CA ASP H 437 -20.26 73.72 39.11
C ASP H 437 -19.95 72.32 39.69
N PRO H 438 -19.44 72.28 40.92
CA PRO H 438 -19.06 71.02 41.56
C PRO H 438 -20.22 70.02 41.62
N GLU H 439 -19.85 68.75 41.65
CA GLU H 439 -20.79 67.67 41.87
C GLU H 439 -21.36 67.80 43.27
N PRO H 440 -22.55 67.23 43.48
CA PRO H 440 -23.09 67.27 44.85
C PRO H 440 -22.34 66.33 45.77
N GLN H 441 -22.45 66.55 47.08
CA GLN H 441 -21.81 65.71 48.08
C GLN H 441 -22.75 65.46 49.25
N VAL H 442 -23.72 64.57 49.07
CA VAL H 442 -24.81 64.40 50.05
C VAL H 442 -24.79 63.04 50.77
N THR H 443 -25.12 63.04 52.06
CA THR H 443 -25.23 61.80 52.83
C THR H 443 -26.54 61.69 53.65
N ILE H 444 -26.95 60.45 53.97
CA ILE H 444 -27.98 60.18 54.98
C ILE H 444 -27.32 59.29 56.02
N LYS H 445 -26.98 59.89 57.15
CA LYS H 445 -26.26 59.19 58.19
C LYS H 445 -26.95 57.91 58.63
N PHE H 446 -26.14 56.90 58.90
CA PHE H 446 -26.60 55.63 59.39
C PHE H 446 -27.49 55.87 60.60
N THR H 447 -28.66 55.24 60.61
CA THR H 447 -29.46 55.15 61.81
C THR H 447 -29.87 53.71 61.91
N GLU H 448 -30.33 53.28 63.08
CA GLU H 448 -30.67 51.88 63.26
C GLU H 448 -31.86 51.46 62.43
N GLU H 449 -32.67 52.45 62.07
CA GLU H 449 -33.91 52.21 61.33
C GLU H 449 -33.64 52.01 59.84
N HIS H 450 -32.62 52.69 59.35
CA HIS H 450 -32.23 52.54 57.95
C HIS H 450 -30.72 52.33 57.90
N PRO H 451 -30.29 51.13 58.32
CA PRO H 451 -28.92 50.76 58.70
C PRO H 451 -27.94 50.57 57.55
N TRP H 452 -27.64 51.65 56.84
CA TRP H 452 -26.65 51.63 55.78
C TRP H 452 -26.18 53.04 55.51
N HIS H 453 -25.02 53.13 54.86
CA HIS H 453 -24.40 54.40 54.50
C HIS H 453 -24.92 54.85 53.14
N VAL H 454 -25.22 56.14 53.03
CA VAL H 454 -25.69 56.69 51.76
C VAL H 454 -24.82 57.86 51.24
N GLN H 455 -24.34 57.70 50.02
CA GLN H 455 -23.64 58.77 49.33
C GLN H 455 -24.40 59.10 48.06
N ILE H 456 -24.71 60.38 47.92
CA ILE H 456 -25.30 60.96 46.72
C ILE H 456 -24.31 62.00 46.22
N HIS H 457 -23.62 61.69 45.14
CA HIS H 457 -22.37 62.36 44.82
C HIS H 457 -21.96 62.21 43.40
N ARG H 458 -20.74 62.55 43.08
CA ARG H 458 -20.10 61.95 41.96
C ARG H 458 -18.76 61.49 42.38
N ASP H 459 -18.43 60.23 42.13
CA ASP H 459 -17.14 59.68 42.49
C ASP H 459 -16.26 59.62 41.26
N ALA H 460 -14.95 59.85 41.43
CA ALA H 460 -13.99 59.70 40.34
C ALA H 460 -13.86 58.23 39.94
N PHE H 461 -14.24 57.34 40.84
CA PHE H 461 -14.18 55.94 40.53
C PHE H 461 -15.48 55.55 39.81
N SER H 462 -15.50 55.67 38.48
CA SER H 462 -16.66 55.27 37.67
C SER H 462 -16.63 53.77 37.34
N TYR H 463 -17.80 53.16 37.11
CA TYR H 463 -17.89 51.71 37.10
C TYR H 463 -18.04 51.06 35.72
N GLY H 464 -18.19 51.88 34.69
CA GLY H 464 -18.27 51.36 33.35
C GLY H 464 -18.13 52.49 32.36
N ALA H 465 -18.44 52.23 31.09
CA ALA H 465 -18.24 53.20 30.02
C ALA H 465 -18.81 54.57 30.37
N VAL H 466 -18.19 55.60 29.83
CA VAL H 466 -18.62 56.97 30.06
C VAL H 466 -19.96 57.24 29.38
N ALA H 467 -20.66 58.26 29.86
CA ALA H 467 -21.89 58.71 29.22
C ALA H 467 -21.56 59.58 28.03
N GLU H 468 -21.41 58.95 26.86
CA GLU H 468 -21.01 59.65 25.66
C GLU H 468 -22.10 60.60 25.14
N ASN H 469 -23.35 60.31 25.49
CA ASN H 469 -24.47 61.08 24.95
C ASN H 469 -25.28 61.87 25.96
N MET H 470 -24.76 62.03 27.17
CA MET H 470 -25.48 62.77 28.19
C MET H 470 -24.54 63.71 28.92
N ASP H 471 -25.00 64.91 29.20
CA ASP H 471 -24.19 65.91 29.85
C ASP H 471 -23.89 65.53 31.30
N THR H 472 -22.66 65.75 31.71
CA THR H 472 -22.19 65.39 33.06
C THR H 472 -22.70 66.32 34.15
N ARG H 473 -23.54 67.28 33.78
CA ARG H 473 -24.02 68.22 34.77
C ARG H 473 -25.30 67.71 35.43
N VAL H 474 -26.10 66.96 34.66
CA VAL H 474 -27.38 66.48 35.16
C VAL H 474 -27.36 65.00 35.45
N ILE H 475 -26.23 64.53 35.97
CA ILE H 475 -26.10 63.13 36.29
C ILE H 475 -25.78 63.04 37.76
N VAL H 476 -26.36 62.06 38.44
CA VAL H 476 -26.06 61.87 39.86
C VAL H 476 -25.73 60.39 40.15
N ASP H 477 -24.79 60.15 41.04
CA ASP H 477 -24.44 58.79 41.41
C ASP H 477 -25.13 58.37 42.69
N TYR H 478 -25.38 57.07 42.85
CA TYR H 478 -25.88 56.54 44.11
C TYR H 478 -25.11 55.32 44.55
N ARG H 479 -24.54 55.41 45.75
CA ARG H 479 -23.81 54.31 46.35
C ARG H 479 -24.37 54.10 47.73
N PHE H 480 -24.91 52.91 47.98
CA PHE H 480 -25.42 52.56 49.29
C PHE H 480 -24.56 51.41 49.83
N PHE H 481 -24.00 51.62 51.01
CA PHE H 481 -23.10 50.65 51.61
C PHE H 481 -23.74 49.96 52.80
N GLY H 482 -23.89 48.64 52.71
CA GLY H 482 -24.44 47.86 53.80
C GLY H 482 -23.40 47.57 54.87
N TYR H 483 -23.77 46.75 55.85
CA TYR H 483 -22.79 46.28 56.81
C TYR H 483 -22.88 44.76 56.97
N THR H 484 -21.80 44.16 57.47
CA THR H 484 -21.80 42.73 57.74
C THR H 484 -21.44 42.46 59.19
N GLU H 485 -22.21 41.60 59.84
CA GLU H 485 -21.88 41.20 61.20
C GLU H 485 -20.59 40.42 61.17
N PRO H 486 -19.77 40.60 62.21
CA PRO H 486 -18.53 39.82 62.36
C PRO H 486 -18.82 38.36 62.70
N GLN H 487 -18.44 37.45 61.83
CA GLN H 487 -18.59 36.01 62.07
C GLN H 487 -17.23 35.31 62.10
N GLU H 488 -17.00 34.44 63.09
CA GLU H 488 -15.72 33.75 63.22
C GLU H 488 -15.36 32.99 61.95
N ALA H 489 -16.36 32.32 61.37
CA ALA H 489 -16.14 31.49 60.19
C ALA H 489 -15.73 32.30 58.95
N ASN H 490 -16.10 33.57 58.91
CA ASN H 490 -15.65 34.46 57.84
C ASN H 490 -14.19 34.83 58.01
N GLU H 491 -13.35 34.36 57.10
CA GLU H 491 -11.91 34.46 57.36
C GLU H 491 -11.01 34.87 56.19
N LEU H 492 -9.90 35.52 56.54
CA LEU H 492 -8.80 35.78 55.60
C LEU H 492 -7.60 34.95 56.03
N VAL H 493 -7.18 34.01 55.19
CA VAL H 493 -6.07 33.13 55.50
C VAL H 493 -4.99 33.29 54.44
N PHE H 494 -3.78 32.79 54.74
CA PHE H 494 -2.65 33.01 53.85
C PHE H 494 -2.00 31.72 53.44
N GLN H 495 -1.85 31.54 52.13
CA GLN H 495 -1.33 30.32 51.59
C GLN H 495 0.11 30.16 52.01
N GLN H 496 0.51 28.93 52.33
CA GLN H 496 1.91 28.64 52.60
C GLN H 496 2.71 28.65 51.30
N HIS H 497 2.23 27.89 50.32
CA HIS H 497 3.01 27.57 49.13
C HIS H 497 2.65 28.41 47.93
N TYR H 498 1.81 29.42 48.14
CA TYR H 498 1.46 30.38 47.10
C TYR H 498 1.84 31.76 47.58
N ARG H 499 2.39 32.58 46.68
CA ARG H 499 2.78 33.92 47.08
C ARG H 499 2.47 34.95 46.00
N ASP H 500 2.18 36.17 46.42
CA ASP H 500 1.82 37.22 45.49
C ASP H 500 3.06 37.74 44.76
N ALA H 501 2.92 38.85 44.05
CA ALA H 501 4.00 39.38 43.23
C ALA H 501 5.24 39.79 44.04
N TYR H 502 5.04 40.16 45.30
CA TYR H 502 6.17 40.55 46.15
C TYR H 502 6.62 39.43 47.09
N ASP H 503 6.39 38.21 46.64
CA ASP H 503 6.74 37.00 47.40
C ASP H 503 6.24 37.05 48.83
N MET H 504 5.07 37.62 49.04
CA MET H 504 4.38 37.56 50.33
C MET H 504 3.25 36.51 50.28
N PRO H 505 2.93 35.88 51.43
CA PRO H 505 1.90 34.81 51.52
C PRO H 505 0.56 35.16 50.87
N GLN H 506 0.13 34.35 49.90
CA GLN H 506 -1.05 34.68 49.11
C GLN H 506 -2.33 34.72 49.93
N PRO H 507 -3.06 35.85 49.89
CA PRO H 507 -4.32 35.96 50.64
C PRO H 507 -5.44 35.19 49.96
N THR H 508 -6.24 34.51 50.78
CA THR H 508 -7.40 33.75 50.33
C THR H 508 -8.58 34.18 51.17
N PHE H 509 -9.70 34.49 50.55
CA PHE H 509 -10.86 34.91 51.33
C PHE H 509 -11.89 33.78 51.49
N LYS H 510 -12.46 33.65 52.68
CA LYS H 510 -13.55 32.72 52.92
C LYS H 510 -14.68 33.50 53.58
N PHE H 511 -15.54 34.05 52.74
CA PHE H 511 -16.51 35.03 53.19
C PHE H 511 -17.92 34.72 52.69
N THR H 512 -18.88 34.79 53.62
CA THR H 512 -20.29 34.51 53.33
C THR H 512 -21.15 35.33 54.30
N MET H 513 -21.94 36.24 53.75
CA MET H 513 -22.96 37.00 54.50
C MET H 513 -23.94 36.14 55.32
N SER H 514 -24.41 36.69 56.44
CA SER H 514 -25.48 36.07 57.23
C SER H 514 -26.87 36.39 56.68
N GLN H 515 -27.90 35.72 57.17
CA GLN H 515 -29.25 35.91 56.67
C GLN H 515 -29.76 37.31 57.00
N ASP H 516 -29.44 37.76 58.20
CA ASP H 516 -29.59 39.15 58.60
C ASP H 516 -28.99 40.09 57.54
N ASP H 517 -27.74 39.85 57.20
CA ASP H 517 -27.03 40.72 56.26
C ASP H 517 -27.74 40.80 54.92
N ARG H 518 -28.22 39.66 54.44
CA ARG H 518 -28.94 39.62 53.18
C ARG H 518 -30.27 40.35 53.24
N ALA H 519 -30.90 40.35 54.41
CA ALA H 519 -32.19 41.00 54.55
C ALA H 519 -32.04 42.51 54.48
N ARG H 520 -31.06 43.04 55.20
CA ARG H 520 -30.76 44.46 55.15
C ARG H 520 -30.36 44.87 53.73
N ALA H 521 -29.66 43.98 53.05
CA ALA H 521 -29.19 44.27 51.71
C ALA H 521 -30.34 44.61 50.76
N ARG H 522 -31.40 43.80 50.81
CA ARG H 522 -32.54 43.97 49.92
C ARG H 522 -33.17 45.32 50.18
N ARG H 523 -33.39 45.63 51.45
CA ARG H 523 -33.96 46.90 51.87
C ARG H 523 -33.11 48.04 51.33
N MET H 524 -31.80 47.84 51.39
CA MET H 524 -30.88 48.84 50.88
C MET H 524 -31.12 49.04 49.39
N MET H 525 -31.17 47.94 48.64
CA MET H 525 -31.54 48.02 47.23
C MET H 525 -32.86 48.75 47.05
N ASP H 526 -33.86 48.34 47.82
CA ASP H 526 -35.19 48.95 47.73
C ASP H 526 -35.19 50.45 48.11
N ASP H 527 -34.50 50.78 49.19
CA ASP H 527 -34.32 52.18 49.58
C ASP H 527 -33.65 52.99 48.46
N MET H 528 -32.62 52.42 47.84
CA MET H 528 -31.88 53.14 46.83
C MET H 528 -32.77 53.48 45.67
N CYS H 529 -33.61 52.53 45.24
CA CYS H 529 -34.51 52.77 44.12
C CYS H 529 -35.53 53.85 44.44
N ASN H 530 -36.10 53.80 45.63
CA ASN H 530 -37.14 54.75 46.04
C ASN H 530 -36.57 56.16 46.05
N ILE H 531 -35.37 56.28 46.63
CA ILE H 531 -34.67 57.54 46.77
C ILE H 531 -34.15 58.13 45.46
N ALA H 532 -33.49 57.30 44.66
CA ALA H 532 -32.96 57.77 43.40
C ALA H 532 -34.10 58.34 42.53
N LEU H 533 -35.18 57.58 42.42
CA LEU H 533 -36.28 57.97 41.56
C LEU H 533 -37.09 59.18 42.02
N LYS H 534 -36.76 59.72 43.19
CA LYS H 534 -37.46 60.92 43.67
C LYS H 534 -37.07 62.19 42.90
N ILE H 535 -35.87 62.20 42.30
CA ILE H 535 -35.38 63.39 41.59
C ILE H 535 -34.85 63.15 40.18
N GLY H 536 -34.75 61.90 39.76
CA GLY H 536 -34.23 61.58 38.45
C GLY H 536 -34.65 60.22 37.96
N GLY H 537 -34.31 59.90 36.71
CA GLY H 537 -34.59 58.59 36.17
C GLY H 537 -33.28 57.90 35.86
N TYR H 538 -33.25 56.57 35.95
CA TYR H 538 -32.04 55.79 35.75
C TYR H 538 -31.44 56.01 34.37
N LEU H 539 -30.15 56.37 34.36
CA LEU H 539 -29.36 56.47 33.14
C LEU H 539 -29.05 55.07 32.61
N PRO H 540 -29.31 54.82 31.31
CA PRO H 540 -29.00 53.50 30.76
C PRO H 540 -27.60 53.01 31.06
N GLY H 541 -27.53 51.77 31.53
CA GLY H 541 -26.27 51.11 31.83
C GLY H 541 -25.79 51.36 33.25
N SER H 542 -26.54 52.20 33.97
CA SER H 542 -26.20 52.48 35.36
C SER H 542 -27.45 52.27 36.21
N GLU H 543 -28.30 51.37 35.74
CA GLU H 543 -29.48 50.96 36.48
C GLU H 543 -29.08 50.29 37.81
N PRO H 544 -30.00 50.26 38.80
CA PRO H 544 -29.75 49.66 40.12
C PRO H 544 -29.13 48.27 40.07
N GLN H 545 -28.05 48.07 40.81
CA GLN H 545 -27.28 46.84 40.75
C GLN H 545 -26.40 46.70 41.98
N PHE H 546 -26.05 45.46 42.30
CA PHE H 546 -25.01 45.19 43.30
C PHE H 546 -23.62 45.10 42.65
N MET H 547 -22.64 45.78 43.26
CA MET H 547 -21.27 45.70 42.79
C MET H 547 -20.62 44.42 43.31
N THR H 548 -19.49 44.08 42.72
CA THR H 548 -18.74 42.90 43.13
C THR H 548 -18.32 43.10 44.56
N PRO H 549 -18.56 42.11 45.40
CA PRO H 549 -18.12 42.23 46.79
C PRO H 549 -16.63 42.56 46.85
N GLY H 550 -16.27 43.53 47.68
CA GLY H 550 -14.88 43.90 47.85
C GLY H 550 -14.60 45.26 47.26
N LEU H 551 -15.38 45.62 46.24
CA LEU H 551 -15.25 46.90 45.55
C LEU H 551 -15.09 48.09 46.49
N ALA H 552 -15.67 48.01 47.68
CA ALA H 552 -15.66 49.14 48.61
C ALA H 552 -14.28 49.35 49.21
N LEU H 553 -13.54 48.25 49.35
CA LEU H 553 -12.24 48.23 50.01
C LEU H 553 -12.35 48.69 51.47
N HIS H 554 -13.55 48.61 52.03
CA HIS H 554 -13.75 48.92 53.44
C HIS H 554 -13.57 47.70 54.32
N LEU H 555 -12.95 46.66 53.77
CA LEU H 555 -12.71 45.41 54.47
C LEU H 555 -12.09 45.63 55.85
N ALA H 556 -12.66 45.00 56.87
CA ALA H 556 -12.22 45.29 58.23
C ALA H 556 -12.17 44.06 59.11
N GLY H 557 -11.63 44.23 60.32
CA GLY H 557 -11.65 43.18 61.32
C GLY H 557 -10.74 42.00 61.07
N THR H 558 -9.70 42.22 60.26
CA THR H 558 -8.71 41.20 59.99
C THR H 558 -7.65 41.15 61.11
N THR H 559 -7.54 42.24 61.87
CA THR H 559 -6.66 42.30 63.03
C THR H 559 -7.43 42.95 64.17
N ARG H 560 -8.59 42.36 64.47
CA ARG H 560 -9.58 43.06 65.28
C ARG H 560 -9.14 43.36 66.70
N CYS H 561 -9.51 44.54 67.17
CA CYS H 561 -9.10 45.03 68.47
C CYS H 561 -10.31 45.47 69.30
N GLY H 562 -10.34 45.03 70.56
CA GLY H 562 -11.44 45.39 71.46
C GLY H 562 -11.28 44.86 72.88
N LEU H 563 -12.33 45.01 73.68
CA LEU H 563 -12.27 44.60 75.08
C LEU H 563 -12.29 43.09 75.25
N ASP H 564 -12.97 42.41 74.33
CA ASP H 564 -13.09 40.95 74.40
C ASP H 564 -11.78 40.33 73.90
N THR H 565 -10.81 40.17 74.81
CA THR H 565 -9.49 39.62 74.47
C THR H 565 -9.57 38.27 73.79
N GLN H 566 -10.51 37.45 74.26
CA GLN H 566 -10.63 36.09 73.76
C GLN H 566 -11.02 36.02 72.30
N LYS H 567 -11.58 37.10 71.77
CA LYS H 567 -11.99 37.13 70.37
C LYS H 567 -11.41 38.33 69.63
N THR H 568 -10.27 38.82 70.10
CA THR H 568 -9.53 39.86 69.41
C THR H 568 -8.07 39.51 69.27
N VAL H 569 -7.39 40.26 68.42
CA VAL H 569 -5.98 40.09 68.15
C VAL H 569 -5.21 41.04 69.06
N GLY H 570 -5.73 42.25 69.22
CA GLY H 570 -5.16 43.23 70.12
C GLY H 570 -6.17 43.94 71.01
N ASN H 571 -5.69 44.70 71.99
CA ASN H 571 -6.56 45.44 72.91
C ASN H 571 -7.09 46.76 72.37
N THR H 572 -7.65 47.59 73.25
CA THR H 572 -8.23 48.87 72.83
C THR H 572 -7.18 49.96 72.51
N HIS H 573 -5.91 49.68 72.72
CA HIS H 573 -4.86 50.60 72.29
C HIS H 573 -4.07 49.99 71.14
N CYS H 574 -4.60 48.89 70.60
CA CYS H 574 -3.97 48.16 69.50
C CYS H 574 -2.64 47.51 69.83
N LYS H 575 -2.36 47.33 71.13
CA LYS H 575 -1.27 46.47 71.54
C LYS H 575 -1.73 45.05 71.26
N VAL H 576 -0.87 44.25 70.62
CA VAL H 576 -1.17 42.86 70.30
C VAL H 576 -1.04 41.99 71.54
N HIS H 577 -2.03 41.15 71.79
CA HIS H 577 -2.07 40.29 72.98
C HIS H 577 -0.81 39.46 73.12
N ASN H 578 -0.26 39.43 74.34
CA ASN H 578 0.99 38.77 74.69
C ASN H 578 2.25 39.48 74.21
N PHE H 579 2.08 40.44 73.32
CA PHE H 579 3.21 41.18 72.78
C PHE H 579 3.29 42.57 73.38
N ASN H 580 4.41 42.85 74.05
CA ASN H 580 4.56 44.11 74.75
C ASN H 580 4.85 45.29 73.82
N ASN H 581 5.56 45.02 72.73
CA ASN H 581 6.09 46.09 71.90
C ASN H 581 5.56 46.09 70.48
N LEU H 582 4.46 45.38 70.26
CA LEU H 582 3.92 45.19 68.92
C LEU H 582 2.52 45.78 68.75
N TYR H 583 2.35 46.63 67.76
CA TYR H 583 1.05 47.28 67.54
C TYR H 583 0.55 47.13 66.12
N VAL H 584 -0.75 47.36 65.94
CA VAL H 584 -1.38 47.30 64.62
C VAL H 584 -2.25 48.55 64.40
N GLY H 585 -2.40 48.94 63.14
CA GLY H 585 -3.21 50.10 62.77
C GLY H 585 -3.89 49.92 61.43
N GLY H 586 -5.02 50.59 61.25
CA GLY H 586 -5.74 50.54 59.99
C GLY H 586 -7.17 50.06 60.10
N ASN H 587 -7.84 49.93 58.96
CA ASN H 587 -9.21 49.44 58.97
C ASN H 587 -9.31 47.99 59.49
N GLY H 588 -8.18 47.31 59.60
CA GLY H 588 -8.15 45.92 60.05
C GLY H 588 -8.40 45.72 61.54
N VAL H 589 -8.21 46.77 62.34
CA VAL H 589 -8.41 46.65 63.77
C VAL H 589 -9.89 46.76 64.16
N ILE H 590 -10.66 47.39 63.27
CA ILE H 590 -12.07 47.67 63.53
C ILE H 590 -12.87 46.39 63.71
N GLU H 591 -13.48 46.25 64.89
CA GLU H 591 -14.14 45.01 65.32
C GLU H 591 -15.66 44.92 65.06
N THR H 592 -16.24 45.98 64.52
CA THR H 592 -17.68 45.99 64.38
C THR H 592 -18.12 45.81 62.94
N GLY H 593 -19.38 45.47 62.74
CA GLY H 593 -19.99 45.57 61.43
C GLY H 593 -20.41 47.02 61.25
N PHE H 594 -19.88 47.70 60.24
CA PHE H 594 -20.19 49.12 60.06
C PHE H 594 -20.50 49.43 58.62
N ALA H 595 -21.15 50.56 58.38
CA ALA H 595 -21.59 50.89 57.04
C ALA H 595 -20.88 52.09 56.41
N ALA H 596 -20.47 53.05 57.24
CA ALA H 596 -19.86 54.27 56.72
C ALA H 596 -18.38 54.10 56.38
N ASN H 597 -17.79 55.07 55.71
CA ASN H 597 -16.38 55.00 55.35
C ASN H 597 -15.52 55.04 56.62
N PRO H 598 -14.61 54.06 56.73
CA PRO H 598 -13.86 53.73 57.96
C PRO H 598 -12.70 54.66 58.30
N THR H 599 -12.12 55.33 57.31
CA THR H 599 -10.82 55.95 57.50
C THR H 599 -10.74 56.89 58.69
N LEU H 600 -11.74 57.75 58.86
CA LEU H 600 -11.68 58.72 59.94
C LEU H 600 -11.65 58.02 61.29
N THR H 601 -12.38 56.92 61.41
CA THR H 601 -12.40 56.16 62.65
C THR H 601 -11.10 55.43 62.87
N SER H 602 -10.52 54.89 61.80
CA SER H 602 -9.25 54.17 61.92
C SER H 602 -8.13 55.09 62.39
N ILE H 603 -8.30 56.37 62.12
CA ILE H 603 -7.38 57.40 62.59
C ILE H 603 -7.41 57.50 64.12
N CYS H 604 -8.61 57.41 64.69
CA CYS H 604 -8.77 57.43 66.14
C CYS H 604 -7.98 56.31 66.82
N TYR H 605 -8.02 55.10 66.24
CA TYR H 605 -7.26 53.98 66.79
C TYR H 605 -5.76 54.26 66.69
N ALA H 606 -5.35 54.85 65.58
CA ALA H 606 -3.95 55.21 65.42
C ALA H 606 -3.59 56.31 66.40
N ILE H 607 -4.54 57.17 66.74
CA ILE H 607 -4.30 58.21 67.74
C ILE H 607 -4.16 57.61 69.14
N ARG H 608 -5.07 56.72 69.51
CA ARG H 608 -5.03 56.10 70.84
C ARG H 608 -3.85 55.16 71.00
N ALA H 609 -3.56 54.38 69.96
CA ALA H 609 -2.41 53.49 69.98
C ALA H 609 -1.18 54.31 70.25
N SER H 610 -1.04 55.39 69.47
CA SER H 610 0.10 56.30 69.56
C SER H 610 0.36 56.73 70.99
N ASN H 611 -0.67 57.29 71.63
CA ASN H 611 -0.52 57.80 72.97
C ASN H 611 -0.13 56.73 73.96
N ASP H 612 -0.56 55.51 73.70
CA ASP H 612 -0.14 54.38 74.52
C ASP H 612 1.36 54.16 74.35
N ILE H 613 1.81 54.20 73.10
CA ILE H 613 3.22 53.99 72.79
C ILE H 613 4.12 55.13 73.27
N ILE H 614 3.73 56.36 72.97
CA ILE H 614 4.41 57.53 73.50
C ILE H 614 4.61 57.44 75.00
N ALA H 615 3.59 57.00 75.71
CA ALA H 615 3.61 56.91 77.17
C ALA H 615 4.49 55.78 77.70
N LYS H 616 4.48 54.64 77.00
CA LYS H 616 5.28 53.49 77.41
C LYS H 616 6.77 53.60 77.04
N PHE H 617 7.11 54.48 76.10
CA PHE H 617 8.48 54.50 75.58
C PHE H 617 9.15 55.89 75.53
N GLY H 618 8.35 56.94 75.38
CA GLY H 618 8.87 58.30 75.40
C GLY H 618 8.79 58.94 76.78
#